data_3QLV
#
_entry.id   3QLV
#
_cell.length_a   366.552
_cell.length_b   109.176
_cell.length_c   155.469
_cell.angle_alpha   90.00
_cell.angle_beta   97.54
_cell.angle_gamma   90.00
#
_symmetry.space_group_name_H-M   'C 1 2 1'
#
loop_
_entity.id
_entity.type
_entity.pdbx_description
1 polymer 'Glutamate receptor, ionotropic kainate 5'
2 polymer 'Glutamate receptor, ionotropic kainate 2'
#
loop_
_entity_poly.entity_id
_entity_poly.type
_entity_poly.pdbx_seq_one_letter_code
_entity_poly.pdbx_strand_id
1 'polypeptide(L)'
;VLSSLRMAAILDDQTVCGRGERLALALAREQINGIIEVPAKARVEVDIFELQRDSQYETTDTMCQILPKGVVSVLGPSSS
PASASTVSHICGEKEIPHIKVGPEETPRLQYLRFASVSLYPSNEDVSLAVSRILKSFNYPSASLICAKAECLLRLEELVR
GFLISKETLSVRMLDDSRDPTPLLKEIRDDKVSTIIIDANASISHLVLRKASELGMTSAFYKYILTTMDFPILHLDGIVE
DSSNILGFSMFNTSHPFYPEFVRSLNMSWRENCEASTYPGPALSAALMFDAVHVVVSAVRELNRSQEIGVKPLACTSANI
WPHGTSLMNYLRMVEYDGLTGRVEFNSKGQRTNYTLRILEKSRQGHREIGVWYSNRTLAMNATTLDILELVPR
;
A,B,E,G,I
2 'polypeptide(L)'
;TTHVLRFGGIFEYVESGPMGAEELAFRFAVNTINRNRTLLPNTTLTYDTQKINLYDSFEASKKACDQLSLGVAAIFGPSH
SSSANAVQSICNALGVPHIQTRWKHQVSDNKDSFYVSLYPDFSSLSRAILDLVQFFKWKTVTVVYDDSTGLIRLQELIKA
PSRYNLRLKIRQLPADTKDAKPLLKEMKRGKEFHVIFDCSHEMAAGILKQALAMGMMTEYYHYIFTTLDLFALDVEPYRY
SGVNMTGFRILNTENTQVSSIIEKWSMERLQAPPKPDSGLLDGFMTTDAALMYDAVHVVSVAVQQFPQMTVSSLQCNRHK
PWRFGTRFMSLIKEAHWEGLTGRITFNKTNGLRTDFDLDVISLKEEGLEKIGTWDPASGLNMTESQKGKLELVPR
;
C,D,F,H,J
#
# COMPACT_ATOMS: atom_id res chain seq x y z
N SER A 3 83.81 -30.77 7.20
CA SER A 3 84.08 -32.16 7.53
C SER A 3 82.86 -32.83 8.14
N SER A 4 81.77 -32.08 8.26
CA SER A 4 80.54 -32.60 8.84
C SER A 4 79.33 -31.75 8.46
N LEU A 5 78.16 -32.36 8.49
CA LEU A 5 76.93 -31.69 8.11
C LEU A 5 76.13 -31.30 9.35
N ARG A 6 76.38 -30.09 9.85
CA ARG A 6 75.71 -29.60 11.06
C ARG A 6 74.44 -28.84 10.74
N MET A 7 73.60 -28.68 11.77
CA MET A 7 72.35 -27.95 11.64
C MET A 7 71.73 -27.72 13.01
N ALA A 8 71.35 -26.47 13.29
CA ALA A 8 70.76 -26.13 14.58
C ALA A 8 69.29 -26.55 14.61
N ALA A 9 68.74 -26.63 15.82
CA ALA A 9 67.34 -27.02 16.00
C ALA A 9 66.75 -26.37 17.25
N ILE A 10 66.23 -25.16 17.09
CA ILE A 10 65.65 -24.42 18.20
C ILE A 10 64.38 -25.10 18.69
N LEU A 11 64.51 -25.87 19.77
CA LEU A 11 63.37 -26.59 20.33
C LEU A 11 62.85 -25.88 21.57
N ASP A 12 61.52 -25.76 21.67
CA ASP A 12 60.88 -25.15 22.82
C ASP A 12 60.13 -26.19 23.64
N ASP A 13 60.19 -27.44 23.19
CA ASP A 13 59.50 -28.52 23.87
C ASP A 13 60.19 -28.86 25.20
N GLN A 14 59.41 -29.36 26.14
CA GLN A 14 59.95 -29.73 27.45
C GLN A 14 60.64 -31.09 27.37
N THR A 15 61.05 -31.61 28.51
CA THR A 15 61.67 -32.92 28.59
C THR A 15 60.85 -33.86 29.48
N VAL A 16 60.18 -33.28 30.47
CA VAL A 16 59.34 -34.05 31.39
C VAL A 16 57.91 -34.12 30.88
N CYS A 17 57.52 -35.30 30.39
CA CYS A 17 56.17 -35.48 29.85
C CYS A 17 55.83 -34.40 28.84
N GLY A 18 56.66 -34.29 27.80
CA GLY A 18 56.44 -33.31 26.75
C GLY A 18 55.88 -33.94 25.50
N ARG A 19 56.41 -33.52 24.35
CA ARG A 19 55.96 -34.04 23.05
C ARG A 19 57.01 -34.97 22.46
N GLY A 20 58.23 -34.93 23.00
CA GLY A 20 59.30 -35.79 22.55
C GLY A 20 59.90 -35.34 21.23
N GLU A 21 60.39 -34.11 21.19
CA GLU A 21 61.02 -33.58 19.99
C GLU A 21 62.53 -33.75 20.07
N ARG A 22 63.10 -33.49 21.25
CA ARG A 22 64.53 -33.60 21.45
C ARG A 22 64.97 -35.03 21.19
N LEU A 23 64.06 -35.97 21.41
CA LEU A 23 64.33 -37.38 21.18
C LEU A 23 64.10 -37.74 19.72
N ALA A 24 63.18 -37.02 19.07
CA ALA A 24 62.85 -37.27 17.67
C ALA A 24 64.05 -37.01 16.78
N LEU A 25 64.81 -35.96 17.07
CA LEU A 25 65.98 -35.60 16.29
C LEU A 25 67.04 -36.69 16.41
N ALA A 26 67.26 -37.17 17.63
CA ALA A 26 68.27 -38.19 17.87
C ALA A 26 67.97 -39.45 17.06
N LEU A 27 66.72 -39.89 17.10
CA LEU A 27 66.31 -41.09 16.39
C LEU A 27 66.57 -40.95 14.88
N ALA A 28 66.55 -39.72 14.39
CA ALA A 28 66.77 -39.45 12.98
C ALA A 28 68.25 -39.52 12.63
N ARG A 29 69.08 -38.86 13.44
CA ARG A 29 70.51 -38.80 13.20
C ARG A 29 71.13 -40.20 13.20
N GLU A 30 70.68 -41.04 14.13
CA GLU A 30 71.19 -42.40 14.24
C GLU A 30 70.95 -43.18 12.95
N GLN A 31 69.75 -43.05 12.40
CA GLN A 31 69.38 -43.76 11.19
C GLN A 31 70.21 -43.29 9.99
N ILE A 32 70.49 -42.00 9.95
CA ILE A 32 71.27 -41.42 8.85
C ILE A 32 72.70 -41.93 8.87
N ASN A 33 73.23 -42.12 10.08
CA ASN A 33 74.60 -42.59 10.25
C ASN A 33 74.66 -44.12 10.30
N GLY A 34 73.78 -44.76 9.53
CA GLY A 34 73.73 -46.21 9.48
C GLY A 34 73.97 -46.73 8.07
N ILE A 35 74.75 -45.98 7.30
CA ILE A 35 75.08 -46.37 5.93
C ILE A 35 76.56 -46.74 5.82
N ILE A 36 77.34 -46.31 6.82
CA ILE A 36 78.77 -46.62 6.87
C ILE A 36 79.48 -46.06 5.63
N GLU A 37 79.90 -46.93 4.72
CA GLU A 37 80.61 -46.51 3.52
C GLU A 37 81.73 -45.53 3.85
N LYS A 41 81.46 -41.23 3.86
CA LYS A 41 81.22 -39.81 3.63
C LYS A 41 81.21 -39.03 4.94
N ALA A 42 80.89 -37.75 4.85
CA ALA A 42 80.84 -36.89 6.04
C ALA A 42 79.66 -37.28 6.93
N ARG A 43 79.87 -37.19 8.24
CA ARG A 43 78.84 -37.54 9.21
C ARG A 43 77.74 -36.49 9.22
N VAL A 44 76.76 -36.68 10.10
CA VAL A 44 75.66 -35.73 10.24
C VAL A 44 75.40 -35.41 11.72
N GLU A 45 75.76 -34.20 12.12
CA GLU A 45 75.57 -33.77 13.49
C GLU A 45 74.42 -32.76 13.57
N VAL A 46 73.71 -32.76 14.70
CA VAL A 46 72.59 -31.84 14.89
C VAL A 46 72.64 -31.21 16.27
N ASP A 47 72.82 -29.90 16.32
CA ASP A 47 72.87 -29.17 17.58
C ASP A 47 71.47 -28.78 18.05
N ILE A 48 71.25 -28.90 19.35
CA ILE A 48 69.96 -28.58 19.94
C ILE A 48 70.03 -27.28 20.74
N PHE A 49 69.05 -26.40 20.53
CA PHE A 49 69.02 -25.12 21.23
C PHE A 49 67.68 -24.92 21.93
N GLU A 50 67.65 -25.21 23.23
CA GLU A 50 66.43 -25.08 24.01
C GLU A 50 65.97 -23.64 24.08
N LEU A 51 64.66 -23.44 24.19
CA LEU A 51 64.07 -22.12 24.34
C LEU A 51 63.19 -22.13 25.59
N GLN A 52 63.12 -21.00 26.28
CA GLN A 52 62.42 -20.92 27.55
C GLN A 52 60.99 -20.42 27.39
N ARG A 53 60.86 -19.20 26.87
CA ARG A 53 59.55 -18.58 26.70
C ARG A 53 59.46 -17.93 25.33
N ASP A 54 58.29 -18.02 24.70
CA ASP A 54 58.08 -17.46 23.37
C ASP A 54 58.33 -15.96 23.37
N SER A 55 59.56 -15.58 23.04
CA SER A 55 59.96 -14.17 23.06
C SER A 55 60.96 -13.85 21.95
N GLN A 56 60.67 -12.79 21.21
CA GLN A 56 61.58 -12.31 20.18
C GLN A 56 62.98 -12.11 20.75
N TYR A 57 63.03 -11.30 21.82
CA TYR A 57 64.28 -10.96 22.50
C TYR A 57 65.15 -12.18 22.75
N GLU A 58 64.59 -13.18 23.44
CA GLU A 58 65.35 -14.35 23.84
C GLU A 58 65.85 -15.15 22.65
N THR A 59 65.08 -15.17 21.57
CA THR A 59 65.44 -15.95 20.38
C THR A 59 66.58 -15.29 19.61
N THR A 60 66.61 -13.97 19.59
CA THR A 60 67.64 -13.22 18.88
C THR A 60 69.02 -13.58 19.42
N ASP A 61 69.12 -13.67 20.74
CA ASP A 61 70.38 -14.01 21.40
C ASP A 61 70.83 -15.41 20.98
N THR A 62 69.86 -16.29 20.73
CA THR A 62 70.16 -17.68 20.37
C THR A 62 70.78 -17.76 18.98
N MET A 63 70.27 -16.96 18.05
CA MET A 63 70.74 -16.98 16.68
C MET A 63 72.18 -16.51 16.56
N CYS A 64 72.60 -15.63 17.48
CA CYS A 64 73.95 -15.11 17.48
C CYS A 64 74.93 -16.14 18.05
N GLN A 65 74.40 -17.30 18.42
CA GLN A 65 75.22 -18.41 18.89
C GLN A 65 75.22 -19.53 17.86
N ILE A 66 74.24 -19.48 16.95
CA ILE A 66 74.12 -20.48 15.90
C ILE A 66 74.96 -20.10 14.68
N LEU A 67 74.94 -18.81 14.37
CA LEU A 67 75.68 -18.30 13.21
C LEU A 67 77.18 -18.60 13.34
N PRO A 68 77.77 -18.27 14.49
CA PRO A 68 79.21 -18.54 14.71
C PRO A 68 79.58 -19.99 14.43
N LYS A 69 78.64 -20.90 14.62
CA LYS A 69 78.87 -22.32 14.34
C LYS A 69 78.72 -22.58 12.85
N GLY A 70 79.19 -23.74 12.40
CA GLY A 70 79.07 -24.11 11.01
C GLY A 70 77.76 -24.82 10.72
N VAL A 71 76.68 -24.05 10.63
CA VAL A 71 75.36 -24.61 10.41
C VAL A 71 74.97 -24.59 8.93
N VAL A 72 74.01 -25.45 8.58
CA VAL A 72 73.52 -25.53 7.22
C VAL A 72 72.05 -25.11 7.16
N SER A 73 71.29 -25.49 8.19
CA SER A 73 69.88 -25.14 8.28
C SER A 73 69.44 -25.05 9.74
N VAL A 74 68.30 -24.39 9.97
CA VAL A 74 67.77 -24.24 11.32
C VAL A 74 66.35 -24.82 11.39
N LEU A 75 66.12 -25.71 12.35
CA LEU A 75 64.81 -26.33 12.52
C LEU A 75 64.06 -25.71 13.69
N GLY A 76 62.73 -25.76 13.63
CA GLY A 76 61.89 -25.21 14.68
C GLY A 76 62.09 -23.71 14.82
N PRO A 77 61.44 -23.10 15.83
CA PRO A 77 60.56 -23.76 16.81
C PRO A 77 59.31 -24.35 16.18
N SER A 78 58.57 -25.13 16.95
CA SER A 78 57.35 -25.78 16.47
C SER A 78 56.13 -25.37 17.28
N SER A 79 56.36 -24.77 18.45
CA SER A 79 55.27 -24.31 19.30
C SER A 79 55.54 -22.90 19.82
N SER A 80 56.30 -22.13 19.04
CA SER A 80 56.62 -20.77 19.41
C SER A 80 56.41 -19.83 18.23
N PRO A 81 55.20 -19.28 18.11
CA PRO A 81 54.81 -18.38 17.01
C PRO A 81 55.77 -17.21 16.83
N ALA A 82 55.96 -16.41 17.88
CA ALA A 82 56.82 -15.23 17.80
C ALA A 82 58.28 -15.62 17.62
N SER A 83 58.73 -16.60 18.40
CA SER A 83 60.12 -17.05 18.34
C SER A 83 60.43 -17.72 17.00
N ALA A 84 59.40 -17.98 16.21
CA ALA A 84 59.56 -18.61 14.91
C ALA A 84 59.76 -17.57 13.82
N SER A 85 58.94 -16.53 13.84
CA SER A 85 59.02 -15.47 12.84
C SER A 85 60.37 -14.76 12.90
N THR A 86 60.89 -14.59 14.11
CA THR A 86 62.17 -13.94 14.31
C THR A 86 63.31 -14.72 13.65
N VAL A 87 63.27 -16.04 13.80
CA VAL A 87 64.32 -16.89 13.24
C VAL A 87 64.32 -16.82 11.72
N SER A 88 63.14 -16.67 11.13
CA SER A 88 63.02 -16.58 9.68
C SER A 88 63.68 -15.31 9.18
N HIS A 89 63.45 -14.21 9.89
CA HIS A 89 63.97 -12.91 9.48
C HIS A 89 65.50 -12.92 9.43
N ILE A 90 66.11 -13.51 10.45
CA ILE A 90 67.57 -13.57 10.52
C ILE A 90 68.13 -14.55 9.50
N CYS A 91 67.47 -15.69 9.36
CA CYS A 91 67.88 -16.70 8.39
C CYS A 91 67.82 -16.14 6.97
N GLY A 92 66.98 -15.13 6.77
CA GLY A 92 66.83 -14.51 5.46
C GLY A 92 68.03 -13.65 5.11
N GLU A 93 68.53 -12.92 6.10
CA GLU A 93 69.68 -12.04 5.89
C GLU A 93 71.00 -12.78 6.12
N LYS A 94 70.91 -14.12 6.22
CA LYS A 94 72.10 -14.94 6.39
C LYS A 94 72.15 -16.05 5.34
N GLU A 95 71.14 -16.10 4.48
CA GLU A 95 71.08 -17.11 3.43
C GLU A 95 71.08 -18.52 3.99
N ILE A 96 70.85 -18.65 5.30
CA ILE A 96 70.81 -19.96 5.94
C ILE A 96 69.38 -20.48 5.99
N PRO A 97 69.06 -21.51 5.20
CA PRO A 97 67.71 -22.06 5.12
C PRO A 97 67.07 -22.29 6.48
N HIS A 98 65.76 -22.11 6.55
CA HIS A 98 65.02 -22.26 7.79
C HIS A 98 63.84 -23.22 7.61
N ILE A 99 63.96 -24.40 8.19
CA ILE A 99 62.93 -25.42 8.09
C ILE A 99 61.84 -25.20 9.15
N LYS A 100 60.86 -24.36 8.83
CA LYS A 100 59.76 -24.09 9.73
C LYS A 100 58.85 -25.32 9.84
N VAL A 101 58.47 -25.66 11.06
CA VAL A 101 57.60 -26.82 11.29
C VAL A 101 56.76 -26.63 12.55
N GLY A 102 55.77 -25.76 12.48
CA GLY A 102 54.90 -25.49 13.61
C GLY A 102 53.90 -24.38 13.32
N PRO A 103 54.04 -23.26 14.06
CA PRO A 103 53.09 -22.14 13.91
C PRO A 103 53.18 -21.49 12.53
N GLU A 104 52.27 -20.55 12.27
CA GLU A 104 52.26 -19.82 11.00
C GLU A 104 51.25 -18.69 11.08
N GLU A 105 51.74 -17.46 11.13
CA GLU A 105 50.88 -16.28 11.19
C GLU A 105 51.52 -15.10 10.47
N THR A 106 50.69 -14.32 9.79
CA THR A 106 51.13 -13.12 9.07
C THR A 106 52.38 -13.41 8.23
N PRO A 107 52.18 -13.87 6.99
CA PRO A 107 53.30 -14.19 6.09
C PRO A 107 54.09 -12.96 5.68
N LEU A 112 60.01 -8.64 0.18
CA LEU A 112 60.84 -8.77 1.38
C LEU A 112 61.68 -10.04 1.31
N ARG A 113 62.75 -10.08 2.09
CA ARG A 113 63.67 -11.22 2.10
C ARG A 113 62.94 -12.52 2.41
N PHE A 114 63.09 -13.51 1.53
CA PHE A 114 62.47 -14.82 1.73
C PHE A 114 63.46 -15.94 1.42
N ALA A 115 63.51 -16.92 2.31
CA ALA A 115 64.43 -18.04 2.16
C ALA A 115 64.18 -19.11 3.22
N SER A 116 63.09 -19.86 3.07
CA SER A 116 62.73 -20.89 4.03
C SER A 116 61.58 -21.74 3.53
N VAL A 117 61.52 -23.00 4.00
CA VAL A 117 60.46 -23.92 3.61
C VAL A 117 59.80 -24.53 4.85
N SER A 118 58.53 -24.91 4.71
CA SER A 118 57.77 -25.44 5.84
C SER A 118 57.13 -26.78 5.50
N LEU A 119 57.24 -27.73 6.43
CA LEU A 119 56.62 -29.05 6.26
C LEU A 119 55.19 -29.03 6.76
N TYR A 120 54.93 -28.23 7.78
CA TYR A 120 53.60 -28.13 8.37
C TYR A 120 52.60 -27.58 7.36
N PRO A 121 51.43 -28.22 7.25
CA PRO A 121 50.39 -27.78 6.32
C PRO A 121 50.05 -26.31 6.46
N SER A 122 50.14 -25.56 5.36
CA SER A 122 49.87 -24.13 5.38
C SER A 122 48.43 -23.86 5.79
N ASN A 123 48.17 -22.65 6.28
CA ASN A 123 46.84 -22.26 6.72
C ASN A 123 45.84 -22.25 5.57
N GLU A 124 46.34 -22.34 4.34
CA GLU A 124 45.49 -22.37 3.16
C GLU A 124 44.90 -23.77 2.96
N ASP A 125 45.75 -24.78 3.10
CA ASP A 125 45.33 -26.16 2.90
C ASP A 125 44.45 -26.64 4.05
N VAL A 126 44.72 -26.14 5.25
CA VAL A 126 43.94 -26.52 6.43
C VAL A 126 42.51 -26.01 6.31
N SER A 127 42.38 -24.77 5.82
CA SER A 127 41.07 -24.15 5.67
C SER A 127 40.35 -24.74 4.46
N LEU A 128 41.11 -25.12 3.44
CA LEU A 128 40.54 -25.69 2.22
C LEU A 128 40.04 -27.11 2.52
N ALA A 129 40.68 -27.77 3.46
CA ALA A 129 40.29 -29.12 3.85
C ALA A 129 38.95 -29.08 4.58
N VAL A 130 38.83 -28.18 5.55
CA VAL A 130 37.59 -28.03 6.31
C VAL A 130 36.47 -27.59 5.39
N SER A 131 36.82 -26.91 4.31
CA SER A 131 35.83 -26.43 3.35
C SER A 131 35.32 -27.58 2.48
N ARG A 132 36.21 -28.51 2.15
CA ARG A 132 35.85 -29.66 1.33
C ARG A 132 35.01 -30.66 2.12
N ILE A 133 35.20 -30.69 3.44
CA ILE A 133 34.44 -31.58 4.30
C ILE A 133 32.99 -31.13 4.35
N LEU A 134 32.79 -29.84 4.61
CA LEU A 134 31.45 -29.26 4.67
C LEU A 134 30.76 -29.43 3.32
N LYS A 135 31.54 -29.61 2.27
CA LYS A 135 31.01 -29.76 0.92
C LYS A 135 30.10 -30.98 0.82
N SER A 136 30.52 -32.07 1.46
CA SER A 136 29.76 -33.32 1.43
C SER A 136 28.57 -33.29 2.38
N PHE A 137 28.28 -32.12 2.93
CA PHE A 137 27.15 -31.95 3.84
C PHE A 137 26.26 -30.78 3.40
N ASN A 138 26.47 -30.30 2.19
CA ASN A 138 25.71 -29.18 1.66
C ASN A 138 25.89 -27.90 2.48
N TYR A 139 27.03 -27.81 3.15
CA TYR A 139 27.36 -26.63 3.96
C TYR A 139 26.25 -26.33 4.96
N PRO A 140 26.09 -27.19 5.98
CA PRO A 140 25.09 -26.96 7.02
C PRO A 140 25.38 -25.70 7.83
N SER A 141 24.62 -25.48 8.90
CA SER A 141 24.83 -24.33 9.76
C SER A 141 26.18 -24.44 10.47
N ALA A 142 27.16 -23.70 9.97
CA ALA A 142 28.50 -23.71 10.55
C ALA A 142 28.55 -22.85 11.80
N SER A 143 29.46 -23.16 12.71
CA SER A 143 29.62 -22.40 13.93
C SER A 143 30.96 -22.72 14.60
N LEU A 144 32.04 -22.18 14.05
CA LEU A 144 33.37 -22.42 14.58
C LEU A 144 33.51 -21.89 16.00
N ILE A 145 34.10 -22.70 16.87
CA ILE A 145 34.34 -22.30 18.24
C ILE A 145 35.79 -21.87 18.41
N CYS A 146 36.13 -20.71 17.88
CA CYS A 146 37.49 -20.19 17.94
C CYS A 146 37.97 -20.13 19.39
N ALA A 147 39.20 -20.58 19.62
CA ALA A 147 39.77 -20.59 20.96
C ALA A 147 40.53 -19.29 21.24
N LYS A 148 41.16 -18.73 20.21
CA LYS A 148 41.87 -17.48 20.35
C LYS A 148 41.64 -16.54 19.17
N ALA A 149 42.44 -15.48 19.11
CA ALA A 149 42.38 -14.50 18.03
C ALA A 149 43.05 -15.03 16.77
N GLU A 150 44.14 -15.77 16.95
CA GLU A 150 44.88 -16.33 15.82
C GLU A 150 44.03 -17.35 15.08
N CYS A 151 42.94 -17.77 15.72
CA CYS A 151 42.03 -18.75 15.12
C CYS A 151 41.40 -18.20 13.85
N LEU A 152 41.42 -16.88 13.69
CA LEU A 152 40.83 -16.23 12.52
C LEU A 152 41.82 -16.14 11.38
N LEU A 153 43.11 -16.17 11.72
CA LEU A 153 44.17 -16.04 10.71
C LEU A 153 44.52 -17.40 10.13
N ARG A 154 44.63 -18.40 10.99
CA ARG A 154 44.97 -19.75 10.54
C ARG A 154 43.84 -20.34 9.72
N LEU A 155 42.63 -19.82 9.91
CA LEU A 155 41.48 -20.25 9.13
C LEU A 155 40.90 -19.11 8.33
N GLU A 156 41.78 -18.22 7.86
CA GLU A 156 41.34 -17.03 7.13
C GLU A 156 40.59 -17.40 5.86
N GLU A 157 41.17 -18.29 5.07
CA GLU A 157 40.58 -18.69 3.80
C GLU A 157 39.21 -19.33 3.97
N LEU A 158 38.93 -19.82 5.18
CA LEU A 158 37.66 -20.48 5.46
C LEU A 158 36.59 -19.48 5.84
N VAL A 159 36.95 -18.53 6.72
CA VAL A 159 35.98 -17.55 7.21
C VAL A 159 35.51 -16.63 6.08
N ARG A 160 36.41 -16.29 5.17
CA ARG A 160 36.09 -15.43 4.05
C ARG A 160 35.29 -16.20 2.99
N GLY A 161 35.50 -17.51 2.94
CA GLY A 161 34.87 -18.34 1.93
C GLY A 161 33.35 -18.31 1.96
N PHE A 162 32.78 -18.36 3.16
CA PHE A 162 31.33 -18.42 3.32
C PHE A 162 30.78 -17.16 3.98
N LEU A 163 29.51 -16.90 3.75
CA LEU A 163 28.83 -15.77 4.38
C LEU A 163 28.89 -15.93 5.89
N ILE A 164 28.81 -14.81 6.61
CA ILE A 164 28.86 -14.83 8.06
C ILE A 164 27.49 -14.48 8.65
N SER A 165 26.78 -15.50 9.14
CA SER A 165 25.46 -15.30 9.74
C SER A 165 25.08 -16.51 10.59
N LYS A 166 23.81 -16.56 11.00
CA LYS A 166 23.33 -17.66 11.82
C LYS A 166 22.89 -18.85 10.96
N GLU A 167 22.71 -18.60 9.67
CA GLU A 167 22.21 -19.63 8.76
C GLU A 167 23.33 -20.26 7.93
N THR A 168 24.52 -19.66 7.95
CA THR A 168 25.63 -20.14 7.13
C THR A 168 26.91 -20.40 7.93
N LEU A 169 27.35 -19.41 8.70
CA LEU A 169 28.60 -19.52 9.45
C LEU A 169 28.73 -18.44 10.51
N SER A 170 28.76 -18.85 11.77
CA SER A 170 28.92 -17.93 12.88
C SER A 170 30.19 -18.27 13.67
N VAL A 171 30.92 -17.24 14.09
CA VAL A 171 32.16 -17.45 14.82
C VAL A 171 32.04 -16.99 16.27
N ARG A 172 32.48 -17.85 17.19
CA ARG A 172 32.40 -17.56 18.61
C ARG A 172 33.75 -17.83 19.27
N MET A 173 34.33 -16.81 19.90
CA MET A 173 35.62 -16.94 20.56
C MET A 173 35.47 -17.29 22.03
N LEU A 174 36.42 -18.06 22.55
CA LEU A 174 36.40 -18.48 23.96
C LEU A 174 37.34 -17.60 24.78
N ASP A 175 36.77 -16.80 25.67
CA ASP A 175 37.56 -15.92 26.53
C ASP A 175 38.42 -16.74 27.48
N ASP A 176 39.58 -16.21 27.85
CA ASP A 176 40.52 -16.92 28.71
C ASP A 176 40.01 -17.05 30.14
N SER A 177 40.19 -18.24 30.72
CA SER A 177 39.70 -18.56 32.06
C SER A 177 38.17 -18.62 32.06
N ARG A 178 37.58 -18.13 30.98
CA ARG A 178 36.21 -18.44 30.63
C ARG A 178 36.32 -19.74 29.84
N ASP A 179 35.38 -20.66 30.06
CA ASP A 179 35.50 -21.97 29.45
C ASP A 179 34.37 -22.17 28.43
N PRO A 180 34.33 -23.35 27.78
CA PRO A 180 33.31 -23.59 26.76
C PRO A 180 31.97 -23.99 27.39
N THR A 181 31.26 -23.02 27.96
CA THR A 181 29.97 -23.27 28.59
C THR A 181 28.82 -22.60 27.83
N PRO A 182 28.77 -21.27 27.86
CA PRO A 182 27.60 -20.59 27.27
C PRO A 182 27.62 -20.79 25.77
N LEU A 183 28.82 -21.04 25.26
CA LEU A 183 29.03 -21.19 23.83
C LEU A 183 28.10 -22.27 23.28
N LEU A 184 28.39 -23.52 23.58
CA LEU A 184 27.61 -24.64 23.09
C LEU A 184 26.12 -24.41 23.29
N LYS A 185 25.78 -23.68 24.34
CA LYS A 185 24.39 -23.34 24.65
C LYS A 185 23.77 -22.51 23.53
N GLU A 186 24.45 -21.43 23.16
CA GLU A 186 23.98 -20.55 22.10
C GLU A 186 23.84 -21.31 20.79
N ILE A 187 24.71 -22.30 20.60
CA ILE A 187 24.67 -23.13 19.40
C ILE A 187 23.35 -23.88 19.34
N ARG A 188 22.89 -24.38 20.48
CA ARG A 188 21.63 -25.12 20.55
C ARG A 188 20.44 -24.20 20.26
N ASP A 189 20.57 -22.93 20.63
CA ASP A 189 19.51 -21.96 20.40
C ASP A 189 19.31 -21.71 18.91
N ASP A 190 20.42 -21.60 18.18
CA ASP A 190 20.36 -21.37 16.73
C ASP A 190 20.27 -22.69 15.96
N LYS A 191 19.78 -23.73 16.63
CA LYS A 191 19.63 -25.05 16.02
C LYS A 191 20.79 -25.37 15.08
N VAL A 192 22.01 -25.08 15.52
CA VAL A 192 23.20 -25.35 14.73
C VAL A 192 23.61 -26.82 14.92
N SER A 193 23.94 -27.47 13.82
CA SER A 193 24.33 -28.88 13.87
C SER A 193 25.85 -29.04 13.75
N THR A 194 26.44 -28.38 12.77
CA THR A 194 27.87 -28.48 12.53
C THR A 194 28.65 -27.50 13.40
N ILE A 195 29.72 -27.99 14.01
CA ILE A 195 30.56 -27.18 14.87
C ILE A 195 32.03 -27.51 14.62
N ILE A 196 32.83 -26.48 14.34
CA ILE A 196 34.25 -26.67 14.04
C ILE A 196 35.12 -25.98 15.08
N ILE A 197 35.65 -26.75 16.02
CA ILE A 197 36.50 -26.21 17.07
C ILE A 197 37.95 -26.09 16.61
N ASP A 198 38.63 -25.05 17.09
CA ASP A 198 40.02 -24.80 16.72
C ASP A 198 40.86 -24.45 17.94
N ALA A 199 41.67 -25.40 18.38
CA ALA A 199 42.54 -25.20 19.55
C ALA A 199 43.54 -26.34 19.67
N ASN A 200 44.37 -26.30 20.71
CA ASN A 200 45.35 -27.36 20.96
C ASN A 200 44.66 -28.62 21.46
N ALA A 201 45.44 -29.67 21.67
CA ALA A 201 44.91 -30.96 22.11
C ALA A 201 44.18 -30.84 23.45
N SER A 202 44.54 -29.83 24.22
CA SER A 202 43.94 -29.63 25.54
C SER A 202 42.51 -29.11 25.44
N ILE A 203 42.36 -27.93 24.84
CA ILE A 203 41.05 -27.29 24.73
C ILE A 203 40.13 -28.10 23.82
N SER A 204 40.71 -28.93 22.96
CA SER A 204 39.94 -29.76 22.06
C SER A 204 39.22 -30.87 22.82
N HIS A 205 39.89 -31.38 23.86
CA HIS A 205 39.32 -32.42 24.70
C HIS A 205 38.34 -31.82 25.70
N LEU A 206 38.61 -30.57 26.09
CA LEU A 206 37.84 -29.91 27.13
C LEU A 206 36.50 -29.39 26.61
N VAL A 207 36.52 -28.79 25.42
CA VAL A 207 35.31 -28.24 24.82
C VAL A 207 34.25 -29.31 24.58
N LEU A 208 34.70 -30.50 24.21
CA LEU A 208 33.80 -31.61 23.90
C LEU A 208 33.31 -32.30 25.16
N ARG A 209 34.04 -32.10 26.25
CA ARG A 209 33.75 -32.76 27.51
C ARG A 209 32.44 -32.26 28.12
N LYS A 210 32.37 -30.95 28.37
CA LYS A 210 31.15 -30.33 28.88
C LYS A 210 30.09 -30.21 27.79
N ALA A 211 30.41 -30.72 26.61
CA ALA A 211 29.50 -30.70 25.47
C ALA A 211 28.67 -31.98 25.43
N SER A 212 29.34 -33.11 25.64
CA SER A 212 28.71 -34.41 25.57
C SER A 212 27.64 -34.56 26.65
N GLU A 213 27.75 -33.77 27.70
CA GLU A 213 26.79 -33.80 28.79
C GLU A 213 25.62 -32.85 28.53
N LEU A 214 25.42 -32.51 27.26
CA LEU A 214 24.31 -31.65 26.85
C LEU A 214 23.58 -32.26 25.65
N GLY A 215 23.87 -33.52 25.36
CA GLY A 215 23.29 -34.18 24.21
C GLY A 215 23.97 -33.74 22.92
N MET A 216 25.05 -32.96 23.07
CA MET A 216 25.78 -32.45 21.92
C MET A 216 26.62 -33.56 21.30
N THR A 217 26.69 -34.70 21.98
CA THR A 217 27.50 -35.82 21.53
C THR A 217 26.70 -36.78 20.65
N SER A 218 25.41 -36.51 20.49
CA SER A 218 24.54 -37.35 19.68
C SER A 218 24.98 -37.37 18.22
N ALA A 219 24.38 -38.25 17.43
CA ALA A 219 24.70 -38.34 16.01
C ALA A 219 24.07 -37.20 15.23
N PHE A 220 23.21 -36.43 15.91
CA PHE A 220 22.54 -35.31 15.30
C PHE A 220 23.54 -34.21 14.90
N TYR A 221 24.57 -34.06 15.72
CA TYR A 221 25.59 -33.04 15.49
C TYR A 221 26.83 -33.61 14.81
N LYS A 222 27.64 -32.73 14.26
CA LYS A 222 28.85 -33.11 13.54
C LYS A 222 29.97 -32.14 13.85
N TYR A 223 31.10 -32.65 14.33
CA TYR A 223 32.23 -31.81 14.71
C TYR A 223 33.42 -32.02 13.79
N ILE A 224 34.26 -30.99 13.68
CA ILE A 224 35.46 -31.05 12.87
C ILE A 224 36.61 -30.38 13.59
N LEU A 225 37.61 -31.18 14.00
CA LEU A 225 38.77 -30.65 14.70
C LEU A 225 39.88 -30.28 13.73
N THR A 226 40.34 -29.04 13.80
CA THR A 226 41.42 -28.57 12.95
C THR A 226 42.77 -28.92 13.57
N THR A 227 42.78 -29.13 14.88
CA THR A 227 44.00 -29.53 15.58
C THR A 227 44.59 -30.78 14.93
N MET A 228 45.90 -30.78 14.74
CA MET A 228 46.59 -31.90 14.10
C MET A 228 46.95 -32.97 15.13
N ASP A 229 46.83 -32.64 16.40
CA ASP A 229 47.09 -33.60 17.47
C ASP A 229 45.83 -34.41 17.76
N PHE A 230 45.16 -34.86 16.70
CA PHE A 230 43.92 -35.61 16.84
C PHE A 230 44.16 -37.08 17.12
N PRO A 231 45.09 -37.71 16.38
CA PRO A 231 45.41 -39.12 16.59
C PRO A 231 45.85 -39.44 18.03
N ILE A 232 46.41 -38.45 18.72
CA ILE A 232 46.85 -38.64 20.09
C ILE A 232 45.77 -38.22 21.08
N LEU A 233 44.82 -37.42 20.61
CA LEU A 233 43.71 -36.97 21.43
C LEU A 233 42.75 -38.11 21.73
N HIS A 234 42.93 -38.75 22.88
CA HIS A 234 42.07 -39.87 23.28
C HIS A 234 40.89 -39.39 24.11
N LEU A 235 39.68 -39.68 23.64
CA LEU A 235 38.47 -39.30 24.33
C LEU A 235 37.82 -40.52 25.00
N ASP A 236 38.04 -40.66 26.30
CA ASP A 236 37.50 -41.80 27.04
C ASP A 236 36.43 -41.36 28.03
N GLY A 237 35.19 -41.77 27.77
CA GLY A 237 34.09 -41.43 28.65
C GLY A 237 33.32 -40.19 28.20
N ILE A 238 33.66 -39.69 27.02
CA ILE A 238 33.00 -38.51 26.47
C ILE A 238 32.38 -38.82 25.10
N VAL A 239 32.82 -39.92 24.49
CA VAL A 239 32.34 -40.28 23.16
C VAL A 239 31.31 -41.41 23.24
N GLU A 240 30.64 -41.65 22.12
CA GLU A 240 29.62 -42.70 22.05
C GLU A 240 29.80 -43.49 20.76
N ASP A 241 28.77 -44.26 20.38
CA ASP A 241 28.82 -45.05 19.17
C ASP A 241 28.15 -44.31 18.01
N SER A 242 27.41 -43.26 18.33
CA SER A 242 26.70 -42.48 17.33
C SER A 242 27.35 -41.11 17.14
N SER A 243 28.25 -40.76 18.05
CA SER A 243 28.92 -39.46 18.01
C SER A 243 29.66 -39.27 16.68
N ASN A 244 29.79 -38.01 16.28
CA ASN A 244 30.51 -37.66 15.06
C ASN A 244 31.61 -36.65 15.35
N ILE A 245 32.84 -37.13 15.45
CA ILE A 245 33.99 -36.28 15.74
C ILE A 245 35.10 -36.57 14.75
N LEU A 246 35.24 -35.71 13.74
CA LEU A 246 36.28 -35.87 12.73
C LEU A 246 37.59 -35.27 13.21
N GLY A 247 38.65 -35.48 12.43
CA GLY A 247 39.96 -34.97 12.77
C GLY A 247 40.90 -35.02 11.59
N PHE A 248 42.19 -34.82 11.84
CA PHE A 248 43.19 -34.87 10.79
C PHE A 248 44.44 -35.61 11.24
N SER A 249 45.19 -36.15 10.26
CA SER A 249 46.41 -36.87 10.55
C SER A 249 47.30 -36.95 9.31
N MET A 250 48.59 -37.15 9.52
CA MET A 250 49.54 -37.25 8.42
C MET A 250 50.45 -38.47 8.57
N PHE A 251 50.32 -39.19 9.68
CA PHE A 251 51.15 -40.36 9.93
C PHE A 251 50.92 -41.43 8.88
N ASN A 252 51.94 -41.65 8.04
CA ASN A 252 51.85 -42.65 6.98
C ASN A 252 52.47 -43.97 7.44
N THR A 253 51.63 -44.97 7.66
CA THR A 253 52.08 -46.27 8.12
C THR A 253 52.93 -46.96 7.06
N SER A 254 52.90 -46.43 5.84
CA SER A 254 53.67 -46.97 4.72
C SER A 254 55.16 -47.03 5.05
N HIS A 255 55.60 -46.23 6.01
CA HIS A 255 56.99 -46.19 6.41
C HIS A 255 57.27 -47.32 7.40
N PRO A 256 58.15 -48.27 7.02
CA PRO A 256 58.49 -49.42 7.86
C PRO A 256 59.14 -49.05 9.20
N PHE A 257 59.63 -47.82 9.32
CA PHE A 257 60.29 -47.37 10.55
C PHE A 257 59.28 -46.73 11.49
N TYR A 258 58.04 -46.63 11.05
CA TYR A 258 56.98 -46.03 11.85
C TYR A 258 56.76 -46.80 13.16
N PRO A 259 56.63 -48.13 13.08
CA PRO A 259 56.44 -48.94 14.28
C PRO A 259 57.56 -48.76 15.30
N GLU A 260 58.80 -48.66 14.82
CA GLU A 260 59.95 -48.50 15.71
C GLU A 260 59.95 -47.13 16.35
N PHE A 261 59.47 -46.14 15.60
CA PHE A 261 59.43 -44.75 16.08
C PHE A 261 58.50 -44.63 17.28
N VAL A 262 57.28 -45.15 17.13
CA VAL A 262 56.29 -45.07 18.20
C VAL A 262 56.78 -45.82 19.43
N ARG A 263 57.62 -46.82 19.22
CA ARG A 263 58.15 -47.63 20.30
C ARG A 263 59.03 -46.81 21.23
N SER A 264 59.90 -45.99 20.64
CA SER A 264 60.85 -45.19 21.41
C SER A 264 60.14 -44.21 22.35
N LEU A 265 59.09 -43.56 21.86
CA LEU A 265 58.36 -42.58 22.65
C LEU A 265 57.44 -43.26 23.67
N ASN A 266 56.96 -44.45 23.32
CA ASN A 266 56.04 -45.17 24.19
C ASN A 266 56.70 -45.59 25.50
N MET A 267 57.97 -45.95 25.41
CA MET A 267 58.73 -46.38 26.58
C MET A 267 59.36 -45.19 27.30
N SER A 268 60.00 -44.32 26.52
CA SER A 268 60.67 -43.15 27.06
C SER A 268 59.73 -42.30 27.90
N TRP A 269 58.44 -42.39 27.62
CA TRP A 269 57.43 -41.59 28.32
C TRP A 269 57.39 -41.95 29.80
N ARG A 270 57.12 -43.21 30.09
CA ARG A 270 57.06 -43.68 31.48
C ARG A 270 58.43 -44.19 31.94
N GLU A 271 59.48 -43.75 31.25
CA GLU A 271 60.85 -44.11 31.61
C GLU A 271 61.52 -42.91 32.27
N ASN A 272 61.03 -41.72 31.95
CA ASN A 272 61.54 -40.49 32.56
C ASN A 272 60.44 -39.79 33.35
N CYS A 273 59.24 -39.76 32.77
CA CYS A 273 58.09 -39.16 33.43
C CYS A 273 56.91 -40.14 33.44
N GLU A 274 56.94 -41.07 34.39
CA GLU A 274 55.91 -42.09 34.48
C GLU A 274 54.73 -41.62 35.34
N ALA A 275 54.55 -40.31 35.43
CA ALA A 275 53.46 -39.74 36.20
C ALA A 275 52.19 -39.65 35.36
N SER A 276 52.20 -40.29 34.19
CA SER A 276 51.05 -40.27 33.30
C SER A 276 51.21 -41.32 32.20
N THR A 277 50.14 -41.55 31.44
CA THR A 277 50.18 -42.52 30.35
C THR A 277 50.69 -41.86 29.06
N TYR A 278 51.00 -42.69 28.07
CA TYR A 278 51.52 -42.19 26.80
C TYR A 278 50.41 -42.03 25.77
N PRO A 279 50.04 -40.78 25.47
CA PRO A 279 48.97 -40.50 24.48
C PRO A 279 49.25 -41.11 23.11
N GLY A 280 50.34 -40.68 22.48
CA GLY A 280 50.69 -41.19 21.16
C GLY A 280 51.69 -40.29 20.45
N PRO A 281 52.23 -40.77 19.31
CA PRO A 281 53.22 -40.01 18.53
C PRO A 281 52.76 -38.59 18.25
N ALA A 282 53.50 -37.61 18.75
CA ALA A 282 53.17 -36.20 18.57
C ALA A 282 53.46 -35.78 17.12
N LEU A 283 52.68 -34.83 16.63
CA LEU A 283 52.88 -34.34 15.27
C LEU A 283 54.18 -33.54 15.19
N SER A 284 54.54 -32.87 16.28
CA SER A 284 55.76 -32.09 16.33
C SER A 284 56.99 -32.96 16.08
N ALA A 285 57.09 -34.07 16.81
CA ALA A 285 58.22 -34.98 16.68
C ALA A 285 58.27 -35.57 15.27
N ALA A 286 57.10 -35.78 14.68
CA ALA A 286 57.01 -36.35 13.33
C ALA A 286 57.67 -35.43 12.32
N LEU A 287 57.38 -34.13 12.43
CA LEU A 287 57.93 -33.15 11.50
C LEU A 287 59.43 -33.00 11.69
N MET A 288 59.87 -33.04 12.95
CA MET A 288 61.28 -32.92 13.27
C MET A 288 62.08 -34.05 12.64
N PHE A 289 61.52 -35.26 12.69
CA PHE A 289 62.20 -36.44 12.17
C PHE A 289 62.45 -36.30 10.67
N ASP A 290 61.37 -36.11 9.91
CA ASP A 290 61.47 -35.99 8.46
C ASP A 290 62.30 -34.77 8.08
N ALA A 291 62.25 -33.73 8.92
CA ALA A 291 62.94 -32.48 8.64
C ALA A 291 64.45 -32.74 8.45
N VAL A 292 65.06 -33.39 9.44
CA VAL A 292 66.48 -33.66 9.40
C VAL A 292 66.86 -34.41 8.12
N HIS A 293 66.00 -35.33 7.69
CA HIS A 293 66.25 -36.10 6.48
C HIS A 293 66.20 -35.22 5.24
N VAL A 294 65.23 -34.31 5.19
CA VAL A 294 65.06 -33.43 4.04
C VAL A 294 66.30 -32.54 3.88
N VAL A 295 66.84 -32.08 5.00
CA VAL A 295 68.01 -31.21 4.97
C VAL A 295 69.20 -31.96 4.39
N VAL A 296 69.56 -33.07 5.03
CA VAL A 296 70.70 -33.88 4.58
C VAL A 296 70.50 -34.35 3.15
N SER A 297 69.25 -34.41 2.71
CA SER A 297 68.92 -34.87 1.37
C SER A 297 69.33 -33.82 0.34
N ALA A 298 68.96 -32.58 0.58
CA ALA A 298 69.26 -31.49 -0.33
C ALA A 298 70.76 -31.19 -0.33
N VAL A 299 71.38 -31.27 0.84
CA VAL A 299 72.81 -31.04 0.97
C VAL A 299 73.58 -32.14 0.25
N ARG A 300 73.04 -33.34 0.27
CA ARG A 300 73.67 -34.48 -0.39
C ARG A 300 73.74 -34.23 -1.90
N GLU A 301 72.69 -33.61 -2.43
CA GLU A 301 72.60 -33.32 -3.86
C GLU A 301 73.45 -32.09 -4.21
N LEU A 302 73.56 -31.16 -3.27
CA LEU A 302 74.32 -29.94 -3.49
C LEU A 302 75.81 -30.22 -3.37
N ASN A 303 76.15 -31.30 -2.68
CA ASN A 303 77.55 -31.71 -2.52
C ASN A 303 78.02 -32.49 -3.73
N ARG A 304 77.11 -32.69 -4.68
CA ARG A 304 77.42 -33.40 -5.92
C ARG A 304 77.75 -32.41 -7.03
N SER A 305 77.21 -31.20 -6.93
CA SER A 305 77.41 -30.18 -7.94
C SER A 305 78.49 -29.18 -7.51
N GLN A 306 78.33 -28.62 -6.33
CA GLN A 306 79.31 -27.67 -5.78
C GLN A 306 79.82 -28.15 -4.43
N GLU A 307 81.13 -28.14 -4.25
CA GLU A 307 81.72 -28.45 -2.95
C GLU A 307 81.13 -27.51 -1.90
N ILE A 308 80.58 -28.07 -0.83
CA ILE A 308 79.90 -27.28 0.17
C ILE A 308 80.81 -26.95 1.35
N GLY A 309 81.04 -25.66 1.57
CA GLY A 309 81.85 -25.21 2.69
C GLY A 309 81.08 -24.22 3.54
N VAL A 310 80.99 -24.50 4.84
CA VAL A 310 80.31 -23.62 5.77
C VAL A 310 81.33 -22.79 6.55
N LYS A 311 81.20 -21.47 6.46
CA LYS A 311 82.12 -20.57 7.15
C LYS A 311 81.40 -19.82 8.27
N PRO A 312 81.97 -19.83 9.48
CA PRO A 312 81.38 -19.18 10.66
C PRO A 312 80.92 -17.75 10.39
N LEU A 313 79.65 -17.48 10.67
CA LEU A 313 79.06 -16.16 10.51
C LEU A 313 78.89 -15.49 11.87
N ALA A 314 78.11 -14.42 11.91
CA ALA A 314 77.84 -13.72 13.17
C ALA A 314 76.74 -12.68 12.99
N CYS A 315 76.20 -12.21 14.11
CA CYS A 315 75.15 -11.19 14.07
C CYS A 315 75.73 -9.81 13.77
N THR A 316 77.01 -9.64 14.07
CA THR A 316 77.69 -8.36 13.82
C THR A 316 78.09 -8.23 12.35
N SER A 317 78.64 -9.30 11.80
CA SER A 317 79.09 -9.29 10.41
C SER A 317 77.92 -9.38 9.45
N ALA A 318 77.98 -8.62 8.37
CA ALA A 318 76.92 -8.62 7.38
C ALA A 318 77.18 -9.66 6.29
N ASN A 319 77.94 -10.69 6.64
CA ASN A 319 78.26 -11.76 5.70
C ASN A 319 77.10 -12.73 5.57
N ILE A 320 77.11 -13.50 4.49
CA ILE A 320 76.08 -14.50 4.25
C ILE A 320 76.70 -15.81 3.79
N TRP A 321 75.96 -16.90 3.93
CA TRP A 321 76.43 -18.21 3.51
C TRP A 321 76.31 -18.34 1.99
N PRO A 322 77.45 -18.36 1.29
CA PRO A 322 77.46 -18.44 -0.18
C PRO A 322 76.59 -19.57 -0.73
N HIS A 323 76.62 -20.73 -0.10
CA HIS A 323 75.83 -21.87 -0.55
C HIS A 323 74.42 -21.82 0.04
N GLY A 324 73.90 -20.61 0.23
CA GLY A 324 72.58 -20.42 0.79
C GLY A 324 71.50 -20.60 -0.27
N THR A 325 71.48 -19.70 -1.24
CA THR A 325 70.52 -19.77 -2.32
C THR A 325 70.63 -21.11 -3.06
N SER A 326 71.84 -21.65 -3.11
CA SER A 326 72.08 -22.91 -3.78
C SER A 326 71.31 -24.04 -3.10
N LEU A 327 71.49 -24.19 -1.80
CA LEU A 327 70.82 -25.23 -1.03
C LEU A 327 69.31 -25.03 -1.02
N MET A 328 68.89 -23.79 -1.21
CA MET A 328 67.47 -23.45 -1.16
C MET A 328 66.73 -24.08 -2.34
N ASN A 329 67.41 -24.17 -3.48
CA ASN A 329 66.84 -24.79 -4.66
C ASN A 329 66.78 -26.30 -4.53
N TYR A 330 67.73 -26.87 -3.80
CA TYR A 330 67.77 -28.31 -3.58
C TYR A 330 66.82 -28.72 -2.47
N LEU A 331 66.44 -27.77 -1.62
CA LEU A 331 65.43 -28.01 -0.60
C LEU A 331 64.04 -27.79 -1.20
N ARG A 332 64.01 -27.55 -2.50
CA ARG A 332 62.77 -27.33 -3.22
C ARG A 332 62.41 -28.57 -4.03
N MET A 333 63.43 -29.23 -4.54
CA MET A 333 63.24 -30.43 -5.37
C MET A 333 63.43 -31.69 -4.55
N VAL A 334 63.01 -31.63 -3.29
CA VAL A 334 63.16 -32.77 -2.38
C VAL A 334 62.02 -33.76 -2.56
N GLU A 335 62.35 -35.04 -2.47
CA GLU A 335 61.36 -36.10 -2.57
C GLU A 335 61.63 -37.17 -1.51
N TYR A 336 61.15 -36.92 -0.28
CA TYR A 336 61.40 -37.83 0.82
C TYR A 336 60.10 -38.39 1.39
N ASP A 337 60.06 -39.70 1.59
CA ASP A 337 58.89 -40.37 2.15
C ASP A 337 59.10 -40.68 3.62
N GLY A 338 58.63 -39.79 4.48
CA GLY A 338 58.83 -39.93 5.91
C GLY A 338 57.58 -40.34 6.66
N LEU A 339 57.54 -40.01 7.95
CA LEU A 339 56.41 -40.34 8.81
C LEU A 339 55.29 -39.33 8.65
N THR A 340 55.23 -38.68 7.48
CA THR A 340 54.21 -37.66 7.23
C THR A 340 53.71 -37.73 5.78
N GLY A 341 54.22 -38.69 5.01
CA GLY A 341 53.82 -38.85 3.63
C GLY A 341 54.85 -38.28 2.67
N ARG A 342 54.43 -37.96 1.46
CA ARG A 342 55.33 -37.39 0.47
C ARG A 342 55.76 -35.99 0.88
N VAL A 343 57.07 -35.76 0.91
CA VAL A 343 57.62 -34.47 1.29
C VAL A 343 58.12 -33.72 0.06
N GLU A 344 57.26 -32.87 -0.49
CA GLU A 344 57.61 -32.09 -1.66
C GLU A 344 57.23 -30.62 -1.44
N PHE A 345 57.96 -29.72 -2.10
CA PHE A 345 57.70 -28.29 -1.97
C PHE A 345 57.38 -27.68 -3.32
N ASN A 346 56.84 -26.45 -3.29
CA ASN A 346 56.49 -25.74 -4.51
C ASN A 346 57.28 -24.44 -4.63
N SER A 347 56.82 -23.54 -5.49
CA SER A 347 57.50 -22.28 -5.72
C SER A 347 57.74 -21.52 -4.41
N LYS A 348 56.66 -21.10 -3.76
CA LYS A 348 56.76 -20.33 -2.53
C LYS A 348 57.58 -21.06 -1.47
N GLY A 349 57.38 -22.37 -1.37
CA GLY A 349 58.11 -23.17 -0.41
C GLY A 349 57.20 -23.97 0.50
N GLN A 350 55.92 -24.02 0.17
CA GLN A 350 54.95 -24.78 0.95
C GLN A 350 55.00 -26.27 0.58
N ARG A 351 54.39 -27.10 1.42
CA ARG A 351 54.34 -28.54 1.16
C ARG A 351 53.12 -28.89 0.32
N THR A 352 53.33 -29.72 -0.70
CA THR A 352 52.25 -30.11 -1.61
C THR A 352 52.33 -31.58 -1.99
N ASN A 353 51.36 -32.02 -2.77
CA ASN A 353 51.31 -33.40 -3.24
C ASN A 353 51.29 -34.39 -2.08
N TYR A 354 50.75 -33.97 -0.95
CA TYR A 354 50.68 -34.80 0.24
C TYR A 354 49.23 -35.11 0.56
N THR A 355 49.00 -36.18 1.30
CA THR A 355 47.66 -36.59 1.70
C THR A 355 47.33 -36.10 3.11
N LEU A 356 46.05 -36.11 3.45
CA LEU A 356 45.59 -35.57 4.71
C LEU A 356 44.44 -36.43 5.26
N ARG A 357 44.80 -37.58 5.83
CA ARG A 357 43.82 -38.55 6.27
C ARG A 357 42.90 -38.00 7.36
N ILE A 358 41.61 -37.99 7.08
CA ILE A 358 40.61 -37.52 8.03
C ILE A 358 40.15 -38.68 8.91
N LEU A 359 40.66 -38.72 10.14
CA LEU A 359 40.32 -39.78 11.07
C LEU A 359 39.07 -39.41 11.87
N GLU A 360 38.41 -40.42 12.43
CA GLU A 360 37.23 -40.21 13.24
C GLU A 360 37.28 -41.11 14.47
N LYS A 361 37.27 -40.50 15.64
CA LYS A 361 37.32 -41.27 16.88
C LYS A 361 36.21 -42.30 16.87
N SER A 362 36.24 -43.19 17.85
CA SER A 362 35.23 -44.22 17.96
C SER A 362 35.24 -44.85 19.35
N ARG A 363 34.60 -46.00 19.44
CA ARG A 363 34.54 -46.79 20.65
C ARG A 363 35.94 -47.08 21.20
N GLN A 364 36.89 -47.35 20.31
CA GLN A 364 38.24 -47.69 20.71
C GLN A 364 39.22 -47.42 19.58
N GLY A 365 39.96 -46.31 19.69
CA GLY A 365 40.92 -45.93 18.67
C GLY A 365 40.32 -44.96 17.68
N HIS A 366 40.82 -45.01 16.45
CA HIS A 366 40.37 -44.11 15.39
C HIS A 366 39.96 -44.89 14.15
N ARG A 367 39.28 -44.22 13.23
CA ARG A 367 38.79 -44.86 12.01
C ARG A 367 38.86 -43.90 10.83
N GLU A 368 39.74 -44.20 9.88
CA GLU A 368 39.91 -43.35 8.72
C GLU A 368 38.66 -43.34 7.85
N ILE A 369 37.85 -42.30 8.00
CA ILE A 369 36.59 -42.19 7.27
C ILE A 369 36.82 -41.69 5.84
N GLY A 370 37.84 -40.86 5.66
CA GLY A 370 38.15 -40.32 4.35
C GLY A 370 39.56 -39.77 4.27
N VAL A 371 39.89 -39.14 3.14
CA VAL A 371 41.20 -38.56 2.93
C VAL A 371 41.11 -37.31 2.06
N TRP A 372 41.93 -36.31 2.37
CA TRP A 372 41.95 -35.06 1.61
C TRP A 372 43.29 -34.88 0.92
N TYR A 373 43.25 -34.76 -0.40
CA TYR A 373 44.45 -34.55 -1.19
C TYR A 373 44.72 -33.05 -1.35
N SER A 374 45.79 -32.71 -2.04
CA SER A 374 46.15 -31.33 -2.27
C SER A 374 45.62 -30.85 -3.61
N ASN A 375 44.48 -31.41 -4.02
CA ASN A 375 43.87 -31.07 -5.29
C ASN A 375 42.38 -31.42 -5.35
N ARG A 376 41.99 -32.47 -4.65
CA ARG A 376 40.59 -32.90 -4.61
C ARG A 376 40.31 -33.74 -3.37
N THR A 377 39.06 -33.72 -2.92
CA THR A 377 38.66 -34.47 -1.73
C THR A 377 38.15 -35.85 -2.12
N LEU A 378 38.19 -36.78 -1.17
CA LEU A 378 37.74 -38.14 -1.44
C LEU A 378 37.52 -38.93 -0.16
N ALA A 379 36.25 -38.98 0.27
CA ALA A 379 35.88 -39.68 1.50
C ALA A 379 35.21 -41.00 1.19
N MET A 380 35.33 -41.96 2.10
CA MET A 380 34.72 -43.25 1.92
C MET A 380 35.21 -43.95 0.66
N SER B 3 20.47 71.62 -37.17
CA SER B 3 19.39 72.59 -37.35
C SER B 3 18.04 71.89 -37.46
N SER B 4 18.05 70.56 -37.35
CA SER B 4 16.83 69.78 -37.46
C SER B 4 17.01 68.38 -36.87
N LEU B 5 15.91 67.77 -36.45
CA LEU B 5 15.93 66.46 -35.83
C LEU B 5 15.48 65.40 -36.83
N ARG B 6 16.42 64.83 -37.56
CA ARG B 6 16.11 63.82 -38.57
C ARG B 6 16.16 62.41 -38.01
N MET B 7 15.56 61.48 -38.75
CA MET B 7 15.55 60.08 -38.36
C MET B 7 15.02 59.23 -39.51
N ALA B 8 15.73 58.17 -39.85
CA ALA B 8 15.33 57.29 -40.94
C ALA B 8 14.22 56.33 -40.48
N ALA B 9 13.53 55.74 -41.43
CA ALA B 9 12.45 54.81 -41.13
C ALA B 9 12.30 53.77 -42.23
N ILE B 10 13.05 52.68 -42.11
CA ILE B 10 13.02 51.61 -43.10
C ILE B 10 11.67 50.89 -43.08
N LEU B 11 10.79 51.26 -44.01
CA LEU B 11 9.46 50.67 -44.09
C LEU B 11 9.37 49.65 -45.21
N ASP B 12 8.79 48.49 -44.91
CA ASP B 12 8.61 47.44 -45.90
C ASP B 12 7.14 47.31 -46.28
N ASP B 13 6.30 48.15 -45.70
CA ASP B 13 4.87 48.11 -45.95
C ASP B 13 4.57 48.63 -47.36
N GLN B 14 3.49 48.13 -47.94
CA GLN B 14 3.07 48.57 -49.27
C GLN B 14 2.36 49.92 -49.19
N THR B 15 1.80 50.35 -50.31
CA THR B 15 1.04 51.59 -50.37
C THR B 15 -0.40 51.33 -50.81
N VAL B 16 -0.57 50.31 -51.63
CA VAL B 16 -1.89 49.93 -52.13
C VAL B 16 -2.52 48.89 -51.21
N CYS B 17 -3.54 49.32 -50.45
CA CYS B 17 -4.22 48.43 -49.52
C CYS B 17 -3.21 47.70 -48.62
N GLY B 18 -2.40 48.46 -47.90
CA GLY B 18 -1.41 47.90 -47.01
C GLY B 18 -1.83 48.01 -45.55
N ARG B 19 -0.88 48.38 -44.70
CA ARG B 19 -1.14 48.54 -43.28
C ARG B 19 -1.17 50.02 -42.89
N GLY B 20 -0.66 50.87 -43.77
CA GLY B 20 -0.68 52.31 -43.55
C GLY B 20 0.37 52.76 -42.57
N GLU B 21 1.63 52.42 -42.85
CA GLU B 21 2.74 52.82 -41.99
C GLU B 21 3.36 54.13 -42.48
N ARG B 22 3.50 54.24 -43.80
CA ARG B 22 4.08 55.44 -44.39
C ARG B 22 3.23 56.64 -44.06
N LEU B 23 1.94 56.41 -43.85
CA LEU B 23 1.01 57.47 -43.49
C LEU B 23 1.03 57.73 -41.98
N ALA B 24 1.33 56.68 -41.22
CA ALA B 24 1.39 56.78 -39.76
C ALA B 24 2.47 57.75 -39.32
N LEU B 25 3.62 57.70 -39.99
CA LEU B 25 4.73 58.57 -39.65
C LEU B 25 4.38 60.02 -39.92
N ALA B 26 3.74 60.29 -41.06
CA ALA B 26 3.36 61.63 -41.43
C ALA B 26 2.44 62.25 -40.38
N LEU B 27 1.42 61.49 -39.97
CA LEU B 27 0.46 61.96 -38.99
C LEU B 27 1.14 62.33 -37.68
N ALA B 28 2.27 61.68 -37.40
CA ALA B 28 3.02 61.94 -36.17
C ALA B 28 3.83 63.22 -36.29
N ARG B 29 4.54 63.38 -37.39
CA ARG B 29 5.39 64.55 -37.60
C ARG B 29 4.58 65.84 -37.57
N GLU B 30 3.40 65.81 -38.17
CA GLU B 30 2.53 66.97 -38.23
C GLU B 30 2.16 67.44 -36.81
N GLN B 31 1.82 66.48 -35.96
CA GLN B 31 1.41 66.77 -34.60
C GLN B 31 2.58 67.38 -33.80
N ILE B 32 3.78 66.87 -34.04
CA ILE B 32 4.96 67.34 -33.32
C ILE B 32 5.28 68.79 -33.70
N ASN B 33 5.05 69.13 -34.95
CA ASN B 33 5.31 70.47 -35.45
C ASN B 33 4.09 71.38 -35.28
N GLY B 34 3.36 71.16 -34.19
CA GLY B 34 2.18 71.97 -33.90
C GLY B 34 2.30 72.68 -32.57
N ILE B 35 3.53 73.01 -32.20
CA ILE B 35 3.80 73.70 -30.94
C ILE B 35 4.28 75.13 -31.23
N ILE B 36 4.73 75.35 -32.47
CA ILE B 36 5.21 76.67 -32.89
C ILE B 36 6.39 77.11 -32.02
N GLU B 37 6.17 78.10 -31.16
CA GLU B 37 7.22 78.63 -30.31
C GLU B 37 8.49 78.92 -31.11
N LYS B 41 11.84 76.27 -31.71
CA LYS B 41 12.92 75.29 -31.64
C LYS B 41 13.15 74.64 -33.00
N ALA B 42 14.06 73.67 -33.03
CA ALA B 42 14.36 72.95 -34.25
C ALA B 42 13.18 72.08 -34.68
N ARG B 43 12.98 71.95 -35.99
CA ARG B 43 11.87 71.17 -36.54
C ARG B 43 12.15 69.68 -36.38
N VAL B 44 11.23 68.87 -36.90
CA VAL B 44 11.38 67.41 -36.83
C VAL B 44 11.07 66.79 -38.19
N GLU B 45 12.10 66.31 -38.87
CA GLU B 45 11.95 65.69 -40.18
C GLU B 45 12.15 64.19 -40.07
N VAL B 46 11.45 63.44 -40.92
CA VAL B 46 11.54 61.98 -40.92
C VAL B 46 11.68 61.44 -42.34
N ASP B 47 12.82 60.82 -42.63
CA ASP B 47 13.07 60.25 -43.94
C ASP B 47 12.53 58.84 -44.04
N ILE B 48 11.94 58.51 -45.18
CA ILE B 48 11.36 57.18 -45.40
C ILE B 48 12.20 56.38 -46.38
N PHE B 49 12.49 55.12 -46.02
CA PHE B 49 13.31 54.25 -46.86
C PHE B 49 12.57 52.94 -47.16
N GLU B 50 11.93 52.87 -48.32
CA GLU B 50 11.18 51.69 -48.70
C GLU B 50 12.09 50.48 -48.86
N LEU B 51 11.54 49.30 -48.60
CA LEU B 51 12.25 48.04 -48.77
C LEU B 51 11.42 47.15 -49.70
N GLN B 52 12.08 46.32 -50.48
CA GLN B 52 11.40 45.51 -51.49
C GLN B 52 11.13 44.11 -50.97
N ARG B 53 12.18 43.38 -50.64
CA ARG B 53 12.06 42.01 -50.17
C ARG B 53 12.95 41.80 -48.95
N ASP B 54 12.48 40.97 -48.02
CA ASP B 54 13.21 40.71 -46.79
C ASP B 54 14.56 40.05 -47.08
N SER B 55 15.59 40.88 -47.21
CA SER B 55 16.92 40.40 -47.57
C SER B 55 18.02 41.19 -46.87
N GLN B 56 18.96 40.47 -46.26
CA GLN B 56 20.11 41.10 -45.63
C GLN B 56 20.81 42.02 -46.63
N TYR B 57 21.17 41.42 -47.76
CA TYR B 57 21.88 42.12 -48.83
C TYR B 57 21.27 43.48 -49.13
N GLU B 58 19.99 43.49 -49.47
CA GLU B 58 19.31 44.71 -49.89
C GLU B 58 19.27 45.77 -48.79
N THR B 59 19.19 45.33 -47.53
CA THR B 59 19.09 46.25 -46.41
C THR B 59 20.43 46.92 -46.12
N THR B 60 21.52 46.19 -46.32
CA THR B 60 22.86 46.72 -46.08
C THR B 60 23.12 47.94 -46.94
N ASP B 61 22.71 47.86 -48.20
CA ASP B 61 22.88 48.96 -49.14
C ASP B 61 22.11 50.18 -48.66
N THR B 62 20.98 49.95 -48.02
CA THR B 62 20.13 51.04 -47.53
C THR B 62 20.78 51.81 -46.39
N MET B 63 21.44 51.09 -45.49
CA MET B 63 22.07 51.71 -44.34
C MET B 63 23.23 52.61 -44.74
N CYS B 64 23.88 52.30 -45.86
CA CYS B 64 24.99 53.10 -46.35
C CYS B 64 24.50 54.38 -47.02
N GLN B 65 23.18 54.56 -47.03
CA GLN B 65 22.57 55.78 -47.55
C GLN B 65 21.97 56.58 -46.39
N ILE B 66 21.77 55.91 -45.26
CA ILE B 66 21.21 56.56 -44.08
C ILE B 66 22.31 57.19 -43.25
N LEU B 67 23.45 56.51 -43.14
CA LEU B 67 24.57 56.99 -42.35
C LEU B 67 25.06 58.35 -42.88
N PRO B 68 25.29 58.46 -44.19
CA PRO B 68 25.74 59.72 -44.78
C PRO B 68 24.84 60.90 -44.40
N LYS B 69 23.57 60.64 -44.16
CA LYS B 69 22.63 61.67 -43.73
C LYS B 69 22.79 61.94 -42.25
N GLY B 70 22.22 63.05 -41.78
CA GLY B 70 22.27 63.40 -40.38
C GLY B 70 21.12 62.79 -39.60
N VAL B 71 21.22 61.50 -39.32
CA VAL B 71 20.14 60.78 -38.63
C VAL B 71 20.40 60.70 -37.13
N VAL B 72 19.33 60.47 -36.38
CA VAL B 72 19.41 60.34 -34.93
C VAL B 72 19.00 58.94 -34.50
N SER B 73 18.01 58.38 -35.20
CA SER B 73 17.54 57.02 -34.91
C SER B 73 16.96 56.38 -36.17
N VAL B 74 16.83 55.06 -36.15
CA VAL B 74 16.28 54.32 -37.29
C VAL B 74 15.07 53.50 -36.84
N LEU B 75 13.95 53.67 -37.53
CA LEU B 75 12.73 52.94 -37.19
C LEU B 75 12.50 51.79 -38.18
N GLY B 76 11.79 50.76 -37.72
CA GLY B 76 11.50 49.60 -38.54
C GLY B 76 12.76 48.88 -38.96
N PRO B 77 12.63 47.86 -39.81
CA PRO B 77 11.36 47.37 -40.37
C PRO B 77 10.42 46.79 -39.31
N SER B 78 9.18 46.52 -39.70
CA SER B 78 8.18 46.00 -38.78
C SER B 78 7.64 44.64 -39.24
N SER B 79 7.90 44.29 -40.50
CA SER B 79 7.45 43.02 -41.05
C SER B 79 8.58 42.35 -41.83
N SER B 80 9.81 42.64 -41.45
CA SER B 80 10.98 42.07 -42.12
C SER B 80 11.97 41.55 -41.08
N PRO B 81 11.82 40.27 -40.69
CA PRO B 81 12.68 39.64 -39.68
C PRO B 81 14.17 39.75 -39.98
N ALA B 82 14.60 39.29 -41.16
CA ALA B 82 16.01 39.32 -41.52
C ALA B 82 16.50 40.75 -41.72
N SER B 83 15.72 41.55 -42.44
CA SER B 83 16.08 42.92 -42.72
C SER B 83 16.10 43.77 -41.46
N ALA B 84 15.59 43.21 -40.35
CA ALA B 84 15.55 43.92 -39.08
C ALA B 84 16.82 43.67 -38.28
N SER B 85 17.23 42.41 -38.21
CA SER B 85 18.42 42.03 -37.46
C SER B 85 19.65 42.70 -38.03
N THR B 86 19.70 42.83 -39.35
CA THR B 86 20.83 43.45 -40.02
C THR B 86 20.98 44.91 -39.63
N VAL B 87 19.86 45.62 -39.55
CA VAL B 87 19.87 47.04 -39.21
C VAL B 87 20.38 47.24 -37.79
N SER B 88 20.07 46.30 -36.90
CA SER B 88 20.51 46.39 -35.52
C SER B 88 22.02 46.28 -35.43
N HIS B 89 22.59 45.34 -36.20
CA HIS B 89 24.02 45.08 -36.18
C HIS B 89 24.81 46.32 -36.58
N ILE B 90 24.35 47.00 -37.64
CA ILE B 90 25.01 48.20 -38.13
C ILE B 90 24.83 49.36 -37.17
N CYS B 91 23.60 49.51 -36.67
CA CYS B 91 23.29 50.57 -35.73
C CYS B 91 24.13 50.44 -34.47
N GLY B 92 24.58 49.22 -34.18
CA GLY B 92 25.38 48.95 -33.01
C GLY B 92 26.80 49.47 -33.16
N GLU B 93 27.35 49.31 -34.35
CA GLU B 93 28.70 49.77 -34.64
C GLU B 93 28.71 51.21 -35.13
N LYS B 94 27.57 51.89 -35.00
CA LYS B 94 27.46 53.29 -35.38
C LYS B 94 26.90 54.13 -34.24
N GLU B 95 26.60 53.48 -33.12
CA GLU B 95 26.07 54.18 -31.95
C GLU B 95 24.76 54.91 -32.26
N ILE B 96 24.15 54.57 -33.39
CA ILE B 96 22.89 55.19 -33.78
C ILE B 96 21.72 54.33 -33.33
N PRO B 97 20.96 54.79 -32.33
CA PRO B 97 19.84 54.02 -31.76
C PRO B 97 18.93 53.43 -32.81
N HIS B 98 18.38 52.25 -32.52
CA HIS B 98 17.51 51.55 -33.45
C HIS B 98 16.20 51.18 -32.78
N ILE B 99 15.13 51.86 -33.17
CA ILE B 99 13.81 51.62 -32.60
C ILE B 99 13.11 50.46 -33.30
N LYS B 100 13.38 49.24 -32.83
CA LYS B 100 12.76 48.06 -33.41
C LYS B 100 11.28 48.00 -33.04
N VAL B 101 10.45 47.68 -34.02
CA VAL B 101 9.01 47.61 -33.81
C VAL B 101 8.34 46.63 -34.77
N GLY B 102 8.57 45.34 -34.55
CA GLY B 102 8.00 44.31 -35.39
C GLY B 102 8.46 42.92 -35.00
N PRO B 103 9.24 42.28 -35.89
CA PRO B 103 9.70 40.91 -35.65
C PRO B 103 10.69 40.82 -34.50
N GLU B 104 11.06 39.61 -34.12
CA GLU B 104 12.00 39.39 -33.04
C GLU B 104 12.38 37.91 -32.97
N GLU B 105 13.61 37.60 -33.36
CA GLU B 105 14.09 36.23 -33.36
C GLU B 105 15.58 36.17 -33.04
N THR B 106 15.97 35.16 -32.28
CA THR B 106 17.38 34.94 -31.92
C THR B 106 18.06 36.23 -31.45
N PRO B 107 17.93 36.54 -30.15
CA PRO B 107 18.51 37.76 -29.59
C PRO B 107 20.04 37.75 -29.61
N LEU B 112 28.13 40.95 -26.89
CA LEU B 112 28.11 41.50 -28.24
C LEU B 112 27.54 42.91 -28.23
N ARG B 113 27.84 43.68 -29.28
CA ARG B 113 27.40 45.06 -29.38
C ARG B 113 25.88 45.17 -29.26
N PHE B 114 25.42 45.99 -28.32
CA PHE B 114 23.99 46.20 -28.12
C PHE B 114 23.68 47.68 -27.96
N ALA B 115 22.65 48.15 -28.67
CA ALA B 115 22.26 49.55 -28.62
C ALA B 115 20.96 49.78 -29.39
N SER B 116 19.85 49.35 -28.81
CA SER B 116 18.54 49.49 -29.45
C SER B 116 17.40 49.12 -28.51
N VAL B 117 16.24 49.76 -28.71
CA VAL B 117 15.07 49.50 -27.88
C VAL B 117 13.88 49.12 -28.76
N SER B 118 12.96 48.33 -28.20
CA SER B 118 11.81 47.85 -28.94
C SER B 118 10.50 48.15 -28.22
N LEU B 119 9.52 48.63 -28.98
CA LEU B 119 8.19 48.91 -28.43
C LEU B 119 7.32 47.67 -28.49
N TYR B 120 7.54 46.84 -29.49
CA TYR B 120 6.76 45.61 -29.67
C TYR B 120 6.99 44.66 -28.50
N PRO B 121 5.90 44.10 -27.95
CA PRO B 121 6.00 43.16 -26.82
C PRO B 121 6.98 42.02 -27.09
N SER B 122 7.95 41.84 -26.20
CA SER B 122 8.95 40.81 -26.35
C SER B 122 8.31 39.43 -26.35
N ASN B 123 9.01 38.45 -26.93
CA ASN B 123 8.51 37.09 -27.01
C ASN B 123 8.34 36.46 -25.62
N GLU B 124 8.90 37.11 -24.61
CA GLU B 124 8.78 36.63 -23.23
C GLU B 124 7.43 36.99 -22.66
N ASP B 125 7.00 38.22 -22.88
CA ASP B 125 5.72 38.71 -22.35
C ASP B 125 4.55 38.09 -23.10
N VAL B 126 4.73 37.83 -24.39
CA VAL B 126 3.67 37.24 -25.21
C VAL B 126 3.39 35.80 -24.75
N SER B 127 4.47 35.07 -24.44
CA SER B 127 4.35 33.69 -23.99
C SER B 127 3.85 33.63 -22.56
N LEU B 128 4.24 34.64 -21.76
CA LEU B 128 3.85 34.70 -20.36
C LEU B 128 2.36 35.04 -20.27
N ALA B 129 1.88 35.79 -21.24
CA ALA B 129 0.47 36.19 -21.28
C ALA B 129 -0.39 34.97 -21.58
N VAL B 130 -0.02 34.21 -22.59
CA VAL B 130 -0.75 33.00 -22.96
C VAL B 130 -0.71 31.99 -21.82
N SER B 131 0.34 32.05 -21.02
CA SER B 131 0.51 31.14 -19.89
C SER B 131 -0.43 31.53 -18.75
N ARG B 132 -0.63 32.83 -18.56
CA ARG B 132 -1.49 33.33 -17.51
C ARG B 132 -2.96 33.10 -17.84
N ILE B 133 -3.27 33.06 -19.13
CA ILE B 133 -4.64 32.81 -19.57
C ILE B 133 -5.03 31.37 -19.26
N LEU B 134 -4.17 30.44 -19.65
CA LEU B 134 -4.41 29.02 -19.39
C LEU B 134 -4.50 28.77 -17.89
N LYS B 135 -3.94 29.68 -17.10
CA LYS B 135 -3.92 29.55 -15.65
C LYS B 135 -5.35 29.54 -15.10
N SER B 136 -6.20 30.39 -15.66
CA SER B 136 -7.58 30.50 -15.21
C SER B 136 -8.45 29.37 -15.74
N PHE B 137 -7.83 28.38 -16.36
CA PHE B 137 -8.54 27.23 -16.90
C PHE B 137 -7.93 25.92 -16.42
N ASN B 138 -7.06 26.00 -15.41
CA ASN B 138 -6.40 24.84 -14.85
C ASN B 138 -5.53 24.12 -15.88
N TYR B 139 -5.06 24.88 -16.87
CA TYR B 139 -4.18 24.34 -17.91
C TYR B 139 -4.80 23.11 -18.57
N PRO B 140 -5.88 23.31 -19.34
CA PRO B 140 -6.52 22.21 -20.07
C PRO B 140 -5.59 21.60 -21.11
N SER B 141 -6.13 20.69 -21.93
CA SER B 141 -5.33 20.06 -22.97
C SER B 141 -4.94 21.10 -24.02
N ALA B 142 -3.69 21.55 -23.96
CA ALA B 142 -3.20 22.54 -24.91
C ALA B 142 -2.85 21.87 -26.24
N SER B 143 -2.90 22.64 -27.31
CA SER B 143 -2.56 22.14 -28.64
C SER B 143 -2.34 23.30 -29.61
N LEU B 144 -1.18 23.94 -29.50
CA LEU B 144 -0.85 25.07 -30.36
C LEU B 144 -0.78 24.64 -31.83
N ILE B 145 -1.37 25.44 -32.70
CA ILE B 145 -1.35 25.19 -34.12
C ILE B 145 -0.30 26.09 -34.78
N CYS B 146 0.98 25.78 -34.55
CA CYS B 146 2.06 26.57 -35.11
C CYS B 146 1.94 26.69 -36.62
N ALA B 147 2.12 27.90 -37.13
CA ALA B 147 2.02 28.14 -38.56
C ALA B 147 3.37 27.98 -39.25
N LYS B 148 4.45 28.32 -38.55
CA LYS B 148 5.79 28.16 -39.10
C LYS B 148 6.77 27.62 -38.06
N ALA B 149 8.05 27.68 -38.42
CA ALA B 149 9.13 27.24 -37.53
C ALA B 149 9.42 28.28 -36.47
N GLU B 150 9.34 29.56 -36.84
CA GLU B 150 9.60 30.65 -35.91
C GLU B 150 8.56 30.67 -34.80
N CYS B 151 7.46 29.94 -35.01
CA CYS B 151 6.39 29.86 -34.03
C CYS B 151 6.88 29.24 -32.73
N LEU B 152 8.00 28.53 -32.80
CA LEU B 152 8.57 27.87 -31.62
C LEU B 152 9.50 28.81 -30.85
N LEU B 153 10.03 29.80 -31.54
CA LEU B 153 10.97 30.73 -30.94
C LEU B 153 10.23 31.89 -30.28
N ARG B 154 9.23 32.42 -30.97
CA ARG B 154 8.44 33.53 -30.45
C ARG B 154 7.64 33.10 -29.23
N LEU B 155 7.38 31.79 -29.13
CA LEU B 155 6.66 31.24 -27.99
C LEU B 155 7.54 30.24 -27.24
N GLU B 156 8.84 30.52 -27.20
CA GLU B 156 9.79 29.61 -26.57
C GLU B 156 9.48 29.41 -25.08
N GLU B 157 9.30 30.52 -24.37
CA GLU B 157 9.04 30.48 -22.94
C GLU B 157 7.78 29.70 -22.59
N LEU B 158 6.88 29.58 -23.57
CA LEU B 158 5.61 28.88 -23.37
C LEU B 158 5.77 27.38 -23.55
N VAL B 159 6.44 26.99 -24.63
CA VAL B 159 6.60 25.58 -24.96
C VAL B 159 7.42 24.86 -23.90
N ARG B 160 8.44 25.54 -23.36
CA ARG B 160 9.29 24.95 -22.34
C ARG B 160 8.58 24.92 -20.99
N GLY B 161 7.64 25.84 -20.81
CA GLY B 161 6.95 25.98 -19.53
C GLY B 161 6.19 24.73 -19.11
N PHE B 162 5.49 24.11 -20.07
CA PHE B 162 4.66 22.96 -19.77
C PHE B 162 5.20 21.69 -20.42
N LEU B 163 4.82 20.55 -19.87
CA LEU B 163 5.20 19.25 -20.44
C LEU B 163 4.66 19.15 -21.86
N ILE B 164 5.30 18.33 -22.67
CA ILE B 164 4.89 18.14 -24.07
C ILE B 164 4.29 16.75 -24.26
N SER B 165 2.96 16.69 -24.35
CA SER B 165 2.27 15.42 -24.56
C SER B 165 0.85 15.65 -25.05
N LYS B 166 0.03 14.60 -25.05
CA LYS B 166 -1.35 14.71 -25.50
C LYS B 166 -2.26 15.18 -24.38
N GLU B 167 -1.78 15.10 -23.15
CA GLU B 167 -2.59 15.43 -21.99
C GLU B 167 -2.28 16.82 -21.44
N THR B 168 -1.19 17.43 -21.91
CA THR B 168 -0.77 18.73 -21.39
C THR B 168 -0.56 19.77 -22.48
N LEU B 169 0.23 19.44 -23.50
CA LEU B 169 0.55 20.39 -24.56
C LEU B 169 1.19 19.71 -25.76
N SER B 170 0.50 19.78 -26.90
CA SER B 170 1.00 19.20 -28.14
C SER B 170 1.14 20.28 -29.20
N VAL B 171 2.22 20.21 -29.97
CA VAL B 171 2.47 21.22 -31.00
C VAL B 171 2.35 20.62 -32.40
N ARG B 172 1.61 21.31 -33.26
CA ARG B 172 1.38 20.86 -34.62
C ARG B 172 1.66 22.00 -35.61
N MET B 173 2.59 21.77 -36.53
CA MET B 173 2.96 22.79 -37.51
C MET B 173 2.18 22.63 -38.81
N LEU B 174 1.87 23.75 -39.45
CA LEU B 174 1.12 23.74 -40.70
C LEU B 174 2.07 23.87 -41.89
N ASP B 175 2.14 22.82 -42.70
CA ASP B 175 3.00 22.81 -43.88
C ASP B 175 2.50 23.83 -44.91
N ASP B 176 3.42 24.39 -45.69
CA ASP B 176 3.08 25.42 -46.67
C ASP B 176 2.28 24.86 -47.85
N SER B 177 1.25 25.59 -48.26
CA SER B 177 0.35 25.16 -49.33
C SER B 177 -0.48 23.96 -48.86
N ARG B 178 -0.06 23.38 -47.74
CA ARG B 178 -0.92 22.50 -46.95
C ARG B 178 -1.68 23.46 -46.05
N ASP B 179 -2.96 23.20 -45.81
CA ASP B 179 -3.78 24.13 -45.07
C ASP B 179 -4.21 23.51 -43.74
N PRO B 180 -4.99 24.25 -42.94
CA PRO B 180 -5.40 23.72 -41.63
C PRO B 180 -6.60 22.78 -41.76
N THR B 181 -6.35 21.56 -42.24
CA THR B 181 -7.40 20.57 -42.41
C THR B 181 -7.24 19.39 -41.46
N PRO B 182 -6.21 18.56 -41.67
CA PRO B 182 -6.07 17.34 -40.88
C PRO B 182 -5.78 17.70 -39.44
N LEU B 183 -5.23 18.89 -39.27
CA LEU B 183 -4.82 19.37 -37.96
C LEU B 183 -6.01 19.32 -37.00
N LEU B 184 -6.95 20.24 -37.17
CA LEU B 184 -8.11 20.33 -36.30
C LEU B 184 -8.75 18.96 -36.08
N LYS B 185 -8.64 18.10 -37.09
CA LYS B 185 -9.17 16.75 -37.01
C LYS B 185 -8.49 15.96 -35.90
N GLU B 186 -7.17 15.94 -35.93
CA GLU B 186 -6.38 15.23 -34.92
C GLU B 186 -6.68 15.77 -33.53
N ILE B 187 -6.98 17.06 -33.47
CA ILE B 187 -7.31 17.69 -32.19
C ILE B 187 -8.58 17.07 -31.61
N ARG B 188 -9.55 16.80 -32.48
CA ARG B 188 -10.80 16.20 -32.06
C ARG B 188 -10.59 14.77 -31.58
N ASP B 189 -9.61 14.08 -32.15
CA ASP B 189 -9.30 12.71 -31.77
C ASP B 189 -8.76 12.65 -30.35
N ASP B 190 -7.89 13.60 -30.00
CA ASP B 190 -7.31 13.65 -28.68
C ASP B 190 -8.19 14.46 -27.71
N LYS B 191 -9.48 14.55 -28.03
CA LYS B 191 -10.43 15.28 -27.21
C LYS B 191 -9.83 16.55 -26.62
N VAL B 192 -9.09 17.28 -27.44
CA VAL B 192 -8.47 18.53 -27.01
C VAL B 192 -9.49 19.67 -27.09
N SER B 193 -9.54 20.49 -26.05
CA SER B 193 -10.48 21.60 -25.99
C SER B 193 -9.80 22.93 -26.31
N THR B 194 -8.67 23.17 -25.65
CA THR B 194 -7.94 24.43 -25.84
C THR B 194 -7.01 24.35 -27.05
N ILE B 195 -7.03 25.40 -27.87
CA ILE B 195 -6.21 25.48 -29.06
C ILE B 195 -5.64 26.88 -29.21
N ILE B 196 -4.32 26.99 -29.35
CA ILE B 196 -3.67 28.28 -29.45
C ILE B 196 -2.97 28.43 -30.79
N ILE B 197 -3.60 29.15 -31.72
CA ILE B 197 -3.04 29.36 -33.06
C ILE B 197 -2.05 30.52 -33.07
N ASP B 198 -1.01 30.40 -33.88
CA ASP B 198 0.01 31.43 -33.99
C ASP B 198 0.36 31.71 -35.45
N ALA B 199 -0.12 32.84 -35.96
CA ALA B 199 0.15 33.23 -37.34
C ALA B 199 -0.31 34.68 -37.58
N ASN B 200 -0.15 35.15 -38.81
CA ASN B 200 -0.58 36.49 -39.17
C ASN B 200 -2.09 36.59 -39.25
N ALA B 201 -2.60 37.80 -39.51
CA ALA B 201 -4.04 38.03 -39.57
C ALA B 201 -4.72 37.15 -40.62
N SER B 202 -3.95 36.73 -41.62
CA SER B 202 -4.48 35.93 -42.71
C SER B 202 -4.77 34.50 -42.27
N ILE B 203 -3.72 33.79 -41.84
CA ILE B 203 -3.84 32.39 -41.45
C ILE B 203 -4.70 32.26 -40.19
N SER B 204 -4.81 33.34 -39.43
CA SER B 204 -5.61 33.35 -38.21
C SER B 204 -7.09 33.28 -38.56
N HIS B 205 -7.47 33.94 -39.64
CA HIS B 205 -8.85 33.94 -40.11
C HIS B 205 -9.15 32.64 -40.86
N LEU B 206 -8.13 32.08 -41.49
CA LEU B 206 -8.30 30.92 -42.35
C LEU B 206 -8.42 29.63 -41.54
N VAL B 207 -7.59 29.50 -40.51
CA VAL B 207 -7.56 28.31 -39.68
C VAL B 207 -8.90 28.11 -38.96
N LEU B 208 -9.53 29.21 -38.56
CA LEU B 208 -10.79 29.16 -37.84
C LEU B 208 -11.98 28.96 -38.76
N ARG B 209 -11.76 29.26 -40.04
CA ARG B 209 -12.81 29.20 -41.04
C ARG B 209 -13.26 27.76 -41.30
N LYS B 210 -12.32 26.91 -41.71
CA LYS B 210 -12.60 25.50 -41.94
C LYS B 210 -12.72 24.75 -40.60
N ALA B 211 -12.61 25.49 -39.51
CA ALA B 211 -12.73 24.92 -38.17
C ALA B 211 -14.18 25.00 -37.69
N SER B 212 -14.79 26.16 -37.90
CA SER B 212 -16.16 26.40 -37.44
C SER B 212 -17.14 25.45 -38.12
N GLU B 213 -16.75 24.91 -39.27
CA GLU B 213 -17.59 23.98 -40.01
C GLU B 213 -17.35 22.54 -39.56
N LEU B 214 -16.81 22.39 -38.36
CA LEU B 214 -16.57 21.07 -37.78
C LEU B 214 -17.07 21.02 -36.34
N GLY B 215 -17.85 22.02 -35.95
CA GLY B 215 -18.34 22.12 -34.58
C GLY B 215 -17.25 22.62 -33.65
N MET B 216 -16.12 23.02 -34.23
CA MET B 216 -15.00 23.51 -33.44
C MET B 216 -15.27 24.92 -32.94
N THR B 217 -16.36 25.51 -33.42
CA THR B 217 -16.72 26.88 -33.07
C THR B 217 -17.64 26.92 -31.85
N SER B 218 -18.03 25.75 -31.36
CA SER B 218 -18.92 25.66 -30.20
C SER B 218 -18.27 26.27 -28.97
N ALA B 219 -19.05 26.41 -27.90
CA ALA B 219 -18.55 26.96 -26.64
C ALA B 219 -17.71 25.91 -25.89
N PHE B 220 -17.74 24.69 -26.40
CA PHE B 220 -16.99 23.60 -25.79
C PHE B 220 -15.49 23.84 -25.90
N TYR B 221 -15.08 24.46 -27.00
CA TYR B 221 -13.66 24.72 -27.25
C TYR B 221 -13.29 26.15 -26.89
N LYS B 222 -11.99 26.39 -26.74
CA LYS B 222 -11.48 27.70 -26.36
C LYS B 222 -10.21 27.99 -27.14
N TYR B 223 -10.18 29.12 -27.85
CA TYR B 223 -9.04 29.48 -28.67
C TYR B 223 -8.33 30.71 -28.14
N ILE B 224 -7.04 30.82 -28.45
CA ILE B 224 -6.23 31.95 -28.02
C ILE B 224 -5.30 32.39 -29.16
N LEU B 225 -5.56 33.56 -29.71
CA LEU B 225 -4.75 34.09 -30.81
C LEU B 225 -3.60 34.94 -30.28
N THR B 226 -2.38 34.58 -30.69
CA THR B 226 -1.19 35.32 -30.28
C THR B 226 -0.96 36.51 -31.21
N THR B 227 -1.52 36.43 -32.41
CA THR B 227 -1.43 37.52 -33.37
C THR B 227 -1.94 38.81 -32.75
N MET B 228 -1.21 39.91 -32.95
CA MET B 228 -1.57 41.19 -32.38
C MET B 228 -2.55 41.94 -33.28
N ASP B 229 -2.73 41.45 -34.50
CA ASP B 229 -3.69 42.03 -35.44
C ASP B 229 -5.07 41.43 -35.21
N PHE B 230 -5.46 41.32 -33.95
CA PHE B 230 -6.74 40.72 -33.58
C PHE B 230 -7.89 41.72 -33.69
N PRO B 231 -7.69 42.95 -33.17
CA PRO B 231 -8.74 43.98 -33.25
C PRO B 231 -9.19 44.27 -34.68
N ILE B 232 -8.31 44.04 -35.65
CA ILE B 232 -8.64 44.30 -37.05
C ILE B 232 -9.15 43.02 -37.72
N LEU B 233 -8.86 41.88 -37.12
CA LEU B 233 -9.30 40.59 -37.63
C LEU B 233 -10.80 40.42 -37.45
N HIS B 234 -11.56 40.75 -38.48
CA HIS B 234 -13.02 40.64 -38.43
C HIS B 234 -13.49 39.28 -38.94
N LEU B 235 -14.21 38.56 -38.10
CA LEU B 235 -14.72 37.24 -38.44
C LEU B 235 -16.23 37.31 -38.68
N ASP B 236 -16.62 37.35 -39.95
CA ASP B 236 -18.04 37.46 -40.31
C ASP B 236 -18.52 36.18 -40.99
N GLY B 237 -19.41 35.47 -40.32
CA GLY B 237 -19.96 34.23 -40.86
C GLY B 237 -19.23 32.99 -40.41
N ILE B 238 -18.29 33.17 -39.47
CA ILE B 238 -17.53 32.05 -38.94
C ILE B 238 -17.69 31.95 -37.42
N VAL B 239 -18.16 33.02 -36.80
CA VAL B 239 -18.32 33.06 -35.35
C VAL B 239 -19.77 32.86 -34.95
N GLU B 240 -19.99 32.64 -33.65
CA GLU B 240 -21.32 32.43 -33.12
C GLU B 240 -21.49 33.23 -31.83
N ASP B 241 -22.52 32.90 -31.06
CA ASP B 241 -22.78 33.59 -29.80
C ASP B 241 -22.18 32.82 -28.62
N SER B 242 -21.81 31.57 -28.87
CA SER B 242 -21.25 30.72 -27.83
C SER B 242 -19.75 30.48 -28.06
N SER B 243 -19.28 30.86 -29.25
CA SER B 243 -17.88 30.67 -29.60
C SER B 243 -16.96 31.36 -28.61
N ASN B 244 -15.74 30.81 -28.47
CA ASN B 244 -14.74 31.39 -27.58
C ASN B 244 -13.44 31.65 -28.34
N ILE B 245 -13.25 32.90 -28.74
CA ILE B 245 -12.05 33.29 -29.48
C ILE B 245 -11.41 34.52 -28.83
N LEU B 246 -10.36 34.30 -28.05
CA LEU B 246 -9.65 35.38 -27.39
C LEU B 246 -8.63 36.02 -28.33
N GLY B 247 -8.04 37.12 -27.88
CA GLY B 247 -7.04 37.82 -28.67
C GLY B 247 -6.26 38.81 -27.83
N PHE B 248 -5.51 39.69 -28.48
CA PHE B 248 -4.72 40.69 -27.78
C PHE B 248 -4.82 42.05 -28.46
N SER B 249 -4.58 43.11 -27.69
CA SER B 249 -4.63 44.47 -28.21
C SER B 249 -3.86 45.42 -27.30
N MET B 250 -3.42 46.55 -27.85
CA MET B 250 -2.69 47.54 -27.08
C MET B 250 -3.25 48.95 -27.30
N PHE B 251 -4.22 49.07 -28.20
CA PHE B 251 -4.82 50.37 -28.51
C PHE B 251 -5.48 50.96 -27.27
N ASN B 252 -4.90 52.04 -26.75
CA ASN B 252 -5.43 52.72 -25.58
C ASN B 252 -6.30 53.90 -25.98
N THR B 253 -7.61 53.75 -25.78
CA THR B 253 -8.57 54.79 -26.15
C THR B 253 -8.38 56.04 -25.29
N SER B 254 -7.60 55.90 -24.22
CA SER B 254 -7.31 57.01 -23.32
C SER B 254 -6.69 58.20 -24.06
N HIS B 255 -6.11 57.93 -25.22
CA HIS B 255 -5.48 58.97 -26.02
C HIS B 255 -6.54 59.69 -26.86
N PRO B 256 -6.74 60.99 -26.62
CA PRO B 256 -7.74 61.80 -27.34
C PRO B 256 -7.51 61.89 -28.84
N PHE B 257 -6.30 61.56 -29.30
CA PHE B 257 -5.96 61.64 -30.71
C PHE B 257 -6.25 60.31 -31.41
N TYR B 258 -6.66 59.32 -30.63
CA TYR B 258 -6.96 58.00 -31.17
C TYR B 258 -8.08 58.04 -32.21
N PRO B 259 -9.20 58.72 -31.88
CA PRO B 259 -10.31 58.83 -32.84
C PRO B 259 -9.89 59.47 -34.16
N GLU B 260 -9.03 60.48 -34.10
CA GLU B 260 -8.59 61.18 -35.30
C GLU B 260 -7.66 60.29 -36.13
N PHE B 261 -6.89 59.46 -35.43
CA PHE B 261 -5.94 58.57 -36.08
C PHE B 261 -6.66 57.54 -36.95
N VAL B 262 -7.66 56.88 -36.37
CA VAL B 262 -8.43 55.87 -37.09
C VAL B 262 -9.14 56.49 -38.28
N ARG B 263 -9.45 57.78 -38.16
CA ARG B 263 -10.16 58.50 -39.22
C ARG B 263 -9.31 58.59 -40.49
N SER B 264 -8.04 58.91 -40.32
CA SER B 264 -7.13 59.09 -41.44
C SER B 264 -6.99 57.81 -42.28
N LEU B 265 -6.85 56.68 -41.60
CA LEU B 265 -6.67 55.40 -42.28
C LEU B 265 -7.99 54.89 -42.86
N ASN B 266 -9.09 55.23 -42.21
CA ASN B 266 -10.40 54.76 -42.63
C ASN B 266 -10.79 55.32 -44.00
N MET B 267 -10.40 56.57 -44.25
CA MET B 267 -10.71 57.24 -45.50
C MET B 267 -9.65 56.95 -46.55
N SER B 268 -8.39 57.09 -46.14
CA SER B 268 -7.26 56.88 -47.05
C SER B 268 -7.30 55.49 -47.68
N TRP B 269 -7.95 54.55 -47.01
CA TRP B 269 -8.02 53.18 -47.50
C TRP B 269 -8.78 53.10 -48.82
N ARG B 270 -10.03 53.57 -48.82
CA ARG B 270 -10.84 53.58 -50.03
C ARG B 270 -10.68 54.88 -50.79
N GLU B 271 -9.60 55.60 -50.53
CA GLU B 271 -9.29 56.84 -51.24
C GLU B 271 -8.16 56.60 -52.24
N ASN B 272 -7.37 55.56 -51.98
CA ASN B 272 -6.30 55.17 -52.88
C ASN B 272 -6.52 53.76 -53.40
N CYS B 273 -6.96 52.87 -52.51
CA CYS B 273 -7.25 51.49 -52.88
C CYS B 273 -8.64 51.10 -52.39
N GLU B 274 -9.66 51.51 -53.13
CA GLU B 274 -11.05 51.25 -52.77
C GLU B 274 -11.52 49.89 -53.29
N ALA B 275 -10.57 48.99 -53.52
CA ALA B 275 -10.90 47.65 -54.00
C ALA B 275 -11.23 46.71 -52.86
N SER B 276 -11.40 47.28 -51.66
CA SER B 276 -11.71 46.49 -50.48
C SER B 276 -12.15 47.39 -49.32
N THR B 277 -12.67 46.80 -48.27
CA THR B 277 -13.11 47.54 -47.09
C THR B 277 -11.93 47.79 -46.15
N TYR B 278 -12.14 48.67 -45.17
CA TYR B 278 -11.09 49.00 -44.21
C TYR B 278 -11.23 48.18 -42.93
N PRO B 279 -10.32 47.22 -42.73
CA PRO B 279 -10.35 46.36 -41.53
C PRO B 279 -10.29 47.16 -40.23
N GLY B 280 -9.20 47.89 -40.02
CA GLY B 280 -9.03 48.67 -38.82
C GLY B 280 -7.59 49.08 -38.57
N PRO B 281 -7.37 49.97 -37.59
CA PRO B 281 -6.02 50.45 -37.28
C PRO B 281 -5.02 49.31 -37.08
N ALA B 282 -4.00 49.28 -37.93
CA ALA B 282 -2.99 48.23 -37.87
C ALA B 282 -2.07 48.46 -36.68
N LEU B 283 -1.56 47.37 -36.12
CA LEU B 283 -0.66 47.45 -34.98
C LEU B 283 0.67 48.07 -35.41
N SER B 284 1.07 47.81 -36.65
CA SER B 284 2.32 48.33 -37.19
C SER B 284 2.32 49.86 -37.19
N ALA B 285 1.26 50.45 -37.73
CA ALA B 285 1.15 51.90 -37.80
C ALA B 285 1.11 52.51 -36.41
N ALA B 286 0.51 51.78 -35.46
CA ALA B 286 0.41 52.25 -34.08
C ALA B 286 1.80 52.42 -33.47
N LEU B 287 2.66 51.43 -33.67
CA LEU B 287 4.00 51.45 -33.13
C LEU B 287 4.83 52.55 -33.78
N MET B 288 4.66 52.72 -35.09
CA MET B 288 5.39 53.74 -35.83
C MET B 288 5.07 55.13 -35.29
N PHE B 289 3.80 55.37 -34.98
CA PHE B 289 3.36 56.67 -34.52
C PHE B 289 4.03 57.03 -33.20
N ASP B 290 3.85 56.19 -32.19
CA ASP B 290 4.43 56.42 -30.87
C ASP B 290 5.96 56.44 -30.95
N ALA B 291 6.52 55.68 -31.89
CA ALA B 291 7.96 55.58 -32.03
C ALA B 291 8.57 56.96 -32.26
N VAL B 292 8.07 57.67 -33.27
CA VAL B 292 8.59 58.98 -33.62
C VAL B 292 8.57 59.91 -32.41
N HIS B 293 7.51 59.81 -31.60
CA HIS B 293 7.37 60.64 -30.42
C HIS B 293 8.43 60.31 -29.37
N VAL B 294 8.68 59.02 -29.18
CA VAL B 294 9.65 58.56 -28.18
C VAL B 294 11.04 59.07 -28.53
N VAL B 295 11.37 59.06 -29.82
CA VAL B 295 12.67 59.52 -30.29
C VAL B 295 12.84 61.00 -29.98
N VAL B 296 11.94 61.82 -30.51
CA VAL B 296 12.01 63.26 -30.31
C VAL B 296 11.95 63.61 -28.83
N SER B 297 11.39 62.70 -28.04
CA SER B 297 11.25 62.92 -26.60
C SER B 297 12.61 62.81 -25.90
N ALA B 298 13.35 61.76 -26.23
CA ALA B 298 14.66 61.53 -25.63
C ALA B 298 15.66 62.57 -26.12
N VAL B 299 15.57 62.93 -27.40
CA VAL B 299 16.45 63.93 -27.98
C VAL B 299 16.18 65.29 -27.37
N ARG B 300 14.92 65.54 -27.04
CA ARG B 300 14.53 66.80 -26.41
C ARG B 300 15.20 66.95 -25.06
N GLU B 301 15.32 65.84 -24.35
CA GLU B 301 15.94 65.84 -23.02
C GLU B 301 17.47 65.87 -23.13
N LEU B 302 18.00 65.28 -24.19
CA LEU B 302 19.44 65.23 -24.41
C LEU B 302 19.94 66.58 -24.92
N ASN B 303 19.03 67.35 -25.51
CA ASN B 303 19.38 68.68 -26.01
C ASN B 303 19.35 69.71 -24.88
N ARG B 304 19.00 69.24 -23.69
CA ARG B 304 18.96 70.09 -22.50
C ARG B 304 20.25 69.97 -21.71
N SER B 305 20.91 68.83 -21.84
CA SER B 305 22.14 68.57 -21.10
C SER B 305 23.37 68.80 -21.97
N GLN B 306 23.40 68.16 -23.14
CA GLN B 306 24.49 68.32 -24.08
C GLN B 306 23.96 68.78 -25.44
N GLU B 307 24.60 69.81 -26.00
CA GLU B 307 24.27 70.24 -27.35
C GLU B 307 24.41 69.07 -28.30
N ILE B 308 23.35 68.78 -29.06
CA ILE B 308 23.35 67.61 -29.93
C ILE B 308 23.74 67.97 -31.37
N GLY B 309 24.82 67.38 -31.84
CA GLY B 309 25.28 67.59 -33.21
C GLY B 309 25.43 66.27 -33.93
N VAL B 310 24.77 66.15 -35.08
CA VAL B 310 24.87 64.95 -35.90
C VAL B 310 25.82 65.17 -37.07
N LYS B 311 26.85 64.33 -37.15
CA LYS B 311 27.84 64.45 -38.22
C LYS B 311 27.74 63.25 -39.16
N PRO B 312 27.66 63.53 -40.47
CA PRO B 312 27.54 62.50 -41.51
C PRO B 312 28.53 61.34 -41.35
N LEU B 313 28.01 60.12 -41.27
CA LEU B 313 28.83 58.93 -41.14
C LEU B 313 28.87 58.19 -42.48
N ALA B 314 29.33 56.94 -42.47
CA ALA B 314 29.38 56.13 -43.66
C ALA B 314 29.71 54.67 -43.34
N CYS B 315 29.49 53.79 -44.30
CA CYS B 315 29.78 52.37 -44.12
C CYS B 315 31.27 52.10 -44.21
N THR B 316 31.98 52.98 -44.90
CA THR B 316 33.43 52.84 -45.07
C THR B 316 34.18 53.33 -43.83
N SER B 317 33.76 54.47 -43.30
CA SER B 317 34.41 55.05 -42.13
C SER B 317 34.01 54.30 -40.87
N ALA B 318 34.98 54.09 -39.98
CA ALA B 318 34.73 53.39 -38.73
C ALA B 318 34.35 54.38 -37.63
N ASN B 319 33.80 55.52 -38.03
CA ASN B 319 33.38 56.54 -37.07
C ASN B 319 32.05 56.18 -36.44
N ILE B 320 31.74 56.81 -35.32
CA ILE B 320 30.49 56.58 -34.62
C ILE B 320 29.89 57.91 -34.16
N TRP B 321 28.59 57.91 -33.90
CA TRP B 321 27.89 59.11 -33.45
C TRP B 321 28.18 59.32 -31.97
N PRO B 322 28.95 60.37 -31.65
CA PRO B 322 29.33 60.65 -30.26
C PRO B 322 28.14 60.69 -29.29
N HIS B 323 27.03 61.28 -29.71
CA HIS B 323 25.84 61.37 -28.88
C HIS B 323 24.98 60.11 -29.03
N GLY B 324 25.64 58.97 -29.23
CA GLY B 324 24.96 57.71 -29.39
C GLY B 324 24.57 57.11 -28.06
N THR B 325 25.56 56.74 -27.27
CA THR B 325 25.33 56.17 -25.95
C THR B 325 24.53 57.14 -25.09
N SER B 326 24.73 58.43 -25.32
CA SER B 326 24.04 59.47 -24.56
C SER B 326 22.52 59.38 -24.79
N LEU B 327 22.12 59.39 -26.05
CA LEU B 327 20.71 59.33 -26.40
C LEU B 327 20.10 58.00 -26.00
N MET B 328 20.93 56.97 -25.89
CA MET B 328 20.46 55.64 -25.56
C MET B 328 19.93 55.59 -24.13
N ASN B 329 20.54 56.37 -23.25
CA ASN B 329 20.10 56.45 -21.87
C ASN B 329 18.80 57.25 -21.74
N TYR B 330 18.63 58.22 -22.62
CA TYR B 330 17.41 59.05 -22.62
C TYR B 330 16.26 58.34 -23.32
N LEU B 331 16.59 57.35 -24.14
CA LEU B 331 15.58 56.51 -24.77
C LEU B 331 15.22 55.37 -23.83
N ARG B 332 15.79 55.41 -22.63
CA ARG B 332 15.53 54.40 -21.62
C ARG B 332 14.58 54.95 -20.56
N MET B 333 14.74 56.24 -20.27
CA MET B 333 13.92 56.89 -19.25
C MET B 333 12.75 57.62 -19.89
N VAL B 334 12.21 57.06 -20.96
CA VAL B 334 11.11 57.68 -21.68
C VAL B 334 9.78 57.36 -21.02
N GLU B 335 8.88 58.35 -21.01
CA GLU B 335 7.54 58.17 -20.44
C GLU B 335 6.52 58.82 -21.35
N TYR B 336 6.12 58.11 -22.40
CA TYR B 336 5.17 58.64 -23.38
C TYR B 336 3.89 57.82 -23.44
N ASP B 337 2.75 58.51 -23.41
CA ASP B 337 1.45 57.86 -23.48
C ASP B 337 0.87 57.98 -24.89
N GLY B 338 1.09 56.94 -25.69
CA GLY B 338 0.66 56.96 -27.08
C GLY B 338 -0.54 56.06 -27.34
N LEU B 339 -0.67 55.63 -28.60
CA LEU B 339 -1.77 54.78 -29.02
C LEU B 339 -1.48 53.32 -28.68
N THR B 340 -0.65 53.09 -27.68
CA THR B 340 -0.28 51.73 -27.29
C THR B 340 -0.16 51.60 -25.76
N GLY B 341 -0.44 52.67 -25.05
CA GLY B 341 -0.36 52.67 -23.59
C GLY B 341 0.91 53.34 -23.09
N ARG B 342 1.30 53.01 -21.86
CA ARG B 342 2.53 53.56 -21.30
C ARG B 342 3.75 53.04 -22.04
N VAL B 343 4.60 53.97 -22.49
CA VAL B 343 5.80 53.61 -23.22
C VAL B 343 7.02 53.78 -22.32
N GLU B 344 7.43 52.69 -21.68
CA GLU B 344 8.60 52.72 -20.81
C GLU B 344 9.52 51.54 -21.13
N PHE B 345 10.81 51.72 -20.86
CA PHE B 345 11.79 50.67 -21.13
C PHE B 345 12.53 50.27 -19.86
N ASN B 346 13.22 49.14 -19.91
CA ASN B 346 13.98 48.64 -18.77
C ASN B 346 15.47 48.56 -19.10
N SER B 347 16.21 47.81 -18.29
CA SER B 347 17.65 47.68 -18.48
C SER B 347 17.98 47.23 -19.90
N LYS B 348 17.57 46.02 -20.24
CA LYS B 348 17.89 45.45 -21.56
C LYS B 348 17.41 46.36 -22.68
N GLY B 349 16.23 46.93 -22.51
CA GLY B 349 15.66 47.83 -23.51
C GLY B 349 14.29 47.40 -23.99
N GLN B 350 13.68 46.46 -23.28
CA GLN B 350 12.34 45.98 -23.61
C GLN B 350 11.28 46.92 -23.04
N ARG B 351 10.06 46.78 -23.52
CA ARG B 351 8.95 47.61 -23.04
C ARG B 351 8.27 46.96 -21.83
N THR B 352 8.02 47.76 -20.80
CA THR B 352 7.43 47.26 -19.56
C THR B 352 6.40 48.23 -19.00
N ASN B 353 5.78 47.82 -17.89
CA ASN B 353 4.77 48.64 -17.22
C ASN B 353 3.62 49.01 -18.16
N TYR B 354 3.36 48.15 -19.13
CA TYR B 354 2.29 48.38 -20.09
C TYR B 354 1.20 47.33 -19.91
N THR B 355 0.00 47.65 -20.39
CA THR B 355 -1.13 46.73 -20.30
C THR B 355 -1.32 45.97 -21.59
N LEU B 356 -2.09 44.88 -21.53
CA LEU B 356 -2.27 44.00 -22.67
C LEU B 356 -3.71 43.49 -22.71
N ARG B 357 -4.63 44.37 -23.12
CA ARG B 357 -6.06 44.04 -23.11
C ARG B 357 -6.38 42.81 -23.95
N ILE B 358 -6.96 41.80 -23.31
CA ILE B 358 -7.37 40.59 -23.99
C ILE B 358 -8.81 40.74 -24.51
N LEU B 359 -8.93 40.96 -25.82
CA LEU B 359 -10.24 41.14 -26.44
C LEU B 359 -10.83 39.80 -26.87
N GLU B 360 -12.15 39.78 -27.06
CA GLU B 360 -12.84 38.57 -27.50
C GLU B 360 -13.93 38.92 -28.50
N LYS B 361 -13.84 38.35 -29.69
CA LYS B 361 -14.81 38.63 -30.75
C LYS B 361 -16.24 38.31 -30.29
N SER B 362 -17.22 38.71 -31.10
CA SER B 362 -18.61 38.48 -30.78
C SER B 362 -19.49 38.64 -32.01
N ARG B 363 -20.80 38.76 -31.80
CA ARG B 363 -21.75 38.92 -32.89
C ARG B 363 -21.45 40.18 -33.70
N GLN B 364 -20.86 41.17 -33.05
CA GLN B 364 -20.55 42.43 -33.70
C GLN B 364 -19.49 43.21 -32.92
N GLY B 365 -18.25 43.16 -33.41
CA GLY B 365 -17.16 43.88 -32.79
C GLY B 365 -16.36 43.02 -31.83
N HIS B 366 -15.79 43.66 -30.82
CA HIS B 366 -14.98 42.96 -29.82
C HIS B 366 -15.44 43.30 -28.41
N ARG B 367 -15.00 42.50 -27.45
CA ARG B 367 -15.41 42.66 -26.06
C ARG B 367 -14.25 42.36 -25.12
N GLU B 368 -13.75 43.40 -24.45
CA GLU B 368 -12.63 43.24 -23.53
C GLU B 368 -13.04 42.36 -22.34
N ILE B 369 -12.63 41.09 -22.40
CA ILE B 369 -12.97 40.14 -21.35
C ILE B 369 -12.03 40.27 -20.15
N GLY B 370 -10.78 40.64 -20.42
CA GLY B 370 -9.80 40.78 -19.36
C GLY B 370 -8.60 41.62 -19.79
N VAL B 371 -7.60 41.70 -18.93
CA VAL B 371 -6.39 42.46 -19.21
C VAL B 371 -5.18 41.81 -18.55
N TRP B 372 -4.04 41.86 -19.25
CA TRP B 372 -2.80 41.27 -18.74
C TRP B 372 -1.75 42.35 -18.51
N TYR B 373 -1.29 42.48 -17.28
CA TYR B 373 -0.26 43.45 -16.94
C TYR B 373 1.13 42.85 -17.10
N SER B 374 2.15 43.65 -16.81
CA SER B 374 3.53 43.19 -16.90
C SER B 374 4.02 42.71 -15.54
N ASN B 375 3.10 42.15 -14.76
CA ASN B 375 3.45 41.65 -13.42
C ASN B 375 2.42 40.66 -12.88
N ARG B 376 1.15 40.85 -13.26
CA ARG B 376 0.08 39.96 -12.81
C ARG B 376 -1.10 40.01 -13.77
N THR B 377 -1.86 38.91 -13.83
CA THR B 377 -3.01 38.83 -14.71
C THR B 377 -4.28 39.26 -13.98
N LEU B 378 -5.29 39.67 -14.74
CA LEU B 378 -6.52 40.17 -14.14
C LEU B 378 -7.67 40.22 -15.15
N ALA B 379 -8.48 39.16 -15.18
CA ALA B 379 -9.61 39.06 -16.11
C ALA B 379 -10.93 39.30 -15.38
N MET B 380 -11.92 39.81 -16.11
CA MET B 380 -13.24 40.10 -15.55
C MET B 380 -13.13 41.12 -14.44
N HIS C 3 69.16 19.37 36.11
CA HIS C 3 69.36 18.00 35.65
C HIS C 3 68.54 17.72 34.39
N VAL C 4 68.95 16.69 33.65
CA VAL C 4 68.29 16.35 32.40
C VAL C 4 67.98 14.86 32.33
N LEU C 5 67.04 14.50 31.46
CA LEU C 5 66.64 13.11 31.29
C LEU C 5 66.76 12.69 29.82
N ARG C 6 67.26 11.49 29.58
CA ARG C 6 67.45 10.99 28.23
C ARG C 6 66.31 10.06 27.84
N PHE C 7 65.56 10.44 26.80
CA PHE C 7 64.48 9.61 26.27
C PHE C 7 64.98 8.79 25.08
N GLY C 8 64.09 7.94 24.56
CA GLY C 8 64.43 7.11 23.42
C GLY C 8 64.05 7.76 22.12
N GLY C 9 64.18 7.02 21.02
CA GLY C 9 63.89 7.54 19.70
C GLY C 9 64.31 6.60 18.60
N ILE C 10 63.34 5.94 17.97
CA ILE C 10 63.60 5.02 16.87
C ILE C 10 62.64 5.32 15.74
N PHE C 11 63.15 5.95 14.68
CA PHE C 11 62.32 6.35 13.56
C PHE C 11 62.91 5.88 12.24
N GLU C 12 62.16 5.04 11.53
CA GLU C 12 62.60 4.50 10.25
C GLU C 12 62.78 5.61 9.22
N TYR C 13 63.69 5.40 8.27
CA TYR C 13 63.94 6.38 7.23
C TYR C 13 62.70 6.55 6.36
N VAL C 14 62.67 7.62 5.57
CA VAL C 14 61.55 7.89 4.70
C VAL C 14 62.01 8.55 3.40
N GLU C 15 61.31 8.24 2.31
CA GLU C 15 61.64 8.81 1.00
C GLU C 15 61.35 10.32 0.97
N SER C 16 60.52 10.77 1.89
CA SER C 16 60.15 12.19 1.96
C SER C 16 61.38 13.06 2.14
N GLY C 17 61.97 13.03 3.33
CA GLY C 17 63.14 13.82 3.63
C GLY C 17 63.92 13.25 4.81
N PRO C 18 64.80 14.08 5.40
CA PRO C 18 65.63 13.66 6.54
C PRO C 18 64.79 13.15 7.71
N MET C 19 63.60 13.72 7.89
CA MET C 19 62.72 13.30 8.97
C MET C 19 61.30 13.11 8.46
N GLY C 20 60.64 12.05 8.95
CA GLY C 20 59.28 11.76 8.57
C GLY C 20 58.29 12.50 9.47
N ALA C 21 57.03 12.51 9.07
CA ALA C 21 55.99 13.18 9.85
C ALA C 21 55.91 12.59 11.25
N GLU C 22 56.42 11.36 11.41
CA GLU C 22 56.40 10.68 12.69
C GLU C 22 57.46 11.26 13.62
N GLU C 23 58.69 11.30 13.14
CA GLU C 23 59.82 11.78 13.94
C GLU C 23 59.67 13.26 14.27
N LEU C 24 59.09 14.02 13.34
CA LEU C 24 58.89 15.44 13.54
C LEU C 24 57.99 15.71 14.73
N ALA C 25 56.98 14.86 14.91
CA ALA C 25 56.05 14.99 16.02
C ALA C 25 56.77 14.84 17.34
N PHE C 26 57.81 14.01 17.35
CA PHE C 26 58.60 13.77 18.55
C PHE C 26 59.54 14.94 18.83
N ARG C 27 60.25 15.38 17.79
CA ARG C 27 61.20 16.48 17.93
C ARG C 27 60.47 17.77 18.26
N PHE C 28 59.18 17.79 18.00
CA PHE C 28 58.36 18.97 18.24
C PHE C 28 57.75 18.93 19.63
N ALA C 29 57.47 17.72 20.11
CA ALA C 29 56.88 17.53 21.43
C ALA C 29 57.92 17.79 22.53
N VAL C 30 59.12 17.26 22.33
CA VAL C 30 60.19 17.39 23.31
C VAL C 30 60.87 18.75 23.17
N ASN C 31 60.24 19.65 22.41
CA ASN C 31 60.76 21.00 22.24
C ASN C 31 59.79 22.04 22.77
N THR C 32 58.55 21.63 23.04
CA THR C 32 57.55 22.52 23.59
C THR C 32 57.50 22.39 25.11
N ILE C 33 57.73 21.18 25.61
CA ILE C 33 57.69 20.91 27.03
C ILE C 33 58.79 21.70 27.75
N ASN C 34 59.94 21.83 27.10
CA ASN C 34 61.06 22.57 27.66
C ASN C 34 60.70 24.03 27.92
N ARG C 35 60.22 24.71 26.88
CA ARG C 35 59.84 26.10 27.00
C ARG C 35 58.38 26.22 27.43
N ASN C 36 58.06 25.62 28.57
CA ASN C 36 56.71 25.65 29.12
C ASN C 36 56.71 25.13 30.55
N ARG C 37 56.57 26.04 31.51
CA ARG C 37 56.62 25.67 32.93
C ARG C 37 55.39 24.89 33.37
N THR C 38 54.43 24.70 32.46
CA THR C 38 53.21 23.97 32.78
C THR C 38 53.53 22.51 33.08
N LEU C 39 54.58 22.00 32.47
CA LEU C 39 54.97 20.61 32.65
C LEU C 39 56.49 20.48 32.73
N LEU C 40 56.96 19.70 33.70
CA LEU C 40 58.39 19.47 33.88
C LEU C 40 59.14 20.79 34.10
N PRO C 41 58.79 21.51 35.17
CA PRO C 41 59.37 22.83 35.48
C PRO C 41 60.90 22.82 35.63
N ASN C 42 61.41 22.12 36.64
CA ASN C 42 62.84 22.10 36.88
C ASN C 42 63.54 20.90 36.24
N THR C 43 63.13 20.58 35.02
CA THR C 43 63.70 19.44 34.31
C THR C 43 63.78 19.71 32.81
N THR C 44 64.95 19.44 32.23
CA THR C 44 65.15 19.60 30.80
C THR C 44 65.19 18.22 30.14
N LEU C 45 64.71 18.14 28.90
CA LEU C 45 64.64 16.86 28.19
C LEU C 45 65.59 16.79 27.01
N THR C 46 66.12 15.59 26.80
CA THR C 46 67.01 15.30 25.66
C THR C 46 66.63 13.94 25.10
N TYR C 47 67.24 13.57 23.98
CA TYR C 47 66.93 12.27 23.36
C TYR C 47 68.04 11.79 22.43
N ASP C 48 67.99 10.51 22.10
CA ASP C 48 68.96 9.89 21.21
C ASP C 48 68.25 9.36 19.96
N THR C 49 68.47 10.03 18.83
CA THR C 49 67.85 9.62 17.57
C THR C 49 68.52 8.38 17.00
N GLN C 50 67.72 7.38 16.67
CA GLN C 50 68.22 6.13 16.11
C GLN C 50 67.34 5.66 14.96
N LYS C 51 67.70 6.06 13.74
CA LYS C 51 66.92 5.69 12.57
C LYS C 51 67.29 4.31 12.05
N ILE C 52 66.29 3.58 11.56
CA ILE C 52 66.50 2.25 11.00
C ILE C 52 65.86 2.14 9.63
N ASN C 53 65.91 0.95 9.05
CA ASN C 53 65.32 0.70 7.74
C ASN C 53 63.86 0.26 7.85
N LEU C 54 63.14 0.28 6.74
CA LEU C 54 61.77 -0.22 6.70
C LEU C 54 61.76 -1.73 6.64
N TYR C 55 60.73 -2.34 7.22
CA TYR C 55 60.57 -3.79 7.18
C TYR C 55 61.78 -4.50 7.79
N ASP C 56 62.60 -3.76 8.52
CA ASP C 56 63.82 -4.31 9.11
C ASP C 56 63.71 -4.34 10.63
N SER C 57 63.64 -5.55 11.18
CA SER C 57 63.51 -5.71 12.63
C SER C 57 64.81 -6.17 13.26
N PHE C 58 65.65 -6.84 12.48
CA PHE C 58 66.93 -7.32 12.98
C PHE C 58 67.79 -6.15 13.44
N GLU C 59 68.05 -5.23 12.52
CA GLU C 59 68.75 -4.00 12.84
C GLU C 59 68.02 -3.28 13.96
N ALA C 60 66.70 -3.25 13.88
CA ALA C 60 65.88 -2.55 14.87
C ALA C 60 66.16 -3.04 16.28
N SER C 61 66.60 -4.29 16.40
CA SER C 61 66.92 -4.87 17.70
C SER C 61 68.24 -4.35 18.23
N LYS C 62 69.26 -4.33 17.37
CA LYS C 62 70.58 -3.87 17.76
C LYS C 62 70.61 -2.36 17.96
N LYS C 63 69.66 -1.66 17.33
CA LYS C 63 69.58 -0.21 17.44
C LYS C 63 68.94 0.17 18.77
N ALA C 64 67.85 -0.49 19.10
CA ALA C 64 67.15 -0.25 20.35
C ALA C 64 68.03 -0.66 21.53
N CYS C 65 68.80 -1.72 21.34
CA CYS C 65 69.70 -2.21 22.38
C CYS C 65 70.81 -1.20 22.63
N ASP C 66 71.36 -0.65 21.56
CA ASP C 66 72.43 0.34 21.67
C ASP C 66 71.93 1.59 22.37
N GLN C 67 70.65 1.88 22.22
CA GLN C 67 70.07 3.06 22.82
C GLN C 67 70.00 2.90 24.34
N LEU C 68 69.71 1.68 24.79
CA LEU C 68 69.69 1.37 26.21
C LEU C 68 71.10 1.44 26.79
N SER C 69 72.10 1.26 25.92
CA SER C 69 73.49 1.31 26.34
C SER C 69 73.93 2.73 26.67
N LEU C 70 73.29 3.71 26.03
CA LEU C 70 73.61 5.10 26.29
C LEU C 70 72.81 5.64 27.47
N GLY C 71 71.95 4.82 28.03
CA GLY C 71 71.14 5.21 29.17
C GLY C 71 69.90 5.99 28.75
N VAL C 72 68.73 5.36 28.93
CA VAL C 72 67.47 6.00 28.59
C VAL C 72 66.37 5.55 29.54
N ALA C 73 65.32 6.37 29.65
CA ALA C 73 64.20 6.08 30.54
C ALA C 73 63.07 5.39 29.78
N ALA C 74 62.92 5.75 28.51
CA ALA C 74 61.89 5.15 27.67
C ALA C 74 62.36 5.05 26.22
N ILE C 75 61.58 4.37 25.40
CA ILE C 75 61.91 4.18 23.99
C ILE C 75 60.70 4.41 23.10
N PHE C 76 60.83 5.32 22.15
CA PHE C 76 59.75 5.62 21.21
C PHE C 76 60.02 4.98 19.86
N GLY C 77 58.95 4.58 19.16
CA GLY C 77 59.08 3.94 17.88
C GLY C 77 59.67 2.55 17.99
N PRO C 78 59.89 1.88 16.83
CA PRO C 78 59.62 2.40 15.49
C PRO C 78 58.13 2.44 15.15
N SER C 79 57.83 2.63 13.88
CA SER C 79 56.45 2.77 13.42
C SER C 79 56.05 1.62 12.49
N HIS C 80 56.63 0.45 12.73
CA HIS C 80 56.34 -0.72 11.90
C HIS C 80 55.88 -1.88 12.78
N SER C 81 55.11 -2.79 12.20
CA SER C 81 54.59 -3.94 12.94
C SER C 81 55.72 -4.82 13.45
N SER C 82 56.41 -5.48 12.54
CA SER C 82 57.52 -6.37 12.89
C SER C 82 58.62 -5.65 13.70
N SER C 83 59.06 -4.50 13.20
CA SER C 83 60.14 -3.77 13.85
C SER C 83 59.84 -3.46 15.31
N ALA C 84 58.71 -2.79 15.55
CA ALA C 84 58.31 -2.42 16.90
C ALA C 84 58.02 -3.66 17.75
N ASN C 85 57.64 -4.74 17.09
CA ASN C 85 57.35 -5.99 17.80
C ASN C 85 58.61 -6.55 18.44
N ALA C 86 59.75 -6.27 17.82
CA ALA C 86 61.04 -6.73 18.33
C ALA C 86 61.50 -5.85 19.48
N VAL C 87 61.36 -4.54 19.32
CA VAL C 87 61.78 -3.59 20.34
C VAL C 87 60.96 -3.79 21.61
N GLN C 88 59.69 -4.15 21.41
CA GLN C 88 58.78 -4.36 22.54
C GLN C 88 59.29 -5.46 23.45
N SER C 89 59.84 -6.51 22.84
CA SER C 89 60.34 -7.65 23.60
C SER C 89 61.62 -7.30 24.35
N ILE C 90 62.53 -6.60 23.69
CA ILE C 90 63.79 -6.22 24.30
C ILE C 90 63.55 -5.30 25.49
N CYS C 91 62.46 -4.53 25.41
CA CYS C 91 62.11 -3.61 26.48
C CYS C 91 61.57 -4.35 27.70
N ASN C 92 60.55 -5.17 27.48
CA ASN C 92 59.94 -5.94 28.56
C ASN C 92 60.94 -6.91 29.19
N ALA C 93 62.04 -7.16 28.48
CA ALA C 93 63.08 -8.06 28.97
C ALA C 93 64.03 -7.32 29.90
N LEU C 94 64.22 -6.03 29.64
CA LEU C 94 65.09 -5.19 30.47
C LEU C 94 64.30 -4.17 31.28
N GLY C 95 63.00 -4.42 31.45
CA GLY C 95 62.14 -3.54 32.23
C GLY C 95 62.30 -2.08 31.86
N VAL C 96 62.14 -1.77 30.58
CA VAL C 96 62.25 -0.39 30.11
C VAL C 96 61.02 -0.03 29.29
N PRO C 97 60.31 1.05 29.69
CA PRO C 97 59.09 1.46 29.01
C PRO C 97 59.24 1.62 27.49
N HIS C 98 58.24 1.15 26.75
CA HIS C 98 58.25 1.23 25.30
C HIS C 98 56.98 1.91 24.80
N ILE C 99 57.09 3.19 24.47
CA ILE C 99 55.94 3.95 24.00
C ILE C 99 55.67 3.65 22.52
N GLN C 100 54.40 3.41 22.19
CA GLN C 100 54.00 3.09 20.84
C GLN C 100 52.90 4.03 20.38
N THR C 101 52.98 4.48 19.13
CA THR C 101 51.99 5.39 18.58
C THR C 101 51.35 4.83 17.32
N ARG C 102 51.48 3.52 17.12
CA ARG C 102 50.90 2.87 15.96
C ARG C 102 50.43 1.45 16.31
N TRP C 103 49.37 1.02 15.64
CA TRP C 103 48.85 -0.33 15.84
C TRP C 103 49.78 -1.35 15.22
N LYS C 104 49.87 -2.52 15.84
CA LYS C 104 50.70 -3.61 15.33
C LYS C 104 50.11 -4.95 15.70
N HIS C 105 50.32 -5.94 14.84
CA HIS C 105 49.80 -7.29 15.08
C HIS C 105 50.44 -7.87 16.33
N GLN C 106 49.71 -7.79 17.44
CA GLN C 106 50.19 -8.35 18.71
C GLN C 106 49.59 -9.72 18.96
N VAL C 107 50.46 -10.71 19.15
CA VAL C 107 50.02 -12.07 19.42
C VAL C 107 49.20 -12.09 20.71
N SER C 108 48.18 -12.94 20.75
CA SER C 108 47.32 -13.03 21.92
C SER C 108 48.06 -13.64 23.11
N ASP C 109 49.20 -14.25 22.82
CA ASP C 109 50.02 -14.87 23.85
C ASP C 109 51.03 -13.87 24.40
N ASN C 110 50.81 -12.59 24.11
CA ASN C 110 51.70 -11.52 24.56
C ASN C 110 51.86 -11.53 26.07
N LYS C 111 53.05 -11.92 26.52
CA LYS C 111 53.34 -12.00 27.95
C LYS C 111 54.15 -10.79 28.39
N ASP C 112 54.22 -9.78 27.53
CA ASP C 112 54.94 -8.55 27.84
C ASP C 112 54.16 -7.71 28.84
N SER C 113 54.80 -6.68 29.37
CA SER C 113 54.17 -5.81 30.37
C SER C 113 54.74 -4.39 30.35
N PHE C 114 55.81 -4.18 29.60
CA PHE C 114 56.45 -2.86 29.54
C PHE C 114 56.25 -2.22 28.17
N TYR C 115 55.04 -1.71 27.94
CA TYR C 115 54.72 -1.02 26.69
C TYR C 115 53.30 -0.45 26.76
N VAL C 116 53.07 0.63 26.05
CA VAL C 116 51.76 1.28 26.02
C VAL C 116 51.45 1.83 24.64
N SER C 117 50.25 1.55 24.15
CA SER C 117 49.83 2.01 22.83
C SER C 117 48.76 3.09 22.94
N LEU C 118 49.05 4.26 22.37
CA LEU C 118 48.12 5.38 22.41
C LEU C 118 47.09 5.29 21.28
N TYR C 119 47.41 4.52 20.25
CA TYR C 119 46.49 4.35 19.13
C TYR C 119 45.23 3.63 19.60
N PRO C 120 44.06 4.20 19.30
CA PRO C 120 42.77 3.61 19.72
C PRO C 120 42.71 2.11 19.46
N ASP C 121 42.57 1.33 20.53
CA ASP C 121 42.47 -0.13 20.42
C ASP C 121 41.43 -0.50 19.38
N PHE C 122 41.85 -1.25 18.36
CA PHE C 122 40.97 -1.60 17.26
C PHE C 122 39.83 -2.52 17.72
N SER C 123 40.06 -3.23 18.82
CA SER C 123 39.02 -4.11 19.36
C SER C 123 37.89 -3.28 19.95
N SER C 124 38.22 -2.12 20.52
CA SER C 124 37.23 -1.22 21.09
C SER C 124 36.73 -0.22 20.05
N LEU C 125 37.46 -0.10 18.95
CA LEU C 125 37.10 0.82 17.88
C LEU C 125 36.09 0.14 16.96
N SER C 126 36.17 -1.19 16.89
CA SER C 126 35.26 -1.96 16.06
C SER C 126 33.83 -1.83 16.57
N ARG C 127 33.68 -1.66 17.88
CA ARG C 127 32.36 -1.48 18.48
C ARG C 127 31.73 -0.19 17.99
N ALA C 128 32.56 0.83 17.78
CA ALA C 128 32.09 2.11 17.27
C ALA C 128 31.51 1.95 15.87
N ILE C 129 32.08 1.03 15.10
CA ILE C 129 31.61 0.77 13.74
C ILE C 129 30.24 0.07 13.79
N LEU C 130 30.12 -0.91 14.69
CA LEU C 130 28.88 -1.66 14.83
C LEU C 130 27.72 -0.78 15.27
N ASP C 131 28.01 0.21 16.10
CA ASP C 131 26.99 1.12 16.60
C ASP C 131 26.41 1.96 15.47
N LEU C 132 27.17 2.08 14.39
CA LEU C 132 26.69 2.80 13.20
C LEU C 132 25.89 1.86 12.30
N VAL C 133 26.30 0.60 12.26
CA VAL C 133 25.62 -0.40 11.44
C VAL C 133 24.18 -0.56 11.91
N GLN C 134 24.01 -0.79 13.21
CA GLN C 134 22.69 -0.96 13.79
C GLN C 134 21.91 0.36 13.77
N PHE C 135 22.63 1.47 13.79
CA PHE C 135 22.01 2.79 13.78
C PHE C 135 21.30 3.05 12.45
N PHE C 136 21.92 2.63 11.36
CA PHE C 136 21.35 2.82 10.04
C PHE C 136 20.50 1.62 9.63
N LYS C 137 19.96 0.92 10.63
CA LYS C 137 19.12 -0.25 10.38
C LYS C 137 19.66 -1.11 9.24
N TRP C 138 20.96 -1.41 9.29
CA TRP C 138 21.61 -2.21 8.27
C TRP C 138 21.30 -3.70 8.44
N LYS C 139 20.80 -4.33 7.38
CA LYS C 139 20.51 -5.75 7.39
C LYS C 139 21.72 -6.53 6.90
N THR C 140 22.42 -5.98 5.91
CA THR C 140 23.60 -6.61 5.34
C THR C 140 24.76 -5.62 5.31
N VAL C 141 25.97 -6.16 5.11
CA VAL C 141 27.17 -5.34 5.06
C VAL C 141 28.35 -6.14 4.52
N THR C 142 29.33 -5.46 3.95
CA THR C 142 30.49 -6.12 3.39
C THR C 142 31.78 -5.37 3.78
N VAL C 143 32.47 -5.88 4.78
CA VAL C 143 33.72 -5.28 5.23
C VAL C 143 34.87 -5.72 4.32
N VAL C 144 35.59 -4.73 3.78
CA VAL C 144 36.71 -5.01 2.88
C VAL C 144 38.01 -4.51 3.49
N TYR C 145 38.81 -5.44 4.01
CA TYR C 145 40.07 -5.10 4.66
C TYR C 145 41.23 -5.28 3.70
N ASP C 146 42.39 -4.73 4.07
CA ASP C 146 43.59 -4.83 3.23
C ASP C 146 44.44 -6.03 3.65
N ASP C 147 45.10 -6.64 2.68
CA ASP C 147 45.93 -7.81 2.94
C ASP C 147 47.10 -7.49 3.86
N SER C 148 47.43 -6.20 3.97
CA SER C 148 48.54 -5.75 4.80
C SER C 148 48.42 -6.31 6.21
N THR C 149 47.19 -6.45 6.69
CA THR C 149 46.94 -6.97 8.03
C THR C 149 45.76 -7.93 8.00
N GLY C 150 45.82 -8.96 8.86
CA GLY C 150 44.75 -9.94 8.94
C GLY C 150 43.44 -9.31 9.36
N LEU C 151 42.39 -10.13 9.39
CA LEU C 151 41.07 -9.65 9.79
C LEU C 151 40.86 -9.83 11.29
N ILE C 152 41.95 -10.07 12.02
CA ILE C 152 41.89 -10.19 13.47
C ILE C 152 41.63 -8.82 14.08
N ARG C 153 42.06 -7.78 13.37
CA ARG C 153 41.87 -6.41 13.81
C ARG C 153 40.38 -6.04 13.79
N LEU C 154 39.59 -6.87 13.11
CA LEU C 154 38.16 -6.63 12.99
C LEU C 154 37.36 -7.80 13.55
N GLN C 155 37.94 -8.48 14.54
CA GLN C 155 37.30 -9.64 15.15
C GLN C 155 35.90 -9.31 15.67
N GLU C 156 35.76 -8.12 16.26
CA GLU C 156 34.49 -7.71 16.84
C GLU C 156 33.41 -7.56 15.78
N LEU C 157 33.82 -7.20 14.56
CA LEU C 157 32.88 -7.05 13.46
C LEU C 157 32.40 -8.40 12.95
N ILE C 158 33.24 -9.42 13.09
CA ILE C 158 32.90 -10.76 12.63
C ILE C 158 32.04 -11.49 13.66
N LYS C 159 32.02 -10.96 14.89
CA LYS C 159 31.22 -11.56 15.95
C LYS C 159 29.77 -11.11 15.90
N ALA C 160 29.53 -9.98 15.25
CA ALA C 160 28.20 -9.40 15.18
C ALA C 160 27.19 -10.38 14.57
N PRO C 161 27.53 -10.98 13.42
CA PRO C 161 26.63 -11.92 12.76
C PRO C 161 26.15 -13.05 13.67
N SER C 162 26.91 -13.33 14.72
CA SER C 162 26.56 -14.38 15.68
C SER C 162 25.53 -13.88 16.68
N ARG C 163 25.90 -12.82 17.41
CA ARG C 163 25.02 -12.25 18.42
C ARG C 163 23.96 -11.36 17.78
N TYR C 164 24.39 -10.26 17.19
CA TYR C 164 23.50 -9.32 16.53
C TYR C 164 22.97 -9.90 15.23
N ASN C 165 21.96 -9.25 14.65
CA ASN C 165 21.37 -9.68 13.39
C ASN C 165 21.96 -8.91 12.21
N LEU C 166 22.89 -9.55 11.49
CA LEU C 166 23.58 -8.90 10.40
C LEU C 166 24.33 -9.91 9.53
N ARG C 167 24.07 -9.88 8.23
CA ARG C 167 24.77 -10.76 7.29
C ARG C 167 26.03 -10.08 6.75
N LEU C 168 27.15 -10.32 7.42
CA LEU C 168 28.42 -9.74 7.03
C LEU C 168 29.12 -10.60 5.99
N LYS C 169 29.83 -9.97 5.06
CA LYS C 169 30.59 -10.68 4.05
C LYS C 169 32.00 -10.11 3.96
N ILE C 170 32.99 -11.01 3.91
CA ILE C 170 34.39 -10.59 3.91
C ILE C 170 34.96 -10.52 2.49
N ARG C 171 35.80 -9.52 2.26
CA ARG C 171 36.44 -9.34 0.96
C ARG C 171 37.80 -8.66 1.16
N GLN C 172 38.79 -9.05 0.37
CA GLN C 172 40.15 -8.53 0.54
C GLN C 172 40.54 -7.57 -0.57
N LEU C 173 41.23 -6.50 -0.19
CA LEU C 173 41.71 -5.50 -1.15
C LEU C 173 43.09 -5.87 -1.66
N PRO C 174 43.28 -5.81 -2.99
CA PRO C 174 44.59 -6.10 -3.57
C PRO C 174 45.67 -5.19 -3.03
N ALA C 175 46.46 -5.70 -2.08
CA ALA C 175 47.55 -4.93 -1.48
C ALA C 175 48.65 -4.64 -2.50
N ASP C 176 48.56 -5.29 -3.66
CA ASP C 176 49.55 -5.10 -4.71
C ASP C 176 49.43 -3.71 -5.32
N THR C 177 48.26 -3.41 -5.90
CA THR C 177 48.00 -2.11 -6.49
C THR C 177 46.64 -1.58 -6.06
N LYS C 178 46.47 -0.26 -6.12
CA LYS C 178 45.21 0.36 -5.73
C LYS C 178 44.14 0.12 -6.79
N ASP C 179 44.56 -0.30 -7.98
CA ASP C 179 43.63 -0.51 -9.09
C ASP C 179 42.99 -1.90 -9.01
N ALA C 180 41.80 -1.95 -8.43
CA ALA C 180 41.08 -3.22 -8.26
C ALA C 180 39.66 -3.11 -8.80
N LYS C 181 39.54 -3.07 -10.13
CA LYS C 181 38.23 -2.99 -10.76
C LYS C 181 37.38 -4.21 -10.44
N PRO C 182 37.91 -5.41 -10.68
CA PRO C 182 37.17 -6.65 -10.46
C PRO C 182 36.55 -6.77 -9.07
N LEU C 183 37.19 -6.16 -8.06
CA LEU C 183 36.68 -6.21 -6.70
C LEU C 183 35.37 -5.43 -6.62
N LEU C 184 35.43 -4.15 -7.00
CA LEU C 184 34.25 -3.31 -7.01
C LEU C 184 33.18 -3.86 -7.96
N LYS C 185 33.62 -4.65 -8.95
CA LYS C 185 32.69 -5.25 -9.90
C LYS C 185 31.70 -6.15 -9.18
N GLU C 186 32.22 -7.22 -8.59
CA GLU C 186 31.38 -8.20 -7.90
C GLU C 186 30.48 -7.54 -6.86
N MET C 187 30.96 -6.46 -6.27
CA MET C 187 30.19 -5.75 -5.24
C MET C 187 28.92 -5.13 -5.84
N LYS C 188 29.06 -4.52 -7.01
CA LYS C 188 27.91 -3.90 -7.68
C LYS C 188 26.97 -4.97 -8.21
N ARG C 189 27.49 -6.18 -8.40
CA ARG C 189 26.69 -7.28 -8.90
C ARG C 189 25.85 -7.91 -7.80
N GLY C 190 26.30 -7.74 -6.56
CA GLY C 190 25.60 -8.30 -5.42
C GLY C 190 24.84 -7.25 -4.63
N LYS C 191 24.60 -6.10 -5.26
CA LYS C 191 23.87 -5.02 -4.63
C LYS C 191 24.47 -4.64 -3.28
N GLU C 192 25.77 -4.85 -3.15
CA GLU C 192 26.48 -4.52 -1.91
C GLU C 192 26.65 -3.00 -1.78
N PHE C 193 25.61 -2.33 -1.30
CA PHE C 193 25.63 -0.89 -1.15
C PHE C 193 26.30 -0.51 0.16
N HIS C 194 26.16 -1.37 1.17
CA HIS C 194 26.74 -1.14 2.48
C HIS C 194 28.13 -1.78 2.54
N VAL C 195 29.16 -0.93 2.58
CA VAL C 195 30.54 -1.41 2.62
C VAL C 195 31.32 -0.69 3.73
N ILE C 196 32.26 -1.40 4.33
CA ILE C 196 33.09 -0.85 5.40
C ILE C 196 34.57 -1.04 5.07
N PHE C 197 35.21 0.01 4.56
CA PHE C 197 36.62 -0.08 4.19
C PHE C 197 37.53 0.04 5.40
N ASP C 198 38.46 -0.90 5.53
CA ASP C 198 39.42 -0.92 6.61
C ASP C 198 40.82 -0.69 6.09
N CYS C 199 41.23 0.57 6.03
CA CYS C 199 42.55 0.93 5.51
C CYS C 199 42.87 2.39 5.78
N SER C 200 44.14 2.75 5.66
CA SER C 200 44.59 4.12 5.90
C SER C 200 43.98 5.07 4.88
N HIS C 201 44.22 6.37 5.06
CA HIS C 201 43.70 7.38 4.16
C HIS C 201 44.32 7.29 2.77
N GLU C 202 45.49 6.65 2.68
CA GLU C 202 46.17 6.47 1.40
C GLU C 202 45.43 5.43 0.56
N MET C 203 45.29 4.23 1.11
CA MET C 203 44.62 3.14 0.42
C MET C 203 43.15 3.48 0.16
N ALA C 204 42.54 4.14 1.15
CA ALA C 204 41.12 4.49 1.07
C ALA C 204 40.84 5.42 -0.11
N ALA C 205 41.71 6.42 -0.27
CA ALA C 205 41.56 7.38 -1.36
C ALA C 205 41.79 6.71 -2.71
N GLY C 206 42.59 5.64 -2.70
CA GLY C 206 42.90 4.91 -3.90
C GLY C 206 41.72 4.06 -4.36
N ILE C 207 40.76 3.85 -3.47
CA ILE C 207 39.58 3.06 -3.79
C ILE C 207 38.43 3.96 -4.23
N LEU C 208 38.34 5.14 -3.62
CA LEU C 208 37.28 6.09 -3.96
C LEU C 208 37.38 6.52 -5.41
N LYS C 209 38.60 6.75 -5.88
CA LYS C 209 38.84 7.12 -7.27
C LYS C 209 38.34 6.03 -8.20
N GLN C 210 38.39 4.79 -7.72
CA GLN C 210 37.96 3.64 -8.51
C GLN C 210 36.44 3.50 -8.50
N ALA C 211 35.83 3.77 -7.36
CA ALA C 211 34.39 3.65 -7.21
C ALA C 211 33.68 4.66 -8.11
N LEU C 212 34.26 5.85 -8.21
CA LEU C 212 33.69 6.90 -9.06
C LEU C 212 33.74 6.47 -10.52
N ALA C 213 34.81 5.77 -10.89
CA ALA C 213 34.97 5.27 -12.24
C ALA C 213 34.07 4.06 -12.47
N MET C 214 33.63 3.44 -11.38
CA MET C 214 32.74 2.29 -11.45
C MET C 214 31.28 2.71 -11.37
N GLY C 215 31.05 4.01 -11.15
CA GLY C 215 29.71 4.53 -11.03
C GLY C 215 29.04 4.12 -9.73
N MET C 216 29.84 3.58 -8.81
CA MET C 216 29.34 3.13 -7.52
C MET C 216 29.28 4.28 -6.51
N MET C 217 29.43 5.51 -7.00
CA MET C 217 29.34 6.69 -6.14
C MET C 217 28.01 7.39 -6.34
N THR C 218 26.98 6.91 -5.66
CA THR C 218 25.64 7.50 -5.73
C THR C 218 25.01 7.45 -4.34
N GLU C 219 23.79 7.94 -4.20
CA GLU C 219 23.17 7.94 -2.88
C GLU C 219 22.72 6.53 -2.50
N TYR C 220 22.85 5.59 -3.43
CA TYR C 220 22.53 4.20 -3.14
C TYR C 220 23.60 3.56 -2.25
N TYR C 221 24.84 4.01 -2.38
CA TYR C 221 25.94 3.45 -1.61
C TYR C 221 26.24 4.27 -0.37
N HIS C 222 26.83 3.63 0.63
CA HIS C 222 27.20 4.28 1.88
C HIS C 222 28.41 3.59 2.49
N TYR C 223 29.57 4.22 2.36
CA TYR C 223 30.82 3.61 2.82
C TYR C 223 31.22 4.12 4.20
N ILE C 224 31.76 3.21 5.02
CA ILE C 224 32.23 3.57 6.36
C ILE C 224 33.70 3.19 6.50
N PHE C 225 34.54 4.18 6.79
CA PHE C 225 35.98 3.97 6.89
C PHE C 225 36.44 3.88 8.34
N THR C 226 37.46 3.06 8.57
CA THR C 226 38.00 2.87 9.92
C THR C 226 39.12 3.87 10.18
N THR C 227 39.68 4.42 9.10
CA THR C 227 40.78 5.39 9.22
C THR C 227 40.35 6.62 10.01
N LEU C 228 41.24 7.11 10.86
CA LEU C 228 40.98 8.28 11.68
C LEU C 228 41.39 9.55 10.95
N ASP C 229 41.87 9.40 9.72
CA ASP C 229 42.28 10.54 8.89
C ASP C 229 41.26 10.81 7.79
N LEU C 230 40.02 10.51 8.09
CA LEU C 230 38.91 10.73 7.16
C LEU C 230 38.80 12.22 6.85
N PHE C 231 38.83 13.05 7.89
CA PHE C 231 38.74 14.49 7.75
C PHE C 231 39.82 15.04 6.82
N ALA C 232 40.97 14.37 6.79
CA ALA C 232 42.08 14.79 5.95
C ALA C 232 42.03 14.08 4.61
N LEU C 233 40.85 14.12 3.97
CA LEU C 233 40.66 13.46 2.69
C LEU C 233 39.89 14.38 1.75
N ASP C 234 40.49 14.71 0.61
CA ASP C 234 39.86 15.58 -0.37
C ASP C 234 38.64 14.90 -0.98
N VAL C 235 37.47 15.19 -0.42
CA VAL C 235 36.22 14.63 -0.92
C VAL C 235 35.46 15.65 -1.76
N GLU C 236 36.20 16.42 -2.55
CA GLU C 236 35.62 17.46 -3.39
C GLU C 236 34.87 16.85 -4.58
N PRO C 237 35.52 15.91 -5.28
CA PRO C 237 34.88 15.29 -6.45
C PRO C 237 33.70 14.38 -6.11
N TYR C 238 33.42 14.20 -4.81
CA TYR C 238 32.33 13.31 -4.40
C TYR C 238 31.24 14.04 -3.61
N ARG C 239 31.59 15.17 -3.01
CA ARG C 239 30.66 15.89 -2.15
C ARG C 239 29.46 16.42 -2.94
N TYR C 240 29.59 16.44 -4.27
CA TYR C 240 28.51 16.89 -5.14
C TYR C 240 27.66 15.71 -5.62
N SER C 241 28.26 14.53 -5.62
CA SER C 241 27.57 13.32 -6.06
C SER C 241 26.28 13.09 -5.28
N GLY C 242 26.41 12.57 -4.07
CA GLY C 242 25.27 12.26 -3.24
C GLY C 242 25.54 11.08 -2.33
N VAL C 243 26.54 10.28 -2.68
CA VAL C 243 26.93 9.14 -1.87
C VAL C 243 27.29 9.59 -0.46
N ASN C 244 26.85 8.81 0.53
CA ASN C 244 27.13 9.12 1.93
C ASN C 244 28.40 8.42 2.41
N MET C 245 29.13 9.07 3.31
CA MET C 245 30.35 8.50 3.87
C MET C 245 30.40 8.82 5.36
N THR C 246 30.76 7.82 6.18
CA THR C 246 30.84 8.00 7.62
C THR C 246 32.14 7.43 8.17
N GLY C 247 32.68 8.06 9.20
CA GLY C 247 33.88 7.58 9.86
C GLY C 247 34.08 8.22 11.23
N PHE C 248 35.32 8.27 11.68
CA PHE C 248 35.63 8.80 12.99
C PHE C 248 36.84 9.72 12.98
N ARG C 249 36.98 10.50 14.05
CA ARG C 249 38.10 11.43 14.19
C ARG C 249 38.42 11.61 15.66
N ILE C 250 39.63 11.20 16.06
CA ILE C 250 40.04 11.29 17.46
C ILE C 250 40.59 12.68 17.78
N LEU C 251 41.04 13.39 16.75
CA LEU C 251 41.56 14.74 16.93
C LEU C 251 40.45 15.70 17.33
N ASN C 252 40.52 16.20 18.56
CA ASN C 252 39.54 17.15 19.06
C ASN C 252 39.83 18.56 18.55
N THR C 253 39.48 18.81 17.29
CA THR C 253 39.70 20.11 16.67
C THR C 253 38.69 21.14 17.17
N GLU C 254 37.76 20.69 18.00
CA GLU C 254 36.74 21.58 18.56
C GLU C 254 37.25 22.28 19.81
N ASN C 255 38.57 22.51 19.85
CA ASN C 255 39.20 23.15 20.99
C ASN C 255 40.27 24.12 20.51
N THR C 256 40.38 25.26 21.19
CA THR C 256 41.36 26.28 20.80
C THR C 256 42.78 25.80 21.09
N GLN C 257 42.97 25.22 22.26
CA GLN C 257 44.28 24.72 22.67
C GLN C 257 44.80 23.64 21.73
N VAL C 258 43.88 22.92 21.09
CA VAL C 258 44.25 21.84 20.19
C VAL C 258 44.54 22.36 18.79
N SER C 259 43.71 23.29 18.32
CA SER C 259 43.86 23.85 16.98
C SER C 259 45.08 24.77 16.90
N SER C 260 45.51 25.27 18.05
CA SER C 260 46.65 26.18 18.11
C SER C 260 47.94 25.44 17.78
N ILE C 261 48.09 24.25 18.34
CA ILE C 261 49.28 23.44 18.12
C ILE C 261 49.38 23.02 16.65
N ILE C 262 48.28 22.49 16.13
CA ILE C 262 48.24 22.02 14.74
C ILE C 262 48.53 23.16 13.78
N GLU C 263 48.13 24.37 14.17
CA GLU C 263 48.33 25.54 13.33
C GLU C 263 49.82 25.81 13.13
N LYS C 264 50.58 25.73 14.22
CA LYS C 264 52.02 25.96 14.17
C LYS C 264 52.73 24.78 13.49
N TRP C 265 52.03 23.66 13.37
CA TRP C 265 52.59 22.47 12.76
C TRP C 265 52.63 22.59 11.24
N SER C 266 51.63 23.28 10.68
CA SER C 266 51.57 23.48 9.23
C SER C 266 52.52 24.58 8.78
N MET C 267 53.00 25.38 9.74
CA MET C 267 54.00 26.39 9.44
C MET C 267 55.38 25.73 9.45
N GLU C 268 55.38 24.42 9.53
CA GLU C 268 56.56 23.61 9.28
C GLU C 268 56.06 22.42 8.48
N ARG C 269 56.69 22.16 7.34
CA ARG C 269 56.32 21.00 6.55
C ARG C 269 57.51 20.06 6.48
N LEU C 270 58.63 20.54 5.94
CA LEU C 270 59.84 19.75 5.82
C LEU C 270 59.60 18.62 4.83
N GLN C 271 58.70 17.71 5.17
CA GLN C 271 58.09 16.83 4.19
C GLN C 271 57.17 17.63 3.28
N ALA C 272 57.61 17.91 2.06
CA ALA C 272 56.79 18.67 1.12
C ALA C 272 55.46 17.95 0.91
N PRO C 273 54.38 18.73 0.76
CA PRO C 273 53.05 18.14 0.56
C PRO C 273 53.04 17.16 -0.61
N PRO C 274 52.42 15.99 -0.43
CA PRO C 274 52.44 14.97 -1.49
C PRO C 274 51.78 15.45 -2.77
N LYS C 275 52.27 14.97 -3.92
CA LYS C 275 51.73 15.36 -5.21
C LYS C 275 50.24 15.06 -5.28
N PRO C 276 49.45 16.00 -5.83
CA PRO C 276 48.00 15.79 -6.00
C PRO C 276 47.70 14.63 -6.96
N ASP C 277 47.63 13.42 -6.41
CA ASP C 277 47.34 12.23 -7.21
C ASP C 277 46.48 11.26 -6.41
N SER C 278 46.84 11.07 -5.15
CA SER C 278 46.10 10.17 -4.26
C SER C 278 44.79 10.80 -3.80
N GLY C 279 44.79 12.11 -3.61
CA GLY C 279 43.60 12.83 -3.20
C GLY C 279 43.60 13.19 -1.73
N LEU C 280 44.74 13.63 -1.24
CA LEU C 280 44.86 14.03 0.17
C LEU C 280 44.83 15.55 0.32
N LEU C 281 43.99 16.02 1.24
CA LEU C 281 43.84 17.44 1.49
C LEU C 281 44.97 17.94 2.36
N ASP C 282 45.92 18.66 1.75
CA ASP C 282 47.08 19.17 2.47
C ASP C 282 46.69 20.31 3.40
N GLY C 283 47.30 20.34 4.58
CA GLY C 283 47.03 21.38 5.55
C GLY C 283 46.65 20.83 6.91
N PHE C 284 46.30 19.55 6.96
CA PHE C 284 45.88 18.92 8.21
C PHE C 284 46.93 17.91 8.67
N MET C 285 47.22 17.92 9.96
CA MET C 285 48.20 17.00 10.53
C MET C 285 47.61 15.60 10.65
N THR C 286 48.42 14.60 10.30
CA THR C 286 47.98 13.21 10.35
C THR C 286 47.90 12.72 11.79
N THR C 287 47.00 11.77 12.04
CA THR C 287 46.80 11.23 13.38
C THR C 287 48.03 10.45 13.81
N ASP C 288 48.79 9.95 12.85
CA ASP C 288 50.00 9.20 13.16
C ASP C 288 50.98 10.07 13.94
N ALA C 289 51.07 11.33 13.56
CA ALA C 289 51.96 12.28 14.21
C ALA C 289 51.29 12.88 15.45
N ALA C 290 49.96 12.87 15.46
CA ALA C 290 49.20 13.39 16.58
C ALA C 290 49.42 12.53 17.83
N LEU C 291 49.42 11.22 17.62
CA LEU C 291 49.60 10.28 18.73
C LEU C 291 51.01 10.37 19.28
N MET C 292 51.97 10.74 18.43
CA MET C 292 53.35 10.85 18.84
C MET C 292 53.57 12.11 19.69
N TYR C 293 52.81 13.16 19.41
CA TYR C 293 52.87 14.38 20.19
C TYR C 293 52.28 14.14 21.57
N ASP C 294 51.27 13.30 21.63
CA ASP C 294 50.62 12.95 22.89
C ASP C 294 51.34 11.82 23.59
N ALA C 295 52.21 11.13 22.85
CA ALA C 295 52.97 10.02 23.41
C ALA C 295 54.09 10.54 24.30
N VAL C 296 54.51 11.78 24.03
CA VAL C 296 55.56 12.41 24.81
C VAL C 296 55.00 13.08 26.05
N HIS C 297 53.80 13.63 25.94
CA HIS C 297 53.15 14.31 27.06
C HIS C 297 52.66 13.30 28.10
N VAL C 298 52.00 12.25 27.64
CA VAL C 298 51.46 11.24 28.53
C VAL C 298 52.54 10.64 29.41
N VAL C 299 53.79 10.70 28.94
CA VAL C 299 54.92 10.15 29.69
C VAL C 299 55.61 11.24 30.49
N SER C 300 55.56 12.47 30.00
CA SER C 300 56.20 13.60 30.67
C SER C 300 55.50 13.92 31.99
N VAL C 301 54.26 13.48 32.12
CA VAL C 301 53.49 13.70 33.34
C VAL C 301 53.78 12.59 34.34
N ALA C 302 54.03 11.39 33.84
CA ALA C 302 54.33 10.24 34.69
C ALA C 302 55.75 10.32 35.23
N VAL C 303 56.62 11.04 34.52
CA VAL C 303 58.02 11.17 34.92
C VAL C 303 58.20 12.32 35.90
N GLN C 304 57.37 13.35 35.75
CA GLN C 304 57.42 14.51 36.63
C GLN C 304 57.07 14.10 38.06
N GLN C 305 56.16 13.14 38.18
CA GLN C 305 55.72 12.64 39.48
C GLN C 305 56.61 11.50 39.95
N PHE C 306 57.82 11.43 39.41
CA PHE C 306 58.77 10.39 39.79
C PHE C 306 60.20 10.89 39.66
N PRO C 307 60.54 11.95 40.41
CA PRO C 307 61.87 12.57 40.38
C PRO C 307 63.00 11.58 40.66
N GLN C 308 62.72 10.55 41.45
CA GLN C 308 63.74 9.55 41.78
C GLN C 308 63.92 8.60 40.60
N MET C 309 64.72 9.00 39.62
CA MET C 309 64.95 8.19 38.44
C MET C 309 66.22 8.62 37.72
N THR C 310 67.13 7.66 37.54
CA THR C 310 68.38 7.91 36.83
C THR C 310 68.53 6.93 35.69
N VAL C 311 68.74 7.46 34.49
CA VAL C 311 68.91 6.63 33.30
C VAL C 311 70.13 5.72 33.45
N SER C 312 69.88 4.44 33.69
CA SER C 312 70.96 3.46 33.84
C SER C 312 71.35 2.91 32.47
N SER C 313 72.59 2.44 32.37
CA SER C 313 73.09 1.87 31.12
C SER C 313 72.91 0.35 31.11
N LEU C 314 71.86 -0.12 30.46
CA LEU C 314 71.58 -1.54 30.38
C LEU C 314 72.29 -2.16 29.18
N GLN C 315 72.17 -3.47 29.03
CA GLN C 315 72.79 -4.18 27.91
C GLN C 315 72.01 -5.43 27.56
N CYS C 316 71.31 -5.40 26.43
CA CYS C 316 70.51 -6.54 26.01
C CYS C 316 71.37 -7.80 25.86
N ASN C 317 70.70 -8.94 25.73
CA ASN C 317 71.37 -10.24 25.59
C ASN C 317 71.99 -10.78 26.88
N ARG C 318 72.38 -9.89 27.79
CA ARG C 318 72.99 -10.31 29.04
C ARG C 318 73.10 -9.16 30.04
N HIS C 319 72.10 -9.07 30.92
CA HIS C 319 72.09 -8.04 31.96
C HIS C 319 70.90 -8.30 32.88
N LYS C 320 70.56 -7.32 33.71
CA LYS C 320 69.41 -7.43 34.60
C LYS C 320 68.45 -6.27 34.39
N PRO C 321 67.14 -6.51 34.62
CA PRO C 321 66.11 -5.49 34.44
C PRO C 321 66.47 -4.15 35.06
N TRP C 322 65.91 -3.07 34.51
CA TRP C 322 66.20 -1.72 34.96
C TRP C 322 65.67 -1.52 36.38
N ARG C 323 66.42 -0.76 37.18
CA ARG C 323 66.06 -0.55 38.58
C ARG C 323 64.70 0.16 38.72
N PHE C 324 64.62 1.39 38.21
CA PHE C 324 63.39 2.16 38.32
C PHE C 324 62.49 1.92 37.11
N GLY C 325 62.44 0.68 36.64
CA GLY C 325 61.68 0.33 35.46
C GLY C 325 60.30 -0.19 35.77
N THR C 326 60.23 -1.28 36.53
CA THR C 326 58.95 -1.88 36.89
C THR C 326 57.98 -0.85 37.43
N ARG C 327 58.51 0.23 38.01
CA ARG C 327 57.67 1.24 38.62
C ARG C 327 57.31 2.36 37.65
N PHE C 328 58.31 2.91 36.99
CA PHE C 328 58.09 4.02 36.05
C PHE C 328 57.04 3.65 35.01
N MET C 329 56.90 2.36 34.73
CA MET C 329 55.92 1.87 33.76
C MET C 329 54.51 1.96 34.33
N SER C 330 54.37 1.67 35.62
CA SER C 330 53.08 1.75 36.29
C SER C 330 52.56 3.19 36.34
N LEU C 331 53.47 4.15 36.41
CA LEU C 331 53.10 5.56 36.45
C LEU C 331 52.51 6.02 35.12
N ILE C 332 52.85 5.30 34.05
CA ILE C 332 52.39 5.65 32.71
C ILE C 332 51.03 5.03 32.43
N LYS C 333 50.80 3.82 32.93
CA LYS C 333 49.53 3.12 32.73
C LYS C 333 48.42 3.70 33.61
N GLU C 334 48.74 4.74 34.36
CA GLU C 334 47.77 5.38 35.24
C GLU C 334 47.67 6.88 35.00
N ALA C 335 48.56 7.40 34.16
CA ALA C 335 48.61 8.83 33.89
C ALA C 335 47.55 9.23 32.86
N HIS C 336 46.96 10.40 33.06
CA HIS C 336 45.98 10.94 32.12
C HIS C 336 46.47 12.28 31.59
N TRP C 337 46.08 12.61 30.36
CA TRP C 337 46.50 13.86 29.74
C TRP C 337 45.56 14.29 28.62
N GLU C 338 45.16 15.56 28.64
CA GLU C 338 44.29 16.12 27.61
C GLU C 338 45.12 16.67 26.47
N GLY C 339 45.34 15.85 25.44
CA GLY C 339 46.14 16.24 24.31
C GLY C 339 45.34 16.47 23.04
N LEU C 340 45.99 16.29 21.90
CA LEU C 340 45.37 16.52 20.60
C LEU C 340 44.31 15.46 20.31
N THR C 341 44.64 14.21 20.60
CA THR C 341 43.74 13.10 20.33
C THR C 341 42.74 12.90 21.46
N GLY C 342 42.22 14.00 22.00
CA GLY C 342 41.27 13.94 23.10
C GLY C 342 41.94 13.57 24.40
N ARG C 343 41.20 12.88 25.27
CA ARG C 343 41.72 12.48 26.57
C ARG C 343 42.39 11.11 26.52
N ILE C 344 43.59 11.02 27.09
CA ILE C 344 44.34 9.78 27.09
C ILE C 344 44.11 9.03 28.39
N THR C 345 43.85 7.72 28.27
CA THR C 345 43.62 6.88 29.43
C THR C 345 43.81 5.41 29.11
N PHE C 346 44.87 4.82 29.65
CA PHE C 346 45.17 3.41 29.41
C PHE C 346 44.32 2.52 30.31
N ASN C 347 43.99 1.34 29.82
CA ASN C 347 43.19 0.39 30.59
C ASN C 347 43.94 -0.03 31.86
N LYS C 348 43.18 -0.42 32.87
CA LYS C 348 43.75 -0.84 34.15
C LYS C 348 44.09 -2.32 34.15
N THR C 349 44.30 -2.89 32.97
CA THR C 349 44.63 -4.31 32.86
C THR C 349 45.63 -4.57 31.74
N ASN C 350 45.13 -4.72 30.51
CA ASN C 350 45.99 -5.03 29.37
C ASN C 350 46.95 -3.89 29.03
N GLY C 351 46.63 -2.69 29.50
CA GLY C 351 47.48 -1.53 29.25
C GLY C 351 47.09 -0.79 27.98
N LEU C 352 46.46 -1.51 27.05
CA LEU C 352 46.02 -0.90 25.80
C LEU C 352 44.96 0.17 26.04
N ARG C 353 44.96 1.19 25.20
CA ARG C 353 44.02 2.30 25.31
C ARG C 353 42.68 1.94 24.67
N THR C 354 41.75 1.45 25.49
CA THR C 354 40.44 1.02 24.99
C THR C 354 39.38 2.07 25.29
N ASP C 355 39.75 3.10 26.05
CA ASP C 355 38.83 4.15 26.43
C ASP C 355 39.25 5.49 25.82
N PHE C 356 38.41 6.06 24.98
CA PHE C 356 38.72 7.32 24.32
C PHE C 356 37.46 7.99 23.79
N ASP C 357 37.65 9.11 23.09
CA ASP C 357 36.52 9.87 22.54
C ASP C 357 36.70 10.07 21.04
N LEU C 358 35.69 9.63 20.29
CA LEU C 358 35.69 9.80 18.84
C LEU C 358 34.58 10.73 18.41
N ASP C 359 34.68 11.27 17.21
CA ASP C 359 33.67 12.17 16.69
C ASP C 359 33.15 11.68 15.34
N VAL C 360 31.90 11.21 15.34
CA VAL C 360 31.27 10.71 14.12
C VAL C 360 31.23 11.83 13.08
N ILE C 361 31.64 11.50 11.85
CA ILE C 361 31.62 12.47 10.76
C ILE C 361 30.99 11.84 9.52
N SER C 362 30.16 12.62 8.83
CA SER C 362 29.49 12.16 7.62
C SER C 362 29.83 13.05 6.43
N LEU C 363 29.41 12.64 5.23
CA LEU C 363 29.67 13.41 4.02
C LEU C 363 28.40 14.09 3.52
N LYS C 364 28.26 15.37 3.85
CA LYS C 364 27.10 16.15 3.42
C LYS C 364 27.47 16.95 2.18
N GLU C 365 26.50 17.70 1.68
CA GLU C 365 26.65 18.41 0.42
C GLU C 365 27.77 19.43 0.43
N GLU C 366 28.20 19.83 1.62
CA GLU C 366 29.30 20.77 1.75
C GLU C 366 30.64 20.05 1.82
N GLY C 367 30.65 18.89 2.47
CA GLY C 367 31.87 18.12 2.63
C GLY C 367 31.78 17.16 3.79
N LEU C 368 32.72 17.26 4.72
CA LEU C 368 32.72 16.39 5.90
C LEU C 368 32.45 17.19 7.17
N GLU C 369 31.34 16.87 7.83
CA GLU C 369 30.96 17.53 9.06
C GLU C 369 30.66 16.51 10.15
N LYS C 370 30.81 16.93 11.41
CA LYS C 370 30.57 16.05 12.55
C LYS C 370 29.08 15.98 12.87
N ILE C 371 28.54 14.76 12.94
CA ILE C 371 27.12 14.58 13.24
C ILE C 371 26.90 13.95 14.62
N GLY C 372 27.96 13.85 15.40
CA GLY C 372 27.85 13.30 16.74
C GLY C 372 29.19 12.87 17.32
N THR C 373 29.13 12.13 18.42
CA THR C 373 30.32 11.64 19.10
C THR C 373 30.12 10.20 19.53
N TRP C 374 31.19 9.57 20.03
CA TRP C 374 31.12 8.19 20.49
C TRP C 374 32.11 7.96 21.62
N ASP C 375 31.84 6.95 22.43
CA ASP C 375 32.70 6.61 23.56
C ASP C 375 32.27 5.27 24.15
N PRO C 376 33.19 4.60 24.84
CA PRO C 376 32.91 3.26 25.38
C PRO C 376 31.96 3.33 26.56
N ALA C 377 32.04 4.43 27.31
CA ALA C 377 31.24 4.60 28.51
C ALA C 377 29.76 4.82 28.22
N SER C 378 29.44 5.54 27.16
CA SER C 378 28.08 6.03 26.96
C SER C 378 27.28 5.28 25.89
N GLY C 379 27.90 5.04 24.73
CA GLY C 379 27.18 4.48 23.60
C GLY C 379 27.26 5.40 22.40
N LEU C 380 26.14 5.98 22.00
CA LEU C 380 26.16 6.94 20.90
C LEU C 380 25.26 8.15 21.15
N ASN C 381 25.86 9.33 21.04
CA ASN C 381 25.13 10.60 21.12
C ASN C 381 25.14 11.29 19.77
N MET C 382 24.06 11.14 19.00
CA MET C 382 23.98 11.72 17.67
C MET C 382 23.36 13.12 17.72
N THR C 383 23.07 13.68 16.55
CA THR C 383 22.47 15.00 16.47
C THR C 383 21.39 15.04 15.39
N HIS D 3 44.84 26.22 -68.10
CA HIS D 3 43.97 27.25 -67.53
C HIS D 3 43.69 26.96 -66.05
N VAL D 4 43.30 28.01 -65.32
CA VAL D 4 43.06 27.88 -63.90
C VAL D 4 41.72 28.50 -63.50
N LEU D 5 41.19 28.09 -62.35
CA LEU D 5 39.92 28.58 -61.86
C LEU D 5 40.08 29.15 -60.45
N ARG D 6 39.43 30.29 -60.19
CA ARG D 6 39.52 30.95 -58.90
C ARG D 6 38.31 30.63 -58.03
N PHE D 7 38.54 29.98 -56.89
CA PHE D 7 37.47 29.68 -55.95
C PHE D 7 37.42 30.74 -54.85
N GLY D 8 36.43 30.62 -53.97
CA GLY D 8 36.26 31.55 -52.88
C GLY D 8 36.98 31.09 -51.62
N GLY D 9 36.76 31.80 -50.52
CA GLY D 9 37.42 31.49 -49.27
C GLY D 9 37.20 32.56 -48.21
N ILE D 10 36.37 32.24 -47.22
CA ILE D 10 36.08 33.16 -46.13
C ILE D 10 36.17 32.41 -44.82
N PHE D 11 37.25 32.64 -44.07
CA PHE D 11 37.46 31.91 -42.83
C PHE D 11 37.79 32.87 -41.69
N GLU D 12 36.94 32.87 -40.67
CA GLU D 12 37.10 33.75 -39.52
C GLU D 12 38.39 33.44 -38.77
N TYR D 13 38.97 34.43 -38.12
CA TYR D 13 40.20 34.26 -37.36
C TYR D 13 39.95 33.31 -36.20
N VAL D 14 41.03 32.81 -35.61
CA VAL D 14 40.94 31.88 -34.48
C VAL D 14 42.08 32.09 -33.50
N GLU D 15 41.80 31.89 -32.22
CA GLU D 15 42.82 32.05 -31.18
C GLU D 15 43.88 30.97 -31.29
N SER D 16 43.56 29.88 -31.98
CA SER D 16 44.49 28.77 -32.14
C SER D 16 45.78 29.23 -32.81
N GLY D 17 45.70 29.52 -34.11
CA GLY D 17 46.84 29.96 -34.87
C GLY D 17 46.45 30.72 -36.11
N PRO D 18 47.38 30.85 -37.07
CA PRO D 18 47.15 31.56 -38.32
C PRO D 18 45.95 30.99 -39.09
N MET D 19 45.75 29.68 -39.00
CA MET D 19 44.64 29.03 -39.69
C MET D 19 43.90 28.08 -38.75
N GLY D 20 42.58 28.08 -38.84
CA GLY D 20 41.75 27.21 -38.03
C GLY D 20 41.58 25.85 -38.68
N ALA D 21 41.05 24.89 -37.94
CA ALA D 21 40.83 23.55 -38.47
C ALA D 21 39.90 23.59 -39.66
N GLU D 22 39.13 24.66 -39.78
CA GLU D 22 38.19 24.83 -40.87
C GLU D 22 38.93 25.20 -42.16
N GLU D 23 39.74 26.24 -42.09
CA GLU D 23 40.46 26.74 -43.25
C GLU D 23 41.48 25.72 -43.74
N LEU D 24 42.08 24.98 -42.81
CA LEU D 24 43.06 23.97 -43.15
C LEU D 24 42.45 22.89 -44.04
N ALA D 25 41.20 22.55 -43.77
CA ALA D 25 40.51 21.53 -44.55
C ALA D 25 40.36 21.98 -45.99
N PHE D 26 40.23 23.30 -46.19
CA PHE D 26 40.08 23.86 -47.52
C PHE D 26 41.43 23.91 -48.24
N ARG D 27 42.45 24.40 -47.55
CA ARG D 27 43.78 24.51 -48.15
C ARG D 27 44.36 23.13 -48.42
N PHE D 28 43.79 22.12 -47.78
CA PHE D 28 44.25 20.75 -47.94
C PHE D 28 43.49 20.06 -49.07
N ALA D 29 42.24 20.45 -49.25
CA ALA D 29 41.40 19.85 -50.29
C ALA D 29 41.81 20.37 -51.67
N VAL D 30 42.05 21.67 -51.77
CA VAL D 30 42.41 22.28 -53.04
C VAL D 30 43.90 22.07 -53.32
N ASN D 31 44.52 21.18 -52.55
CA ASN D 31 45.94 20.86 -52.75
C ASN D 31 46.13 19.39 -53.12
N THR D 32 45.08 18.59 -52.93
CA THR D 32 45.11 17.18 -53.28
C THR D 32 44.54 16.96 -54.67
N ILE D 33 43.54 17.75 -55.02
CA ILE D 33 42.88 17.64 -56.32
C ILE D 33 43.86 17.96 -57.45
N ASN D 34 44.75 18.91 -57.19
CA ASN D 34 45.76 19.30 -58.17
C ASN D 34 46.68 18.13 -58.54
N ARG D 35 47.28 17.53 -57.51
CA ARG D 35 48.18 16.41 -57.72
C ARG D 35 47.40 15.09 -57.71
N ASN D 36 46.42 15.00 -58.61
CA ASN D 36 45.59 13.81 -58.71
C ASN D 36 44.75 13.87 -59.99
N ARG D 37 45.12 13.06 -60.98
CA ARG D 37 44.44 13.08 -62.27
C ARG D 37 43.04 12.45 -62.19
N THR D 38 42.68 11.94 -61.02
CA THR D 38 41.37 11.33 -60.83
C THR D 38 40.26 12.36 -61.00
N LEU D 39 40.56 13.61 -60.66
CA LEU D 39 39.58 14.69 -60.74
C LEU D 39 40.22 15.97 -61.27
N LEU D 40 39.56 16.63 -62.20
CA LEU D 40 40.06 17.88 -62.76
C LEU D 40 41.44 17.70 -63.39
N PRO D 41 41.52 16.82 -64.42
CA PRO D 41 42.79 16.48 -65.07
C PRO D 41 43.52 17.70 -65.66
N ASN D 42 42.94 18.33 -66.68
CA ASN D 42 43.59 19.47 -67.34
C ASN D 42 43.16 20.80 -66.76
N THR D 43 43.04 20.86 -65.43
CA THR D 43 42.63 22.08 -64.76
C THR D 43 43.31 22.23 -63.40
N THR D 44 43.88 23.42 -63.17
CA THR D 44 44.52 23.73 -61.91
C THR D 44 43.64 24.66 -61.09
N LEU D 45 43.69 24.55 -59.77
CA LEU D 45 42.83 25.34 -58.90
C LEU D 45 43.61 26.36 -58.06
N THR D 46 42.99 27.50 -57.84
CA THR D 46 43.54 28.55 -56.99
C THR D 46 42.42 29.13 -56.14
N TYR D 47 42.75 30.03 -55.22
CA TYR D 47 41.74 30.61 -54.35
C TYR D 47 42.19 31.93 -53.73
N ASP D 48 41.22 32.68 -53.21
CA ASP D 48 41.50 33.97 -52.56
C ASP D 48 41.07 33.91 -51.10
N THR D 49 42.05 33.89 -50.21
CA THR D 49 41.77 33.83 -48.77
C THR D 49 41.29 35.17 -48.24
N GLN D 50 40.16 35.15 -47.54
CA GLN D 50 39.58 36.37 -46.98
C GLN D 50 39.08 36.12 -45.56
N LYS D 51 39.95 36.38 -44.58
CA LYS D 51 39.61 36.17 -43.18
C LYS D 51 38.83 37.33 -42.59
N ILE D 52 37.87 37.02 -41.72
CA ILE D 52 37.07 38.05 -41.06
C ILE D 52 37.05 37.81 -39.56
N ASN D 53 36.30 38.64 -38.84
CA ASN D 53 36.17 38.52 -37.40
C ASN D 53 35.04 37.59 -37.00
N LEU D 54 35.01 37.19 -35.73
CA LEU D 54 33.93 36.37 -35.20
C LEU D 54 32.71 37.25 -34.93
N TYR D 55 31.52 36.66 -35.06
CA TYR D 55 30.29 37.38 -34.76
C TYR D 55 30.15 38.65 -35.58
N ASP D 56 30.96 38.76 -36.64
CA ASP D 56 30.95 39.96 -37.47
C ASP D 56 30.43 39.64 -38.86
N SER D 57 29.26 40.19 -39.19
CA SER D 57 28.63 39.93 -40.48
C SER D 57 28.74 41.13 -41.40
N PHE D 58 28.87 42.32 -40.81
CA PHE D 58 28.99 43.54 -41.61
C PHE D 58 30.24 43.47 -42.47
N GLU D 59 31.39 43.32 -41.83
CA GLU D 59 32.64 43.13 -42.53
C GLU D 59 32.52 41.93 -43.47
N ALA D 60 31.89 40.86 -42.99
CA ALA D 60 31.74 39.65 -43.78
C ALA D 60 31.07 39.93 -45.13
N SER D 61 30.26 40.98 -45.18
CA SER D 61 29.56 41.34 -46.41
C SER D 61 30.51 42.02 -47.39
N LYS D 62 31.31 42.97 -46.89
CA LYS D 62 32.24 43.70 -47.73
C LYS D 62 33.42 42.83 -48.15
N LYS D 63 33.67 41.78 -47.38
CA LYS D 63 34.77 40.87 -47.69
C LYS D 63 34.37 39.92 -48.79
N ALA D 64 33.16 39.35 -48.68
CA ALA D 64 32.64 38.44 -49.67
C ALA D 64 32.41 39.19 -50.99
N CYS D 65 32.00 40.45 -50.88
CA CYS D 65 31.77 41.27 -52.05
C CYS D 65 33.07 41.56 -52.79
N ASP D 66 34.12 41.87 -52.02
CA ASP D 66 35.43 42.14 -52.61
C ASP D 66 35.97 40.91 -53.30
N GLN D 67 35.60 39.74 -52.81
CA GLN D 67 36.07 38.48 -53.39
C GLN D 67 35.46 38.28 -54.77
N LEU D 68 34.20 38.67 -54.92
CA LEU D 68 33.51 38.60 -56.20
C LEU D 68 34.13 39.60 -57.18
N SER D 69 34.75 40.64 -56.64
CA SER D 69 35.38 41.67 -57.46
C SER D 69 36.65 41.15 -58.12
N LEU D 70 37.30 40.19 -57.48
CA LEU D 70 38.52 39.59 -58.02
C LEU D 70 38.19 38.44 -58.98
N GLY D 71 36.91 38.14 -59.12
CA GLY D 71 36.48 37.07 -60.01
C GLY D 71 36.59 35.71 -59.35
N VAL D 72 35.46 35.09 -59.08
CA VAL D 72 35.41 33.77 -58.48
C VAL D 72 34.21 32.98 -58.96
N ALA D 73 34.30 31.66 -58.87
CA ALA D 73 33.23 30.78 -59.33
C ALA D 73 32.31 30.39 -58.18
N ALA D 74 32.90 30.27 -56.98
CA ALA D 74 32.14 29.91 -55.79
C ALA D 74 32.72 30.59 -54.56
N ILE D 75 32.01 30.49 -53.44
CA ILE D 75 32.45 31.11 -52.19
C ILE D 75 32.27 30.15 -51.02
N PHE D 76 33.36 29.90 -50.30
CA PHE D 76 33.33 29.00 -49.14
C PHE D 76 33.34 29.81 -47.86
N GLY D 77 32.67 29.30 -46.83
CA GLY D 77 32.61 29.98 -45.54
C GLY D 77 31.75 31.23 -45.62
N PRO D 78 31.66 31.98 -44.50
CA PRO D 78 32.34 31.69 -43.24
C PRO D 78 31.71 30.53 -42.47
N SER D 79 32.09 30.38 -41.21
CA SER D 79 31.61 29.28 -40.38
C SER D 79 30.76 29.76 -39.22
N HIS D 80 30.05 30.86 -39.43
CA HIS D 80 29.20 31.43 -38.38
C HIS D 80 27.77 31.59 -38.90
N SER D 81 26.81 31.57 -37.98
CA SER D 81 25.40 31.68 -38.34
C SER D 81 25.12 33.01 -39.04
N SER D 82 25.21 34.10 -38.29
CA SER D 82 24.96 35.44 -38.82
C SER D 82 25.86 35.78 -40.01
N SER D 83 27.16 35.57 -39.87
CA SER D 83 28.13 35.91 -40.91
C SER D 83 27.79 35.25 -42.23
N ALA D 84 27.66 33.93 -42.22
CA ALA D 84 27.37 33.17 -43.43
C ALA D 84 25.98 33.49 -43.96
N ASN D 85 25.09 33.92 -43.06
CA ASN D 85 23.73 34.27 -43.44
C ASN D 85 23.74 35.50 -44.34
N ALA D 86 24.73 36.36 -44.15
CA ALA D 86 24.86 37.57 -44.96
C ALA D 86 25.48 37.25 -46.31
N VAL D 87 26.52 36.42 -46.31
CA VAL D 87 27.20 36.04 -47.54
C VAL D 87 26.24 35.29 -48.45
N GLN D 88 25.35 34.51 -47.83
CA GLN D 88 24.38 33.71 -48.57
C GLN D 88 23.49 34.60 -49.42
N SER D 89 23.10 35.75 -48.87
CA SER D 89 22.21 36.67 -49.55
C SER D 89 22.93 37.37 -50.71
N ILE D 90 24.16 37.81 -50.45
CA ILE D 90 24.94 38.50 -51.47
C ILE D 90 25.20 37.59 -52.66
N CYS D 91 25.29 36.29 -52.38
CA CYS D 91 25.54 35.30 -53.42
C CYS D 91 24.31 35.09 -54.28
N ASN D 92 23.19 34.76 -53.65
CA ASN D 92 21.94 34.55 -54.37
C ASN D 92 21.48 35.80 -55.11
N ALA D 93 22.05 36.94 -54.73
CA ALA D 93 21.71 38.21 -55.38
C ALA D 93 22.52 38.39 -56.66
N LEU D 94 23.73 37.85 -56.67
CA LEU D 94 24.61 37.95 -57.83
C LEU D 94 24.78 36.58 -58.51
N GLY D 95 23.88 35.65 -58.23
CA GLY D 95 23.91 34.34 -58.85
C GLY D 95 25.28 33.69 -58.77
N VAL D 96 25.84 33.60 -57.56
CA VAL D 96 27.14 32.98 -57.35
C VAL D 96 27.03 31.92 -56.27
N PRO D 97 27.42 30.67 -56.60
CA PRO D 97 27.33 29.55 -55.64
C PRO D 97 27.97 29.85 -54.29
N HIS D 98 27.31 29.42 -53.22
CA HIS D 98 27.81 29.63 -51.86
C HIS D 98 27.85 28.31 -51.11
N ILE D 99 29.04 27.72 -51.04
CA ILE D 99 29.21 26.44 -50.35
C ILE D 99 29.25 26.64 -48.84
N GLN D 100 28.51 25.81 -48.12
CA GLN D 100 28.44 25.90 -46.67
C GLN D 100 28.78 24.54 -46.04
N THR D 101 29.53 24.56 -44.96
CA THR D 101 29.94 23.33 -44.29
C THR D 101 29.52 23.35 -42.82
N ARG D 102 28.59 24.23 -42.48
CA ARG D 102 28.10 24.34 -41.11
C ARG D 102 26.63 24.71 -41.07
N TRP D 103 25.93 24.22 -40.06
CA TRP D 103 24.52 24.53 -39.89
C TRP D 103 24.35 25.98 -39.43
N LYS D 104 23.26 26.61 -39.86
CA LYS D 104 22.98 27.99 -39.47
C LYS D 104 21.47 28.21 -39.44
N HIS D 105 21.03 29.09 -38.55
CA HIS D 105 19.62 29.40 -38.42
C HIS D 105 19.09 30.04 -39.70
N GLN D 106 18.46 29.24 -40.55
CA GLN D 106 17.90 29.73 -41.80
C GLN D 106 16.41 30.00 -41.65
N VAL D 107 16.00 31.22 -41.94
CA VAL D 107 14.60 31.61 -41.85
C VAL D 107 13.78 30.75 -42.81
N SER D 108 12.56 30.39 -42.41
CA SER D 108 11.70 29.55 -43.23
C SER D 108 11.24 30.31 -44.48
N ASP D 109 11.42 31.62 -44.48
CA ASP D 109 11.05 32.47 -45.60
C ASP D 109 12.22 32.62 -46.57
N ASN D 110 13.21 31.75 -46.43
CA ASN D 110 14.39 31.78 -47.28
C ASN D 110 14.02 31.68 -48.75
N LYS D 111 14.18 32.78 -49.48
CA LYS D 111 13.85 32.81 -50.89
C LYS D 111 15.11 32.69 -51.74
N ASP D 112 16.21 32.33 -51.10
CA ASP D 112 17.47 32.14 -51.79
C ASP D 112 17.46 30.85 -52.61
N SER D 113 18.46 30.69 -53.47
CA SER D 113 18.55 29.52 -54.34
C SER D 113 19.99 29.16 -54.68
N PHE D 114 20.93 30.05 -54.36
CA PHE D 114 22.34 29.82 -54.69
C PHE D 114 23.16 29.52 -53.45
N TYR D 115 23.01 28.30 -52.94
CA TYR D 115 23.77 27.86 -51.78
C TYR D 115 23.48 26.38 -51.49
N VAL D 116 24.45 25.69 -50.92
CA VAL D 116 24.30 24.27 -50.60
C VAL D 116 25.00 23.93 -49.28
N SER D 117 24.30 23.21 -48.42
CA SER D 117 24.84 22.82 -47.12
C SER D 117 25.15 21.33 -47.07
N LEU D 118 26.39 20.99 -46.80
CA LEU D 118 26.81 19.59 -46.73
C LEU D 118 26.54 19.01 -45.34
N TYR D 119 26.38 19.88 -44.34
CA TYR D 119 26.11 19.42 -42.99
C TYR D 119 24.74 18.74 -42.94
N PRO D 120 24.69 17.53 -42.38
CA PRO D 120 23.43 16.76 -42.31
C PRO D 120 22.27 17.60 -41.81
N ASP D 121 21.24 17.76 -42.65
CA ASP D 121 20.07 18.53 -42.30
C ASP D 121 19.53 18.08 -40.95
N PHE D 122 19.45 19.02 -40.00
CA PHE D 122 19.02 18.69 -38.64
C PHE D 122 17.57 18.23 -38.60
N SER D 123 16.79 18.64 -39.59
CA SER D 123 15.39 18.21 -39.67
C SER D 123 15.30 16.73 -40.00
N SER D 124 16.24 16.24 -40.81
CA SER D 124 16.29 14.84 -41.18
C SER D 124 17.14 14.03 -40.21
N LEU D 125 17.94 14.73 -39.42
CA LEU D 125 18.81 14.09 -38.44
C LEU D 125 18.02 13.83 -37.16
N SER D 126 17.01 14.66 -36.92
CA SER D 126 16.16 14.51 -35.74
C SER D 126 15.39 13.20 -35.82
N ARG D 127 15.06 12.77 -37.03
CA ARG D 127 14.35 11.51 -37.23
C ARG D 127 15.22 10.35 -36.76
N ALA D 128 16.52 10.46 -36.97
CA ALA D 128 17.47 9.44 -36.55
C ALA D 128 17.45 9.29 -35.03
N ILE D 129 17.23 10.40 -34.34
CA ILE D 129 17.18 10.40 -32.88
C ILE D 129 15.90 9.70 -32.40
N LEU D 130 14.79 10.00 -33.07
CA LEU D 130 13.50 9.42 -32.71
C LEU D 130 13.49 7.91 -32.91
N ASP D 131 14.19 7.44 -33.93
CA ASP D 131 14.25 6.01 -34.22
C ASP D 131 14.96 5.26 -33.11
N LEU D 132 15.77 5.97 -32.33
CA LEU D 132 16.45 5.37 -31.19
C LEU D 132 15.55 5.42 -29.96
N VAL D 133 14.75 6.48 -29.85
CA VAL D 133 13.85 6.63 -28.72
C VAL D 133 12.84 5.50 -28.70
N GLN D 134 12.18 5.27 -29.83
CA GLN D 134 11.20 4.21 -29.96
C GLN D 134 11.86 2.83 -29.91
N PHE D 135 13.12 2.77 -30.32
CA PHE D 135 13.87 1.52 -30.31
C PHE D 135 14.11 1.02 -28.89
N PHE D 136 14.42 1.94 -27.99
CA PHE D 136 14.66 1.60 -26.60
C PHE D 136 13.37 1.67 -25.78
N LYS D 137 12.24 1.47 -26.44
CA LYS D 137 10.93 1.51 -25.79
C LYS D 137 10.87 2.61 -24.74
N TRP D 138 11.27 3.82 -25.14
CA TRP D 138 11.25 4.98 -24.24
C TRP D 138 9.85 5.55 -24.10
N LYS D 139 9.40 5.68 -22.85
CA LYS D 139 8.10 6.26 -22.56
C LYS D 139 8.24 7.77 -22.34
N THR D 140 9.34 8.16 -21.70
CA THR D 140 9.59 9.57 -21.43
C THR D 140 11.00 9.95 -21.90
N VAL D 141 11.25 11.26 -22.00
CA VAL D 141 12.54 11.76 -22.44
C VAL D 141 12.65 13.26 -22.16
N THR D 142 13.87 13.75 -22.03
CA THR D 142 14.11 15.16 -21.76
C THR D 142 15.24 15.70 -22.61
N VAL D 143 14.89 16.38 -23.70
CA VAL D 143 15.89 16.98 -24.58
C VAL D 143 16.40 18.29 -24.01
N VAL D 144 17.71 18.40 -23.87
CA VAL D 144 18.33 19.60 -23.32
C VAL D 144 19.23 20.27 -24.35
N TYR D 145 18.74 21.35 -24.95
CA TYR D 145 19.46 22.06 -26.00
C TYR D 145 20.20 23.26 -25.42
N ASP D 146 21.12 23.82 -26.19
CA ASP D 146 21.90 24.97 -25.75
C ASP D 146 21.25 26.27 -26.22
N ASP D 147 21.38 27.31 -25.41
CA ASP D 147 20.78 28.61 -25.74
C ASP D 147 21.37 29.21 -27.00
N SER D 148 22.55 28.71 -27.40
CA SER D 148 23.23 29.21 -28.59
C SER D 148 22.31 29.21 -29.79
N THR D 149 21.42 28.21 -29.85
CA THR D 149 20.47 28.09 -30.95
C THR D 149 19.10 27.70 -30.43
N GLY D 150 18.06 28.18 -31.10
CA GLY D 150 16.70 27.88 -30.71
C GLY D 150 16.41 26.39 -30.80
N LEU D 151 15.20 26.00 -30.38
CA LEU D 151 14.78 24.61 -30.44
C LEU D 151 14.10 24.29 -31.76
N ILE D 152 14.24 25.19 -32.72
CA ILE D 152 13.70 24.98 -34.06
C ILE D 152 14.48 23.88 -34.76
N ARG D 153 15.75 23.75 -34.39
CA ARG D 153 16.63 22.74 -34.95
C ARG D 153 16.17 21.34 -34.54
N LEU D 154 15.30 21.29 -33.54
CA LEU D 154 14.79 20.02 -33.02
C LEU D 154 13.28 19.96 -33.13
N GLN D 155 12.73 20.64 -34.15
CA GLN D 155 11.28 20.69 -34.34
C GLN D 155 10.69 19.28 -34.46
N GLU D 156 11.39 18.40 -35.15
CA GLU D 156 10.91 17.05 -35.38
C GLU D 156 10.79 16.27 -34.07
N LEU D 157 11.64 16.60 -33.11
CA LEU D 157 11.61 15.94 -31.80
C LEU D 157 10.43 16.41 -30.97
N ILE D 158 9.98 17.64 -31.21
CA ILE D 158 8.87 18.21 -30.47
C ILE D 158 7.53 17.77 -31.07
N LYS D 159 7.59 17.25 -32.30
CA LYS D 159 6.39 16.77 -32.97
C LYS D 159 6.03 15.35 -32.55
N ALA D 160 7.01 14.62 -32.04
CA ALA D 160 6.80 13.23 -31.65
C ALA D 160 5.68 13.08 -30.63
N PRO D 161 5.71 13.89 -29.56
CA PRO D 161 4.68 13.82 -28.52
C PRO D 161 3.26 13.93 -29.06
N SER D 162 3.11 14.52 -30.25
CA SER D 162 1.79 14.68 -30.87
C SER D 162 1.38 13.41 -31.59
N ARG D 163 2.21 12.97 -32.54
CA ARG D 163 1.92 11.77 -33.31
C ARG D 163 2.28 10.52 -32.52
N TYR D 164 3.56 10.34 -32.27
CA TYR D 164 4.06 9.18 -31.52
C TYR D 164 3.70 9.31 -30.04
N ASN D 165 3.89 8.22 -29.30
CA ASN D 165 3.61 8.21 -27.86
C ASN D 165 4.87 8.44 -27.04
N LEU D 166 5.04 9.66 -26.56
CA LEU D 166 6.25 10.03 -25.83
C LEU D 166 6.07 11.35 -25.10
N ARG D 167 6.35 11.35 -23.80
CA ARG D 167 6.28 12.56 -22.99
C ARG D 167 7.62 13.27 -22.96
N LEU D 168 7.80 14.20 -23.90
CA LEU D 168 9.05 14.95 -24.00
C LEU D 168 9.01 16.19 -23.10
N LYS D 169 10.16 16.54 -22.53
CA LYS D 169 10.28 17.73 -21.70
C LYS D 169 11.49 18.56 -22.13
N ILE D 170 11.29 19.87 -22.25
CA ILE D 170 12.34 20.76 -22.73
C ILE D 170 13.10 21.41 -21.59
N ARG D 171 14.40 21.56 -21.78
CA ARG D 171 15.27 22.18 -20.77
C ARG D 171 16.46 22.85 -21.47
N GLN D 172 16.88 24.01 -20.98
CA GLN D 172 17.94 24.76 -21.62
C GLN D 172 19.25 24.72 -20.84
N LEU D 173 20.36 24.60 -21.56
CA LEU D 173 21.69 24.57 -20.97
C LEU D 173 22.24 25.98 -20.84
N PRO D 174 22.77 26.32 -19.65
CA PRO D 174 23.40 27.63 -19.45
C PRO D 174 24.53 27.89 -20.44
N ALA D 175 24.23 28.66 -21.49
CA ALA D 175 25.23 28.98 -22.50
C ALA D 175 26.34 29.85 -21.91
N ASP D 176 26.11 30.37 -20.71
CA ASP D 176 27.08 31.23 -20.04
C ASP D 176 28.32 30.44 -19.65
N THR D 177 28.14 29.44 -18.79
CA THR D 177 29.24 28.59 -18.36
C THR D 177 28.84 27.12 -18.44
N LYS D 178 29.84 26.24 -18.52
CA LYS D 178 29.58 24.80 -18.59
C LYS D 178 29.15 24.25 -17.24
N ASP D 179 29.37 25.04 -16.18
CA ASP D 179 29.05 24.59 -14.83
C ASP D 179 27.58 24.86 -14.51
N ALA D 180 26.75 23.84 -14.68
CA ALA D 180 25.33 23.95 -14.42
C ALA D 180 24.86 22.82 -13.50
N LYS D 181 25.18 22.94 -12.22
CA LYS D 181 24.77 21.94 -11.24
C LYS D 181 23.25 21.89 -11.11
N PRO D 182 22.62 23.05 -10.85
CA PRO D 182 21.17 23.12 -10.65
C PRO D 182 20.36 22.46 -11.76
N LEU D 183 20.87 22.47 -12.98
CA LEU D 183 20.17 21.86 -14.10
C LEU D 183 20.11 20.34 -13.91
N LEU D 184 21.28 19.73 -13.76
CA LEU D 184 21.36 18.29 -13.52
C LEU D 184 20.64 17.90 -12.24
N LYS D 185 20.52 18.85 -11.32
CA LYS D 185 19.86 18.63 -10.05
C LYS D 185 18.40 18.24 -10.27
N GLU D 186 17.63 19.16 -10.84
CA GLU D 186 16.21 18.94 -11.08
C GLU D 186 15.96 17.66 -11.89
N MET D 187 16.91 17.31 -12.75
CA MET D 187 16.78 16.13 -13.59
C MET D 187 16.81 14.86 -12.75
N LYS D 188 17.71 14.81 -11.77
CA LYS D 188 17.82 13.65 -10.90
C LYS D 188 16.63 13.59 -9.94
N ARG D 189 15.98 14.74 -9.74
CA ARG D 189 14.83 14.80 -8.85
C ARG D 189 13.56 14.31 -9.54
N GLY D 190 13.57 14.37 -10.87
CA GLY D 190 12.42 13.93 -11.65
C GLY D 190 12.65 12.59 -12.33
N LYS D 191 13.64 11.84 -11.82
CA LYS D 191 13.94 10.53 -12.37
C LYS D 191 14.17 10.58 -13.87
N GLU D 192 14.62 11.72 -14.37
CA GLU D 192 14.90 11.90 -15.79
C GLU D 192 16.17 11.15 -16.18
N PHE D 193 16.02 9.84 -16.43
CA PHE D 193 17.16 9.02 -16.81
C PHE D 193 17.42 9.12 -18.30
N HIS D 194 16.35 9.32 -19.07
CA HIS D 194 16.46 9.45 -20.52
C HIS D 194 16.64 10.92 -20.89
N VAL D 195 17.84 11.25 -21.38
CA VAL D 195 18.15 12.62 -21.77
C VAL D 195 18.79 12.66 -23.14
N ILE D 196 18.53 13.72 -23.88
CA ILE D 196 19.09 13.90 -25.21
C ILE D 196 19.79 15.25 -25.32
N PHE D 197 21.11 15.25 -25.20
CA PHE D 197 21.88 16.50 -25.26
C PHE D 197 22.09 16.96 -26.70
N ASP D 198 21.76 18.22 -26.96
CA ASP D 198 21.92 18.82 -28.27
C ASP D 198 22.98 19.91 -28.24
N CYS D 199 24.23 19.52 -28.49
CA CYS D 199 25.34 20.46 -28.46
C CYS D 199 26.61 19.84 -29.03
N SER D 200 27.59 20.69 -29.35
CA SER D 200 28.85 20.21 -29.92
C SER D 200 29.61 19.36 -28.93
N HIS D 201 30.72 18.79 -29.37
CA HIS D 201 31.53 17.92 -28.51
C HIS D 201 32.19 18.72 -27.38
N GLU D 202 32.30 20.03 -27.56
CA GLU D 202 32.87 20.90 -26.52
C GLU D 202 31.90 21.03 -25.35
N MET D 203 30.70 21.51 -25.64
CA MET D 203 29.69 21.71 -24.62
C MET D 203 29.28 20.38 -24.00
N ALA D 204 29.21 19.35 -24.82
CA ALA D 204 28.79 18.02 -24.39
C ALA D 204 29.74 17.46 -23.34
N ALA D 205 31.05 17.61 -23.59
CA ALA D 205 32.06 17.13 -22.67
C ALA D 205 32.03 17.92 -21.37
N GLY D 206 31.59 19.17 -21.46
CA GLY D 206 31.50 20.04 -20.30
C GLY D 206 30.36 19.65 -19.38
N ILE D 207 29.43 18.85 -19.91
CA ILE D 207 28.28 18.40 -19.13
C ILE D 207 28.54 17.03 -18.50
N LEU D 208 29.27 16.18 -19.23
CA LEU D 208 29.59 14.86 -18.74
C LEU D 208 30.42 14.93 -17.46
N LYS D 209 31.36 15.86 -17.44
CA LYS D 209 32.19 16.06 -16.25
C LYS D 209 31.33 16.44 -15.06
N GLN D 210 30.22 17.12 -15.33
CA GLN D 210 29.31 17.56 -14.28
C GLN D 210 28.42 16.41 -13.81
N ALA D 211 27.97 15.58 -14.75
CA ALA D 211 27.10 14.46 -14.42
C ALA D 211 27.81 13.47 -13.52
N LEU D 212 29.11 13.26 -13.78
CA LEU D 212 29.90 12.36 -12.98
C LEU D 212 30.01 12.87 -11.55
N ALA D 213 30.10 14.20 -11.42
CA ALA D 213 30.18 14.83 -10.11
C ALA D 213 28.82 14.85 -9.44
N MET D 214 27.77 14.66 -10.24
CA MET D 214 26.40 14.63 -9.74
C MET D 214 25.98 13.19 -9.43
N GLY D 215 26.83 12.23 -9.77
CA GLY D 215 26.53 10.83 -9.56
C GLY D 215 25.47 10.33 -10.52
N MET D 216 25.19 11.11 -11.54
CA MET D 216 24.18 10.75 -12.54
C MET D 216 24.77 9.89 -13.65
N MET D 217 25.98 9.38 -13.42
CA MET D 217 26.64 8.50 -14.37
C MET D 217 26.59 7.05 -13.89
N THR D 218 25.46 6.39 -14.15
CA THR D 218 25.28 4.99 -13.78
C THR D 218 24.51 4.29 -14.87
N GLU D 219 24.24 2.99 -14.71
CA GLU D 219 23.52 2.27 -15.74
C GLU D 219 22.05 2.66 -15.78
N TYR D 220 21.63 3.46 -14.80
CA TYR D 220 20.26 3.95 -14.76
C TYR D 220 20.03 5.02 -15.83
N TYR D 221 21.07 5.79 -16.13
CA TYR D 221 20.96 6.86 -17.11
C TYR D 221 21.41 6.42 -18.50
N HIS D 222 20.89 7.10 -19.53
CA HIS D 222 21.24 6.81 -20.91
C HIS D 222 21.12 8.09 -21.74
N TYR D 223 22.26 8.68 -22.08
CA TYR D 223 22.28 9.95 -22.79
C TYR D 223 22.48 9.76 -24.29
N ILE D 224 21.80 10.57 -25.09
CA ILE D 224 21.92 10.53 -26.54
C ILE D 224 22.34 11.90 -27.06
N PHE D 225 23.48 11.95 -27.74
CA PHE D 225 24.01 13.22 -28.24
C PHE D 225 23.75 13.41 -29.72
N THR D 226 23.54 14.65 -30.13
CA THR D 226 23.28 14.98 -31.52
C THR D 226 24.58 15.26 -32.27
N THR D 227 25.63 15.57 -31.51
CA THR D 227 26.93 15.88 -32.09
C THR D 227 27.48 14.70 -32.89
N LEU D 228 28.07 15.01 -34.03
CA LEU D 228 28.65 13.98 -34.90
C LEU D 228 30.10 13.71 -34.54
N ASP D 229 30.58 14.38 -33.50
CA ASP D 229 31.95 14.20 -33.02
C ASP D 229 31.98 13.42 -31.71
N LEU D 230 31.01 12.52 -31.57
CA LEU D 230 30.88 11.67 -30.40
C LEU D 230 32.13 10.78 -30.29
N PHE D 231 32.50 10.16 -31.41
CA PHE D 231 33.67 9.28 -31.48
C PHE D 231 34.93 9.99 -31.01
N ALA D 232 34.99 11.30 -31.23
CA ALA D 232 36.15 12.09 -30.83
C ALA D 232 35.95 12.67 -29.44
N LEU D 233 35.56 11.82 -28.50
CA LEU D 233 35.31 12.25 -27.13
C LEU D 233 35.93 11.26 -26.15
N ASP D 234 36.84 11.76 -25.31
CA ASP D 234 37.50 10.91 -24.33
C ASP D 234 36.51 10.42 -23.28
N VAL D 235 35.99 9.21 -23.50
CA VAL D 235 35.04 8.62 -22.57
C VAL D 235 35.72 7.57 -21.71
N GLU D 236 36.96 7.85 -21.31
CA GLU D 236 37.73 6.92 -20.49
C GLU D 236 37.21 6.87 -19.06
N PRO D 237 37.01 8.04 -18.44
CA PRO D 237 36.53 8.08 -17.06
C PRO D 237 35.08 7.58 -16.90
N TYR D 238 34.41 7.25 -18.00
CA TYR D 238 33.01 6.83 -17.93
C TYR D 238 32.80 5.41 -18.46
N ARG D 239 33.73 4.93 -19.29
CA ARG D 239 33.57 3.63 -19.93
C ARG D 239 33.62 2.50 -18.90
N TYR D 240 34.09 2.82 -17.70
CA TYR D 240 34.15 1.83 -16.62
C TYR D 240 32.90 1.90 -15.74
N SER D 241 32.25 3.06 -15.74
CA SER D 241 31.06 3.28 -14.92
C SER D 241 29.98 2.24 -15.23
N GLY D 242 29.27 2.44 -16.32
CA GLY D 242 28.17 1.56 -16.69
C GLY D 242 27.10 2.30 -17.47
N VAL D 243 27.08 3.62 -17.33
CA VAL D 243 26.12 4.45 -18.05
C VAL D 243 26.26 4.25 -19.55
N ASN D 244 25.12 4.16 -20.23
CA ASN D 244 25.10 3.99 -21.68
C ASN D 244 25.06 5.33 -22.39
N MET D 245 25.68 5.39 -23.56
CA MET D 245 25.68 6.60 -24.38
C MET D 245 25.53 6.22 -25.86
N THR D 246 24.66 6.94 -26.56
CA THR D 246 24.42 6.66 -27.98
C THR D 246 24.47 7.95 -28.79
N GLY D 247 24.95 7.84 -30.03
CA GLY D 247 24.98 8.97 -30.93
C GLY D 247 25.19 8.54 -32.38
N PHE D 248 25.74 9.45 -33.19
CA PHE D 248 25.93 9.16 -34.60
C PHE D 248 27.30 9.61 -35.10
N ARG D 249 27.69 9.11 -36.26
CA ARG D 249 28.97 9.45 -36.87
C ARG D 249 28.85 9.36 -38.39
N ILE D 250 29.01 10.50 -39.06
CA ILE D 250 28.89 10.55 -40.51
C ILE D 250 30.19 10.14 -41.19
N LEU D 251 31.30 10.28 -40.47
CA LEU D 251 32.61 9.89 -41.00
C LEU D 251 32.69 8.38 -41.18
N ASN D 252 32.77 7.94 -42.43
CA ASN D 252 32.89 6.52 -42.76
C ASN D 252 34.32 6.04 -42.58
N THR D 253 34.72 5.83 -41.33
CA THR D 253 36.06 5.36 -41.02
C THR D 253 36.23 3.88 -41.33
N GLU D 254 35.14 3.24 -41.76
CA GLU D 254 35.18 1.83 -42.12
C GLU D 254 35.63 1.64 -43.55
N ASN D 255 36.48 2.55 -44.03
CA ASN D 255 36.98 2.50 -45.39
C ASN D 255 38.46 2.89 -45.41
N THR D 256 39.24 2.22 -46.25
CA THR D 256 40.67 2.48 -46.33
C THR D 256 40.94 3.85 -46.95
N GLN D 257 40.22 4.15 -48.03
CA GLN D 257 40.36 5.41 -48.74
C GLN D 257 40.04 6.60 -47.84
N VAL D 258 39.17 6.38 -46.86
CA VAL D 258 38.75 7.45 -45.95
C VAL D 258 39.73 7.62 -44.79
N SER D 259 40.19 6.50 -44.26
CA SER D 259 41.12 6.51 -43.12
C SER D 259 42.50 6.99 -43.55
N SER D 260 42.80 6.85 -44.85
CA SER D 260 44.09 7.24 -45.38
C SER D 260 44.26 8.76 -45.35
N ILE D 261 43.20 9.47 -45.74
CA ILE D 261 43.23 10.93 -45.77
C ILE D 261 43.37 11.48 -44.36
N ILE D 262 42.54 10.98 -43.45
CA ILE D 262 42.54 11.45 -42.07
C ILE D 262 43.90 11.18 -41.41
N GLU D 263 44.56 10.13 -41.85
CA GLU D 263 45.85 9.75 -41.30
C GLU D 263 46.90 10.82 -41.60
N LYS D 264 46.89 11.30 -42.84
CA LYS D 264 47.83 12.34 -43.26
C LYS D 264 47.44 13.69 -42.66
N TRP D 265 46.22 13.79 -42.17
CA TRP D 265 45.73 15.03 -41.58
C TRP D 265 46.29 15.22 -40.17
N SER D 266 46.50 14.13 -39.45
CA SER D 266 47.05 14.21 -38.10
C SER D 266 48.56 14.41 -38.14
N MET D 267 49.17 14.19 -39.30
CA MET D 267 50.59 14.45 -39.47
C MET D 267 50.77 15.94 -39.79
N GLU D 268 49.67 16.67 -39.69
CA GLU D 268 49.68 18.12 -39.69
C GLU D 268 48.72 18.53 -38.60
N ARG D 269 49.17 19.37 -37.68
CA ARG D 269 48.27 19.86 -36.65
C ARG D 269 48.15 21.37 -36.79
N LEU D 270 49.28 22.06 -36.66
CA LEU D 270 49.31 23.52 -36.80
C LEU D 270 48.56 24.12 -35.60
N GLN D 271 47.26 23.89 -35.54
CA GLN D 271 46.50 24.08 -34.31
C GLN D 271 46.94 23.02 -33.29
N ALA D 272 47.77 23.42 -32.34
CA ALA D 272 48.25 22.50 -31.32
C ALA D 272 47.06 21.87 -30.61
N PRO D 273 47.16 20.58 -30.25
CA PRO D 273 46.06 19.88 -29.59
C PRO D 273 45.61 20.63 -28.32
N PRO D 274 44.30 20.79 -28.13
CA PRO D 274 43.80 21.55 -26.99
C PRO D 274 44.22 20.95 -25.65
N LYS D 275 44.41 21.81 -24.66
CA LYS D 275 44.83 21.37 -23.34
C LYS D 275 43.85 20.36 -22.76
N PRO D 276 44.37 19.28 -22.16
CA PRO D 276 43.51 18.26 -21.53
C PRO D 276 42.70 18.83 -20.36
N ASP D 277 41.53 19.39 -20.67
CA ASP D 277 40.66 19.96 -19.66
C ASP D 277 39.19 19.69 -20.00
N SER D 278 38.85 19.88 -21.27
CA SER D 278 37.49 19.66 -21.74
C SER D 278 37.19 18.17 -21.87
N GLY D 279 38.21 17.40 -22.26
CA GLY D 279 38.06 15.96 -22.39
C GLY D 279 37.91 15.50 -23.83
N LEU D 280 38.71 16.09 -24.72
CA LEU D 280 38.68 15.72 -26.13
C LEU D 280 39.83 14.79 -26.49
N LEU D 281 39.51 13.70 -27.17
CA LEU D 281 40.50 12.72 -27.57
C LEU D 281 41.23 13.19 -28.81
N ASP D 282 42.46 13.66 -28.63
CA ASP D 282 43.27 14.17 -29.73
C ASP D 282 43.72 13.06 -30.66
N GLY D 283 43.71 13.33 -31.96
CA GLY D 283 44.12 12.36 -32.96
C GLY D 283 43.08 12.12 -34.03
N PHE D 284 41.86 12.59 -33.78
CA PHE D 284 40.77 12.42 -34.72
C PHE D 284 40.34 13.75 -35.32
N MET D 285 40.13 13.77 -36.63
CA MET D 285 39.72 14.99 -37.33
C MET D 285 38.26 15.30 -37.03
N THR D 286 37.96 16.57 -36.83
CA THR D 286 36.61 17.01 -36.53
C THR D 286 35.74 16.99 -37.78
N THR D 287 34.44 16.77 -37.59
CA THR D 287 33.50 16.69 -38.70
C THR D 287 33.36 18.06 -39.37
N ASP D 288 33.65 19.11 -38.61
CA ASP D 288 33.59 20.47 -39.14
C ASP D 288 34.56 20.63 -40.31
N ALA D 289 35.74 20.03 -40.17
CA ALA D 289 36.76 20.10 -41.21
C ALA D 289 36.52 19.02 -42.26
N ALA D 290 35.84 17.95 -41.86
CA ALA D 290 35.55 16.85 -42.77
C ALA D 290 34.59 17.31 -43.88
N LEU D 291 33.59 18.09 -43.49
CA LEU D 291 32.61 18.60 -44.44
C LEU D 291 33.24 19.59 -45.41
N MET D 292 34.28 20.28 -44.95
CA MET D 292 34.97 21.27 -45.77
C MET D 292 35.83 20.58 -46.83
N TYR D 293 36.36 19.42 -46.48
CA TYR D 293 37.16 18.64 -47.42
C TYR D 293 36.26 18.08 -48.52
N ASP D 294 35.04 17.73 -48.14
CA ASP D 294 34.07 17.19 -49.08
C ASP D 294 33.31 18.32 -49.78
N ALA D 295 33.41 19.53 -49.24
CA ALA D 295 32.74 20.68 -49.83
C ALA D 295 33.49 21.12 -51.08
N VAL D 296 34.77 20.80 -51.15
CA VAL D 296 35.59 21.16 -52.29
C VAL D 296 35.47 20.11 -53.39
N HIS D 297 35.34 18.86 -53.00
CA HIS D 297 35.22 17.77 -53.97
C HIS D 297 33.85 17.78 -54.64
N VAL D 298 32.80 17.92 -53.85
CA VAL D 298 31.43 17.91 -54.38
C VAL D 298 31.26 18.99 -55.45
N VAL D 299 32.08 20.03 -55.38
CA VAL D 299 32.01 21.13 -56.34
C VAL D 299 32.99 20.93 -57.48
N SER D 300 34.11 20.26 -57.18
CA SER D 300 35.14 20.02 -58.18
C SER D 300 34.66 19.06 -59.26
N VAL D 301 33.63 18.28 -58.93
CA VAL D 301 33.06 17.34 -59.89
C VAL D 301 32.01 18.04 -60.75
N ALA D 302 31.32 19.02 -60.17
CA ALA D 302 30.29 19.77 -60.88
C ALA D 302 30.93 20.78 -61.84
N VAL D 303 32.16 21.18 -61.54
CA VAL D 303 32.87 22.16 -62.36
C VAL D 303 33.61 21.49 -63.51
N GLN D 304 34.05 20.26 -63.28
CA GLN D 304 34.75 19.49 -64.31
C GLN D 304 33.82 19.21 -65.47
N GLN D 305 32.54 18.99 -65.16
CA GLN D 305 31.54 18.72 -66.18
C GLN D 305 30.93 20.00 -66.73
N PHE D 306 31.66 21.11 -66.58
CA PHE D 306 31.19 22.40 -67.07
C PHE D 306 32.37 23.29 -67.46
N PRO D 307 33.17 22.82 -68.43
CA PRO D 307 34.37 23.54 -68.89
C PRO D 307 34.07 24.97 -69.35
N GLN D 308 32.86 25.20 -69.85
CA GLN D 308 32.48 26.54 -70.31
C GLN D 308 32.15 27.42 -69.12
N MET D 309 33.18 27.98 -68.50
CA MET D 309 32.98 28.84 -67.33
C MET D 309 34.19 29.74 -67.10
N THR D 310 33.94 31.04 -67.06
CA THR D 310 34.99 32.02 -66.82
C THR D 310 34.62 32.91 -65.64
N VAL D 311 35.50 32.96 -64.65
CA VAL D 311 35.27 33.77 -63.46
C VAL D 311 35.13 35.25 -63.82
N SER D 312 33.89 35.74 -63.78
CA SER D 312 33.61 37.14 -64.07
C SER D 312 33.78 38.00 -62.83
N SER D 313 34.08 39.28 -63.03
CA SER D 313 34.25 40.20 -61.91
C SER D 313 32.95 40.94 -61.63
N LEU D 314 32.20 40.45 -60.65
CA LEU D 314 30.92 41.06 -60.27
C LEU D 314 31.16 42.19 -59.28
N GLN D 315 30.07 42.87 -58.90
CA GLN D 315 30.15 43.96 -57.94
C GLN D 315 28.84 44.11 -57.17
N CYS D 316 28.85 43.74 -55.90
CA CYS D 316 27.65 43.82 -55.07
C CYS D 316 27.12 45.25 -55.01
N ASN D 317 25.91 45.40 -54.49
CA ASN D 317 25.23 46.69 -54.38
C ASN D 317 24.73 47.28 -55.71
N ARG D 318 25.37 46.92 -56.81
CA ARG D 318 24.97 47.45 -58.12
C ARG D 318 25.66 46.71 -59.27
N HIS D 319 24.97 45.71 -59.80
CA HIS D 319 25.48 44.92 -60.92
C HIS D 319 24.38 43.97 -61.39
N LYS D 320 24.75 43.00 -62.22
CA LYS D 320 23.81 42.00 -62.68
C LYS D 320 24.32 40.60 -62.38
N PRO D 321 23.39 39.65 -62.17
CA PRO D 321 23.74 38.26 -61.84
C PRO D 321 24.83 37.69 -62.74
N TRP D 322 25.56 36.71 -62.21
CA TRP D 322 26.66 36.09 -62.93
C TRP D 322 26.15 35.33 -64.13
N ARG D 323 26.90 35.36 -65.23
CA ARG D 323 26.48 34.72 -66.47
C ARG D 323 26.30 33.22 -66.28
N PHE D 324 27.39 32.52 -65.97
CA PHE D 324 27.36 31.07 -65.81
C PHE D 324 27.06 30.68 -64.37
N GLY D 325 26.17 31.44 -63.73
CA GLY D 325 25.85 31.22 -62.33
C GLY D 325 24.62 30.34 -62.12
N THR D 326 23.49 30.79 -62.66
CA THR D 326 22.24 30.05 -62.51
C THR D 326 22.41 28.58 -62.89
N ARG D 327 23.38 28.30 -63.75
CA ARG D 327 23.60 26.95 -64.23
C ARG D 327 24.59 26.17 -63.39
N PHE D 328 25.75 26.78 -63.14
CA PHE D 328 26.80 26.12 -62.36
C PHE D 328 26.27 25.66 -61.01
N MET D 329 25.25 26.34 -60.50
CA MET D 329 24.64 25.98 -59.22
C MET D 329 23.82 24.70 -59.35
N SER D 330 23.13 24.54 -60.47
CA SER D 330 22.34 23.35 -60.73
C SER D 330 23.22 22.11 -60.83
N LEU D 331 24.44 22.28 -61.33
CA LEU D 331 25.37 21.16 -61.47
C LEU D 331 25.84 20.66 -60.10
N ILE D 332 25.74 21.51 -59.09
CA ILE D 332 26.19 21.16 -57.74
C ILE D 332 25.07 20.47 -56.96
N LYS D 333 23.83 20.89 -57.20
CA LYS D 333 22.68 20.31 -56.51
C LYS D 333 22.31 18.94 -57.08
N GLU D 334 23.09 18.48 -58.05
CA GLU D 334 22.84 17.19 -58.69
C GLU D 334 24.08 16.29 -58.65
N ALA D 335 25.21 16.85 -58.22
CA ALA D 335 26.46 16.12 -58.19
C ALA D 335 26.54 15.21 -56.97
N HIS D 336 27.13 14.02 -57.15
CA HIS D 336 27.34 13.09 -56.06
C HIS D 336 28.82 12.80 -55.91
N TRP D 337 29.26 12.51 -54.68
CA TRP D 337 30.67 12.23 -54.41
C TRP D 337 30.86 11.42 -53.14
N GLU D 338 31.66 10.37 -53.24
CA GLU D 338 31.97 9.52 -52.09
C GLU D 338 33.18 10.05 -51.34
N GLY D 339 32.93 10.87 -50.33
CA GLY D 339 34.00 11.49 -49.56
C GLY D 339 34.14 10.92 -48.16
N LEU D 340 34.67 11.73 -47.25
CA LEU D 340 34.91 11.31 -45.88
C LEU D 340 33.61 11.12 -45.11
N THR D 341 32.68 12.06 -45.31
CA THR D 341 31.39 12.01 -44.61
C THR D 341 30.39 11.13 -45.34
N GLY D 342 30.86 10.00 -45.86
CA GLY D 342 30.00 9.09 -46.60
C GLY D 342 29.66 9.62 -47.97
N ARG D 343 28.47 9.28 -48.46
CA ARG D 343 28.04 9.70 -49.78
C ARG D 343 27.29 11.03 -49.72
N ILE D 344 27.65 11.94 -50.61
CA ILE D 344 27.04 13.27 -50.65
C ILE D 344 25.93 13.30 -51.69
N THR D 345 24.79 13.86 -51.30
CA THR D 345 23.64 13.95 -52.20
C THR D 345 22.66 15.01 -51.72
N PHE D 346 22.56 16.10 -52.47
CA PHE D 346 21.65 17.18 -52.12
C PHE D 346 20.24 16.87 -52.59
N ASN D 347 19.25 17.36 -51.84
CA ASN D 347 17.84 17.14 -52.17
C ASN D 347 17.51 17.76 -53.53
N LYS D 348 16.52 17.20 -54.19
CA LYS D 348 16.11 17.69 -55.51
C LYS D 348 15.08 18.82 -55.39
N THR D 349 15.07 19.50 -54.26
CA THR D 349 14.12 20.60 -54.03
C THR D 349 14.77 21.73 -53.24
N ASN D 350 14.74 21.63 -51.92
CA ASN D 350 15.27 22.67 -51.06
C ASN D 350 16.78 22.85 -51.19
N GLY D 351 17.46 21.84 -51.71
CA GLY D 351 18.89 21.90 -51.91
C GLY D 351 19.66 21.37 -50.71
N LEU D 352 19.05 21.43 -49.54
CA LEU D 352 19.67 20.94 -48.32
C LEU D 352 19.92 19.44 -48.41
N ARG D 353 20.99 18.99 -47.76
CA ARG D 353 21.36 17.58 -47.74
C ARG D 353 20.58 16.82 -46.68
N THR D 354 19.46 16.22 -47.10
CA THR D 354 18.60 15.48 -46.18
C THR D 354 18.80 13.98 -46.29
N ASP D 355 19.62 13.57 -47.27
CA ASP D 355 19.87 12.16 -47.51
C ASP D 355 21.35 11.85 -47.28
N PHE D 356 21.62 10.98 -46.31
CA PHE D 356 22.99 10.62 -45.97
C PHE D 356 23.05 9.30 -45.19
N ASP D 357 24.25 8.92 -44.76
CA ASP D 357 24.46 7.69 -44.02
C ASP D 357 25.13 7.96 -42.69
N LEU D 358 24.49 7.53 -41.61
CA LEU D 358 25.06 7.68 -40.27
C LEU D 358 25.35 6.31 -39.68
N ASP D 359 26.20 6.30 -38.66
CA ASP D 359 26.56 5.06 -37.99
C ASP D 359 26.29 5.13 -36.50
N VAL D 360 25.29 4.40 -36.05
CA VAL D 360 24.92 4.38 -34.64
C VAL D 360 26.09 3.88 -33.81
N ILE D 361 26.40 4.60 -32.74
CA ILE D 361 27.49 4.22 -31.85
C ILE D 361 27.04 4.27 -30.40
N SER D 362 27.44 3.27 -29.61
CA SER D 362 27.08 3.20 -28.20
C SER D 362 28.33 3.15 -27.32
N LEU D 363 28.13 3.26 -26.01
CA LEU D 363 29.23 3.23 -25.05
C LEU D 363 29.29 1.90 -24.31
N LYS D 364 30.15 0.99 -24.76
CA LYS D 364 30.30 -0.30 -24.12
C LYS D 364 31.50 -0.29 -23.18
N GLU D 365 31.76 -1.41 -22.50
CA GLU D 365 32.80 -1.46 -21.49
C GLU D 365 34.18 -1.13 -22.01
N GLU D 366 34.37 -1.23 -23.32
CA GLU D 366 35.65 -0.90 -23.92
C GLU D 366 35.73 0.58 -24.29
N GLY D 367 34.62 1.15 -24.73
CA GLY D 367 34.57 2.54 -25.12
C GLY D 367 33.41 2.82 -26.04
N LEU D 368 33.71 3.36 -27.22
CA LEU D 368 32.66 3.67 -28.20
C LEU D 368 32.78 2.78 -29.43
N GLU D 369 31.76 1.96 -29.67
CA GLU D 369 31.74 1.08 -30.83
C GLU D 369 30.44 1.23 -31.60
N LYS D 370 30.48 0.89 -32.88
CA LYS D 370 29.32 1.01 -33.74
C LYS D 370 28.40 -0.19 -33.59
N ILE D 371 27.12 0.07 -33.31
CA ILE D 371 26.15 -1.02 -33.14
C ILE D 371 25.13 -1.06 -34.27
N GLY D 372 25.37 -0.29 -35.33
CA GLY D 372 24.47 -0.28 -36.47
C GLY D 372 24.64 0.95 -37.35
N THR D 373 23.69 1.14 -38.26
CA THR D 373 23.70 2.26 -39.18
C THR D 373 22.31 2.86 -39.30
N TRP D 374 22.20 3.98 -40.00
CA TRP D 374 20.92 4.65 -40.20
C TRP D 374 20.91 5.39 -41.53
N ASP D 375 19.71 5.61 -42.06
CA ASP D 375 19.55 6.31 -43.33
C ASP D 375 18.09 6.63 -43.55
N PRO D 376 17.81 7.65 -44.39
CA PRO D 376 16.43 8.09 -44.60
C PRO D 376 15.65 7.08 -45.43
N ALA D 377 16.36 6.40 -46.33
CA ALA D 377 15.73 5.46 -47.25
C ALA D 377 15.22 4.20 -46.56
N SER D 378 15.96 3.71 -45.57
CA SER D 378 15.72 2.36 -45.04
C SER D 378 15.02 2.33 -43.68
N GLY D 379 15.48 3.15 -42.74
CA GLY D 379 15.00 3.08 -41.38
C GLY D 379 16.14 2.82 -40.42
N LEU D 380 16.15 1.65 -39.79
CA LEU D 380 17.25 1.30 -38.90
C LEU D 380 17.69 -0.15 -39.05
N ASN D 381 18.99 -0.33 -39.30
CA ASN D 381 19.61 -1.65 -39.35
C ASN D 381 20.57 -1.81 -38.18
N MET D 382 20.12 -2.46 -37.12
CA MET D 382 20.95 -2.64 -35.92
C MET D 382 21.74 -3.95 -36.00
N THR D 383 22.38 -4.31 -34.90
CA THR D 383 23.16 -5.54 -34.84
C THR D 383 22.97 -6.23 -33.50
N SER E 3 -13.40 -77.37 6.38
CA SER E 3 -13.56 -78.33 7.45
C SER E 3 -13.88 -77.64 8.77
N SER E 4 -13.98 -76.31 8.74
CA SER E 4 -14.27 -75.55 9.94
C SER E 4 -14.78 -74.14 9.59
N LEU E 5 -15.53 -73.55 10.51
CA LEU E 5 -16.12 -72.24 10.31
C LEU E 5 -15.32 -71.17 11.04
N ARG E 6 -14.34 -70.59 10.38
CA ARG E 6 -13.47 -69.58 10.99
C ARG E 6 -14.00 -68.18 10.78
N MET E 7 -13.49 -67.24 11.58
CA MET E 7 -13.87 -65.84 11.48
C MET E 7 -12.95 -64.99 12.35
N ALA E 8 -12.41 -63.92 11.77
CA ALA E 8 -11.51 -63.03 12.50
C ALA E 8 -12.31 -62.10 13.41
N ALA E 9 -11.61 -61.50 14.38
CA ALA E 9 -12.25 -60.58 15.32
C ALA E 9 -11.25 -59.53 15.80
N ILE E 10 -11.15 -58.44 15.05
CA ILE E 10 -10.22 -57.37 15.40
C ILE E 10 -10.67 -56.66 16.67
N LEU E 11 -10.05 -57.03 17.80
CA LEU E 11 -10.39 -56.44 19.08
C LEU E 11 -9.36 -55.41 19.51
N ASP E 12 -9.83 -54.26 20.00
CA ASP E 12 -8.95 -53.21 20.48
C ASP E 12 -9.03 -53.08 21.99
N ASP E 13 -9.87 -53.92 22.61
CA ASP E 13 -10.05 -53.90 24.05
C ASP E 13 -8.81 -54.42 24.77
N GLN E 14 -8.60 -53.93 25.99
CA GLN E 14 -7.46 -54.36 26.79
C GLN E 14 -7.75 -55.72 27.44
N THR E 15 -6.85 -56.15 28.30
CA THR E 15 -7.03 -57.40 29.04
C THR E 15 -7.05 -57.14 30.54
N VAL E 16 -6.34 -56.11 30.97
CA VAL E 16 -6.27 -55.74 32.38
C VAL E 16 -7.36 -54.71 32.71
N CYS E 17 -8.38 -55.14 33.43
CA CYS E 17 -9.49 -54.27 33.79
C CYS E 17 -10.03 -53.54 32.57
N GLY E 18 -10.46 -54.30 31.57
CA GLY E 18 -11.00 -53.73 30.35
C GLY E 18 -12.51 -53.85 30.29
N ARG E 19 -13.02 -54.22 29.13
CA ARG E 19 -14.45 -54.39 28.93
C ARG E 19 -14.82 -55.87 28.85
N GLY E 20 -13.81 -56.71 28.63
CA GLY E 20 -14.02 -58.15 28.56
C GLY E 20 -14.64 -58.59 27.25
N GLU E 21 -13.99 -58.26 26.15
CA GLU E 21 -14.46 -58.66 24.83
C GLU E 21 -13.80 -59.95 24.38
N ARG E 22 -12.50 -60.05 24.65
CA ARG E 22 -11.73 -61.24 24.28
C ARG E 22 -12.31 -62.46 24.97
N LEU E 23 -12.92 -62.24 26.14
CA LEU E 23 -13.53 -63.31 26.91
C LEU E 23 -14.96 -63.57 26.41
N ALA E 24 -15.60 -62.53 25.90
CA ALA E 24 -16.96 -62.63 25.39
C ALA E 24 -17.04 -63.60 24.22
N LEU E 25 -16.05 -63.54 23.34
CA LEU E 25 -16.01 -64.40 22.16
C LEU E 25 -15.86 -65.86 22.57
N ALA E 26 -14.98 -66.11 23.54
CA ALA E 26 -14.74 -67.47 24.02
C ALA E 26 -16.02 -68.09 24.56
N LEU E 27 -16.72 -67.34 25.40
CA LEU E 27 -17.96 -67.83 26.01
C LEU E 27 -18.99 -68.19 24.95
N ALA E 28 -18.90 -67.55 23.79
CA ALA E 28 -19.83 -67.79 22.70
C ALA E 28 -19.48 -69.07 21.96
N ARG E 29 -18.20 -69.23 21.63
CA ARG E 29 -17.73 -70.38 20.87
C ARG E 29 -17.99 -71.68 21.63
N GLU E 30 -17.79 -71.66 22.94
CA GLU E 30 -18.01 -72.83 23.78
C GLU E 30 -19.45 -73.30 23.69
N GLN E 31 -20.37 -72.35 23.75
CA GLN E 31 -21.80 -72.66 23.71
C GLN E 31 -22.20 -73.25 22.36
N ILE E 32 -21.59 -72.74 21.29
CA ILE E 32 -21.90 -73.20 19.95
C ILE E 32 -21.44 -74.64 19.75
N ASN E 33 -20.31 -74.98 20.36
CA ASN E 33 -19.75 -76.32 20.26
C ASN E 33 -20.28 -77.24 21.36
N GLY E 34 -21.55 -77.04 21.72
CA GLY E 34 -22.19 -77.85 22.74
C GLY E 34 -23.41 -78.57 22.21
N ILE E 35 -23.38 -78.89 20.92
CA ILE E 35 -24.48 -79.59 20.28
C ILE E 35 -24.05 -81.01 19.90
N ILE E 36 -22.74 -81.22 19.86
CA ILE E 36 -22.18 -82.53 19.53
C ILE E 36 -22.62 -82.98 18.13
N GLU E 37 -23.50 -83.97 18.07
CA GLU E 37 -23.99 -84.50 16.79
C GLU E 37 -22.84 -84.77 15.84
N LYS E 41 -21.25 -82.06 12.88
CA LYS E 41 -20.98 -81.08 11.83
C LYS E 41 -19.63 -80.41 12.03
N ALA E 42 -19.32 -79.44 11.18
CA ALA E 42 -18.06 -78.72 11.27
C ALA E 42 -18.03 -77.86 12.53
N ARG E 43 -16.85 -77.75 13.13
CA ARG E 43 -16.68 -76.97 14.35
C ARG E 43 -16.75 -75.47 14.06
N VAL E 44 -16.55 -74.65 15.08
CA VAL E 44 -16.56 -73.21 14.92
C VAL E 44 -15.38 -72.57 15.64
N GLU E 45 -14.41 -72.09 14.86
CA GLU E 45 -13.22 -71.46 15.41
C GLU E 45 -13.26 -69.95 15.18
N VAL E 46 -12.70 -69.21 16.13
CA VAL E 46 -12.68 -67.75 16.04
C VAL E 46 -11.28 -67.21 16.36
N ASP E 47 -10.67 -66.57 15.38
CA ASP E 47 -9.34 -65.98 15.56
C ASP E 47 -9.43 -64.56 16.11
N ILE E 48 -8.53 -64.25 17.04
CA ILE E 48 -8.52 -62.92 17.66
C ILE E 48 -7.31 -62.11 17.17
N PHE E 49 -7.57 -60.86 16.79
CA PHE E 49 -6.52 -59.98 16.30
C PHE E 49 -6.48 -58.69 17.09
N GLU E 50 -5.56 -58.61 18.06
CA GLU E 50 -5.45 -57.42 18.90
C GLU E 50 -5.04 -56.21 18.08
N LEU E 51 -5.46 -55.04 18.54
CA LEU E 51 -5.08 -53.77 17.92
C LEU E 51 -4.47 -52.88 19.01
N GLN E 52 -3.52 -52.03 18.62
CA GLN E 52 -2.78 -51.24 19.59
C GLN E 52 -3.36 -49.83 19.69
N ARG E 53 -3.35 -49.11 18.57
CA ARG E 53 -3.85 -47.74 18.56
C ARG E 53 -4.73 -47.52 17.33
N ASP E 54 -5.77 -46.71 17.49
CA ASP E 54 -6.72 -46.44 16.43
C ASP E 54 -6.02 -45.78 15.23
N SER E 55 -5.59 -46.60 14.28
CA SER E 55 -4.83 -46.10 13.14
C SER E 55 -5.15 -46.90 11.87
N GLN E 56 -5.45 -46.18 10.79
CA GLN E 56 -5.68 -46.80 9.50
C GLN E 56 -4.51 -47.70 9.14
N TYR E 57 -3.33 -47.11 9.15
CA TYR E 57 -2.08 -47.80 8.80
C TYR E 57 -1.96 -49.16 9.47
N GLU E 58 -2.06 -49.17 10.79
CA GLU E 58 -1.85 -50.40 11.56
C GLU E 58 -2.91 -51.45 11.25
N THR E 59 -4.13 -51.02 10.94
CA THR E 59 -5.22 -51.95 10.68
C THR E 59 -5.08 -52.61 9.31
N THR E 60 -4.55 -51.87 8.35
CA THR E 60 -4.37 -52.39 7.00
C THR E 60 -3.45 -53.61 7.01
N ASP E 61 -2.39 -53.52 7.79
CA ASP E 61 -1.44 -54.61 7.91
C ASP E 61 -2.12 -55.85 8.48
N THR E 62 -3.09 -55.63 9.36
CA THR E 62 -3.80 -56.73 10.03
C THR E 62 -4.67 -57.50 9.04
N MET E 63 -5.33 -56.78 8.13
CA MET E 63 -6.23 -57.40 7.18
C MET E 63 -5.48 -58.29 6.19
N CYS E 64 -4.22 -57.97 5.93
CA CYS E 64 -3.40 -58.76 5.01
C CYS E 64 -2.92 -60.03 5.69
N GLN E 65 -3.31 -60.23 6.94
CA GLN E 65 -3.00 -61.45 7.68
C GLN E 65 -4.27 -62.26 7.89
N ILE E 66 -5.42 -61.60 7.74
CA ILE E 66 -6.71 -62.25 7.89
C ILE E 66 -7.15 -62.89 6.58
N LEU E 67 -6.91 -62.19 5.49
CA LEU E 67 -7.30 -62.68 4.16
C LEU E 67 -6.65 -64.03 3.85
N PRO E 68 -5.32 -64.12 4.05
CA PRO E 68 -4.62 -65.39 3.78
C PRO E 68 -5.25 -66.57 4.52
N LYS E 69 -5.88 -66.31 5.65
CA LYS E 69 -6.56 -67.36 6.40
C LYS E 69 -7.93 -67.63 5.80
N GLY E 70 -8.53 -68.75 6.18
CA GLY E 70 -9.86 -69.11 5.70
C GLY E 70 -10.95 -68.52 6.56
N VAL E 71 -11.19 -67.22 6.39
CA VAL E 71 -12.19 -66.52 7.19
C VAL E 71 -13.53 -66.45 6.49
N VAL E 72 -14.59 -66.22 7.27
CA VAL E 72 -15.94 -66.10 6.74
C VAL E 72 -16.49 -64.70 7.01
N SER E 73 -16.13 -64.14 8.16
CA SER E 73 -16.56 -62.79 8.53
C SER E 73 -15.55 -62.14 9.48
N VAL E 74 -15.61 -60.83 9.60
CA VAL E 74 -14.72 -60.08 10.47
C VAL E 74 -15.51 -59.27 11.49
N LEU E 75 -15.21 -59.45 12.76
CA LEU E 75 -15.91 -58.73 13.83
C LEU E 75 -15.07 -57.58 14.36
N GLY E 76 -15.72 -56.55 14.90
CA GLY E 76 -15.04 -55.40 15.44
C GLY E 76 -14.25 -54.67 14.37
N PRO E 77 -13.48 -53.64 14.77
CA PRO E 77 -13.36 -53.15 16.15
C PRO E 77 -14.66 -52.59 16.71
N SER E 78 -14.67 -52.31 18.01
CA SER E 78 -15.87 -51.81 18.69
C SER E 78 -15.60 -50.46 19.34
N SER E 79 -14.33 -50.10 19.48
CA SER E 79 -13.95 -48.83 20.09
C SER E 79 -12.86 -48.15 19.27
N SER E 80 -12.84 -48.43 17.98
CA SER E 80 -11.85 -47.84 17.08
C SER E 80 -12.53 -47.32 15.81
N PRO E 81 -12.96 -46.06 15.84
CA PRO E 81 -13.66 -45.41 14.72
C PRO E 81 -12.91 -45.52 13.39
N ALA E 82 -11.66 -45.05 13.35
CA ALA E 82 -10.88 -45.07 12.13
C ALA E 82 -10.52 -46.49 11.72
N SER E 83 -10.08 -47.29 12.68
CA SER E 83 -9.69 -48.67 12.42
C SER E 83 -10.89 -49.52 11.99
N ALA E 84 -12.09 -48.97 12.14
CA ALA E 84 -13.30 -49.68 11.78
C ALA E 84 -13.68 -49.42 10.33
N SER E 85 -13.62 -48.16 9.93
CA SER E 85 -13.97 -47.78 8.56
C SER E 85 -13.03 -48.44 7.56
N THR E 86 -11.77 -48.56 7.93
CA THR E 86 -10.78 -49.18 7.05
C THR E 86 -11.09 -50.64 6.79
N VAL E 87 -11.51 -51.35 7.83
CA VAL E 87 -11.82 -52.77 7.69
C VAL E 87 -13.01 -52.98 6.77
N SER E 88 -13.96 -52.04 6.80
CA SER E 88 -15.14 -52.13 5.95
C SER E 88 -14.74 -52.01 4.48
N HIS E 89 -13.84 -51.07 4.20
CA HIS E 89 -13.42 -50.80 2.83
C HIS E 89 -12.79 -52.04 2.20
N ILE E 90 -11.93 -52.71 2.96
CA ILE E 90 -11.24 -53.90 2.47
C ILE E 90 -12.20 -55.08 2.36
N CYS E 91 -13.06 -55.23 3.35
CA CYS E 91 -14.05 -56.30 3.35
C CYS E 91 -14.98 -56.17 2.16
N GLY E 92 -15.12 -54.94 1.65
CA GLY E 92 -15.99 -54.68 0.53
C GLY E 92 -15.40 -55.19 -0.77
N GLU E 93 -14.10 -55.01 -0.93
CA GLU E 93 -13.40 -55.46 -2.14
C GLU E 93 -12.92 -56.91 -1.99
N LYS E 94 -13.40 -57.58 -0.96
CA LYS E 94 -13.06 -58.98 -0.73
C LYS E 94 -14.32 -59.84 -0.56
N GLU E 95 -15.48 -59.20 -0.62
CA GLU E 95 -16.75 -59.91 -0.48
C GLU E 95 -16.85 -60.64 0.85
N ILE E 96 -15.96 -60.31 1.79
CA ILE E 96 -15.98 -60.93 3.11
C ILE E 96 -16.78 -60.07 4.09
N PRO E 97 -17.97 -60.55 4.49
CA PRO E 97 -18.86 -59.80 5.37
C PRO E 97 -18.14 -59.20 6.58
N HIS E 98 -18.61 -58.03 7.02
CA HIS E 98 -18.00 -57.32 8.13
C HIS E 98 -19.05 -56.97 9.18
N ILE E 99 -19.00 -57.65 10.32
CA ILE E 99 -19.95 -57.41 11.40
C ILE E 99 -19.51 -56.25 12.28
N LYS E 100 -19.87 -55.04 11.88
CA LYS E 100 -19.53 -53.85 12.66
C LYS E 100 -20.34 -53.80 13.95
N VAL E 101 -19.67 -53.51 15.05
CA VAL E 101 -20.34 -53.44 16.35
C VAL E 101 -19.66 -52.46 17.29
N GLY E 102 -19.79 -51.17 16.99
CA GLY E 102 -19.19 -50.14 17.80
C GLY E 102 -19.40 -48.75 17.23
N PRO E 103 -18.31 -48.08 16.82
CA PRO E 103 -18.40 -46.71 16.32
C PRO E 103 -19.21 -46.63 15.03
N GLU E 104 -19.44 -45.40 14.56
CA GLU E 104 -20.18 -45.19 13.32
C GLU E 104 -20.12 -43.71 12.95
N GLU E 105 -19.38 -43.40 11.90
CA GLU E 105 -19.24 -42.02 11.44
C GLU E 105 -19.08 -41.95 9.93
N THR E 106 -19.69 -40.95 9.32
CA THR E 106 -19.60 -40.72 7.88
C THR E 106 -19.82 -42.00 7.08
N PRO E 107 -21.09 -42.31 6.78
CA PRO E 107 -21.44 -43.53 6.04
C PRO E 107 -20.94 -43.50 4.59
N LEU E 112 -20.99 -46.70 -3.98
CA LEU E 112 -19.71 -47.24 -3.53
C LEU E 112 -19.89 -48.66 -3.02
N ARG E 113 -18.79 -49.40 -2.95
CA ARG E 113 -18.81 -50.79 -2.49
C ARG E 113 -19.40 -50.90 -1.09
N PHE E 114 -20.43 -51.73 -0.95
CA PHE E 114 -21.07 -51.95 0.35
C PHE E 114 -21.31 -53.43 0.58
N ALA E 115 -20.94 -53.91 1.77
CA ALA E 115 -21.10 -55.32 2.12
C ALA E 115 -20.77 -55.55 3.59
N SER E 116 -21.69 -55.15 4.47
CA SER E 116 -21.49 -55.30 5.91
C SER E 116 -22.75 -54.95 6.70
N VAL E 117 -22.89 -55.56 7.87
CA VAL E 117 -24.04 -55.32 8.73
C VAL E 117 -23.59 -54.93 10.14
N SER E 118 -24.42 -54.16 10.83
CA SER E 118 -24.08 -53.69 12.17
C SER E 118 -25.16 -53.99 13.19
N LEU E 119 -24.75 -54.49 14.36
CA LEU E 119 -25.67 -54.77 15.44
C LEU E 119 -25.91 -53.54 16.30
N TYR E 120 -24.89 -52.70 16.40
CA TYR E 120 -24.97 -51.48 17.20
C TYR E 120 -26.02 -50.54 16.63
N PRO E 121 -26.88 -49.98 17.49
CA PRO E 121 -27.93 -49.05 17.06
C PRO E 121 -27.38 -47.90 16.22
N SER E 122 -27.92 -47.73 15.02
CA SER E 122 -27.48 -46.68 14.11
C SER E 122 -27.68 -45.30 14.73
N ASN E 123 -26.92 -44.32 14.25
CA ASN E 123 -27.02 -42.96 14.76
C ASN E 123 -28.39 -42.34 14.49
N GLU E 124 -29.17 -42.99 13.64
CA GLU E 124 -30.51 -42.51 13.33
C GLU E 124 -31.48 -42.88 14.44
N ASP E 125 -31.40 -44.13 14.91
CA ASP E 125 -32.29 -44.62 15.96
C ASP E 125 -31.96 -44.01 17.31
N VAL E 126 -30.68 -43.74 17.54
CA VAL E 126 -30.23 -43.15 18.79
C VAL E 126 -30.76 -41.73 18.92
N SER E 127 -30.72 -40.99 17.82
CA SER E 127 -31.19 -39.60 17.80
C SER E 127 -32.72 -39.56 17.82
N LEU E 128 -33.35 -40.56 17.20
CA LEU E 128 -34.80 -40.63 17.14
C LEU E 128 -35.35 -41.00 18.51
N ALA E 129 -34.56 -41.74 19.28
CA ALA E 129 -34.96 -42.14 20.62
C ALA E 129 -34.97 -40.93 21.55
N VAL E 130 -33.88 -40.16 21.51
CA VAL E 130 -33.78 -38.97 22.33
C VAL E 130 -34.84 -37.95 21.94
N SER E 131 -35.28 -38.01 20.69
CA SER E 131 -36.30 -37.11 20.19
C SER E 131 -37.68 -37.51 20.72
N ARG E 132 -37.91 -38.80 20.84
CA ARG E 132 -39.18 -39.32 21.33
C ARG E 132 -39.32 -39.10 22.84
N ILE E 133 -38.19 -39.05 23.53
CA ILE E 133 -38.21 -38.81 24.97
C ILE E 133 -38.63 -37.38 25.26
N LEU E 134 -37.99 -36.43 24.56
CA LEU E 134 -38.32 -35.03 24.71
C LEU E 134 -39.78 -34.78 24.33
N LYS E 135 -40.35 -35.69 23.55
CA LYS E 135 -41.72 -35.56 23.09
C LYS E 135 -42.70 -35.57 24.27
N SER E 136 -42.42 -36.43 25.25
CA SER E 136 -43.28 -36.55 26.42
C SER E 136 -43.05 -35.41 27.42
N PHE E 137 -42.27 -34.42 27.02
CA PHE E 137 -41.98 -33.27 27.88
C PHE E 137 -42.27 -31.96 27.15
N ASN E 138 -42.96 -32.05 26.02
CA ASN E 138 -43.29 -30.88 25.21
C ASN E 138 -42.04 -30.15 24.71
N TYR E 139 -40.95 -30.89 24.56
CA TYR E 139 -39.70 -30.36 24.06
C TYR E 139 -39.27 -29.11 24.86
N PRO E 140 -38.87 -29.32 26.12
CA PRO E 140 -38.38 -28.22 26.96
C PRO E 140 -37.11 -27.60 26.40
N SER E 141 -36.51 -26.69 27.16
CA SER E 141 -35.27 -26.05 26.75
C SER E 141 -34.15 -27.07 26.70
N ALA E 142 -33.81 -27.52 25.49
CA ALA E 142 -32.74 -28.50 25.31
C ALA E 142 -31.38 -27.83 25.38
N SER E 143 -30.36 -28.60 25.77
CA SER E 143 -29.01 -28.09 25.87
C SER E 143 -28.01 -29.23 25.94
N LEU E 144 -27.76 -29.87 24.81
CA LEU E 144 -26.82 -30.99 24.75
C LEU E 144 -25.41 -30.55 25.14
N ILE E 145 -24.76 -31.36 25.98
CA ILE E 145 -23.39 -31.10 26.39
C ILE E 145 -22.45 -31.98 25.60
N CYS E 146 -22.26 -31.66 24.32
CA CYS E 146 -21.40 -32.44 23.45
C CYS E 146 -20.00 -32.56 24.05
N ALA E 147 -19.44 -33.77 24.01
CA ALA E 147 -18.11 -34.01 24.56
C ALA E 147 -17.04 -33.83 23.49
N LYS E 148 -17.36 -34.17 22.24
CA LYS E 148 -16.41 -33.97 21.15
C LYS E 148 -17.11 -33.46 19.90
N ALA E 149 -16.36 -33.50 18.78
CA ALA E 149 -16.88 -33.06 17.49
C ALA E 149 -17.80 -34.10 16.87
N GLU E 150 -17.46 -35.38 17.07
CA GLU E 150 -18.26 -36.48 16.52
C GLU E 150 -19.64 -36.51 17.17
N CYS E 151 -19.78 -35.78 18.27
CA CYS E 151 -21.04 -35.70 18.99
C CYS E 151 -22.14 -35.08 18.13
N LEU E 152 -21.74 -34.37 17.08
CA LEU E 152 -22.69 -33.73 16.18
C LEU E 152 -23.11 -34.64 15.05
N LEU E 153 -22.28 -35.64 14.76
CA LEU E 153 -22.56 -36.57 13.66
C LEU E 153 -23.41 -37.74 14.16
N ARG E 154 -23.06 -38.27 15.33
CA ARG E 154 -23.80 -39.39 15.90
C ARG E 154 -25.20 -38.96 16.31
N LEU E 155 -25.39 -37.66 16.52
CA LEU E 155 -26.70 -37.12 16.85
C LEU E 155 -27.14 -36.11 15.80
N GLU E 156 -26.79 -36.38 14.54
CA GLU E 156 -27.09 -35.48 13.44
C GLU E 156 -28.59 -35.29 13.27
N GLU E 157 -29.33 -36.40 13.22
CA GLU E 157 -30.76 -36.37 13.02
C GLU E 157 -31.49 -35.61 14.13
N LEU E 158 -30.84 -35.48 15.27
CA LEU E 158 -31.44 -34.80 16.42
C LEU E 158 -31.22 -33.29 16.34
N VAL E 159 -29.99 -32.89 16.03
CA VAL E 159 -29.64 -31.48 15.99
C VAL E 159 -30.39 -30.75 14.89
N ARG E 160 -30.58 -31.42 13.76
CA ARG E 160 -31.29 -30.84 12.63
C ARG E 160 -32.80 -30.82 12.88
N GLY E 161 -33.27 -31.75 13.71
CA GLY E 161 -34.69 -31.90 13.97
C GLY E 161 -35.33 -30.67 14.57
N PHE E 162 -34.64 -30.04 15.53
CA PHE E 162 -35.19 -28.89 16.23
C PHE E 162 -34.41 -27.63 15.94
N LEU E 163 -35.06 -26.48 16.13
CA LEU E 163 -34.42 -25.19 15.96
C LEU E 163 -33.24 -25.08 16.92
N ILE E 164 -32.26 -24.25 16.56
CA ILE E 164 -31.08 -24.06 17.39
C ILE E 164 -31.08 -22.67 18.02
N SER E 165 -31.41 -22.61 19.30
CA SER E 165 -31.44 -21.35 20.03
C SER E 165 -31.41 -21.59 21.54
N LYS E 166 -31.67 -20.55 22.31
CA LYS E 166 -31.67 -20.66 23.77
C LYS E 166 -33.02 -21.14 24.29
N GLU E 167 -34.03 -21.05 23.45
CA GLU E 167 -35.39 -21.41 23.87
C GLU E 167 -35.81 -22.80 23.39
N THR E 168 -35.02 -23.40 22.50
CA THR E 168 -35.37 -24.69 21.93
C THR E 168 -34.26 -25.73 22.07
N LEU E 169 -33.05 -25.38 21.62
CA LEU E 169 -31.93 -26.33 21.63
C LEU E 169 -30.59 -25.64 21.42
N SER E 170 -29.73 -25.70 22.42
CA SER E 170 -28.40 -25.11 22.33
C SER E 170 -27.34 -26.19 22.53
N VAL E 171 -26.27 -26.11 21.74
CA VAL E 171 -25.20 -27.11 21.82
C VAL E 171 -23.92 -26.51 22.37
N ARG E 172 -23.33 -27.21 23.34
CA ARG E 172 -22.11 -26.74 23.98
C ARG E 172 -21.08 -27.87 24.02
N MET E 173 -19.90 -27.64 23.44
CA MET E 173 -18.85 -28.64 23.38
C MET E 173 -17.86 -28.47 24.54
N LEU E 174 -17.32 -29.59 25.02
CA LEU E 174 -16.36 -29.59 26.12
C LEU E 174 -14.94 -29.70 25.60
N ASP E 175 -14.16 -28.64 25.79
CA ASP E 175 -12.77 -28.62 25.33
C ASP E 175 -11.94 -29.63 26.11
N ASP E 176 -10.91 -30.19 25.48
CA ASP E 176 -10.07 -31.22 26.10
C ASP E 176 -9.21 -30.66 27.22
N SER E 177 -9.14 -31.41 28.33
CA SER E 177 -8.41 -30.98 29.52
C SER E 177 -9.11 -29.79 30.18
N ARG E 178 -10.05 -29.20 29.44
CA ARG E 178 -11.06 -28.34 30.01
C ARG E 178 -12.15 -29.31 30.44
N ASP E 179 -12.78 -29.05 31.58
CA ASP E 179 -13.74 -29.99 32.13
C ASP E 179 -15.14 -29.38 32.12
N PRO E 180 -16.14 -30.13 32.62
CA PRO E 180 -17.50 -29.61 32.62
C PRO E 180 -17.76 -28.68 33.80
N THR E 181 -17.24 -27.46 33.72
CA THR E 181 -17.41 -26.47 34.77
C THR E 181 -18.28 -25.29 34.33
N PRO E 182 -17.76 -24.47 33.41
CA PRO E 182 -18.48 -23.24 33.03
C PRO E 182 -19.76 -23.61 32.32
N LEU E 183 -19.74 -24.80 31.73
CA LEU E 183 -20.84 -25.28 30.94
C LEU E 183 -22.14 -25.25 31.75
N LEU E 184 -22.27 -26.17 32.70
CA LEU E 184 -23.46 -26.27 33.53
C LEU E 184 -23.87 -24.91 34.07
N LYS E 185 -22.89 -24.04 34.28
CA LYS E 185 -23.14 -22.69 34.78
C LYS E 185 -23.99 -21.90 33.78
N GLU E 186 -23.55 -21.87 32.53
CA GLU E 186 -24.27 -21.16 31.48
C GLU E 186 -25.68 -21.71 31.32
N ILE E 187 -25.83 -23.00 31.58
CA ILE E 187 -27.14 -23.65 31.50
C ILE E 187 -28.08 -23.03 32.53
N ARG E 188 -27.56 -22.77 33.72
CA ARG E 188 -28.35 -22.18 34.79
C ARG E 188 -28.77 -20.75 34.44
N ASP E 189 -27.91 -20.05 33.70
CA ASP E 189 -28.18 -18.68 33.29
C ASP E 189 -29.38 -18.62 32.34
N ASP E 190 -29.42 -19.57 31.40
CA ASP E 190 -30.51 -19.63 30.42
C ASP E 190 -31.69 -20.44 30.95
N LYS E 191 -31.79 -20.54 32.29
CA LYS E 191 -32.86 -21.28 32.93
C LYS E 191 -33.23 -22.54 32.16
N VAL E 192 -32.22 -23.28 31.72
CA VAL E 192 -32.42 -24.52 30.99
C VAL E 192 -32.65 -25.66 31.98
N SER E 193 -33.66 -26.49 31.69
CA SER E 193 -33.99 -27.61 32.57
C SER E 193 -33.47 -28.93 32.01
N THR E 194 -33.73 -29.18 30.73
CA THR E 194 -33.32 -30.42 30.09
C THR E 194 -31.88 -30.34 29.59
N ILE E 195 -31.11 -31.38 29.86
CA ILE E 195 -29.72 -31.45 29.44
C ILE E 195 -29.39 -32.84 28.95
N ILE E 196 -28.85 -32.94 27.74
CA ILE E 196 -28.53 -34.22 27.13
C ILE E 196 -27.04 -34.35 26.89
N ILE E 197 -26.35 -35.08 27.76
CA ILE E 197 -24.91 -35.28 27.65
C ILE E 197 -24.58 -36.44 26.72
N ASP E 198 -23.48 -36.30 25.98
CA ASP E 198 -23.06 -37.32 25.03
C ASP E 198 -21.56 -37.60 25.15
N ALA E 199 -21.21 -38.73 25.76
CA ALA E 199 -19.81 -39.12 25.94
C ALA E 199 -19.72 -40.55 26.43
N ASN E 200 -18.50 -41.02 26.66
CA ASN E 200 -18.28 -42.37 27.18
C ASN E 200 -18.68 -42.47 28.65
N ALA E 201 -18.58 -43.68 29.20
CA ALA E 201 -18.97 -43.91 30.59
C ALA E 201 -18.18 -43.05 31.56
N SER E 202 -16.99 -42.62 31.14
CA SER E 202 -16.13 -41.81 31.99
C SER E 202 -16.65 -40.38 32.12
N ILE E 203 -16.73 -39.67 31.01
CA ILE E 203 -17.16 -38.29 31.00
C ILE E 203 -18.62 -38.16 31.43
N SER E 204 -19.37 -39.25 31.29
CA SER E 204 -20.78 -39.26 31.68
C SER E 204 -20.91 -39.20 33.20
N HIS E 205 -19.99 -39.86 33.88
CA HIS E 205 -19.98 -39.86 35.35
C HIS E 205 -19.38 -38.57 35.87
N LEU E 206 -18.45 -38.00 35.11
CA LEU E 206 -17.70 -36.83 35.53
C LEU E 206 -18.52 -35.54 35.40
N VAL E 207 -19.22 -35.41 34.28
CA VAL E 207 -20.03 -34.23 34.02
C VAL E 207 -21.12 -34.03 35.07
N LEU E 208 -21.69 -35.15 35.53
CA LEU E 208 -22.78 -35.10 36.50
C LEU E 208 -22.26 -34.91 37.92
N ARG E 209 -20.97 -35.20 38.12
CA ARG E 209 -20.36 -35.14 39.43
C ARG E 209 -20.26 -33.71 39.93
N LYS E 210 -19.58 -32.85 39.17
CA LYS E 210 -19.46 -31.44 39.52
C LYS E 210 -20.77 -30.70 39.22
N ALA E 211 -21.77 -31.44 38.77
CA ALA E 211 -23.09 -30.88 38.48
C ALA E 211 -24.00 -30.97 39.70
N SER E 212 -23.97 -32.13 40.36
CA SER E 212 -24.83 -32.38 41.49
C SER E 212 -24.50 -31.44 42.65
N GLU E 213 -23.29 -30.89 42.63
CA GLU E 213 -22.86 -29.96 43.67
C GLU E 213 -23.22 -28.53 43.31
N LEU E 214 -24.19 -28.37 42.43
CA LEU E 214 -24.68 -27.06 42.01
C LEU E 214 -26.21 -27.02 42.05
N GLY E 215 -26.81 -28.03 42.68
CA GLY E 215 -28.25 -28.14 42.70
C GLY E 215 -28.81 -28.63 41.38
N MET E 216 -27.90 -29.02 40.48
CA MET E 216 -28.30 -29.51 39.16
C MET E 216 -28.85 -30.93 39.27
N THR E 217 -28.72 -31.52 40.44
CA THR E 217 -29.16 -32.89 40.68
C THR E 217 -30.60 -32.95 41.17
N SER E 218 -31.21 -31.78 41.39
CA SER E 218 -32.58 -31.71 41.88
C SER E 218 -33.55 -32.32 40.88
N ALA E 219 -34.80 -32.47 41.29
CA ALA E 219 -35.84 -33.01 40.41
C ALA E 219 -36.29 -31.97 39.39
N PHE E 220 -35.83 -30.74 39.58
CA PHE E 220 -36.19 -29.65 38.69
C PHE E 220 -35.62 -29.88 37.29
N TYR E 221 -34.44 -30.49 37.24
CA TYR E 221 -33.76 -30.74 35.97
C TYR E 221 -33.98 -32.17 35.49
N LYS E 222 -33.71 -32.40 34.21
CA LYS E 222 -33.89 -33.71 33.61
C LYS E 222 -32.76 -34.00 32.63
N TYR E 223 -32.07 -35.11 32.83
CA TYR E 223 -30.93 -35.47 32.00
C TYR E 223 -31.21 -36.69 31.13
N ILE E 224 -30.51 -36.79 30.01
CA ILE E 224 -30.66 -37.92 29.10
C ILE E 224 -29.29 -38.35 28.58
N LEU E 225 -28.83 -39.52 28.99
CA LEU E 225 -27.54 -40.03 28.55
C LEU E 225 -27.68 -40.87 27.29
N THR E 226 -26.92 -40.50 26.26
CA THR E 226 -26.93 -41.24 25.01
C THR E 226 -25.97 -42.43 25.07
N THR E 227 -25.00 -42.35 25.97
CA THR E 227 -24.06 -43.43 26.18
C THR E 227 -24.79 -44.73 26.46
N MET E 228 -24.36 -45.81 25.82
CA MET E 228 -25.01 -47.11 25.99
C MET E 228 -24.45 -47.86 27.19
N ASP E 229 -23.35 -47.36 27.74
CA ASP E 229 -22.75 -47.94 28.94
C ASP E 229 -23.40 -47.35 30.19
N PHE E 230 -24.73 -47.25 30.17
CA PHE E 230 -25.48 -46.66 31.28
C PHE E 230 -25.72 -47.67 32.40
N PRO E 231 -26.15 -48.89 32.05
CA PRO E 231 -26.39 -49.93 33.06
C PRO E 231 -25.17 -50.23 33.93
N ILE E 232 -23.98 -49.99 33.39
CA ILE E 232 -22.74 -50.23 34.15
C ILE E 232 -22.27 -48.96 34.85
N LEU E 233 -22.76 -47.82 34.38
CA LEU E 233 -22.43 -46.53 34.97
C LEU E 233 -23.06 -46.37 36.35
N HIS E 234 -22.31 -46.70 37.38
CA HIS E 234 -22.81 -46.60 38.75
C HIS E 234 -22.48 -45.24 39.36
N LEU E 235 -23.52 -44.53 39.79
CA LEU E 235 -23.37 -43.21 40.39
C LEU E 235 -23.60 -43.29 41.90
N ASP E 236 -22.52 -43.33 42.67
CA ASP E 236 -22.61 -43.45 44.12
C ASP E 236 -22.13 -42.17 44.79
N GLY E 237 -23.04 -41.46 45.44
CA GLY E 237 -22.71 -40.23 46.15
C GLY E 237 -22.92 -38.98 45.30
N ILE E 238 -23.52 -39.16 44.13
CA ILE E 238 -23.80 -38.04 43.24
C ILE E 238 -25.29 -37.94 42.92
N VAL E 239 -26.02 -39.02 43.17
CA VAL E 239 -27.44 -39.07 42.87
C VAL E 239 -28.28 -38.88 44.13
N GLU E 240 -29.58 -38.67 43.93
CA GLU E 240 -30.50 -38.48 45.04
C GLU E 240 -31.77 -39.29 44.79
N ASP E 241 -32.83 -38.97 45.52
CA ASP E 241 -34.10 -39.66 45.38
C ASP E 241 -35.04 -38.90 44.45
N SER E 242 -34.69 -37.63 44.18
CA SER E 242 -35.52 -36.78 43.33
C SER E 242 -34.84 -36.54 41.99
N SER E 243 -33.57 -36.90 41.89
CA SER E 243 -32.78 -36.71 40.68
C SER E 243 -33.44 -37.39 39.49
N ASN E 244 -33.21 -36.84 38.30
CA ASN E 244 -33.73 -37.42 37.06
C ASN E 244 -32.61 -37.67 36.07
N ILE E 245 -32.16 -38.92 35.99
CA ILE E 245 -31.08 -39.29 35.08
C ILE E 245 -31.48 -40.52 34.27
N LEU E 246 -31.89 -40.29 33.03
CA LEU E 246 -32.30 -41.38 32.15
C LEU E 246 -31.09 -42.00 31.47
N GLY E 247 -31.33 -43.10 30.75
CA GLY E 247 -30.27 -43.79 30.05
C GLY E 247 -30.82 -44.78 29.04
N PHE E 248 -29.95 -45.65 28.53
CA PHE E 248 -30.37 -46.65 27.56
C PHE E 248 -29.74 -48.01 27.86
N SER E 249 -30.39 -49.07 27.38
CA SER E 249 -29.90 -50.42 27.58
C SER E 249 -30.53 -51.38 26.56
N MET E 250 -29.85 -52.50 26.31
CA MET E 250 -30.35 -53.50 25.38
C MET E 250 -30.31 -54.90 25.97
N PHE E 251 -29.76 -55.02 27.17
CA PHE E 251 -29.64 -56.32 27.83
C PHE E 251 -31.01 -56.94 28.07
N ASN E 252 -31.32 -58.00 27.35
CA ASN E 252 -32.60 -58.69 27.49
C ASN E 252 -32.48 -59.87 28.44
N THR E 253 -33.07 -59.74 29.63
CA THR E 253 -33.01 -60.78 30.63
C THR E 253 -33.76 -62.04 30.18
N SER E 254 -34.53 -61.90 29.11
CA SER E 254 -35.30 -63.01 28.56
C SER E 254 -34.39 -64.19 28.19
N HIS E 255 -33.11 -63.92 27.99
CA HIS E 255 -32.15 -64.95 27.65
C HIS E 255 -31.67 -65.66 28.90
N PRO E 256 -31.96 -66.97 29.02
CA PRO E 256 -31.57 -67.77 30.19
C PRO E 256 -30.07 -67.86 30.44
N PHE E 257 -29.27 -67.52 29.43
CA PHE E 257 -27.81 -67.59 29.54
C PHE E 257 -27.25 -66.26 30.04
N TYR E 258 -28.12 -65.28 30.20
CA TYR E 258 -27.73 -63.95 30.65
C TYR E 258 -27.08 -64.01 32.04
N PRO E 259 -27.73 -64.68 33.00
CA PRO E 259 -27.16 -64.80 34.35
C PRO E 259 -25.77 -65.43 34.36
N GLU E 260 -25.56 -66.44 33.52
CA GLU E 260 -24.27 -67.12 33.47
C GLU E 260 -23.21 -66.22 32.84
N PHE E 261 -23.64 -65.39 31.89
CA PHE E 261 -22.74 -64.49 31.20
C PHE E 261 -22.14 -63.47 32.17
N VAL E 262 -23.00 -62.81 32.94
CA VAL E 262 -22.57 -61.81 33.89
C VAL E 262 -21.65 -62.42 34.94
N ARG E 263 -21.84 -63.71 35.20
CA ARG E 263 -21.05 -64.42 36.19
C ARG E 263 -19.59 -64.51 35.78
N SER E 264 -19.35 -64.83 34.51
CA SER E 264 -17.99 -64.99 34.00
C SER E 264 -17.17 -63.71 34.13
N LEU E 265 -17.78 -62.59 33.79
CA LEU E 265 -17.08 -61.30 33.84
C LEU E 265 -16.95 -60.79 35.28
N ASN E 266 -17.91 -61.15 36.12
CA ASN E 266 -17.92 -60.68 37.50
C ASN E 266 -16.73 -61.24 38.29
N MET E 267 -16.37 -62.48 37.99
CA MET E 267 -15.26 -63.14 38.67
C MET E 267 -13.93 -62.84 37.99
N SER E 268 -13.93 -62.98 36.66
CA SER E 268 -12.73 -62.75 35.87
C SER E 268 -12.14 -61.37 36.12
N TRP E 269 -13.00 -60.43 36.53
CA TRP E 269 -12.56 -59.06 36.76
C TRP E 269 -11.54 -58.99 37.89
N ARG E 270 -11.92 -59.45 39.07
CA ARG E 270 -11.02 -59.45 40.22
C ARG E 270 -10.24 -60.77 40.30
N GLU E 271 -10.18 -61.48 39.18
CA GLU E 271 -9.41 -62.71 39.11
C GLU E 271 -8.11 -62.44 38.37
N ASN E 272 -8.12 -61.40 37.54
CA ASN E 272 -6.92 -60.95 36.83
C ASN E 272 -6.51 -59.53 37.22
N CYS E 273 -7.51 -58.72 37.54
CA CYS E 273 -7.30 -57.31 37.91
C CYS E 273 -8.27 -56.87 39.00
N GLU E 274 -7.85 -57.02 40.25
CA GLU E 274 -8.66 -56.62 41.42
C GLU E 274 -8.39 -55.20 41.84
N ALA E 275 -7.54 -54.49 41.09
CA ALA E 275 -7.25 -53.11 41.45
C ALA E 275 -8.51 -52.24 41.37
N SER E 276 -9.64 -52.88 41.18
CA SER E 276 -10.92 -52.19 41.15
C SER E 276 -12.08 -53.18 41.25
N THR E 277 -13.29 -52.65 41.43
CA THR E 277 -14.50 -53.47 41.48
C THR E 277 -15.05 -53.72 40.07
N TYR E 278 -16.07 -54.58 39.97
CA TYR E 278 -16.67 -54.92 38.68
C TYR E 278 -17.93 -54.09 38.42
N PRO E 279 -17.86 -53.14 37.49
CA PRO E 279 -18.99 -52.28 37.15
C PRO E 279 -20.22 -53.09 36.68
N GLY E 280 -20.07 -53.82 35.58
CA GLY E 280 -21.16 -54.60 35.04
C GLY E 280 -20.94 -55.00 33.60
N PRO E 281 -21.79 -55.89 33.08
CA PRO E 281 -21.68 -56.37 31.69
C PRO E 281 -21.55 -55.23 30.69
N ALA E 282 -20.43 -55.18 29.98
CA ALA E 282 -20.19 -54.13 29.01
C ALA E 282 -21.02 -54.36 27.77
N LEU E 283 -21.40 -53.27 27.11
CA LEU E 283 -22.21 -53.35 25.89
C LEU E 283 -21.39 -53.95 24.75
N SER E 284 -20.09 -53.68 24.76
CA SER E 284 -19.18 -54.20 23.74
C SER E 284 -19.18 -55.72 23.73
N ALA E 285 -18.98 -56.32 24.91
CA ALA E 285 -18.95 -57.77 25.04
C ALA E 285 -20.28 -58.38 24.63
N ALA E 286 -21.36 -57.67 24.90
CA ALA E 286 -22.70 -58.14 24.57
C ALA E 286 -22.86 -58.30 23.07
N LEU E 287 -22.40 -57.31 22.32
CA LEU E 287 -22.50 -57.33 20.87
C LEU E 287 -21.61 -58.41 20.27
N MET E 288 -20.43 -58.58 20.85
CA MET E 288 -19.49 -59.59 20.39
C MET E 288 -20.09 -60.98 20.51
N PHE E 289 -20.77 -61.23 21.62
CA PHE E 289 -21.34 -62.54 21.89
C PHE E 289 -22.38 -62.90 20.84
N ASP E 290 -23.40 -62.05 20.70
CA ASP E 290 -24.46 -62.30 19.73
C ASP E 290 -23.92 -62.31 18.31
N ALA E 291 -22.86 -61.55 18.07
CA ALA E 291 -22.28 -61.43 16.74
C ALA E 291 -21.86 -62.80 16.24
N VAL E 292 -21.06 -63.51 17.02
CA VAL E 292 -20.55 -64.82 16.63
C VAL E 292 -21.70 -65.75 16.27
N HIS E 293 -22.80 -65.65 17.02
CA HIS E 293 -23.95 -66.51 16.78
C HIS E 293 -24.63 -66.17 15.46
N VAL E 294 -24.74 -64.87 15.16
CA VAL E 294 -25.39 -64.42 13.94
C VAL E 294 -24.62 -64.93 12.72
N VAL E 295 -23.30 -64.90 12.81
CA VAL E 295 -22.45 -65.34 11.72
C VAL E 295 -22.68 -66.82 11.45
N VAL E 296 -22.44 -67.64 12.46
CA VAL E 296 -22.61 -69.09 12.32
C VAL E 296 -24.04 -69.45 11.92
N SER E 297 -24.97 -68.55 12.22
CA SER E 297 -26.38 -68.77 11.90
C SER E 297 -26.61 -68.66 10.39
N ALA E 298 -26.08 -67.61 9.80
CA ALA E 298 -26.24 -67.36 8.36
C ALA E 298 -25.46 -68.40 7.56
N VAL E 299 -24.27 -68.75 8.04
CA VAL E 299 -23.43 -69.74 7.38
C VAL E 299 -24.09 -71.11 7.45
N ARG E 300 -24.81 -71.37 8.54
CA ARG E 300 -25.50 -72.63 8.71
C ARG E 300 -26.57 -72.78 7.64
N GLU E 301 -27.24 -71.68 7.31
CA GLU E 301 -28.30 -71.68 6.31
C GLU E 301 -27.72 -71.70 4.90
N LEU E 302 -26.55 -71.10 4.73
CA LEU E 302 -25.90 -71.04 3.43
C LEU E 302 -25.25 -72.38 3.11
N ASN E 303 -24.96 -73.16 4.14
CA ASN E 303 -24.37 -74.48 3.97
C ASN E 303 -25.44 -75.51 3.63
N ARG E 304 -26.69 -75.06 3.60
CA ARG E 304 -27.82 -75.91 3.28
C ARG E 304 -28.18 -75.79 1.79
N SER E 305 -27.86 -74.64 1.20
CA SER E 305 -28.18 -74.38 -0.20
C SER E 305 -26.96 -74.60 -1.09
N GLN E 306 -25.86 -73.95 -0.75
CA GLN E 306 -24.61 -74.10 -1.50
C GLN E 306 -23.49 -74.56 -0.57
N GLU E 307 -22.74 -75.57 -1.01
CA GLU E 307 -21.56 -76.01 -0.27
C GLU E 307 -20.62 -74.83 -0.11
N ILE E 308 -20.23 -74.53 1.13
CA ILE E 308 -19.41 -73.36 1.41
C ILE E 308 -17.92 -73.72 1.49
N GLY E 309 -17.14 -73.12 0.61
CA GLY E 309 -15.71 -73.32 0.59
C GLY E 309 -14.97 -71.99 0.68
N VAL E 310 -14.08 -71.88 1.67
CA VAL E 310 -13.28 -70.67 1.84
C VAL E 310 -11.87 -70.87 1.29
N LYS E 311 -11.49 -70.03 0.35
CA LYS E 311 -10.17 -70.13 -0.27
C LYS E 311 -9.31 -68.93 0.13
N PRO E 312 -8.08 -69.20 0.59
CA PRO E 312 -7.14 -68.17 1.04
C PRO E 312 -7.00 -67.01 0.06
N LEU E 313 -7.24 -65.79 0.54
CA LEU E 313 -7.11 -64.59 -0.27
C LEU E 313 -5.84 -63.84 0.10
N ALA E 314 -5.72 -62.60 -0.33
CA ALA E 314 -4.56 -61.77 0.00
C ALA E 314 -4.79 -60.31 -0.41
N CYS E 315 -3.95 -59.42 0.12
CA CYS E 315 -4.05 -58.00 -0.22
C CYS E 315 -3.49 -57.72 -1.61
N THR E 316 -2.60 -58.60 -2.07
CA THR E 316 -2.00 -58.45 -3.40
C THR E 316 -2.94 -58.94 -4.49
N SER E 317 -3.57 -60.09 -4.26
CA SER E 317 -4.47 -60.67 -5.26
C SER E 317 -5.80 -59.93 -5.26
N ALA E 318 -6.34 -59.72 -6.46
CA ALA E 318 -7.61 -59.02 -6.61
C ALA E 318 -8.77 -60.02 -6.59
N ASN E 319 -8.56 -61.16 -5.95
CA ASN E 319 -9.59 -62.19 -5.85
C ASN E 319 -10.61 -61.84 -4.78
N ILE E 320 -11.77 -62.48 -4.84
CA ILE E 320 -12.82 -62.26 -3.86
C ILE E 320 -13.43 -63.60 -3.44
N TRP E 321 -14.08 -63.60 -2.28
CA TRP E 321 -14.73 -64.81 -1.77
C TRP E 321 -16.04 -65.03 -2.51
N PRO E 322 -16.10 -66.08 -3.35
CA PRO E 322 -17.30 -66.37 -4.14
C PRO E 322 -18.58 -66.42 -3.31
N HIS E 323 -18.52 -67.02 -2.12
CA HIS E 323 -19.67 -67.12 -1.25
C HIS E 323 -19.82 -65.86 -0.39
N GLY E 324 -19.43 -64.72 -0.94
CA GLY E 324 -19.50 -63.46 -0.23
C GLY E 324 -20.90 -62.87 -0.27
N THR E 325 -21.34 -62.49 -1.47
CA THR E 325 -22.67 -61.93 -1.65
C THR E 325 -23.73 -62.92 -1.17
N SER E 326 -23.44 -64.20 -1.29
CA SER E 326 -24.37 -65.24 -0.86
C SER E 326 -24.62 -65.16 0.64
N LEU E 327 -23.54 -65.18 1.41
CA LEU E 327 -23.64 -65.12 2.87
C LEU E 327 -24.23 -63.80 3.33
N MET E 328 -24.07 -62.76 2.50
CA MET E 328 -24.55 -61.43 2.86
C MET E 328 -26.07 -61.40 2.93
N ASN E 329 -26.71 -62.18 2.06
CA ASN E 329 -28.17 -62.28 2.05
C ASN E 329 -28.69 -63.07 3.24
N TYR E 330 -27.90 -64.05 3.68
CA TYR E 330 -28.27 -64.88 4.83
C TYR E 330 -27.97 -64.17 6.14
N LEU E 331 -27.09 -63.18 6.09
CA LEU E 331 -26.81 -62.34 7.25
C LEU E 331 -27.83 -61.21 7.31
N ARG E 332 -28.79 -61.26 6.39
CA ARG E 332 -29.84 -60.25 6.32
C ARG E 332 -31.13 -60.81 6.89
N MET E 333 -31.36 -62.10 6.66
CA MET E 333 -32.57 -62.77 7.11
C MET E 333 -32.32 -63.51 8.42
N VAL E 334 -31.48 -62.93 9.27
CA VAL E 334 -31.14 -63.56 10.54
C VAL E 334 -32.18 -63.25 11.60
N GLU E 335 -32.46 -64.25 12.44
CA GLU E 335 -33.41 -64.08 13.53
C GLU E 335 -32.86 -64.74 14.79
N TYR E 336 -31.99 -64.01 15.50
CA TYR E 336 -31.35 -64.55 16.70
C TYR E 336 -31.70 -63.74 17.94
N ASP E 337 -32.08 -64.44 19.01
CA ASP E 337 -32.42 -63.80 20.28
C ASP E 337 -31.25 -63.91 21.25
N GLY E 338 -30.43 -62.88 21.31
CA GLY E 338 -29.25 -62.89 22.15
C GLY E 338 -29.37 -61.99 23.36
N LEU E 339 -28.22 -61.56 23.89
CA LEU E 339 -28.17 -60.70 25.06
C LEU E 339 -28.41 -59.24 24.70
N THR E 340 -29.11 -59.02 23.59
CA THR E 340 -29.38 -57.67 23.13
C THR E 340 -30.79 -57.53 22.54
N GLY E 341 -31.55 -58.62 22.58
CA GLY E 341 -32.91 -58.62 22.05
C GLY E 341 -32.98 -59.28 20.69
N ARG E 342 -34.03 -58.96 19.92
CA ARG E 342 -34.19 -59.50 18.59
C ARG E 342 -33.10 -58.97 17.66
N VAL E 343 -32.41 -59.88 17.00
CA VAL E 343 -31.34 -59.52 16.07
C VAL E 343 -31.82 -59.68 14.64
N GLU E 344 -32.30 -58.60 14.05
CA GLU E 344 -32.77 -58.61 12.67
C GLU E 344 -32.20 -57.43 11.90
N PHE E 345 -32.04 -57.60 10.59
CA PHE E 345 -31.48 -56.55 9.75
C PHE E 345 -32.47 -56.15 8.66
N ASN E 346 -32.21 -55.01 8.02
CA ASN E 346 -33.06 -54.52 6.95
C ASN E 346 -32.30 -54.43 5.63
N SER E 347 -32.84 -53.67 4.68
CA SER E 347 -32.22 -53.53 3.37
C SER E 347 -30.76 -53.08 3.49
N LYS E 348 -30.56 -51.86 3.99
CA LYS E 348 -29.23 -51.29 4.10
C LYS E 348 -28.29 -52.20 4.90
N GLY E 349 -28.82 -52.78 5.97
CA GLY E 349 -28.04 -53.67 6.82
C GLY E 349 -28.02 -53.25 8.28
N GLN E 350 -28.89 -52.32 8.64
CA GLN E 350 -29.00 -51.85 10.01
C GLN E 350 -29.85 -52.80 10.84
N ARG E 351 -29.78 -52.66 12.16
CA ARG E 351 -30.58 -53.49 13.06
C ARG E 351 -31.94 -52.86 13.32
N THR E 352 -32.99 -53.67 13.25
CA THR E 352 -34.36 -53.19 13.42
C THR E 352 -35.21 -54.15 14.22
N ASN E 353 -36.46 -53.76 14.48
CA ASN E 353 -37.40 -54.59 15.22
C ASN E 353 -36.86 -54.97 16.60
N TYR E 354 -36.02 -54.10 17.16
CA TYR E 354 -35.44 -54.33 18.48
C TYR E 354 -35.95 -53.29 19.46
N THR E 355 -35.87 -53.61 20.75
CA THR E 355 -36.32 -52.69 21.79
C THR E 355 -35.13 -51.91 22.38
N LEU E 356 -35.44 -50.81 23.07
CA LEU E 356 -34.43 -49.93 23.65
C LEU E 356 -34.87 -49.49 25.04
N ARG E 357 -34.74 -50.37 26.04
CA ARG E 357 -35.20 -50.05 27.38
C ARG E 357 -34.51 -48.81 27.95
N ILE E 358 -35.31 -47.81 28.31
CA ILE E 358 -34.80 -46.59 28.92
C ILE E 358 -34.74 -46.72 30.43
N LEU E 359 -33.55 -46.95 30.97
CA LEU E 359 -33.36 -47.13 32.40
C LEU E 359 -33.14 -45.80 33.10
N GLU E 360 -33.36 -45.78 34.41
CA GLU E 360 -33.16 -44.58 35.21
C GLU E 360 -32.55 -44.93 36.57
N LYS E 361 -31.39 -44.37 36.85
CA LYS E 361 -30.69 -44.64 38.10
C LYS E 361 -31.58 -44.35 39.32
N SER E 362 -31.10 -44.75 40.50
CA SER E 362 -31.86 -44.53 41.72
C SER E 362 -30.95 -44.69 42.95
N ARG E 363 -31.56 -44.79 44.12
CA ARG E 363 -30.82 -44.95 45.37
C ARG E 363 -29.96 -46.22 45.34
N GLN E 364 -30.38 -47.20 44.55
CA GLN E 364 -29.65 -48.46 44.45
C GLN E 364 -30.05 -49.23 43.20
N GLY E 365 -29.19 -49.19 42.19
CA GLY E 365 -29.44 -49.90 40.95
C GLY E 365 -30.13 -49.03 39.91
N HIS E 366 -30.88 -49.67 39.03
CA HIS E 366 -31.59 -48.96 37.96
C HIS E 366 -33.07 -49.30 37.98
N ARG E 367 -33.85 -48.52 37.23
CA ARG E 367 -35.30 -48.70 37.19
C ARG E 367 -35.83 -48.40 35.80
N GLU E 368 -36.32 -49.42 35.11
CA GLU E 368 -36.86 -49.27 33.77
C GLU E 368 -38.11 -48.40 33.77
N ILE E 369 -37.93 -47.13 33.43
CA ILE E 369 -39.05 -46.18 33.42
C ILE E 369 -39.89 -46.31 32.16
N GLY E 370 -39.26 -46.68 31.05
CA GLY E 370 -39.95 -46.84 29.79
C GLY E 370 -39.17 -47.67 28.79
N VAL E 371 -39.67 -47.71 27.56
CA VAL E 371 -39.02 -48.47 26.49
C VAL E 371 -39.27 -47.81 25.14
N TRP E 372 -38.26 -47.85 24.26
CA TRP E 372 -38.37 -47.25 22.95
C TRP E 372 -38.24 -48.31 21.86
N TYR E 373 -39.27 -48.44 21.04
CA TYR E 373 -39.27 -49.41 19.95
C TYR E 373 -38.69 -48.80 18.69
N SER E 374 -38.63 -49.58 17.62
CA SER E 374 -38.11 -49.10 16.34
C SER E 374 -39.24 -48.61 15.45
N ASN E 375 -40.29 -48.09 16.07
CA ASN E 375 -41.45 -47.61 15.34
C ASN E 375 -42.30 -46.63 16.16
N ARG E 376 -42.34 -46.83 17.47
CA ARG E 376 -43.10 -45.96 18.34
C ARG E 376 -42.57 -46.01 19.77
N THR E 377 -42.75 -44.93 20.51
CA THR E 377 -42.28 -44.85 21.90
C THR E 377 -43.37 -45.28 22.86
N LEU E 378 -42.96 -45.71 24.05
CA LEU E 378 -43.89 -46.22 25.06
C LEU E 378 -43.28 -46.25 26.46
N ALA E 379 -43.52 -45.20 27.23
CA ALA E 379 -42.99 -45.10 28.58
C ALA E 379 -44.08 -45.35 29.62
N MET E 380 -43.70 -45.88 30.79
CA MET E 380 -44.63 -46.17 31.86
C MET E 380 -45.66 -47.20 31.40
N HIS F 3 22.67 -31.68 -6.71
CA HIS F 3 21.86 -32.71 -6.06
C HIS F 3 20.38 -32.42 -6.26
N VAL F 4 19.56 -33.46 -6.13
CA VAL F 4 18.12 -33.34 -6.34
C VAL F 4 17.34 -33.97 -5.19
N LEU F 5 16.07 -33.58 -5.06
CA LEU F 5 15.21 -34.10 -4.00
C LEU F 5 13.93 -34.67 -4.59
N ARG F 6 13.49 -35.80 -4.06
CA ARG F 6 12.28 -36.47 -4.55
C ARG F 6 11.08 -36.18 -3.67
N PHE F 7 10.08 -35.51 -4.23
CA PHE F 7 8.84 -35.22 -3.52
C PHE F 7 7.78 -36.28 -3.82
N GLY F 8 6.64 -36.17 -3.16
CA GLY F 8 5.55 -37.11 -3.35
C GLY F 8 4.59 -36.64 -4.43
N GLY F 9 3.48 -37.36 -4.58
CA GLY F 9 2.50 -37.03 -5.60
C GLY F 9 1.43 -38.10 -5.72
N ILE F 10 0.25 -37.81 -5.20
CA ILE F 10 -0.88 -38.73 -5.27
C ILE F 10 -2.10 -37.98 -5.75
N PHE F 11 -2.47 -38.19 -7.01
CA PHE F 11 -3.60 -37.48 -7.60
C PHE F 11 -4.57 -38.43 -8.28
N GLU F 12 -5.80 -38.44 -7.78
CA GLU F 12 -6.84 -39.32 -8.30
C GLU F 12 -7.15 -38.98 -9.76
N TYR F 13 -7.59 -39.98 -10.53
CA TYR F 13 -7.93 -39.79 -11.92
C TYR F 13 -9.11 -38.83 -12.05
N VAL F 14 -9.33 -38.32 -13.25
CA VAL F 14 -10.43 -37.41 -13.50
C VAL F 14 -11.01 -37.60 -14.91
N GLU F 15 -12.31 -37.41 -15.03
CA GLU F 15 -12.98 -37.56 -16.32
C GLU F 15 -12.55 -36.46 -17.30
N SER F 16 -12.00 -35.37 -16.75
CA SER F 16 -11.56 -34.25 -17.58
C SER F 16 -10.52 -34.70 -18.59
N GLY F 17 -9.31 -35.00 -18.11
CA GLY F 17 -8.23 -35.42 -18.98
C GLY F 17 -7.16 -36.18 -18.22
N PRO F 18 -5.98 -36.31 -18.82
CA PRO F 18 -4.84 -37.01 -18.19
C PRO F 18 -4.49 -36.46 -16.82
N MET F 19 -4.65 -35.16 -16.63
CA MET F 19 -4.34 -34.51 -15.36
C MET F 19 -5.47 -33.57 -14.95
N GLY F 20 -5.79 -33.58 -13.65
CA GLY F 20 -6.83 -32.72 -13.12
C GLY F 20 -6.26 -31.37 -12.73
N ALA F 21 -7.14 -30.41 -12.47
CA ALA F 21 -6.72 -29.07 -12.08
C ALA F 21 -5.86 -29.12 -10.81
N GLU F 22 -5.99 -30.21 -10.07
CA GLU F 22 -5.25 -30.38 -8.83
C GLU F 22 -3.79 -30.74 -9.13
N GLU F 23 -3.60 -31.78 -9.93
CA GLU F 23 -2.27 -32.27 -10.26
C GLU F 23 -1.49 -31.24 -11.07
N LEU F 24 -2.19 -30.49 -11.92
CA LEU F 24 -1.56 -29.47 -12.74
C LEU F 24 -0.91 -28.40 -11.87
N ALA F 25 -1.56 -28.06 -10.76
CA ALA F 25 -1.05 -27.06 -9.85
C ALA F 25 0.29 -27.50 -9.26
N PHE F 26 0.43 -28.82 -9.09
CA PHE F 26 1.66 -29.38 -8.54
C PHE F 26 2.76 -29.42 -9.59
N ARG F 27 2.43 -29.90 -10.78
CA ARG F 27 3.41 -30.00 -11.86
C ARG F 27 3.84 -28.61 -12.31
N PHE F 28 3.06 -27.61 -11.96
CA PHE F 28 3.34 -26.23 -12.33
C PHE F 28 4.17 -25.54 -11.25
N ALA F 29 3.96 -25.94 -10.00
CA ALA F 29 4.68 -25.36 -8.87
C ALA F 29 6.12 -25.87 -8.84
N VAL F 30 6.30 -27.17 -9.06
CA VAL F 30 7.61 -27.78 -9.02
C VAL F 30 8.34 -27.56 -10.34
N ASN F 31 7.82 -26.66 -11.16
CA ASN F 31 8.43 -26.32 -12.43
C ASN F 31 8.84 -24.85 -12.49
N THR F 32 8.34 -24.06 -11.54
CA THR F 32 8.67 -22.64 -11.45
C THR F 32 9.82 -22.44 -10.47
N ILE F 33 9.83 -23.24 -9.42
CA ILE F 33 10.87 -23.14 -8.39
C ILE F 33 12.24 -23.44 -8.97
N ASN F 34 12.28 -24.38 -9.90
CA ASN F 34 13.53 -24.76 -10.55
C ASN F 34 14.15 -23.58 -11.30
N ARG F 35 13.38 -22.98 -12.18
CA ARG F 35 13.84 -21.84 -12.97
C ARG F 35 13.58 -20.54 -12.22
N ASN F 36 14.10 -20.45 -11.00
CA ASN F 36 13.94 -19.26 -10.18
C ASN F 36 14.88 -19.31 -8.98
N ARG F 37 15.95 -18.52 -9.04
CA ARG F 37 16.96 -18.53 -7.99
C ARG F 37 16.46 -17.92 -6.69
N THR F 38 15.23 -17.41 -6.70
CA THR F 38 14.64 -16.81 -5.51
C THR F 38 14.45 -17.85 -4.42
N LEU F 39 14.22 -19.09 -4.83
CA LEU F 39 13.99 -20.18 -3.89
C LEU F 39 14.70 -21.46 -4.35
N LEU F 40 15.38 -22.12 -3.42
CA LEU F 40 16.08 -23.37 -3.73
C LEU F 40 17.11 -23.17 -4.85
N PRO F 41 18.10 -22.30 -4.61
CA PRO F 41 19.13 -21.94 -5.60
C PRO F 41 19.92 -23.14 -6.12
N ASN F 42 20.69 -23.80 -5.26
CA ASN F 42 21.53 -24.91 -5.68
C ASN F 42 20.86 -26.27 -5.47
N THR F 43 19.57 -26.34 -5.78
CA THR F 43 18.80 -27.56 -5.60
C THR F 43 17.74 -27.72 -6.68
N THR F 44 17.70 -28.89 -7.30
CA THR F 44 16.70 -29.20 -8.31
C THR F 44 15.67 -30.16 -7.71
N LEU F 45 14.42 -30.03 -8.15
CA LEU F 45 13.33 -30.84 -7.61
C LEU F 45 12.78 -31.85 -8.62
N THR F 46 12.37 -33.00 -8.10
CA THR F 46 11.75 -34.04 -8.91
C THR F 46 10.59 -34.63 -8.11
N TYR F 47 9.83 -35.52 -8.73
CA TYR F 47 8.68 -36.12 -8.05
C TYR F 47 8.24 -37.43 -8.69
N ASP F 48 7.44 -38.19 -7.93
CA ASP F 48 6.92 -39.48 -8.40
C ASP F 48 5.40 -39.42 -8.46
N THR F 49 4.85 -39.40 -9.66
CA THR F 49 3.41 -39.34 -9.85
C THR F 49 2.77 -40.70 -9.57
N GLN F 50 1.73 -40.69 -8.72
CA GLN F 50 1.03 -41.90 -8.34
C GLN F 50 -0.48 -41.65 -8.33
N LYS F 51 -1.14 -41.92 -9.45
CA LYS F 51 -2.57 -41.70 -9.56
C LYS F 51 -3.36 -42.88 -9.02
N ILE F 52 -4.49 -42.58 -8.39
CA ILE F 52 -5.37 -43.61 -7.84
C ILE F 52 -6.81 -43.39 -8.29
N ASN F 53 -7.72 -44.22 -7.80
CA ASN F 53 -9.14 -44.10 -8.14
C ASN F 53 -9.87 -43.17 -7.17
N LEU F 54 -11.08 -42.78 -7.54
CA LEU F 54 -11.93 -41.97 -6.67
C LEU F 54 -12.56 -42.86 -5.60
N TYR F 55 -12.81 -42.28 -4.44
CA TYR F 55 -13.48 -43.01 -3.36
C TYR F 55 -12.73 -44.28 -2.98
N ASP F 56 -11.48 -44.39 -3.42
CA ASP F 56 -10.68 -45.59 -3.17
C ASP F 56 -9.53 -45.27 -2.23
N SER F 57 -9.58 -45.83 -1.03
CA SER F 57 -8.56 -45.58 -0.02
C SER F 57 -7.64 -46.78 0.15
N PHE F 58 -8.15 -47.96 -0.17
CA PHE F 58 -7.36 -49.19 -0.05
C PHE F 58 -6.15 -49.11 -0.95
N GLU F 59 -6.41 -48.93 -2.25
CA GLU F 59 -5.35 -48.74 -3.22
C GLU F 59 -4.49 -47.55 -2.81
N ALA F 60 -5.14 -46.48 -2.35
CA ALA F 60 -4.45 -45.27 -1.94
C ALA F 60 -3.37 -45.55 -0.88
N SER F 61 -3.57 -46.61 -0.11
CA SER F 61 -2.62 -46.99 0.93
C SER F 61 -1.39 -47.65 0.33
N LYS F 62 -1.61 -48.59 -0.58
CA LYS F 62 -0.52 -49.31 -1.22
C LYS F 62 0.24 -48.42 -2.19
N LYS F 63 -0.42 -47.37 -2.67
CA LYS F 63 0.21 -46.45 -3.61
C LYS F 63 1.13 -45.50 -2.86
N ALA F 64 0.64 -44.95 -1.76
CA ALA F 64 1.43 -44.04 -0.94
C ALA F 64 2.61 -44.80 -0.32
N CYS F 65 2.39 -46.06 0.02
CA CYS F 65 3.42 -46.88 0.60
C CYS F 65 4.53 -47.16 -0.41
N ASP F 66 4.13 -47.44 -1.64
CA ASP F 66 5.10 -47.71 -2.71
C ASP F 66 5.93 -46.47 -3.00
N GLN F 67 5.34 -45.31 -2.77
CA GLN F 67 6.03 -44.05 -3.04
C GLN F 67 7.15 -43.85 -2.03
N LEU F 68 6.89 -44.25 -0.78
CA LEU F 68 7.90 -44.19 0.27
C LEU F 68 9.03 -45.18 -0.01
N SER F 69 8.72 -46.21 -0.79
CA SER F 69 9.69 -47.24 -1.14
C SER F 69 10.72 -46.71 -2.13
N LEU F 70 10.31 -45.74 -2.95
CA LEU F 70 11.21 -45.13 -3.93
C LEU F 70 12.00 -43.98 -3.31
N GLY F 71 11.74 -43.69 -2.04
CA GLY F 71 12.44 -42.62 -1.35
C GLY F 71 11.85 -41.26 -1.64
N VAL F 72 11.22 -40.66 -0.64
CA VAL F 72 10.63 -39.34 -0.78
C VAL F 72 10.73 -38.56 0.53
N ALA F 73 10.66 -37.24 0.43
CA ALA F 73 10.75 -36.37 1.60
C ALA F 73 9.37 -35.99 2.11
N ALA F 74 8.42 -35.86 1.18
CA ALA F 74 7.05 -35.52 1.53
C ALA F 74 6.06 -36.20 0.59
N ILE F 75 4.77 -36.09 0.91
CA ILE F 75 3.73 -36.71 0.11
C ILE F 75 2.56 -35.76 -0.08
N PHE F 76 2.21 -35.49 -1.34
CA PHE F 76 1.11 -34.60 -1.66
C PHE F 76 -0.12 -35.41 -2.09
N GLY F 77 -1.30 -34.90 -1.77
CA GLY F 77 -2.54 -35.58 -2.12
C GLY F 77 -2.73 -36.85 -1.29
N PRO F 78 -3.81 -37.59 -1.56
CA PRO F 78 -4.81 -37.30 -2.60
C PRO F 78 -5.73 -36.15 -2.23
N SER F 79 -6.82 -36.00 -2.98
CA SER F 79 -7.76 -34.89 -2.78
C SER F 79 -9.13 -35.40 -2.34
N HIS F 80 -9.14 -36.49 -1.60
CA HIS F 80 -10.40 -37.08 -1.13
C HIS F 80 -10.36 -37.25 0.39
N SER F 81 -11.53 -37.24 1.01
CA SER F 81 -11.62 -37.38 2.46
C SER F 81 -11.05 -38.70 2.93
N SER F 82 -11.73 -39.79 2.60
CA SER F 82 -11.30 -41.13 2.98
C SER F 82 -9.88 -41.46 2.51
N SER F 83 -9.62 -41.23 1.22
CA SER F 83 -8.32 -41.57 0.64
C SER F 83 -7.17 -40.90 1.38
N ALA F 84 -7.23 -39.58 1.50
CA ALA F 84 -6.17 -38.83 2.17
C ALA F 84 -6.11 -39.17 3.66
N ASN F 85 -7.23 -39.60 4.21
CA ASN F 85 -7.29 -39.98 5.61
C ASN F 85 -6.44 -41.20 5.88
N ALA F 86 -6.30 -42.06 4.87
CA ALA F 86 -5.49 -43.26 4.97
C ALA F 86 -4.01 -42.93 4.82
N VAL F 87 -3.69 -42.09 3.84
CA VAL F 87 -2.31 -41.70 3.59
C VAL F 87 -1.76 -40.96 4.79
N GLN F 88 -2.61 -40.19 5.45
CA GLN F 88 -2.21 -39.40 6.61
C GLN F 88 -1.69 -40.30 7.71
N SER F 89 -2.33 -41.45 7.89
CA SER F 89 -1.96 -42.38 8.94
C SER F 89 -0.64 -43.07 8.61
N ILE F 90 -0.48 -43.50 7.38
CA ILE F 90 0.73 -44.20 6.94
C ILE F 90 1.93 -43.27 7.07
N CYS F 91 1.69 -41.97 6.91
CA CYS F 91 2.75 -40.98 7.01
C CYS F 91 3.19 -40.78 8.46
N ASN F 92 2.23 -40.47 9.32
CA ASN F 92 2.52 -40.26 10.73
C ASN F 92 3.09 -41.52 11.39
N ALA F 93 2.92 -42.65 10.72
CA ALA F 93 3.43 -43.93 11.22
C ALA F 93 4.89 -44.10 10.86
N LEU F 94 5.28 -43.54 9.72
CA LEU F 94 6.66 -43.63 9.24
C LEU F 94 7.36 -42.27 9.30
N GLY F 95 6.81 -41.35 10.08
CA GLY F 95 7.39 -40.03 10.25
C GLY F 95 7.76 -39.37 8.94
N VAL F 96 6.78 -39.27 8.03
CA VAL F 96 6.99 -38.64 6.74
C VAL F 96 5.91 -37.58 6.51
N PRO F 97 6.34 -36.32 6.26
CA PRO F 97 5.41 -35.21 6.05
C PRO F 97 4.33 -35.50 5.02
N HIS F 98 3.10 -35.08 5.32
CA HIS F 98 1.97 -35.29 4.42
C HIS F 98 1.26 -33.96 4.15
N ILE F 99 1.55 -33.36 3.02
CA ILE F 99 0.96 -32.08 2.65
C ILE F 99 -0.46 -32.28 2.14
N GLN F 100 -1.39 -31.46 2.62
CA GLN F 100 -2.79 -31.54 2.23
C GLN F 100 -3.28 -30.19 1.74
N THR F 101 -4.07 -30.20 0.67
CA THR F 101 -4.60 -28.97 0.09
C THR F 101 -6.12 -28.99 0.03
N ARG F 102 -6.73 -29.88 0.80
CA ARG F 102 -8.17 -29.99 0.83
C ARG F 102 -8.67 -30.38 2.23
N TRP F 103 -9.85 -29.90 2.57
CA TRP F 103 -10.46 -30.23 3.85
C TRP F 103 -10.94 -31.67 3.86
N LYS F 104 -10.87 -32.32 5.02
CA LYS F 104 -11.32 -33.69 5.16
C LYS F 104 -11.82 -33.94 6.58
N HIS F 105 -12.80 -34.83 6.71
CA HIS F 105 -13.37 -35.15 8.02
C HIS F 105 -12.29 -35.79 8.91
N GLN F 106 -11.69 -34.98 9.77
CA GLN F 106 -10.67 -35.47 10.69
C GLN F 106 -11.27 -35.75 12.06
N VAL F 107 -11.10 -36.97 12.53
CA VAL F 107 -11.62 -37.37 13.83
C VAL F 107 -10.95 -36.52 14.91
N SER F 108 -11.70 -36.19 15.96
CA SER F 108 -11.20 -35.35 17.04
C SER F 108 -10.17 -36.11 17.86
N ASP F 109 -10.12 -37.43 17.67
CA ASP F 109 -9.16 -38.28 18.35
C ASP F 109 -7.89 -38.43 17.54
N ASN F 110 -7.72 -37.53 16.57
CA ASN F 110 -6.55 -37.55 15.69
C ASN F 110 -5.25 -37.45 16.49
N LYS F 111 -4.54 -38.56 16.59
CA LYS F 111 -3.30 -38.60 17.34
C LYS F 111 -2.10 -38.46 16.41
N ASP F 112 -2.37 -38.08 15.16
CA ASP F 112 -1.31 -37.88 14.17
C ASP F 112 -0.53 -36.60 14.47
N SER F 113 0.60 -36.44 13.80
CA SER F 113 1.45 -35.26 14.00
C SER F 113 2.23 -34.90 12.74
N PHE F 114 2.20 -35.77 11.73
CA PHE F 114 2.95 -35.54 10.50
C PHE F 114 2.02 -35.22 9.33
N TYR F 115 1.48 -34.01 9.33
CA TYR F 115 0.61 -33.55 8.25
C TYR F 115 0.26 -32.08 8.45
N VAL F 116 0.00 -31.37 7.35
CA VAL F 116 -0.35 -29.96 7.40
C VAL F 116 -1.39 -29.62 6.34
N SER F 117 -2.43 -28.90 6.75
CA SER F 117 -3.50 -28.52 5.83
C SER F 117 -3.45 -27.02 5.54
N LEU F 118 -3.32 -26.66 4.26
CA LEU F 118 -3.27 -25.27 3.87
C LEU F 118 -4.66 -24.68 3.68
N TYR F 119 -5.66 -25.55 3.52
CA TYR F 119 -7.03 -25.09 3.36
C TYR F 119 -7.51 -24.44 4.65
N PRO F 120 -8.06 -23.22 4.54
CA PRO F 120 -8.53 -22.47 5.72
C PRO F 120 -9.36 -23.33 6.66
N ASP F 121 -8.88 -23.49 7.89
CA ASP F 121 -9.58 -24.28 8.90
C ASP F 121 -11.03 -23.83 8.98
N PHE F 122 -11.95 -24.77 8.76
CA PHE F 122 -13.37 -24.45 8.74
C PHE F 122 -13.87 -24.00 10.11
N SER F 123 -13.18 -24.41 11.17
CA SER F 123 -13.54 -24.00 12.51
C SER F 123 -13.26 -22.52 12.72
N SER F 124 -12.20 -22.03 12.08
CA SER F 124 -11.84 -20.62 12.17
C SER F 124 -12.50 -19.81 11.06
N LEU F 125 -13.00 -20.50 10.05
CA LEU F 125 -13.66 -19.86 8.92
C LEU F 125 -15.12 -19.59 9.28
N SER F 126 -15.67 -20.44 10.15
CA SER F 126 -17.04 -20.29 10.60
C SER F 126 -17.22 -19.00 11.37
N ARG F 127 -16.18 -18.57 12.07
CA ARG F 127 -16.21 -17.31 12.80
C ARG F 127 -16.39 -16.14 11.85
N ALA F 128 -15.78 -16.25 10.67
CA ALA F 128 -15.89 -15.21 9.66
C ALA F 128 -17.34 -15.07 9.19
N ILE F 129 -18.06 -16.18 9.18
CA ILE F 129 -19.47 -16.18 8.78
C ILE F 129 -20.31 -15.49 9.85
N LEU F 130 -20.03 -15.79 11.11
CA LEU F 130 -20.79 -15.24 12.23
C LEU F 130 -20.60 -13.72 12.32
N ASP F 131 -19.41 -13.25 11.97
CA ASP F 131 -19.11 -11.82 12.02
C ASP F 131 -19.95 -11.05 11.00
N LEU F 132 -20.44 -11.76 9.99
CA LEU F 132 -21.31 -11.16 8.99
C LEU F 132 -22.76 -11.21 9.46
N VAL F 133 -23.11 -12.29 10.17
CA VAL F 133 -24.47 -12.45 10.68
C VAL F 133 -24.80 -11.33 11.65
N GLN F 134 -23.93 -11.10 12.62
CA GLN F 134 -24.12 -10.05 13.61
C GLN F 134 -23.97 -8.67 12.97
N PHE F 135 -23.20 -8.59 11.90
CA PHE F 135 -22.97 -7.34 11.21
C PHE F 135 -24.25 -6.83 10.55
N PHE F 136 -25.00 -7.76 9.96
CA PHE F 136 -26.25 -7.41 9.30
C PHE F 136 -27.42 -7.49 10.26
N LYS F 137 -27.16 -7.30 11.54
CA LYS F 137 -28.18 -7.35 12.58
C LYS F 137 -29.19 -8.47 12.31
N TRP F 138 -28.68 -9.66 12.04
CA TRP F 138 -29.54 -10.81 11.76
C TRP F 138 -30.12 -11.41 13.04
N LYS F 139 -31.43 -11.55 13.07
CA LYS F 139 -32.12 -12.14 14.21
C LYS F 139 -32.28 -13.64 14.00
N THR F 140 -32.54 -14.03 12.76
CA THR F 140 -32.71 -15.43 12.41
C THR F 140 -31.83 -15.80 11.22
N VAL F 141 -31.65 -17.10 11.01
CA VAL F 141 -30.82 -17.59 9.91
C VAL F 141 -31.05 -19.09 9.70
N THR F 142 -30.79 -19.55 8.49
CA THR F 142 -30.97 -20.97 8.17
C THR F 142 -29.80 -21.50 7.35
N VAL F 143 -28.88 -22.19 8.02
CA VAL F 143 -27.72 -22.77 7.34
C VAL F 143 -28.10 -24.08 6.67
N VAL F 144 -27.83 -24.18 5.37
CA VAL F 144 -28.15 -25.37 4.60
C VAL F 144 -26.88 -26.02 4.07
N TYR F 145 -26.47 -27.11 4.71
CA TYR F 145 -25.24 -27.82 4.34
C TYR F 145 -25.56 -29.00 3.44
N ASP F 146 -24.53 -29.55 2.81
CA ASP F 146 -24.70 -30.70 1.91
C ASP F 146 -24.45 -32.00 2.67
N ASP F 147 -25.18 -33.05 2.28
CA ASP F 147 -25.06 -34.35 2.94
C ASP F 147 -23.66 -34.94 2.76
N SER F 148 -22.93 -34.43 1.78
CA SER F 148 -21.58 -34.93 1.49
C SER F 148 -20.72 -34.92 2.75
N THR F 149 -20.95 -33.94 3.62
CA THR F 149 -20.20 -33.84 4.86
C THR F 149 -21.12 -33.46 6.02
N GLY F 150 -20.81 -33.95 7.21
CA GLY F 150 -21.62 -33.66 8.38
C GLY F 150 -21.62 -32.18 8.70
N LEU F 151 -22.39 -31.81 9.73
CA LEU F 151 -22.48 -30.42 10.14
C LEU F 151 -21.43 -30.11 11.22
N ILE F 152 -20.47 -30.99 11.37
CA ILE F 152 -19.37 -30.79 12.31
C ILE F 152 -18.46 -29.69 11.79
N ARG F 153 -18.42 -29.54 10.47
CA ARG F 153 -17.62 -28.51 9.83
C ARG F 153 -18.16 -27.13 10.15
N LEU F 154 -19.39 -27.08 10.65
CA LEU F 154 -20.04 -25.82 10.99
C LEU F 154 -20.41 -25.77 12.47
N GLN F 155 -19.61 -26.45 13.29
CA GLN F 155 -19.88 -26.53 14.72
C GLN F 155 -19.96 -25.13 15.34
N GLU F 156 -19.08 -24.24 14.91
CA GLU F 156 -19.03 -22.89 15.44
C GLU F 156 -20.30 -22.10 15.15
N LEU F 157 -20.96 -22.43 14.04
CA LEU F 157 -22.21 -21.77 13.67
C LEU F 157 -23.36 -22.25 14.54
N ILE F 158 -23.26 -23.49 15.01
CA ILE F 158 -24.32 -24.08 15.84
C ILE F 158 -24.16 -23.65 17.30
N LYS F 159 -22.99 -23.12 17.63
CA LYS F 159 -22.73 -22.66 18.99
C LYS F 159 -23.25 -21.26 19.22
N ALA F 160 -23.42 -20.51 18.13
CA ALA F 160 -23.85 -19.12 18.22
C ALA F 160 -25.19 -18.98 18.97
N PRO F 161 -26.19 -19.79 18.60
CA PRO F 161 -27.50 -19.73 19.25
C PRO F 161 -27.42 -19.86 20.77
N SER F 162 -26.35 -20.45 21.27
CA SER F 162 -26.16 -20.62 22.71
C SER F 162 -25.61 -19.35 23.35
N ARG F 163 -24.45 -18.91 22.87
CA ARG F 163 -23.81 -17.71 23.40
C ARG F 163 -24.46 -16.46 22.81
N TYR F 164 -24.29 -16.25 21.51
CA TYR F 164 -24.86 -15.10 20.83
C TYR F 164 -26.37 -15.23 20.70
N ASN F 165 -27.02 -14.14 20.30
CA ASN F 165 -28.48 -14.13 20.13
C ASN F 165 -28.85 -14.34 18.66
N LEU F 166 -29.25 -15.57 18.33
CA LEU F 166 -29.57 -15.92 16.95
C LEU F 166 -30.32 -17.25 16.88
N ARG F 167 -31.47 -17.24 16.21
CA ARG F 167 -32.26 -18.45 16.02
C ARG F 167 -31.86 -19.16 14.72
N LEU F 168 -30.91 -20.07 14.83
CA LEU F 168 -30.42 -20.82 13.68
C LEU F 168 -31.28 -22.05 13.41
N LYS F 169 -31.45 -22.39 12.14
CA LYS F 169 -32.21 -23.59 11.77
C LYS F 169 -31.42 -24.40 10.74
N ILE F 170 -31.36 -25.71 10.96
CA ILE F 170 -30.58 -26.59 10.10
C ILE F 170 -31.43 -27.23 9.01
N ARG F 171 -30.84 -27.37 7.83
CA ARG F 171 -31.52 -27.99 6.70
C ARG F 171 -30.48 -28.64 5.77
N GLN F 172 -30.82 -29.79 5.21
CA GLN F 172 -29.87 -30.53 4.39
C GLN F 172 -30.20 -30.48 2.91
N LEU F 173 -29.17 -30.35 2.08
CA LEU F 173 -29.31 -30.30 0.63
C LEU F 173 -29.26 -31.70 0.05
N PRO F 174 -30.21 -32.03 -0.84
CA PRO F 174 -30.21 -33.35 -1.49
C PRO F 174 -28.92 -33.60 -2.26
N ALA F 175 -28.01 -34.36 -1.66
CA ALA F 175 -26.74 -34.68 -2.28
C ALA F 175 -26.95 -35.54 -3.52
N ASP F 176 -28.16 -36.06 -3.68
CA ASP F 176 -28.49 -36.92 -4.81
C ASP F 176 -28.49 -36.12 -6.11
N THR F 177 -29.35 -35.12 -6.19
CA THR F 177 -29.43 -34.25 -7.36
C THR F 177 -29.47 -32.79 -6.94
N LYS F 178 -29.12 -31.90 -7.86
CA LYS F 178 -29.13 -30.47 -7.58
C LYS F 178 -30.56 -29.92 -7.59
N ASP F 179 -31.49 -30.69 -8.14
CA ASP F 179 -32.88 -30.27 -8.24
C ASP F 179 -33.63 -30.54 -6.95
N ALA F 180 -33.74 -29.53 -6.11
CA ALA F 180 -34.42 -29.66 -4.83
C ALA F 180 -35.45 -28.54 -4.65
N LYS F 181 -36.54 -28.63 -5.40
CA LYS F 181 -37.59 -27.64 -5.31
C LYS F 181 -38.20 -27.61 -3.90
N PRO F 182 -38.63 -28.77 -3.39
CA PRO F 182 -39.29 -28.87 -2.09
C PRO F 182 -38.49 -28.21 -0.95
N LEU F 183 -37.17 -28.22 -1.07
CA LEU F 183 -36.32 -27.61 -0.05
C LEU F 183 -36.53 -26.09 -0.03
N LEU F 184 -36.31 -25.47 -1.18
CA LEU F 184 -36.52 -24.03 -1.32
C LEU F 184 -37.97 -23.66 -1.04
N LYS F 185 -38.88 -24.62 -1.22
CA LYS F 185 -40.29 -24.40 -0.97
C LYS F 185 -40.52 -24.01 0.48
N GLU F 186 -40.23 -24.93 1.38
CA GLU F 186 -40.44 -24.73 2.80
C GLU F 186 -39.75 -23.46 3.30
N MET F 187 -38.64 -23.11 2.67
CA MET F 187 -37.89 -21.91 3.07
C MET F 187 -38.69 -20.66 2.79
N LYS F 188 -39.32 -20.59 1.63
CA LYS F 188 -40.13 -19.44 1.27
C LYS F 188 -41.41 -19.39 2.09
N ARG F 189 -41.80 -20.53 2.64
CA ARG F 189 -43.00 -20.62 3.45
C ARG F 189 -42.75 -20.13 4.88
N GLY F 190 -41.48 -20.19 5.29
CA GLY F 190 -41.10 -19.77 6.63
C GLY F 190 -40.39 -18.42 6.62
N LYS F 191 -40.56 -17.67 5.55
CA LYS F 191 -39.96 -16.35 5.43
C LYS F 191 -38.46 -16.40 5.70
N GLU F 192 -37.84 -17.54 5.40
CA GLU F 192 -36.41 -17.70 5.59
C GLU F 192 -35.63 -16.94 4.52
N PHE F 193 -35.44 -15.64 4.74
CA PHE F 193 -34.74 -14.80 3.79
C PHE F 193 -33.24 -14.90 4.01
N HIS F 194 -32.85 -15.12 5.25
CA HIS F 194 -31.44 -15.24 5.60
C HIS F 194 -31.02 -16.71 5.53
N VAL F 195 -30.18 -17.03 4.54
CA VAL F 195 -29.72 -18.39 4.36
C VAL F 195 -28.19 -18.42 4.17
N ILE F 196 -27.57 -19.50 4.65
CA ILE F 196 -26.12 -19.66 4.53
C ILE F 196 -25.80 -21.00 3.89
N PHE F 197 -25.50 -21.00 2.59
CA PHE F 197 -25.21 -22.22 1.88
C PHE F 197 -23.77 -22.69 2.12
N ASP F 198 -23.63 -23.96 2.49
CA ASP F 198 -22.33 -24.54 2.75
C ASP F 198 -22.03 -25.63 1.72
N CYS F 199 -21.39 -25.23 0.62
CA CYS F 199 -21.07 -26.15 -0.46
C CYS F 199 -20.13 -25.52 -1.48
N SER F 200 -19.52 -26.35 -2.31
CA SER F 200 -18.59 -25.87 -3.33
C SER F 200 -19.31 -25.01 -4.35
N HIS F 201 -18.54 -24.42 -5.27
CA HIS F 201 -19.10 -23.55 -6.30
C HIS F 201 -19.96 -24.33 -7.28
N GLU F 202 -19.75 -25.65 -7.35
CA GLU F 202 -20.55 -26.50 -8.21
C GLU F 202 -21.97 -26.65 -7.67
N MET F 203 -22.07 -27.14 -6.43
CA MET F 203 -23.36 -27.36 -5.79
C MET F 203 -24.08 -26.03 -5.60
N ALA F 204 -23.31 -24.99 -5.26
CA ALA F 204 -23.87 -23.68 -4.98
C ALA F 204 -24.57 -23.11 -6.21
N ALA F 205 -23.92 -23.24 -7.36
CA ALA F 205 -24.49 -22.75 -8.62
C ALA F 205 -25.73 -23.55 -9.00
N GLY F 206 -25.77 -24.80 -8.57
CA GLY F 206 -26.90 -25.66 -8.85
C GLY F 206 -28.13 -25.29 -8.04
N ILE F 207 -27.92 -24.50 -7.00
CA ILE F 207 -29.03 -24.07 -6.15
C ILE F 207 -29.53 -22.70 -6.57
N LEU F 208 -28.63 -21.84 -7.03
CA LEU F 208 -29.00 -20.50 -7.48
C LEU F 208 -29.95 -20.58 -8.66
N LYS F 209 -29.68 -21.50 -9.58
CA LYS F 209 -30.55 -21.69 -10.74
C LYS F 209 -31.95 -22.08 -10.30
N GLN F 210 -32.03 -22.77 -9.16
CA GLN F 210 -33.31 -23.22 -8.63
C GLN F 210 -34.04 -22.08 -7.93
N ALA F 211 -33.30 -21.26 -7.20
CA ALA F 211 -33.87 -20.14 -6.45
C ALA F 211 -34.50 -19.14 -7.40
N LEU F 212 -33.86 -18.93 -8.55
CA LEU F 212 -34.38 -18.00 -9.55
C LEU F 212 -35.70 -18.53 -10.10
N ALA F 213 -35.79 -19.85 -10.25
CA ALA F 213 -37.01 -20.48 -10.74
C ALA F 213 -38.07 -20.51 -9.64
N MET F 214 -37.63 -20.33 -8.40
CA MET F 214 -38.55 -20.31 -7.26
C MET F 214 -38.98 -18.88 -6.94
N GLY F 215 -38.39 -17.92 -7.64
CA GLY F 215 -38.68 -16.51 -7.40
C GLY F 215 -38.11 -16.02 -6.09
N MET F 216 -37.22 -16.82 -5.50
CA MET F 216 -36.60 -16.47 -4.23
C MET F 216 -35.36 -15.59 -4.44
N MET F 217 -35.20 -15.07 -5.66
CA MET F 217 -34.09 -14.17 -5.97
C MET F 217 -34.58 -12.74 -6.07
N THR F 218 -34.68 -12.08 -4.91
CA THR F 218 -35.09 -10.68 -4.84
C THR F 218 -34.29 -9.97 -3.73
N GLU F 219 -34.54 -8.68 -3.52
CA GLU F 219 -33.83 -7.93 -2.48
C GLU F 219 -34.17 -8.48 -1.12
N TYR F 220 -35.25 -9.23 -1.04
CA TYR F 220 -35.73 -9.71 0.24
C TYR F 220 -34.80 -10.78 0.79
N TYR F 221 -34.17 -11.53 -0.10
CA TYR F 221 -33.27 -12.61 0.30
C TYR F 221 -31.81 -12.17 0.31
N HIS F 222 -31.00 -12.85 1.11
CA HIS F 222 -29.58 -12.56 1.20
C HIS F 222 -28.81 -13.83 1.57
N TYR F 223 -28.14 -14.41 0.58
CA TYR F 223 -27.46 -15.68 0.78
C TYR F 223 -25.97 -15.48 1.06
N ILE F 224 -25.43 -16.30 1.94
CA ILE F 224 -24.01 -16.25 2.28
C ILE F 224 -23.37 -17.62 2.05
N PHE F 225 -22.37 -17.67 1.17
CA PHE F 225 -21.74 -18.92 0.81
C PHE F 225 -20.40 -19.11 1.52
N THR F 226 -20.07 -20.36 1.82
CA THR F 226 -18.83 -20.69 2.51
C THR F 226 -17.72 -20.96 1.50
N THR F 227 -18.10 -21.26 0.27
CA THR F 227 -17.15 -21.55 -0.79
C THR F 227 -16.23 -20.37 -1.05
N LEU F 228 -14.94 -20.66 -1.26
CA LEU F 228 -13.95 -19.64 -1.52
C LEU F 228 -13.84 -19.34 -3.01
N ASP F 229 -14.68 -20.02 -3.80
CA ASP F 229 -14.71 -19.81 -5.24
C ASP F 229 -15.95 -19.01 -5.66
N LEU F 230 -16.41 -18.14 -4.77
CA LEU F 230 -17.55 -17.25 -5.06
C LEU F 230 -17.24 -16.41 -6.28
N PHE F 231 -16.07 -15.78 -6.25
CA PHE F 231 -15.65 -14.88 -7.32
C PHE F 231 -15.69 -15.58 -8.68
N ALA F 232 -15.46 -16.88 -8.68
CA ALA F 232 -15.47 -17.67 -9.91
C ALA F 232 -16.86 -18.26 -10.15
N LEU F 233 -17.87 -17.40 -10.08
CA LEU F 233 -19.25 -17.83 -10.26
C LEU F 233 -20.00 -16.84 -11.15
N ASP F 234 -20.51 -17.32 -12.27
CA ASP F 234 -21.24 -16.48 -13.21
C ASP F 234 -22.54 -15.99 -12.59
N VAL F 235 -22.50 -14.80 -12.01
CA VAL F 235 -23.69 -14.20 -11.39
C VAL F 235 -24.29 -13.15 -12.31
N GLU F 236 -24.30 -13.43 -13.61
CA GLU F 236 -24.85 -12.50 -14.58
C GLU F 236 -26.38 -12.45 -14.53
N PRO F 237 -27.03 -13.64 -14.55
CA PRO F 237 -28.49 -13.67 -14.52
C PRO F 237 -29.10 -13.20 -13.19
N TYR F 238 -28.27 -12.86 -12.21
CA TYR F 238 -28.78 -12.45 -10.90
C TYR F 238 -28.34 -11.03 -10.53
N ARG F 239 -27.27 -10.56 -11.14
CA ARG F 239 -26.73 -9.25 -10.79
C ARG F 239 -27.69 -8.12 -11.16
N TYR F 240 -28.69 -8.45 -11.98
CA TYR F 240 -29.70 -7.48 -12.36
C TYR F 240 -30.93 -7.56 -11.46
N SER F 241 -31.11 -8.73 -10.84
CA SER F 241 -32.25 -8.95 -9.95
C SER F 241 -32.29 -7.92 -8.82
N GLY F 242 -31.45 -8.12 -7.82
CA GLY F 242 -31.43 -7.25 -6.65
C GLY F 242 -31.03 -7.99 -5.40
N VAL F 243 -31.17 -9.32 -5.44
CA VAL F 243 -30.80 -10.16 -4.30
C VAL F 243 -29.33 -9.97 -3.96
N ASN F 244 -29.04 -9.89 -2.66
CA ASN F 244 -27.67 -9.70 -2.20
C ASN F 244 -26.99 -11.04 -1.94
N MET F 245 -25.68 -11.09 -2.15
CA MET F 245 -24.89 -12.29 -1.91
C MET F 245 -23.55 -11.91 -1.31
N THR F 246 -23.14 -12.64 -0.26
CA THR F 246 -21.88 -12.37 0.41
C THR F 246 -21.07 -13.65 0.60
N GLY F 247 -19.75 -13.53 0.53
CA GLY F 247 -18.86 -14.67 0.73
C GLY F 247 -17.45 -14.24 1.01
N PHE F 248 -16.50 -15.13 0.75
CA PHE F 248 -15.09 -14.85 1.01
C PHE F 248 -14.19 -15.28 -0.14
N ARG F 249 -12.97 -14.77 -0.14
CA ARG F 249 -11.99 -15.10 -1.16
C ARG F 249 -10.59 -15.02 -0.58
N ILE F 250 -9.90 -16.15 -0.53
CA ILE F 250 -8.55 -16.20 0.04
C ILE F 250 -7.51 -15.77 -0.99
N LEU F 251 -7.84 -15.90 -2.27
CA LEU F 251 -6.93 -15.49 -3.33
C LEU F 251 -6.73 -13.99 -3.35
N ASN F 252 -5.52 -13.55 -3.03
CA ASN F 252 -5.18 -12.13 -3.02
C ASN F 252 -4.91 -11.63 -4.44
N THR F 253 -5.97 -11.41 -5.20
CA THR F 253 -5.85 -10.93 -6.57
C THR F 253 -5.50 -9.45 -6.62
N GLU F 254 -5.44 -8.83 -5.44
CA GLU F 254 -5.10 -7.41 -5.34
C GLU F 254 -3.59 -7.22 -5.33
N ASN F 255 -2.87 -8.12 -6.00
CA ASN F 255 -1.42 -8.07 -6.05
C ASN F 255 -0.94 -8.45 -7.44
N THR F 256 0.10 -7.76 -7.91
CA THR F 256 0.62 -8.01 -9.25
C THR F 256 1.31 -9.37 -9.32
N GLN F 257 2.11 -9.68 -8.30
CA GLN F 257 2.82 -10.94 -8.24
C GLN F 257 1.88 -12.13 -8.22
N VAL F 258 0.67 -11.92 -7.71
CA VAL F 258 -0.32 -12.99 -7.59
C VAL F 258 -1.10 -13.15 -8.90
N SER F 259 -1.48 -12.03 -9.49
CA SER F 259 -2.27 -12.03 -10.73
C SER F 259 -1.42 -12.48 -11.91
N SER F 260 -0.10 -12.36 -11.78
CA SER F 260 0.81 -12.73 -12.85
C SER F 260 0.84 -14.24 -13.03
N ILE F 261 0.88 -14.96 -11.92
CA ILE F 261 0.92 -16.42 -11.94
C ILE F 261 -0.37 -16.98 -12.53
N ILE F 262 -1.49 -16.49 -12.01
CA ILE F 262 -2.81 -16.96 -12.46
C ILE F 262 -3.01 -16.68 -13.94
N GLU F 263 -2.39 -15.61 -14.42
CA GLU F 263 -2.51 -15.22 -15.82
C GLU F 263 -1.89 -16.28 -16.73
N LYS F 264 -0.71 -16.76 -16.34
CA LYS F 264 -0.02 -17.79 -17.12
C LYS F 264 -0.71 -19.14 -16.95
N TRP F 265 -1.56 -19.25 -15.93
CA TRP F 265 -2.26 -20.49 -15.67
C TRP F 265 -3.41 -20.69 -16.64
N SER F 266 -4.04 -19.60 -17.05
CA SER F 266 -5.15 -19.66 -18.00
C SER F 266 -4.65 -19.85 -19.43
N MET F 267 -3.36 -19.61 -19.65
CA MET F 267 -2.77 -19.86 -20.96
C MET F 267 -2.40 -21.35 -21.04
N GLU F 268 -2.86 -22.09 -20.05
CA GLU F 268 -2.86 -23.54 -20.08
C GLU F 268 -4.19 -23.96 -19.51
N ARG F 269 -4.92 -24.81 -20.21
CA ARG F 269 -6.18 -25.31 -19.69
C ARG F 269 -6.08 -26.81 -19.54
N LEU F 270 -5.84 -27.50 -20.66
CA LEU F 270 -5.70 -28.95 -20.66
C LEU F 270 -7.05 -29.56 -20.33
N GLN F 271 -7.53 -29.35 -19.11
CA GLN F 271 -8.93 -29.55 -18.78
C GLN F 271 -9.76 -28.50 -19.50
N ALA F 272 -10.42 -28.89 -20.59
CA ALA F 272 -11.25 -27.96 -21.35
C ALA F 272 -12.30 -27.34 -20.43
N PRO F 273 -12.60 -26.05 -20.63
CA PRO F 273 -13.58 -25.37 -19.78
C PRO F 273 -14.91 -26.12 -19.76
N PRO F 274 -15.51 -26.28 -18.56
CA PRO F 274 -16.74 -27.07 -18.45
C PRO F 274 -17.88 -26.47 -19.28
N LYS F 275 -18.76 -27.33 -19.78
CA LYS F 275 -19.89 -26.88 -20.58
C LYS F 275 -20.74 -25.88 -19.81
N PRO F 276 -21.17 -24.79 -20.48
CA PRO F 276 -22.03 -23.79 -19.84
C PRO F 276 -23.39 -24.37 -19.44
N ASP F 277 -23.45 -24.93 -18.24
CA ASP F 277 -24.70 -25.51 -17.73
C ASP F 277 -24.82 -25.25 -16.23
N SER F 278 -23.72 -25.44 -15.51
CA SER F 278 -23.69 -25.24 -14.08
C SER F 278 -23.67 -23.75 -13.74
N GLY F 279 -22.98 -22.96 -14.56
CA GLY F 279 -22.92 -21.53 -14.38
C GLY F 279 -21.59 -21.07 -13.80
N LEU F 280 -20.50 -21.66 -14.27
CA LEU F 280 -19.17 -21.29 -13.81
C LEU F 280 -18.46 -20.36 -14.78
N LEU F 281 -17.94 -19.26 -14.26
CA LEU F 281 -17.25 -18.26 -15.07
C LEU F 281 -15.84 -18.73 -15.38
N ASP F 282 -15.63 -19.17 -16.61
CA ASP F 282 -14.33 -19.68 -17.04
C ASP F 282 -13.31 -18.56 -17.17
N GLY F 283 -12.07 -18.83 -16.75
CA GLY F 283 -11.00 -17.86 -16.82
C GLY F 283 -10.30 -17.64 -15.50
N PHE F 284 -10.93 -18.10 -14.42
CA PHE F 284 -10.36 -17.95 -13.09
C PHE F 284 -9.91 -19.30 -12.52
N MET F 285 -8.74 -19.32 -11.91
CA MET F 285 -8.20 -20.53 -11.32
C MET F 285 -8.93 -20.87 -10.02
N THR F 286 -9.19 -22.15 -9.81
CA THR F 286 -9.89 -22.60 -8.62
C THR F 286 -8.96 -22.58 -7.40
N THR F 287 -9.55 -22.34 -6.22
CA THR F 287 -8.79 -22.27 -4.98
C THR F 287 -8.21 -23.64 -4.65
N ASP F 288 -8.82 -24.69 -5.20
CA ASP F 288 -8.35 -26.06 -4.99
C ASP F 288 -6.95 -26.23 -5.55
N ALA F 289 -6.69 -25.60 -6.69
CA ALA F 289 -5.39 -25.65 -7.34
C ALA F 289 -4.47 -24.57 -6.78
N ALA F 290 -5.06 -23.53 -6.22
CA ALA F 290 -4.29 -22.43 -5.64
C ALA F 290 -3.55 -22.89 -4.40
N LEU F 291 -4.22 -23.69 -3.57
CA LEU F 291 -3.63 -24.21 -2.34
C LEU F 291 -2.51 -25.19 -2.65
N MET F 292 -2.62 -25.87 -3.79
CA MET F 292 -1.61 -26.85 -4.19
C MET F 292 -0.34 -26.15 -4.68
N TYR F 293 -0.51 -24.98 -5.28
CA TYR F 293 0.63 -24.20 -5.74
C TYR F 293 1.38 -23.64 -4.54
N ASP F 294 0.64 -23.31 -3.49
CA ASP F 294 1.22 -22.78 -2.26
C ASP F 294 1.66 -23.91 -1.34
N ALA F 295 1.18 -25.12 -1.61
CA ALA F 295 1.54 -26.29 -0.81
C ALA F 295 2.96 -26.73 -1.13
N VAL F 296 3.42 -26.39 -2.32
CA VAL F 296 4.77 -26.74 -2.75
C VAL F 296 5.78 -25.69 -2.28
N HIS F 297 5.36 -24.44 -2.27
CA HIS F 297 6.24 -23.34 -1.84
C HIS F 297 6.45 -23.36 -0.32
N VAL F 298 5.37 -23.53 0.42
CA VAL F 298 5.44 -23.53 1.87
C VAL F 298 6.40 -24.61 2.38
N VAL F 299 6.61 -25.64 1.57
CA VAL F 299 7.49 -26.74 1.93
C VAL F 299 8.89 -26.53 1.33
N SER F 300 8.95 -25.86 0.19
CA SER F 300 10.22 -25.60 -0.47
C SER F 300 11.09 -24.63 0.33
N VAL F 301 10.46 -23.87 1.22
CA VAL F 301 11.18 -22.94 2.07
C VAL F 301 11.68 -23.65 3.33
N ALA F 302 10.91 -24.64 3.78
CA ALA F 302 11.27 -25.40 4.97
C ALA F 302 12.39 -26.40 4.66
N VAL F 303 12.49 -26.79 3.40
CA VAL F 303 13.49 -27.76 2.97
C VAL F 303 14.81 -27.08 2.63
N GLN F 304 14.73 -25.84 2.16
CA GLN F 304 15.91 -25.07 1.82
C GLN F 304 16.73 -24.79 3.07
N GLN F 305 16.04 -24.59 4.18
CA GLN F 305 16.69 -24.32 5.46
C GLN F 305 17.03 -25.62 6.19
N PHE F 306 17.11 -26.70 5.43
CA PHE F 306 17.44 -28.01 5.99
C PHE F 306 18.18 -28.86 4.96
N PRO F 307 19.35 -28.38 4.50
CA PRO F 307 20.17 -29.10 3.50
C PRO F 307 20.53 -30.52 3.93
N GLN F 308 20.63 -30.76 5.23
CA GLN F 308 20.94 -32.10 5.73
C GLN F 308 19.69 -32.97 5.67
N MET F 309 19.43 -33.55 4.49
CA MET F 309 18.26 -34.40 4.31
C MET F 309 18.42 -35.29 3.08
N THR F 310 18.32 -36.60 3.30
CA THR F 310 18.43 -37.57 2.22
C THR F 310 17.20 -38.46 2.18
N VAL F 311 16.54 -38.51 1.03
CA VAL F 311 15.34 -39.32 0.86
C VAL F 311 15.62 -40.79 1.11
N SER F 312 15.22 -41.29 2.27
CA SER F 312 15.43 -42.68 2.62
C SER F 312 14.30 -43.55 2.06
N SER F 313 14.60 -44.83 1.84
CA SER F 313 13.61 -45.77 1.32
C SER F 313 12.93 -46.52 2.46
N LEU F 314 11.75 -46.03 2.87
CA LEU F 314 11.00 -46.66 3.95
C LEU F 314 10.13 -47.78 3.41
N GLN F 315 9.43 -48.46 4.32
CA GLN F 315 8.54 -49.55 3.92
C GLN F 315 7.40 -49.70 4.92
N CYS F 316 6.19 -49.35 4.52
CA CYS F 316 5.03 -49.46 5.39
C CYS F 316 4.84 -50.89 5.87
N ASN F 317 3.96 -51.06 6.86
CA ASN F 317 3.65 -52.37 7.45
C ASN F 317 4.76 -52.95 8.33
N ARG F 318 6.00 -52.57 8.08
CA ARG F 318 7.12 -53.09 8.88
C ARG F 318 8.42 -52.35 8.59
N HIS F 319 8.71 -51.35 9.42
CA HIS F 319 9.94 -50.57 9.30
C HIS F 319 10.04 -49.63 10.49
N LYS F 320 10.94 -48.65 10.40
CA LYS F 320 11.09 -47.66 11.46
C LYS F 320 10.96 -46.24 10.89
N PRO F 321 10.46 -45.31 11.71
CA PRO F 321 10.23 -43.92 11.30
C PRO F 321 11.42 -43.33 10.54
N TRP F 322 11.15 -42.36 9.68
CA TRP F 322 12.17 -41.73 8.87
C TRP F 322 13.16 -40.97 9.76
N ARG F 323 14.43 -41.01 9.40
CA ARG F 323 15.47 -40.37 10.20
C ARG F 323 15.23 -38.87 10.32
N PHE F 324 15.25 -38.18 9.19
CA PHE F 324 15.08 -36.72 9.19
C PHE F 324 13.61 -36.34 9.03
N GLY F 325 12.73 -37.10 9.67
CA GLY F 325 11.30 -36.89 9.53
C GLY F 325 10.72 -36.03 10.64
N THR F 326 10.87 -36.49 11.88
CA THR F 326 10.36 -35.74 13.03
C THR F 326 10.77 -34.27 13.00
N ARG F 327 11.89 -33.95 12.34
CA ARG F 327 12.41 -32.60 12.28
C ARG F 327 11.89 -31.84 11.10
N PHE F 328 12.02 -32.43 9.93
CA PHE F 328 11.60 -31.78 8.69
C PHE F 328 10.15 -31.33 8.78
N MET F 329 9.36 -32.01 9.59
CA MET F 329 7.95 -31.67 9.77
C MET F 329 7.81 -30.40 10.59
N SER F 330 8.66 -30.25 11.60
CA SER F 330 8.65 -29.06 12.45
C SER F 330 9.02 -27.81 11.67
N LEU F 331 9.87 -27.96 10.65
CA LEU F 331 10.29 -26.83 9.82
C LEU F 331 9.14 -26.33 8.96
N ILE F 332 8.15 -27.19 8.73
CA ILE F 332 7.01 -26.83 7.89
C ILE F 332 5.93 -26.15 8.71
N LYS F 333 5.76 -26.59 9.96
CA LYS F 333 4.74 -26.02 10.84
C LYS F 333 5.17 -24.65 11.39
N GLU F 334 6.33 -24.18 10.95
CA GLU F 334 6.85 -22.89 11.39
C GLU F 334 7.21 -21.98 10.22
N ALA F 335 7.15 -22.53 9.01
CA ALA F 335 7.51 -21.77 7.82
C ALA F 335 6.36 -20.87 7.37
N HIS F 336 6.72 -19.69 6.87
CA HIS F 336 5.74 -18.74 6.35
C HIS F 336 6.06 -18.43 4.89
N TRP F 337 5.03 -18.15 4.10
CA TRP F 337 5.21 -17.85 2.68
C TRP F 337 4.06 -17.05 2.10
N GLU F 338 4.41 -15.97 1.38
CA GLU F 338 3.41 -15.13 0.74
C GLU F 338 3.08 -15.65 -0.65
N GLY F 339 2.03 -16.47 -0.74
CA GLY F 339 1.64 -17.08 -2.00
C GLY F 339 0.36 -16.51 -2.57
N LEU F 340 -0.33 -17.32 -3.36
CA LEU F 340 -1.57 -16.90 -4.01
C LEU F 340 -2.70 -16.73 -3.01
N THR F 341 -2.81 -17.66 -2.08
CA THR F 341 -3.87 -17.62 -1.08
C THR F 341 -3.49 -16.76 0.11
N GLY F 342 -2.85 -15.63 -0.15
CA GLY F 342 -2.44 -14.72 0.90
C GLY F 342 -1.23 -15.26 1.65
N ARG F 343 -1.14 -14.93 2.93
CA ARG F 343 -0.02 -15.36 3.75
C ARG F 343 -0.30 -16.69 4.43
N ILE F 344 0.66 -17.61 4.35
CA ILE F 344 0.51 -18.93 4.94
C ILE F 344 1.15 -18.98 6.32
N THR F 345 0.43 -19.55 7.27
CA THR F 345 0.93 -19.65 8.64
C THR F 345 0.17 -20.72 9.42
N PHE F 346 0.85 -21.82 9.74
CA PHE F 346 0.24 -22.91 10.47
C PHE F 346 0.23 -22.60 11.97
N ASN F 347 -0.79 -23.10 12.67
CA ASN F 347 -0.90 -22.91 14.10
C ASN F 347 0.28 -23.52 14.83
N LYS F 348 0.60 -22.98 16.00
CA LYS F 348 1.72 -23.47 16.80
C LYS F 348 1.30 -24.61 17.73
N THR F 349 0.21 -25.29 17.38
CA THR F 349 -0.28 -26.40 18.18
C THR F 349 -0.83 -27.53 17.32
N ASN F 350 -2.10 -27.42 16.92
CA ASN F 350 -2.75 -28.47 16.15
C ASN F 350 -2.15 -28.63 14.76
N GLY F 351 -1.44 -27.60 14.29
CA GLY F 351 -0.80 -27.64 12.99
C GLY F 351 -1.70 -27.11 11.88
N LEU F 352 -3.01 -27.18 12.10
CA LEU F 352 -3.98 -26.68 11.14
C LEU F 352 -3.83 -25.18 10.93
N ARG F 353 -4.11 -24.72 9.72
CA ARG F 353 -4.01 -23.30 9.38
C ARG F 353 -5.26 -22.55 9.80
N THR F 354 -5.22 -21.96 10.99
CA THR F 354 -6.38 -21.25 11.53
C THR F 354 -6.20 -19.73 11.39
N ASP F 355 -5.02 -19.31 10.93
CA ASP F 355 -4.72 -17.90 10.77
C ASP F 355 -4.48 -17.57 9.31
N PHE F 356 -5.32 -16.70 8.75
CA PHE F 356 -5.21 -16.32 7.34
C PHE F 356 -5.94 -15.01 7.06
N ASP F 357 -5.97 -14.62 5.79
CA ASP F 357 -6.61 -13.38 5.38
C ASP F 357 -7.66 -13.65 4.31
N LEU F 358 -8.89 -13.22 4.58
CA LEU F 358 -9.99 -13.37 3.64
C LEU F 358 -10.46 -12.00 3.17
N ASP F 359 -11.16 -11.97 2.05
CA ASP F 359 -11.69 -10.72 1.51
C ASP F 359 -13.20 -10.81 1.30
N VAL F 360 -13.94 -10.09 2.13
CA VAL F 360 -15.39 -10.08 2.03
C VAL F 360 -15.81 -9.56 0.66
N ILE F 361 -16.74 -10.28 0.02
CA ILE F 361 -17.24 -9.88 -1.28
C ILE F 361 -18.76 -9.94 -1.31
N SER F 362 -19.39 -8.95 -1.93
CA SER F 362 -20.84 -8.87 -2.02
C SER F 362 -21.29 -8.81 -3.48
N LEU F 363 -22.60 -8.93 -3.70
CA LEU F 363 -23.16 -8.88 -5.05
C LEU F 363 -23.85 -7.56 -5.31
N LYS F 364 -23.16 -6.63 -5.98
CA LYS F 364 -23.71 -5.34 -6.32
C LYS F 364 -24.23 -5.37 -7.76
N GLU F 365 -24.79 -4.25 -8.20
CA GLU F 365 -25.45 -4.17 -9.50
C GLU F 365 -24.51 -4.47 -10.66
N GLU F 366 -23.20 -4.38 -10.42
CA GLU F 366 -22.23 -4.69 -11.45
C GLU F 366 -21.86 -6.17 -11.44
N GLY F 367 -21.80 -6.74 -10.25
CA GLY F 367 -21.43 -8.14 -10.09
C GLY F 367 -20.91 -8.43 -8.70
N LEU F 368 -19.70 -8.96 -8.61
CA LEU F 368 -19.09 -9.28 -7.33
C LEU F 368 -17.89 -8.39 -7.05
N GLU F 369 -17.99 -7.59 -6.00
CA GLU F 369 -16.90 -6.70 -5.61
C GLU F 369 -16.57 -6.87 -4.13
N LYS F 370 -15.34 -6.55 -3.77
CA LYS F 370 -14.87 -6.68 -2.39
C LYS F 370 -15.32 -5.48 -1.56
N ILE F 371 -15.97 -5.74 -0.43
CA ILE F 371 -16.45 -4.67 0.44
C ILE F 371 -15.69 -4.63 1.77
N GLY F 372 -14.61 -5.40 1.87
CA GLY F 372 -13.82 -5.42 3.08
C GLY F 372 -12.91 -6.64 3.19
N THR F 373 -12.35 -6.84 4.37
CA THR F 373 -11.47 -7.97 4.62
C THR F 373 -11.79 -8.58 5.98
N TRP F 374 -11.15 -9.70 6.29
CA TRP F 374 -11.36 -10.38 7.56
C TRP F 374 -10.10 -11.12 7.99
N ASP F 375 -9.96 -11.36 9.28
CA ASP F 375 -8.81 -12.05 9.83
C ASP F 375 -9.06 -12.39 11.29
N PRO F 376 -8.35 -13.41 11.81
CA PRO F 376 -8.58 -13.87 13.17
C PRO F 376 -8.03 -12.87 14.19
N ALA F 377 -6.96 -12.18 13.80
CA ALA F 377 -6.28 -11.25 14.69
C ALA F 377 -7.10 -9.99 14.98
N SER F 378 -7.81 -9.49 13.96
CA SER F 378 -8.40 -8.16 14.04
C SER F 378 -9.90 -8.13 14.29
N GLY F 379 -10.65 -8.94 13.54
CA GLY F 379 -12.10 -8.88 13.58
C GLY F 379 -12.66 -8.60 12.20
N LEU F 380 -13.26 -7.44 12.00
CA LEU F 380 -13.76 -7.07 10.68
C LEU F 380 -13.48 -5.62 10.32
N ASN F 381 -12.83 -5.43 9.18
CA ASN F 381 -12.60 -4.10 8.61
C ASN F 381 -13.40 -3.92 7.33
N MET F 382 -14.56 -3.28 7.43
CA MET F 382 -15.44 -3.09 6.28
C MET F 382 -15.13 -1.77 5.57
N THR F 383 -15.97 -1.41 4.61
CA THR F 383 -15.79 -0.18 3.86
C THR F 383 -17.13 0.52 3.63
N SER G 3 -37.92 25.40 -66.72
CA SER G 3 -38.15 26.80 -67.05
C SER G 3 -39.10 27.45 -66.05
N SER G 4 -39.54 26.69 -65.07
CA SER G 4 -40.45 27.20 -64.05
C SER G 4 -40.45 26.32 -62.80
N LEU G 5 -40.82 26.91 -61.68
CA LEU G 5 -40.83 26.21 -60.39
C LEU G 5 -42.25 25.82 -60.02
N ARG G 6 -42.65 24.61 -60.42
CA ARG G 6 -44.00 24.12 -60.15
C ARG G 6 -44.07 23.34 -58.85
N MET G 7 -45.30 23.18 -58.35
CA MET G 7 -45.54 22.42 -57.12
C MET G 7 -47.04 22.19 -56.95
N ALA G 8 -47.42 20.94 -56.68
CA ALA G 8 -48.82 20.59 -56.51
C ALA G 8 -49.30 20.99 -55.11
N ALA G 9 -50.61 21.06 -54.94
CA ALA G 9 -51.20 21.42 -53.66
C ALA G 9 -52.56 20.77 -53.48
N ILE G 10 -52.56 19.55 -52.95
CA ILE G 10 -53.79 18.80 -52.74
C ILE G 10 -54.65 19.47 -51.65
N LEU G 11 -55.64 20.24 -52.08
CA LEU G 11 -56.53 20.94 -51.15
C LEU G 11 -57.86 20.23 -51.04
N ASP G 12 -58.33 20.07 -49.79
CA ASP G 12 -59.62 19.45 -49.54
C ASP G 12 -60.63 20.48 -49.06
N ASP G 13 -60.19 21.73 -48.96
CA ASP G 13 -61.04 22.82 -48.49
C ASP G 13 -62.11 23.16 -49.53
N GLN G 14 -63.25 23.65 -49.06
CA GLN G 14 -64.34 24.04 -49.94
C GLN G 14 -64.06 25.40 -50.56
N THR G 15 -65.04 25.93 -51.28
CA THR G 15 -64.93 27.26 -51.88
C THR G 15 -66.02 28.18 -51.36
N VAL G 16 -67.16 27.59 -51.00
CA VAL G 16 -68.29 28.35 -50.47
C VAL G 16 -68.23 28.39 -48.94
N CYS G 17 -67.89 29.56 -48.39
CA CYS G 17 -67.78 29.72 -46.95
C CYS G 17 -66.90 28.64 -46.34
N GLY G 18 -65.66 28.55 -46.83
CA GLY G 18 -64.72 27.56 -46.33
C GLY G 18 -63.68 28.18 -45.42
N ARG G 19 -62.42 27.76 -45.59
CA ARG G 19 -61.33 28.27 -44.79
C ARG G 19 -60.45 29.22 -45.60
N GLY G 20 -60.61 29.19 -46.91
CA GLY G 20 -59.86 30.08 -47.80
C GLY G 20 -58.42 29.64 -47.97
N GLU G 21 -58.24 28.41 -48.45
CA GLU G 21 -56.90 27.88 -48.71
C GLU G 21 -56.52 28.06 -50.17
N ARG G 22 -57.48 27.84 -51.06
CA ARG G 22 -57.25 27.97 -52.49
C ARG G 22 -56.87 29.42 -52.81
N LEU G 23 -57.36 30.34 -51.99
CA LEU G 23 -57.06 31.76 -52.15
C LEU G 23 -55.72 32.11 -51.49
N ALA G 24 -55.38 31.38 -50.44
CA ALA G 24 -54.15 31.61 -49.71
C ALA G 24 -52.93 31.37 -50.60
N LEU G 25 -52.99 30.33 -51.41
CA LEU G 25 -51.90 29.99 -52.31
C LEU G 25 -51.70 31.08 -53.35
N ALA G 26 -52.79 31.58 -53.91
CA ALA G 26 -52.74 32.62 -54.93
C ALA G 26 -52.05 33.86 -54.38
N LEU G 27 -52.46 34.29 -53.20
CA LEU G 27 -51.90 35.48 -52.57
C LEU G 27 -50.39 35.35 -52.37
N ALA G 28 -49.93 34.11 -52.23
CA ALA G 28 -48.51 33.84 -52.02
C ALA G 28 -47.74 33.93 -53.33
N ARG G 29 -48.26 33.29 -54.37
CA ARG G 29 -47.61 33.26 -55.67
C ARG G 29 -47.43 34.66 -56.25
N GLU G 30 -48.45 35.50 -56.07
CA GLU G 30 -48.40 36.86 -56.57
C GLU G 30 -47.25 37.63 -55.95
N GLN G 31 -47.08 37.48 -54.64
CA GLN G 31 -46.03 38.18 -53.91
C GLN G 31 -44.64 37.73 -54.36
N ILE G 32 -44.51 36.43 -54.64
CA ILE G 32 -43.23 35.86 -55.06
C ILE G 32 -42.83 36.40 -56.43
N ASN G 33 -43.82 36.59 -57.30
CA ASN G 33 -43.58 37.10 -58.64
C ASN G 33 -43.61 38.62 -58.69
N GLY G 34 -43.14 39.24 -57.61
CA GLY G 34 -43.11 40.70 -57.53
C GLY G 34 -41.69 41.21 -57.33
N ILE G 35 -40.73 40.48 -57.87
CA ILE G 35 -39.32 40.87 -57.77
C ILE G 35 -38.79 41.26 -59.14
N ILE G 36 -39.50 40.85 -60.19
CA ILE G 36 -39.12 41.17 -61.56
C ILE G 36 -37.73 40.62 -61.88
N GLU G 37 -36.74 41.50 -62.00
CA GLU G 37 -35.38 41.09 -62.33
C GLU G 37 -35.37 40.12 -63.51
N LYS G 41 -35.47 35.82 -63.34
CA LYS G 41 -35.32 34.39 -63.06
C LYS G 41 -36.57 33.62 -63.45
N ALA G 42 -36.57 32.32 -63.15
CA ALA G 42 -37.71 31.47 -63.46
C ALA G 42 -38.91 31.85 -62.60
N ARG G 43 -40.11 31.75 -63.18
CA ARG G 43 -41.33 32.09 -62.47
C ARG G 43 -41.67 31.02 -61.44
N VAL G 44 -42.81 31.19 -60.77
CA VAL G 44 -43.25 30.24 -59.77
C VAL G 44 -44.74 29.91 -59.96
N GLU G 45 -45.01 28.70 -60.44
CA GLU G 45 -46.38 28.27 -60.68
C GLU G 45 -46.80 27.25 -59.62
N VAL G 46 -48.08 27.25 -59.27
CA VAL G 46 -48.60 26.32 -58.27
C VAL G 46 -49.91 25.70 -58.74
N ASP G 47 -49.90 24.39 -58.94
CA ASP G 47 -51.09 23.67 -59.38
C ASP G 47 -51.95 23.26 -58.19
N ILE G 48 -53.27 23.36 -58.36
CA ILE G 48 -54.21 23.02 -57.30
C ILE G 48 -54.96 21.74 -57.63
N PHE G 49 -55.02 20.83 -56.66
CA PHE G 49 -55.69 19.55 -56.85
C PHE G 49 -56.76 19.33 -55.77
N GLU G 50 -58.00 19.63 -56.12
CA GLU G 50 -59.11 19.48 -55.17
C GLU G 50 -59.30 18.02 -54.78
N LEU G 51 -59.80 17.81 -53.57
CA LEU G 51 -60.13 16.49 -53.07
C LEU G 51 -61.59 16.50 -52.61
N GLN G 52 -62.26 15.35 -52.74
CA GLN G 52 -63.68 15.28 -52.45
C GLN G 52 -63.95 14.75 -51.05
N ARG G 53 -63.49 13.53 -50.79
CA ARG G 53 -63.71 12.89 -49.49
C ARG G 53 -62.42 12.24 -49.03
N ASP G 54 -62.17 12.30 -47.72
CA ASP G 54 -60.96 11.75 -47.13
C ASP G 54 -60.86 10.24 -47.39
N SER G 55 -60.20 9.89 -48.48
CA SER G 55 -60.10 8.49 -48.89
C SER G 55 -58.74 8.18 -49.52
N GLN G 56 -58.12 7.10 -49.06
CA GLN G 56 -56.86 6.65 -49.62
C GLN G 56 -57.02 6.46 -51.13
N TYR G 57 -58.00 5.66 -51.50
CA TYR G 57 -58.29 5.35 -52.90
C TYR G 57 -58.27 6.58 -53.79
N GLU G 58 -59.10 7.56 -53.45
CA GLU G 58 -59.26 8.75 -54.27
C GLU G 58 -57.96 9.56 -54.39
N THR G 59 -57.16 9.56 -53.33
CA THR G 59 -55.93 10.34 -53.30
C THR G 59 -54.84 9.70 -54.17
N THR G 60 -54.82 8.37 -54.22
CA THR G 60 -53.83 7.65 -55.01
C THR G 60 -53.94 8.02 -56.48
N ASP G 61 -55.18 8.12 -56.96
CA ASP G 61 -55.43 8.49 -58.35
C ASP G 61 -54.89 9.89 -58.63
N THR G 62 -54.96 10.75 -57.64
CA THR G 62 -54.52 12.14 -57.78
C THR G 62 -53.00 12.22 -57.96
N MET G 63 -52.27 11.42 -57.21
CA MET G 63 -50.81 11.44 -57.25
C MET G 63 -50.29 10.99 -58.61
N CYS G 64 -51.03 10.12 -59.29
CA CYS G 64 -50.63 9.62 -60.59
C CYS G 64 -50.88 10.67 -61.68
N GLN G 65 -51.39 11.82 -61.27
CA GLN G 65 -51.60 12.94 -62.17
C GLN G 65 -50.62 14.06 -61.85
N ILE G 66 -50.05 14.00 -60.65
CA ILE G 66 -49.08 15.00 -60.20
C ILE G 66 -47.68 14.62 -60.65
N LEU G 67 -47.36 13.33 -60.55
CA LEU G 67 -46.05 12.83 -60.92
C LEU G 67 -45.73 13.15 -62.38
N PRO G 68 -46.65 12.84 -63.31
CA PRO G 68 -46.42 13.12 -64.72
C PRO G 68 -46.06 14.58 -64.98
N LYS G 69 -46.52 15.48 -64.13
CA LYS G 69 -46.18 16.89 -64.24
C LYS G 69 -44.80 17.15 -63.65
N GLY G 70 -44.24 18.32 -63.95
CA GLY G 70 -42.94 18.68 -63.42
C GLY G 70 -43.06 19.38 -62.08
N VAL G 71 -43.29 18.59 -61.03
CA VAL G 71 -43.47 19.12 -59.69
C VAL G 71 -42.18 19.11 -58.89
N VAL G 72 -42.13 19.93 -57.84
CA VAL G 72 -40.97 20.00 -56.97
C VAL G 72 -41.35 19.58 -55.56
N SER G 73 -42.57 19.93 -55.13
CA SER G 73 -43.07 19.57 -53.82
C SER G 73 -44.59 19.47 -53.83
N VAL G 74 -45.15 18.80 -52.83
CA VAL G 74 -46.60 18.64 -52.72
C VAL G 74 -47.09 19.19 -51.38
N LEU G 75 -48.07 20.09 -51.42
CA LEU G 75 -48.62 20.69 -50.21
C LEU G 75 -49.96 20.07 -49.86
N GLY G 76 -50.30 20.09 -48.57
CA GLY G 76 -51.56 19.53 -48.09
C GLY G 76 -51.63 18.04 -48.34
N PRO G 77 -52.77 17.43 -48.04
CA PRO G 77 -53.97 18.06 -47.48
C PRO G 77 -53.74 18.64 -46.08
N SER G 78 -54.71 19.41 -45.59
CA SER G 78 -54.61 20.04 -44.29
C SER G 78 -55.75 19.62 -43.35
N SER G 79 -56.78 19.02 -43.92
CA SER G 79 -57.93 18.55 -43.15
C SER G 79 -58.33 17.15 -43.58
N SER G 80 -57.37 16.39 -44.08
CA SER G 80 -57.62 15.03 -44.53
C SER G 80 -56.55 14.08 -43.99
N PRO G 81 -56.80 13.51 -42.80
CA PRO G 81 -55.86 12.61 -42.13
C PRO G 81 -55.41 11.44 -43.00
N ALA G 82 -56.35 10.65 -43.50
CA ALA G 82 -56.02 9.49 -44.32
C ALA G 82 -55.41 9.89 -45.66
N SER G 83 -56.02 10.89 -46.31
CA SER G 83 -55.55 11.36 -47.60
C SER G 83 -54.18 12.03 -47.49
N ALA G 84 -53.74 12.27 -46.26
CA ALA G 84 -52.44 12.90 -46.03
C ALA G 84 -51.34 11.86 -45.91
N SER G 85 -51.61 10.81 -45.15
CA SER G 85 -50.62 9.75 -44.95
C SER G 85 -50.27 9.07 -46.26
N THR G 86 -51.28 8.91 -47.12
CA THR G 86 -51.09 8.27 -48.42
C THR G 86 -50.14 9.06 -49.30
N VAL G 87 -50.28 10.38 -49.28
CA VAL G 87 -49.44 11.24 -50.11
C VAL G 87 -47.99 11.17 -49.66
N SER G 88 -47.78 11.01 -48.36
CA SER G 88 -46.42 10.91 -47.82
C SER G 88 -45.75 9.65 -48.32
N HIS G 89 -46.49 8.54 -48.32
CA HIS G 89 -45.95 7.25 -48.72
C HIS G 89 -45.44 7.28 -50.16
N ILE G 90 -46.23 7.89 -51.04
CA ILE G 90 -45.88 7.97 -52.45
C ILE G 90 -44.73 8.95 -52.66
N CYS G 91 -44.79 10.08 -51.97
CA CYS G 91 -43.75 11.10 -52.06
C CYS G 91 -42.41 10.53 -51.61
N GLY G 92 -42.47 9.50 -50.76
CA GLY G 92 -41.27 8.88 -50.24
C GLY G 92 -40.57 8.03 -51.28
N GLU G 93 -41.36 7.32 -52.07
CA GLU G 93 -40.82 6.46 -53.12
C GLU G 93 -40.65 7.23 -54.43
N LYS G 94 -40.77 8.55 -54.36
CA LYS G 94 -40.59 9.40 -55.53
C LYS G 94 -39.58 10.51 -55.26
N GLU G 95 -39.06 10.54 -54.04
CA GLU G 95 -38.07 11.54 -53.64
C GLU G 95 -38.60 12.95 -53.80
N ILE G 96 -39.92 13.09 -53.96
CA ILE G 96 -40.54 14.39 -54.09
C ILE G 96 -41.03 14.89 -52.73
N PRO G 97 -40.36 15.92 -52.19
CA PRO G 97 -40.69 16.44 -50.85
C PRO G 97 -42.18 16.67 -50.64
N HIS G 98 -42.64 16.48 -49.41
CA HIS G 98 -44.04 16.61 -49.08
C HIS G 98 -44.22 17.55 -47.89
N ILE G 99 -44.74 18.75 -48.16
CA ILE G 99 -44.95 19.74 -47.11
C ILE G 99 -46.28 19.51 -46.40
N LYS G 100 -46.27 18.65 -45.38
CA LYS G 100 -47.46 18.37 -44.59
C LYS G 100 -47.83 19.57 -43.74
N VAL G 101 -49.11 19.93 -43.74
CA VAL G 101 -49.59 21.07 -42.96
C VAL G 101 -51.03 20.88 -42.53
N GLY G 102 -51.25 19.97 -41.59
CA GLY G 102 -52.59 19.70 -41.09
C GLY G 102 -52.61 18.57 -40.07
N PRO G 103 -53.26 17.45 -40.42
CA PRO G 103 -53.39 16.32 -39.51
C PRO G 103 -52.06 15.65 -39.20
N GLU G 104 -52.06 14.71 -38.27
CA GLU G 104 -50.85 14.00 -37.88
C GLU G 104 -51.21 12.84 -36.94
N GLU G 105 -51.13 11.63 -37.46
CA GLU G 105 -51.45 10.44 -36.68
C GLU G 105 -50.56 9.27 -37.07
N THR G 106 -50.16 8.47 -36.09
CA THR G 106 -49.35 7.28 -36.32
C THR G 106 -48.16 7.57 -37.25
N PRO G 107 -47.05 8.03 -36.69
CA PRO G 107 -45.86 8.36 -37.49
C PRO G 107 -45.22 7.14 -38.13
N LEU G 112 -38.21 2.93 -42.21
CA LEU G 112 -39.11 3.06 -43.35
C LEU G 112 -38.80 4.34 -44.13
N ARG G 113 -39.22 4.39 -45.39
CA ARG G 113 -38.97 5.54 -46.25
C ARG G 113 -39.48 6.83 -45.63
N PHE G 114 -38.60 7.82 -45.49
CA PHE G 114 -38.98 9.11 -44.94
C PHE G 114 -38.40 10.25 -45.76
N ALA G 115 -39.24 11.24 -46.07
CA ALA G 115 -38.82 12.37 -46.88
C ALA G 115 -39.92 13.43 -46.94
N SER G 116 -40.10 14.16 -45.85
CA SER G 116 -41.13 15.19 -45.78
C SER G 116 -41.00 16.04 -44.51
N VAL G 117 -41.45 17.28 -44.60
CA VAL G 117 -41.40 18.19 -43.46
C VAL G 117 -42.78 18.79 -43.18
N SER G 118 -43.03 19.15 -41.93
CA SER G 118 -44.33 19.68 -41.53
C SER G 118 -44.20 21.01 -40.79
N LEU G 119 -45.05 21.97 -41.15
CA LEU G 119 -45.07 23.27 -40.50
C LEU G 119 -45.98 23.23 -39.28
N TYR G 120 -47.03 22.42 -39.35
CA TYR G 120 -47.99 22.31 -38.26
C TYR G 120 -47.32 21.74 -37.00
N PRO G 121 -47.57 22.37 -35.85
CA PRO G 121 -46.98 21.91 -34.58
C PRO G 121 -47.22 20.43 -34.32
N SER G 122 -46.13 19.68 -34.10
CA SER G 122 -46.23 18.25 -33.86
C SER G 122 -47.05 17.95 -32.62
N ASN G 123 -47.59 16.74 -32.54
CA ASN G 123 -48.40 16.34 -31.40
C ASN G 123 -47.60 16.32 -30.10
N GLU G 124 -46.28 16.39 -30.22
CA GLU G 124 -45.41 16.41 -29.05
C GLU G 124 -45.40 17.80 -28.41
N ASP G 125 -45.27 18.82 -29.25
CA ASP G 125 -45.22 20.20 -28.77
C ASP G 125 -46.57 20.68 -28.26
N VAL G 126 -47.64 20.18 -28.88
CA VAL G 126 -49.00 20.56 -28.49
C VAL G 126 -49.31 20.01 -27.10
N SER G 127 -48.88 18.79 -26.84
CA SER G 127 -49.11 18.14 -25.55
C SER G 127 -48.18 18.71 -24.49
N LEU G 128 -46.98 19.10 -24.92
CA LEU G 128 -45.99 19.66 -24.00
C LEU G 128 -46.42 21.06 -23.58
N ALA G 129 -47.14 21.74 -24.47
CA ALA G 129 -47.62 23.08 -24.19
C ALA G 129 -48.71 23.03 -23.12
N VAL G 130 -49.68 22.13 -23.32
CA VAL G 130 -50.77 21.97 -22.37
C VAL G 130 -50.22 21.50 -21.02
N SER G 131 -49.09 20.82 -21.04
CA SER G 131 -48.46 20.33 -19.83
C SER G 131 -47.79 21.47 -19.06
N ARG G 132 -47.21 22.41 -19.81
CA ARG G 132 -46.54 23.56 -19.20
C ARG G 132 -47.54 24.54 -18.62
N ILE G 133 -48.74 24.58 -19.18
CA ILE G 133 -49.79 25.47 -18.70
C ILE G 133 -50.28 24.98 -17.33
N LEU G 134 -50.59 23.70 -17.24
CA LEU G 134 -51.02 23.10 -15.99
C LEU G 134 -49.94 23.25 -14.92
N LYS G 135 -48.70 23.44 -15.36
CA LYS G 135 -47.58 23.57 -14.45
C LYS G 135 -47.75 24.78 -13.54
N SER G 136 -48.25 25.88 -14.11
CA SER G 136 -48.44 27.11 -13.35
C SER G 136 -49.69 27.07 -12.49
N PHE G 137 -50.32 25.89 -12.40
CA PHE G 137 -51.51 25.72 -11.60
C PHE G 137 -51.37 24.54 -10.63
N ASN G 138 -50.14 24.05 -10.49
CA ASN G 138 -49.85 22.92 -9.62
C ASN G 138 -50.59 21.65 -10.05
N TYR G 139 -50.88 21.57 -11.34
CA TYR G 139 -51.56 20.40 -11.91
C TYR G 139 -52.85 20.08 -11.16
N PRO G 140 -53.86 20.95 -11.29
CA PRO G 140 -55.16 20.71 -10.65
C PRO G 140 -55.84 19.46 -11.19
N SER G 141 -57.09 19.23 -10.78
CA SER G 141 -57.84 18.08 -11.25
C SER G 141 -58.12 18.21 -12.76
N ALA G 142 -57.34 17.49 -13.55
CA ALA G 142 -57.52 17.52 -15.00
C ALA G 142 -58.70 16.65 -15.43
N SER G 143 -59.28 16.99 -16.57
CA SER G 143 -60.41 16.23 -17.10
C SER G 143 -60.64 16.58 -18.56
N LEU G 144 -59.80 16.05 -19.44
CA LEU G 144 -59.91 16.32 -20.87
C LEU G 144 -61.23 15.79 -21.43
N ILE G 145 -61.88 16.61 -22.24
CA ILE G 145 -63.12 16.22 -22.88
C ILE G 145 -62.85 15.81 -24.32
N CYS G 146 -62.23 14.65 -24.50
CA CYS G 146 -61.90 14.15 -25.83
C CYS G 146 -63.13 14.11 -26.72
N ALA G 147 -62.99 14.58 -27.96
CA ALA G 147 -64.10 14.60 -28.90
C ALA G 147 -64.14 13.31 -29.73
N LYS G 148 -62.96 12.76 -30.02
CA LYS G 148 -62.88 11.52 -30.77
C LYS G 148 -61.83 10.56 -30.21
N ALA G 149 -61.53 9.52 -30.98
CA ALA G 149 -60.51 8.54 -30.61
C ALA G 149 -59.12 9.07 -30.87
N GLU G 150 -58.96 9.83 -31.96
CA GLU G 150 -57.66 10.40 -32.32
C GLU G 150 -57.21 11.40 -31.27
N CYS G 151 -58.15 11.81 -30.41
CA CYS G 151 -57.86 12.77 -29.36
C CYS G 151 -56.82 12.21 -28.38
N LEU G 152 -56.67 10.90 -28.37
CA LEU G 152 -55.72 10.24 -27.47
C LEU G 152 -54.33 10.15 -28.09
N LEU G 153 -54.27 10.20 -29.42
CA LEU G 153 -53.00 10.08 -30.14
C LEU G 153 -52.33 11.45 -30.27
N ARG G 154 -53.13 12.45 -30.62
CA ARG G 154 -52.62 13.81 -30.79
C ARG G 154 -52.15 14.38 -29.45
N LEU G 155 -52.69 13.84 -28.36
CA LEU G 155 -52.30 14.26 -27.02
C LEU G 155 -51.70 13.09 -26.25
N GLU G 156 -50.99 12.22 -26.96
CA GLU G 156 -50.42 11.02 -26.36
C GLU G 156 -49.42 11.38 -25.26
N GLU G 157 -48.50 12.27 -25.56
CA GLU G 157 -47.46 12.66 -24.61
C GLU G 157 -48.04 13.28 -23.34
N LEU G 158 -49.27 13.78 -23.43
CA LEU G 158 -49.93 14.42 -22.30
C LEU G 158 -50.60 13.39 -21.40
N VAL G 159 -51.33 12.46 -22.00
CA VAL G 159 -52.09 11.46 -21.25
C VAL G 159 -51.14 10.54 -20.48
N ARG G 160 -50.01 10.21 -21.08
CA ARG G 160 -49.03 9.34 -20.44
C ARG G 160 -48.26 10.08 -19.35
N GLY G 161 -48.15 11.40 -19.52
CA GLY G 161 -47.37 12.22 -18.61
C GLY G 161 -47.85 12.17 -17.18
N PHE G 162 -49.17 12.22 -16.98
CA PHE G 162 -49.74 12.25 -15.64
C PHE G 162 -50.54 10.99 -15.33
N LEU G 163 -50.71 10.71 -14.05
CA LEU G 163 -51.50 9.57 -13.61
C LEU G 163 -52.94 9.73 -14.11
N ILE G 164 -53.64 8.61 -14.26
CA ILE G 164 -55.02 8.64 -14.74
C ILE G 164 -55.98 8.27 -13.61
N SER G 165 -56.65 9.28 -13.06
CA SER G 165 -57.61 9.06 -11.99
C SER G 165 -58.55 10.27 -11.85
N LYS G 166 -59.31 10.30 -10.76
CA LYS G 166 -60.24 11.39 -10.53
C LYS G 166 -59.55 12.57 -9.84
N GLU G 167 -58.37 12.31 -9.28
CA GLU G 167 -57.66 13.34 -8.53
C GLU G 167 -56.53 13.98 -9.34
N THR G 168 -56.20 13.39 -10.49
CA THR G 168 -55.09 13.89 -11.30
C THR G 168 -55.47 14.17 -12.75
N LEU G 169 -56.08 13.19 -13.41
CA LEU G 169 -56.42 13.33 -14.83
C LEU G 169 -57.38 12.25 -15.29
N SER G 170 -58.59 12.66 -15.69
CA SER G 170 -59.60 11.75 -16.19
C SER G 170 -59.97 12.11 -17.63
N VAL G 171 -60.15 11.10 -18.46
CA VAL G 171 -60.49 11.31 -19.86
C VAL G 171 -61.90 10.87 -20.18
N ARG G 172 -62.65 11.73 -20.85
CA ARG G 172 -64.03 11.44 -21.21
C ARG G 172 -64.27 11.74 -22.69
N MET G 173 -64.70 10.73 -23.44
CA MET G 173 -64.94 10.87 -24.86
C MET G 173 -66.40 11.21 -25.15
N LEU G 174 -66.62 12.00 -26.20
CA LEU G 174 -67.95 12.42 -26.59
C LEU G 174 -68.46 11.56 -27.75
N ASP G 175 -69.49 10.76 -27.47
CA ASP G 175 -70.07 9.89 -28.50
C ASP G 175 -70.73 10.72 -29.60
N ASP G 176 -70.72 10.20 -30.82
CA ASP G 176 -71.27 10.93 -31.97
C ASP G 176 -72.78 11.07 -31.91
N SER G 177 -73.28 12.25 -32.24
CA SER G 177 -74.71 12.57 -32.17
C SER G 177 -75.17 12.60 -30.70
N ARG G 178 -74.31 12.10 -29.83
CA ARG G 178 -74.38 12.38 -28.41
C ARG G 178 -73.61 13.68 -28.26
N ASP G 179 -74.07 14.58 -27.41
CA ASP G 179 -73.47 15.90 -27.31
C ASP G 179 -72.81 16.08 -25.93
N PRO G 180 -72.23 17.25 -25.68
CA PRO G 180 -71.56 17.48 -24.40
C PRO G 180 -72.55 17.86 -23.31
N THR G 181 -73.30 16.89 -22.82
CA THR G 181 -74.29 17.11 -21.77
C THR G 181 -73.92 16.44 -20.46
N PRO G 182 -73.96 15.10 -20.41
CA PRO G 182 -73.73 14.40 -19.15
C PRO G 182 -72.30 14.61 -18.72
N LEU G 183 -71.45 14.88 -19.70
CA LEU G 183 -70.03 15.04 -19.47
C LEU G 183 -69.79 16.10 -18.40
N LEU G 184 -69.98 17.36 -18.76
CA LEU G 184 -69.75 18.47 -17.85
C LEU G 184 -70.38 18.21 -16.49
N LYS G 185 -71.49 17.48 -16.49
CA LYS G 185 -72.19 17.12 -15.26
C LYS G 185 -71.30 16.29 -14.36
N GLU G 186 -70.74 15.21 -14.90
CA GLU G 186 -69.87 14.32 -14.15
C GLU G 186 -68.66 15.08 -13.63
N ILE G 187 -68.23 16.08 -14.38
CA ILE G 187 -67.09 16.90 -13.98
C ILE G 187 -67.42 17.64 -12.68
N ARG G 188 -68.65 18.13 -12.59
CA ARG G 188 -69.10 18.84 -11.40
C ARG G 188 -69.18 17.92 -10.18
N ASP G 189 -69.48 16.64 -10.43
CA ASP G 189 -69.58 15.65 -9.37
C ASP G 189 -68.21 15.40 -8.74
N ASP G 190 -67.18 15.31 -9.57
CA ASP G 190 -65.83 15.07 -9.10
C ASP G 190 -65.12 16.38 -8.77
N LYS G 191 -65.89 17.42 -8.49
CA LYS G 191 -65.36 18.73 -8.14
C LYS G 191 -64.12 19.08 -8.96
N VAL G 192 -64.18 18.80 -10.25
CA VAL G 192 -63.07 19.10 -11.16
C VAL G 192 -63.14 20.55 -11.59
N SER G 193 -61.99 21.23 -11.56
CA SER G 193 -61.92 22.63 -11.93
C SER G 193 -61.37 22.81 -13.34
N THR G 194 -60.25 22.16 -13.62
CA THR G 194 -59.59 22.28 -14.91
C THR G 194 -60.19 21.31 -15.93
N ILE G 195 -60.46 21.82 -17.13
CA ILE G 195 -61.03 21.02 -18.21
C ILE G 195 -60.35 21.38 -19.53
N ILE G 196 -59.85 20.36 -20.22
CA ILE G 196 -59.15 20.58 -21.48
C ILE G 196 -59.87 19.90 -22.63
N ILE G 197 -60.61 20.69 -23.41
CA ILE G 197 -61.37 20.16 -24.54
C ILE G 197 -60.50 20.05 -25.79
N ASP G 198 -60.75 19.02 -26.60
CA ASP G 198 -59.98 18.80 -27.81
C ASP G 198 -60.90 18.46 -28.99
N ALA G 199 -61.09 19.43 -29.88
CA ALA G 199 -61.93 19.24 -31.06
C ALA G 199 -61.77 20.40 -32.03
N ASN G 200 -62.51 20.37 -33.13
CA ASN G 200 -62.46 21.44 -34.11
C ASN G 200 -63.15 22.70 -33.60
N ALA G 201 -63.12 23.77 -34.39
CA ALA G 201 -63.69 25.05 -33.98
C ALA G 201 -65.19 24.92 -33.69
N SER G 202 -65.83 23.91 -34.28
CA SER G 202 -67.26 23.71 -34.10
C SER G 202 -67.58 23.16 -32.71
N ILE G 203 -67.06 21.97 -32.41
CA ILE G 203 -67.33 21.32 -31.14
C ILE G 203 -66.74 22.12 -29.97
N SER G 204 -65.75 22.95 -30.27
CA SER G 204 -65.11 23.77 -29.24
C SER G 204 -66.06 24.87 -28.77
N HIS G 205 -66.84 25.40 -29.71
CA HIS G 205 -67.83 26.43 -29.40
C HIS G 205 -69.07 25.81 -28.77
N LEU G 206 -69.36 24.57 -29.16
CA LEU G 206 -70.58 23.89 -28.74
C LEU G 206 -70.49 23.36 -27.31
N VAL G 207 -69.34 22.77 -26.99
CA VAL G 207 -69.13 22.18 -25.67
C VAL G 207 -69.21 23.24 -24.57
N LEU G 208 -68.71 24.44 -24.87
CA LEU G 208 -68.70 25.53 -23.90
C LEU G 208 -70.05 26.22 -23.80
N ARG G 209 -70.89 26.03 -24.82
CA ARG G 209 -72.19 26.68 -24.88
C ARG G 209 -73.13 26.17 -23.81
N LYS G 210 -73.38 24.87 -23.84
CA LYS G 210 -74.25 24.23 -22.87
C LYS G 210 -73.52 24.09 -21.53
N ALA G 211 -72.29 24.59 -21.48
CA ALA G 211 -71.48 24.56 -20.26
C ALA G 211 -71.69 25.83 -19.45
N SER G 212 -71.69 26.96 -20.14
CA SER G 212 -71.81 28.27 -19.49
C SER G 212 -73.15 28.40 -18.79
N GLU G 213 -74.13 27.60 -19.22
CA GLU G 213 -75.46 27.63 -18.62
C GLU G 213 -75.55 26.66 -17.44
N LEU G 214 -74.40 26.31 -16.89
CA LEU G 214 -74.33 25.44 -15.71
C LEU G 214 -73.41 26.03 -14.65
N GLY G 215 -73.04 27.29 -14.82
CA GLY G 215 -72.11 27.94 -13.92
C GLY G 215 -70.69 27.50 -14.19
N MET G 216 -70.51 26.75 -15.27
CA MET G 216 -69.19 26.25 -15.64
C MET G 216 -68.35 27.36 -16.25
N THR G 217 -68.98 28.51 -16.50
CA THR G 217 -68.32 29.65 -17.11
C THR G 217 -67.71 30.58 -16.07
N SER G 218 -67.94 30.29 -14.81
CA SER G 218 -67.43 31.12 -13.72
C SER G 218 -65.90 31.14 -13.71
N ALA G 219 -65.33 32.01 -12.89
CA ALA G 219 -63.88 32.11 -12.77
C ALA G 219 -63.32 30.94 -11.95
N PHE G 220 -64.22 30.17 -11.36
CA PHE G 220 -63.82 29.04 -10.54
C PHE G 220 -63.16 27.96 -11.40
N TYR G 221 -63.63 27.82 -12.63
CA TYR G 221 -63.11 26.81 -13.54
C TYR G 221 -62.10 27.40 -14.51
N LYS G 222 -61.32 26.52 -15.15
CA LYS G 222 -60.28 26.93 -16.08
C LYS G 222 -60.24 25.97 -17.25
N TYR G 223 -60.37 26.50 -18.47
CA TYR G 223 -60.39 25.67 -19.67
C TYR G 223 -59.16 25.90 -20.54
N ILE G 224 -58.81 24.89 -21.32
CA ILE G 224 -57.66 24.97 -22.22
C ILE G 224 -58.02 24.32 -23.55
N LEU G 225 -58.11 25.12 -24.60
CA LEU G 225 -58.44 24.62 -25.92
C LEU G 225 -57.18 24.27 -26.70
N THR G 226 -57.11 23.03 -27.19
CA THR G 226 -55.97 22.58 -27.98
C THR G 226 -56.17 22.95 -29.45
N THR G 227 -57.42 23.17 -29.84
CA THR G 227 -57.72 23.58 -31.21
C THR G 227 -56.93 24.83 -31.57
N MET G 228 -56.36 24.86 -32.76
CA MET G 228 -55.55 25.98 -33.19
C MET G 228 -56.41 27.07 -33.84
N ASP G 229 -57.67 26.74 -34.11
CA ASP G 229 -58.62 27.71 -34.65
C ASP G 229 -59.27 28.50 -33.52
N PHE G 230 -58.46 28.94 -32.56
CA PHE G 230 -58.96 29.66 -31.40
C PHE G 230 -59.17 31.15 -31.69
N PRO G 231 -58.18 31.78 -32.37
CA PRO G 231 -58.29 33.21 -32.70
C PRO G 231 -59.53 33.52 -33.54
N ILE G 232 -60.02 32.54 -34.30
CA ILE G 232 -61.21 32.75 -35.13
C ILE G 232 -62.47 32.32 -34.39
N LEU G 233 -62.30 31.50 -33.36
CA LEU G 233 -63.42 31.03 -32.54
C LEU G 233 -63.99 32.16 -31.70
N HIS G 234 -65.04 32.80 -32.21
CA HIS G 234 -65.67 33.91 -31.50
C HIS G 234 -66.81 33.41 -30.62
N LEU G 235 -66.73 33.70 -29.32
CA LEU G 235 -67.75 33.29 -28.37
C LEU G 235 -68.57 34.49 -27.93
N ASP G 236 -69.75 34.65 -28.52
CA ASP G 236 -70.62 35.78 -28.21
C ASP G 236 -71.88 35.33 -27.49
N GLY G 237 -72.01 35.71 -26.22
CA GLY G 237 -73.18 35.36 -25.43
C GLY G 237 -72.96 34.11 -24.60
N ILE G 238 -71.73 33.62 -24.57
CA ILE G 238 -71.40 32.43 -23.79
C ILE G 238 -70.29 32.72 -22.79
N VAL G 239 -69.57 33.82 -23.01
CA VAL G 239 -68.45 34.18 -22.15
C VAL G 239 -68.82 35.29 -21.18
N GLU G 240 -67.97 35.53 -20.20
CA GLU G 240 -68.20 36.55 -19.20
C GLU G 240 -66.91 37.34 -18.96
N ASP G 241 -66.86 38.09 -17.87
CA ASP G 241 -65.68 38.87 -17.54
C ASP G 241 -64.77 38.13 -16.57
N SER G 242 -65.30 37.06 -15.98
CA SER G 242 -64.55 36.27 -15.01
C SER G 242 -64.18 34.91 -15.59
N SER G 243 -64.78 34.57 -16.72
CA SER G 243 -64.54 33.30 -17.38
C SER G 243 -63.06 33.10 -17.69
N ASN G 244 -62.62 31.85 -17.71
CA ASN G 244 -61.24 31.51 -18.04
C ASN G 244 -61.19 30.52 -19.20
N ILE G 245 -60.93 31.02 -20.40
CA ILE G 245 -60.86 30.18 -21.59
C ILE G 245 -59.58 30.49 -22.36
N LEU G 246 -58.58 29.62 -22.20
CA LEU G 246 -57.30 29.80 -22.88
C LEU G 246 -57.37 29.22 -24.29
N GLY G 247 -56.32 29.44 -25.07
CA GLY G 247 -56.25 28.95 -26.43
C GLY G 247 -54.83 29.02 -26.98
N PHE G 248 -54.69 28.84 -28.29
CA PHE G 248 -53.39 28.90 -28.93
C PHE G 248 -53.45 29.66 -30.25
N SER G 249 -52.31 30.20 -30.66
CA SER G 249 -52.23 30.95 -31.90
C SER G 249 -50.78 31.03 -32.38
N MET G 250 -50.60 31.26 -33.68
CA MET G 250 -49.26 31.37 -34.26
C MET G 250 -49.14 32.60 -35.15
N PHE G 251 -50.23 33.32 -35.34
CA PHE G 251 -50.24 34.50 -36.19
C PHE G 251 -49.29 35.57 -35.65
N ASN G 252 -48.20 35.80 -36.36
CA ASN G 252 -47.21 36.80 -35.95
C ASN G 252 -47.47 38.13 -36.66
N THR G 253 -47.93 39.12 -35.90
CA THR G 253 -48.24 40.42 -36.46
C THR G 253 -46.97 41.12 -36.94
N SER G 254 -45.82 40.58 -36.56
CA SER G 254 -44.52 41.14 -36.95
C SER G 254 -44.39 41.23 -38.47
N HIS G 255 -45.18 40.43 -39.18
CA HIS G 255 -45.14 40.41 -40.64
C HIS G 255 -46.01 41.56 -41.18
N PRO G 256 -45.39 42.51 -41.89
CA PRO G 256 -46.09 43.67 -42.46
C PRO G 256 -47.18 43.32 -43.47
N PHE G 257 -47.15 42.09 -44.00
CA PHE G 257 -48.11 41.65 -45.00
C PHE G 257 -49.32 41.01 -44.33
N TYR G 258 -49.26 40.88 -43.01
CA TYR G 258 -50.35 40.27 -42.25
C TYR G 258 -51.65 41.04 -42.41
N PRO G 259 -51.62 42.36 -42.24
CA PRO G 259 -52.83 43.17 -42.40
C PRO G 259 -53.47 43.02 -43.78
N GLU G 260 -52.66 42.93 -44.82
CA GLU G 260 -53.16 42.80 -46.18
C GLU G 260 -53.76 41.42 -46.39
N PHE G 261 -53.19 40.42 -45.73
CA PHE G 261 -53.65 39.05 -45.85
C PHE G 261 -55.08 38.90 -45.33
N VAL G 262 -55.30 39.40 -44.11
CA VAL G 262 -56.60 39.32 -43.48
C VAL G 262 -57.65 40.07 -44.31
N ARG G 263 -57.19 41.09 -45.02
CA ARG G 263 -58.07 41.91 -45.84
C ARG G 263 -58.69 41.10 -46.97
N SER G 264 -57.87 40.30 -47.64
CA SER G 264 -58.33 39.51 -48.79
C SER G 264 -59.43 38.53 -48.40
N LEU G 265 -59.26 37.86 -47.26
CA LEU G 265 -60.24 36.87 -46.81
C LEU G 265 -61.49 37.54 -46.24
N ASN G 266 -61.30 38.71 -45.65
CA ASN G 266 -62.40 39.43 -45.02
C ASN G 266 -63.46 39.86 -46.04
N MET G 267 -63.00 40.24 -47.22
CA MET G 267 -63.90 40.69 -48.28
C MET G 267 -64.39 39.51 -49.11
N SER G 268 -63.46 38.65 -49.50
CA SER G 268 -63.78 37.49 -50.33
C SER G 268 -64.85 36.62 -49.68
N TRP G 269 -64.96 36.70 -48.36
CA TRP G 269 -65.93 35.87 -47.63
C TRP G 269 -67.36 36.24 -48.02
N ARG G 270 -67.72 37.51 -47.83
CA ARG G 270 -69.06 37.98 -48.18
C ARG G 270 -69.10 38.50 -49.62
N GLU G 271 -68.13 38.07 -50.42
CA GLU G 271 -68.09 38.44 -51.83
C GLU G 271 -68.51 37.25 -52.69
N ASN G 272 -68.36 36.05 -52.14
CA ASN G 272 -68.78 34.83 -52.82
C ASN G 272 -69.85 34.10 -52.01
N CYS G 273 -69.66 34.07 -50.69
CA CYS G 273 -70.62 33.45 -49.79
C CYS G 273 -70.98 34.41 -48.66
N GLU G 274 -71.89 35.34 -48.96
CA GLU G 274 -72.29 36.35 -47.99
C GLU G 274 -73.45 35.86 -47.12
N ALA G 275 -73.58 34.55 -46.99
CA ALA G 275 -74.64 33.96 -46.17
C ALA G 275 -74.21 33.85 -44.72
N SER G 276 -73.09 34.49 -44.38
CA SER G 276 -72.57 34.46 -43.02
C SER G 276 -71.47 35.50 -42.84
N THR G 277 -71.08 35.72 -41.59
CA THR G 277 -70.02 36.68 -41.29
C THR G 277 -68.64 36.04 -41.41
N TYR G 278 -67.61 36.87 -41.39
CA TYR G 278 -66.23 36.39 -41.52
C TYR G 278 -65.58 36.21 -40.16
N PRO G 279 -65.40 34.95 -39.73
CA PRO G 279 -64.78 34.65 -38.43
C PRO G 279 -63.38 35.25 -38.28
N GLY G 280 -62.45 34.85 -39.14
CA GLY G 280 -61.09 35.35 -39.08
C GLY G 280 -60.12 34.47 -39.83
N PRO G 281 -58.88 34.96 -40.00
CA PRO G 281 -57.83 34.21 -40.72
C PRO G 281 -57.69 32.78 -40.22
N ALA G 282 -57.95 31.81 -41.10
CA ALA G 282 -57.87 30.40 -40.74
C ALA G 282 -56.42 29.97 -40.62
N LEU G 283 -56.17 29.01 -39.74
CA LEU G 283 -54.80 28.51 -39.54
C LEU G 283 -54.33 27.75 -40.76
N SER G 284 -55.27 27.10 -41.43
CA SER G 284 -54.96 26.32 -42.63
C SER G 284 -54.35 27.21 -43.71
N ALA G 285 -55.02 28.31 -44.00
CA ALA G 285 -54.57 29.25 -45.02
C ALA G 285 -53.21 29.84 -44.65
N ALA G 286 -52.99 30.03 -43.35
CA ALA G 286 -51.74 30.60 -42.86
C ALA G 286 -50.56 29.68 -43.20
N LEU G 287 -50.75 28.38 -42.96
CA LEU G 287 -49.70 27.40 -43.24
C LEU G 287 -49.44 27.28 -44.73
N MET G 288 -50.51 27.33 -45.52
CA MET G 288 -50.40 27.23 -46.97
C MET G 288 -49.56 28.38 -47.53
N PHE G 289 -49.77 29.57 -46.99
CA PHE G 289 -49.08 30.76 -47.47
C PHE G 289 -47.57 30.61 -47.26
N ASP G 290 -47.17 30.42 -46.01
CA ASP G 290 -45.75 30.28 -45.68
C ASP G 290 -45.14 29.07 -46.37
N ALA G 291 -45.95 28.05 -46.59
CA ALA G 291 -45.48 26.81 -47.20
C ALA G 291 -44.86 27.08 -48.56
N VAL G 292 -45.63 27.75 -49.43
CA VAL G 292 -45.16 28.05 -50.77
C VAL G 292 -43.83 28.79 -50.75
N HIS G 293 -43.68 29.69 -49.78
CA HIS G 293 -42.45 30.47 -49.65
C HIS G 293 -41.27 29.58 -49.25
N VAL G 294 -41.51 28.66 -48.33
CA VAL G 294 -40.46 27.77 -47.85
C VAL G 294 -39.93 26.90 -48.98
N VAL G 295 -40.85 26.44 -49.84
CA VAL G 295 -40.48 25.60 -50.95
C VAL G 295 -39.57 26.37 -51.91
N VAL G 296 -40.07 27.48 -52.43
CA VAL G 296 -39.31 28.30 -53.37
C VAL G 296 -38.00 28.77 -52.75
N SER G 297 -37.96 28.82 -51.42
CA SER G 297 -36.77 29.26 -50.70
C SER G 297 -35.66 28.22 -50.80
N ALA G 298 -36.01 26.96 -50.54
CA ALA G 298 -35.04 25.87 -50.58
C ALA G 298 -34.59 25.61 -52.01
N VAL G 299 -35.53 25.70 -52.95
CA VAL G 299 -35.23 25.49 -54.36
C VAL G 299 -34.32 26.60 -54.87
N ARG G 300 -34.49 27.79 -54.33
CA ARG G 300 -33.68 28.94 -54.73
C ARG G 300 -32.22 28.68 -54.35
N GLU G 301 -32.03 28.05 -53.20
CA GLU G 301 -30.69 27.75 -52.70
C GLU G 301 -30.09 26.54 -53.41
N LEU G 302 -30.96 25.61 -53.81
CA LEU G 302 -30.52 24.40 -54.49
C LEU G 302 -30.19 24.71 -55.96
N ASN G 303 -30.76 25.79 -56.46
CA ASN G 303 -30.50 26.22 -57.84
C ASN G 303 -29.19 27.00 -57.91
N ARG G 304 -28.56 27.20 -56.77
CA ARG G 304 -27.28 27.89 -56.68
C ARG G 304 -26.13 26.91 -56.68
N SER G 305 -26.39 25.69 -56.22
CA SER G 305 -25.35 24.68 -56.12
C SER G 305 -25.43 23.69 -57.29
N GLN G 306 -26.62 23.13 -57.50
CA GLN G 306 -26.84 22.20 -58.61
C GLN G 306 -27.99 22.70 -59.49
N GLU G 307 -27.77 22.70 -60.80
CA GLU G 307 -28.84 23.03 -61.74
C GLU G 307 -30.01 22.08 -61.50
N ILE G 308 -31.20 22.64 -61.28
CA ILE G 308 -32.37 21.83 -60.95
C ILE G 308 -33.22 21.53 -62.17
N GLY G 309 -33.35 20.24 -62.47
CA GLY G 309 -34.18 19.80 -63.59
C GLY G 309 -35.22 18.80 -63.13
N VAL G 310 -36.48 19.08 -63.42
CA VAL G 310 -37.58 18.18 -63.06
C VAL G 310 -38.02 17.38 -64.28
N LYS G 311 -37.97 16.05 -64.15
CA LYS G 311 -38.35 15.18 -65.24
C LYS G 311 -39.62 14.42 -64.89
N PRO G 312 -40.61 14.44 -65.80
CA PRO G 312 -41.91 13.79 -65.61
C PRO G 312 -41.80 12.35 -65.10
N LEU G 313 -42.44 12.07 -63.96
CA LEU G 313 -42.45 10.73 -63.39
C LEU G 313 -43.81 10.07 -63.63
N ALA G 314 -44.08 8.98 -62.92
CA ALA G 314 -45.35 8.29 -63.04
C ALA G 314 -45.51 7.22 -61.96
N CYS G 315 -46.73 6.74 -61.77
CA CYS G 315 -47.02 5.71 -60.78
C CYS G 315 -46.54 4.34 -61.27
N THR G 316 -46.45 4.18 -62.58
CA THR G 316 -46.01 2.92 -63.18
C THR G 316 -44.49 2.80 -63.13
N SER G 317 -43.80 3.88 -63.47
CA SER G 317 -42.34 3.87 -63.50
C SER G 317 -41.77 3.94 -62.08
N ALA G 318 -40.72 3.17 -61.83
CA ALA G 318 -40.09 3.15 -60.52
C ALA G 318 -38.98 4.19 -60.43
N ASN G 319 -39.09 5.23 -61.26
CA ASN G 319 -38.10 6.31 -61.26
C ASN G 319 -38.31 7.26 -60.09
N ILE G 320 -37.28 8.04 -59.77
CA ILE G 320 -37.36 9.01 -58.70
C ILE G 320 -36.74 10.33 -59.14
N TRP G 321 -37.10 11.40 -58.46
CA TRP G 321 -36.56 12.72 -58.76
C TRP G 321 -35.14 12.84 -58.20
N PRO G 322 -34.14 12.89 -59.08
CA PRO G 322 -32.73 12.95 -58.65
C PRO G 322 -32.47 14.06 -57.64
N HIS G 323 -33.05 15.24 -57.84
CA HIS G 323 -32.87 16.37 -56.93
C HIS G 323 -33.84 16.29 -55.77
N GLY G 324 -34.17 15.08 -55.34
CA GLY G 324 -35.10 14.87 -54.26
C GLY G 324 -34.42 15.03 -52.91
N THR G 325 -33.49 14.13 -52.61
CA THR G 325 -32.74 14.18 -51.36
C THR G 325 -32.02 15.51 -51.23
N SER G 326 -31.60 16.07 -52.36
CA SER G 326 -30.89 17.34 -52.38
C SER G 326 -31.77 18.46 -51.83
N LEU G 327 -32.97 18.61 -52.39
CA LEU G 327 -33.90 19.64 -51.96
C LEU G 327 -34.34 19.42 -50.52
N MET G 328 -34.30 18.17 -50.08
CA MET G 328 -34.76 17.82 -48.74
C MET G 328 -33.86 18.44 -47.68
N ASN G 329 -32.57 18.52 -47.99
CA ASN G 329 -31.61 19.14 -47.07
C ASN G 329 -31.75 20.65 -47.04
N TYR G 330 -32.17 21.23 -48.15
CA TYR G 330 -32.38 22.67 -48.24
C TYR G 330 -33.73 23.08 -47.65
N LEU G 331 -34.63 22.12 -47.56
CA LEU G 331 -35.91 22.35 -46.89
C LEU G 331 -35.75 22.11 -45.39
N ARG G 332 -34.52 21.85 -44.98
CA ARG G 332 -34.20 21.62 -43.58
C ARG G 332 -33.54 22.85 -42.99
N MET G 333 -32.73 23.53 -43.79
CA MET G 333 -32.00 24.70 -43.36
C MET G 333 -32.75 25.98 -43.75
N VAL G 334 -34.08 25.92 -43.73
CA VAL G 334 -34.89 27.06 -44.13
C VAL G 334 -35.06 28.04 -42.97
N GLU G 335 -35.06 29.32 -43.29
CA GLU G 335 -35.26 30.37 -42.30
C GLU G 335 -36.19 31.45 -42.86
N TYR G 336 -37.50 31.19 -42.77
CA TYR G 336 -38.49 32.11 -43.32
C TYR G 336 -39.42 32.65 -42.23
N ASP G 337 -39.62 33.96 -42.24
CA ASP G 337 -40.50 34.61 -41.27
C ASP G 337 -41.84 34.93 -41.92
N GLY G 338 -42.81 34.04 -41.72
CA GLY G 338 -44.11 34.19 -42.35
C GLY G 338 -45.20 34.57 -41.37
N LEU G 339 -46.45 34.24 -41.71
CA LEU G 339 -47.60 34.56 -40.89
C LEU G 339 -47.78 33.52 -39.78
N THR G 340 -46.68 32.88 -39.39
CA THR G 340 -46.73 31.85 -38.35
C THR G 340 -45.50 31.91 -37.44
N GLY G 341 -44.62 32.87 -37.69
CA GLY G 341 -43.41 33.02 -36.89
C GLY G 341 -42.19 32.46 -37.61
N ARG G 342 -41.15 32.14 -36.85
CA ARG G 342 -39.94 31.57 -37.42
C ARG G 342 -40.21 30.18 -37.98
N VAL G 343 -39.85 29.97 -39.23
CA VAL G 343 -40.05 28.69 -39.90
C VAL G 343 -38.73 27.95 -40.02
N GLU G 344 -38.45 27.08 -39.05
CA GLU G 344 -37.22 26.30 -39.06
C GLU G 344 -37.55 24.83 -38.78
N PHE G 345 -36.70 23.94 -39.29
CA PHE G 345 -36.90 22.50 -39.11
C PHE G 345 -35.71 21.88 -38.40
N ASN G 346 -35.89 20.65 -37.91
CA ASN G 346 -34.83 19.93 -37.23
C ASN G 346 -34.47 18.64 -37.97
N SER G 347 -33.79 17.73 -37.28
CA SER G 347 -33.37 16.48 -37.89
C SER G 347 -34.54 15.73 -38.52
N LYS G 348 -35.47 15.30 -37.68
CA LYS G 348 -36.62 14.53 -38.15
C LYS G 348 -37.39 15.27 -39.24
N GLY G 349 -37.54 16.58 -39.07
CA GLY G 349 -38.26 17.40 -40.03
C GLY G 349 -39.41 18.18 -39.43
N GLN G 350 -39.46 18.23 -38.10
CA GLN G 350 -40.49 18.97 -37.40
C GLN G 350 -40.13 20.45 -37.31
N ARG G 351 -41.11 21.27 -36.96
CA ARG G 351 -40.88 22.70 -36.82
C ARG G 351 -40.45 23.04 -35.40
N THR G 352 -39.41 23.87 -35.29
CA THR G 352 -38.87 24.23 -33.99
C THR G 352 -38.48 25.71 -33.93
N ASN G 353 -38.01 26.14 -32.75
CA ASN G 353 -37.59 27.51 -32.53
C ASN G 353 -38.70 28.51 -32.86
N TYR G 354 -39.95 28.07 -32.69
CA TYR G 354 -41.10 28.91 -32.95
C TYR G 354 -41.85 29.20 -31.66
N THR G 355 -42.62 30.28 -31.65
CA THR G 355 -43.40 30.66 -30.47
C THR G 355 -44.84 30.17 -30.59
N LEU G 356 -45.54 30.17 -29.47
CA LEU G 356 -46.89 29.63 -29.41
C LEU G 356 -47.75 30.48 -28.46
N ARG G 357 -48.16 31.64 -28.94
CA ARG G 357 -48.89 32.60 -28.12
C ARG G 357 -50.20 32.02 -27.58
N ILE G 358 -50.33 31.99 -26.27
CA ILE G 358 -51.54 31.51 -25.60
C ILE G 358 -52.53 32.64 -25.40
N LEU G 359 -53.56 32.70 -26.26
CA LEU G 359 -54.55 33.76 -26.20
C LEU G 359 -55.69 33.39 -25.25
N GLU G 360 -56.42 34.40 -24.79
CA GLU G 360 -57.55 34.18 -23.89
C GLU G 360 -58.70 35.12 -24.25
N LYS G 361 -59.86 34.53 -24.57
CA LYS G 361 -61.03 35.31 -24.96
C LYS G 361 -61.39 36.34 -23.89
N SER G 362 -62.33 37.22 -24.22
CA SER G 362 -62.76 38.26 -23.29
C SER G 362 -64.09 38.87 -23.75
N ARG G 363 -64.45 40.01 -23.17
CA ARG G 363 -65.69 40.69 -23.52
C ARG G 363 -65.72 41.06 -24.99
N GLN G 364 -64.54 41.26 -25.58
CA GLN G 364 -64.43 41.66 -26.98
C GLN G 364 -63.03 41.38 -27.51
N GLY G 365 -62.91 40.30 -28.28
CA GLY G 365 -61.64 39.95 -28.90
C GLY G 365 -60.86 38.96 -28.06
N HIS G 366 -59.53 39.01 -28.19
CA HIS G 366 -58.65 38.11 -27.47
C HIS G 366 -57.56 38.88 -26.71
N ARG G 367 -56.91 38.21 -25.77
CA ARG G 367 -55.90 38.84 -24.93
C ARG G 367 -54.75 37.88 -24.67
N GLU G 368 -53.58 38.18 -25.22
CA GLU G 368 -52.41 37.33 -25.05
C GLU G 368 -51.98 37.31 -23.59
N ILE G 369 -52.35 36.25 -22.88
CA ILE G 369 -52.02 36.12 -21.46
C ILE G 369 -50.59 35.62 -21.27
N GLY G 370 -50.12 34.79 -22.20
CA GLY G 370 -48.78 34.25 -22.12
C GLY G 370 -48.28 33.73 -23.46
N VAL G 371 -47.10 33.10 -23.44
CA VAL G 371 -46.51 32.54 -24.64
C VAL G 371 -45.69 31.29 -24.30
N TRP G 372 -45.73 30.31 -25.20
CA TRP G 372 -45.01 29.06 -25.00
C TRP G 372 -43.95 28.88 -26.08
N TYR G 373 -42.70 28.76 -25.66
CA TYR G 373 -41.60 28.56 -26.58
C TYR G 373 -41.36 27.08 -26.81
N SER G 374 -40.37 26.76 -27.64
CA SER G 374 -40.03 25.38 -27.94
C SER G 374 -38.91 24.90 -27.04
N ASN G 375 -38.85 25.44 -25.82
CA ASN G 375 -37.81 25.08 -24.86
C ASN G 375 -38.20 25.41 -23.42
N ARG G 376 -39.01 26.45 -23.24
CA ARG G 376 -39.46 26.86 -21.91
C ARG G 376 -40.73 27.70 -21.99
N THR G 377 -41.53 27.65 -20.94
CA THR G 377 -42.78 28.41 -20.90
C THR G 377 -42.57 29.77 -20.25
N LEU G 378 -43.46 30.70 -20.57
CA LEU G 378 -43.35 32.08 -20.08
C LEU G 378 -44.65 32.86 -20.20
N ALA G 379 -45.43 32.88 -19.13
CA ALA G 379 -46.72 33.57 -19.12
C ALA G 379 -46.61 34.88 -18.33
N MET G 380 -47.43 35.87 -18.70
CA MET G 380 -47.44 37.18 -18.05
C MET G 380 -46.08 37.85 -18.19
N HIS H 3 -69.71 -25.10 -61.95
CA HIS H 3 -69.23 -23.73 -61.99
C HIS H 3 -68.27 -23.45 -60.84
N VAL H 4 -67.44 -22.43 -60.99
CA VAL H 4 -66.45 -22.09 -59.98
C VAL H 4 -66.49 -20.60 -59.64
N LEU H 5 -65.93 -20.25 -58.49
CA LEU H 5 -65.90 -18.87 -58.04
C LEU H 5 -64.48 -18.44 -57.70
N ARG H 6 -64.10 -17.24 -58.11
CA ARG H 6 -62.75 -16.73 -57.87
C ARG H 6 -62.72 -15.81 -56.65
N PHE H 7 -61.96 -16.19 -55.64
CA PHE H 7 -61.78 -15.37 -54.45
C PHE H 7 -60.50 -14.55 -54.55
N GLY H 8 -60.27 -13.68 -53.57
CA GLY H 8 -59.09 -12.85 -53.55
C GLY H 8 -57.94 -13.51 -52.83
N GLY H 9 -56.87 -12.74 -52.59
CA GLY H 9 -55.71 -13.27 -51.92
C GLY H 9 -54.52 -12.31 -51.98
N ILE H 10 -54.23 -11.68 -50.85
CA ILE H 10 -53.12 -10.74 -50.76
C ILE H 10 -52.31 -11.05 -49.50
N PHE H 11 -51.15 -11.67 -49.68
CA PHE H 11 -50.33 -12.07 -48.55
C PHE H 11 -48.89 -11.60 -48.72
N GLU H 12 -48.44 -10.76 -47.79
CA GLU H 12 -47.10 -10.20 -47.82
C GLU H 12 -46.06 -11.31 -47.70
N TYR H 13 -44.88 -11.08 -48.28
CA TYR H 13 -43.79 -12.05 -48.21
C TYR H 13 -43.34 -12.23 -46.77
N VAL H 14 -42.58 -13.30 -46.53
CA VAL H 14 -42.08 -13.58 -45.19
C VAL H 14 -40.70 -14.24 -45.25
N GLU H 15 -39.86 -13.93 -44.26
CA GLU H 15 -38.53 -14.48 -44.18
C GLU H 15 -38.56 -15.98 -43.91
N SER H 16 -39.69 -16.47 -43.40
CA SER H 16 -39.85 -17.88 -43.07
C SER H 16 -39.65 -18.74 -44.32
N GLY H 17 -40.62 -18.70 -45.23
CA GLY H 17 -40.54 -19.48 -46.45
C GLY H 17 -41.43 -18.92 -47.54
N PRO H 18 -41.73 -19.74 -48.56
CA PRO H 18 -42.58 -19.33 -49.69
C PRO H 18 -43.95 -18.82 -49.23
N MET H 19 -44.47 -19.40 -48.15
CA MET H 19 -45.78 -19.00 -47.63
C MET H 19 -45.72 -18.81 -46.12
N GLY H 20 -46.38 -17.77 -45.64
CA GLY H 20 -46.43 -17.49 -44.21
C GLY H 20 -47.57 -18.25 -43.55
N ALA H 21 -47.57 -18.27 -42.22
CA ALA H 21 -48.62 -18.96 -41.47
C ALA H 21 -49.99 -18.36 -41.81
N GLU H 22 -49.99 -17.15 -42.33
CA GLU H 22 -51.23 -16.46 -42.69
C GLU H 22 -51.80 -17.04 -43.99
N GLU H 23 -50.97 -17.07 -45.02
CA GLU H 23 -51.40 -17.53 -46.33
C GLU H 23 -51.74 -19.02 -46.30
N LEU H 24 -51.02 -19.78 -45.49
CA LEU H 24 -51.26 -21.21 -45.36
C LEU H 24 -52.67 -21.48 -44.86
N ALA H 25 -53.14 -20.64 -43.94
CA ALA H 25 -54.47 -20.79 -43.38
C ALA H 25 -55.53 -20.64 -44.47
N PHE H 26 -55.22 -19.80 -45.46
CA PHE H 26 -56.14 -19.56 -46.56
C PHE H 26 -56.12 -20.71 -47.55
N ARG H 27 -54.91 -21.14 -47.94
CA ARG H 27 -54.75 -22.23 -48.89
C ARG H 27 -55.27 -23.54 -48.31
N PHE H 28 -55.41 -23.57 -46.98
CA PHE H 28 -55.87 -24.75 -46.28
C PHE H 28 -57.38 -24.72 -46.12
N ALA H 29 -57.94 -23.52 -46.00
CA ALA H 29 -59.37 -23.36 -45.82
C ALA H 29 -60.11 -23.60 -47.14
N VAL H 30 -59.56 -23.05 -48.22
CA VAL H 30 -60.18 -23.18 -49.53
C VAL H 30 -59.83 -24.53 -50.15
N ASN H 31 -59.30 -25.43 -49.33
CA ASN H 31 -58.95 -26.78 -49.79
C ASN H 31 -59.75 -27.83 -49.04
N THR H 32 -60.38 -27.43 -47.93
CA THR H 32 -61.20 -28.34 -47.14
C THR H 32 -62.66 -28.22 -47.54
N ILE H 33 -63.08 -27.01 -47.90
CA ILE H 33 -64.46 -26.75 -48.29
C ILE H 33 -64.81 -27.52 -49.56
N ASN H 34 -63.84 -27.64 -50.46
CA ASN H 34 -64.03 -28.37 -51.71
C ASN H 34 -64.37 -29.83 -51.46
N ARG H 35 -63.52 -30.51 -50.70
CA ARG H 35 -63.74 -31.92 -50.38
C ARG H 35 -64.58 -32.05 -49.12
N ASN H 36 -65.77 -31.46 -49.16
CA ASN H 36 -66.70 -31.50 -48.03
C ASN H 36 -68.08 -30.99 -48.46
N ARG H 37 -69.02 -31.91 -48.61
CA ARG H 37 -70.36 -31.56 -49.07
C ARG H 37 -71.16 -30.79 -48.03
N THR H 38 -70.57 -30.61 -46.85
CA THR H 38 -71.24 -29.90 -45.77
C THR H 38 -71.44 -28.43 -46.13
N LEU H 39 -70.55 -27.89 -46.96
CA LEU H 39 -70.61 -26.50 -47.36
C LEU H 39 -70.25 -26.35 -48.84
N LEU H 40 -71.05 -25.57 -49.57
CA LEU H 40 -70.78 -25.33 -50.99
C LEU H 40 -70.76 -26.64 -51.78
N PRO H 41 -71.89 -27.37 -51.79
CA PRO H 41 -72.00 -28.68 -52.44
C PRO H 41 -71.70 -28.66 -53.94
N ASN H 42 -72.50 -27.96 -54.73
CA ASN H 42 -72.31 -27.93 -56.18
C ASN H 42 -71.49 -26.72 -56.62
N THR H 43 -70.46 -26.39 -55.86
CA THR H 43 -69.61 -25.24 -56.19
C THR H 43 -68.16 -25.50 -55.80
N THR H 44 -67.25 -25.25 -56.74
CA THR H 44 -65.82 -25.39 -56.50
C THR H 44 -65.20 -24.01 -56.33
N LEU H 45 -64.15 -23.92 -55.52
CA LEU H 45 -63.52 -22.64 -55.23
C LEU H 45 -62.10 -22.54 -55.80
N THR H 46 -61.74 -21.33 -56.23
CA THR H 46 -60.41 -21.04 -56.72
C THR H 46 -59.99 -19.67 -56.18
N TYR H 47 -58.75 -19.28 -56.44
CA TYR H 47 -58.25 -17.99 -55.94
C TYR H 47 -57.03 -17.50 -56.71
N ASP H 48 -56.75 -16.21 -56.55
CA ASP H 48 -55.61 -15.58 -57.20
C ASP H 48 -54.63 -15.05 -56.16
N THR H 49 -53.48 -15.71 -56.04
CA THR H 49 -52.48 -15.30 -55.07
C THR H 49 -51.73 -14.05 -55.53
N GLN H 50 -51.67 -13.06 -54.65
CA GLN H 50 -50.99 -11.80 -54.96
C GLN H 50 -50.16 -11.35 -53.76
N LYS H 51 -48.89 -11.73 -53.75
CA LYS H 51 -48.00 -11.36 -52.65
C LYS H 51 -47.41 -9.98 -52.84
N ILE H 52 -47.25 -9.26 -51.73
CA ILE H 52 -46.66 -7.92 -51.75
C ILE H 52 -45.55 -7.81 -50.72
N ASN H 53 -44.98 -6.61 -50.59
CA ASN H 53 -43.91 -6.36 -49.63
C ASN H 53 -44.47 -5.94 -48.27
N LEU H 54 -43.61 -5.96 -47.26
CA LEU H 54 -43.99 -5.49 -45.93
C LEU H 54 -43.95 -3.96 -45.90
N TYR H 55 -44.81 -3.38 -45.07
CA TYR H 55 -44.83 -1.92 -44.90
C TYR H 55 -45.06 -1.20 -46.23
N ASP H 56 -45.50 -1.94 -47.24
CA ASP H 56 -45.70 -1.37 -48.56
C ASP H 56 -47.19 -1.35 -48.92
N SER H 57 -47.75 -0.15 -49.01
CA SER H 57 -49.16 0.01 -49.31
C SER H 57 -49.40 0.48 -50.74
N PHE H 58 -48.40 1.15 -51.30
CA PHE H 58 -48.49 1.65 -52.67
C PHE H 58 -48.67 0.49 -53.63
N GLU H 59 -47.71 -0.43 -53.61
CA GLU H 59 -47.80 -1.65 -54.40
C GLU H 59 -49.07 -2.39 -54.04
N ALA H 60 -49.39 -2.44 -52.74
CA ALA H 60 -50.58 -3.15 -52.27
C ALA H 60 -51.85 -2.65 -52.97
N SER H 61 -51.84 -1.40 -53.40
CA SER H 61 -52.98 -0.83 -54.09
C SER H 61 -53.10 -1.34 -55.52
N LYS H 62 -51.97 -1.33 -56.23
CA LYS H 62 -51.94 -1.79 -57.61
C LYS H 62 -52.11 -3.30 -57.71
N LYS H 63 -51.79 -4.00 -56.63
CA LYS H 63 -51.91 -5.46 -56.59
C LYS H 63 -53.36 -5.85 -56.39
N ALA H 64 -54.01 -5.19 -55.43
CA ALA H 64 -55.41 -5.45 -55.14
C ALA H 64 -56.28 -5.05 -56.33
N CYS H 65 -55.88 -3.97 -56.99
CA CYS H 65 -56.61 -3.48 -58.15
C CYS H 65 -56.50 -4.47 -59.31
N ASP H 66 -55.30 -5.01 -59.52
CA ASP H 66 -55.09 -5.99 -60.58
C ASP H 66 -55.90 -7.26 -60.32
N GLN H 67 -56.13 -7.56 -59.05
CA GLN H 67 -56.89 -8.75 -58.68
C GLN H 67 -58.34 -8.59 -59.07
N LEU H 68 -58.86 -7.38 -58.92
CA LEU H 68 -60.23 -7.07 -59.33
C LEU H 68 -60.35 -7.13 -60.85
N SER H 69 -59.23 -6.94 -61.54
CA SER H 69 -59.22 -6.97 -62.99
C SER H 69 -59.40 -8.39 -63.52
N LEU H 70 -58.97 -9.37 -62.74
CA LEU H 70 -59.11 -10.77 -63.12
C LEU H 70 -60.47 -11.32 -62.71
N GLY H 71 -61.28 -10.50 -62.06
CA GLY H 71 -62.60 -10.92 -61.63
C GLY H 71 -62.56 -11.69 -60.33
N VAL H 72 -63.07 -11.09 -59.26
CA VAL H 72 -63.13 -11.74 -57.96
C VAL H 72 -64.37 -11.30 -57.19
N ALA H 73 -64.78 -12.13 -56.23
CA ALA H 73 -65.96 -11.85 -55.42
C ALA H 73 -65.58 -11.18 -54.11
N ALA H 74 -64.41 -11.53 -53.59
CA ALA H 74 -63.93 -10.95 -52.35
C ALA H 74 -62.40 -10.82 -52.37
N ILE H 75 -61.86 -10.16 -51.36
CA ILE H 75 -60.42 -9.95 -51.27
C ILE H 75 -59.92 -10.19 -49.84
N PHE H 76 -58.96 -11.09 -49.70
CA PHE H 76 -58.40 -11.41 -48.38
C PHE H 76 -57.02 -10.76 -48.24
N GLY H 77 -56.70 -10.36 -47.01
CA GLY H 77 -55.42 -9.72 -46.73
C GLY H 77 -55.36 -8.32 -47.31
N PRO H 78 -54.21 -7.65 -47.18
CA PRO H 78 -53.00 -8.16 -46.53
C PRO H 78 -53.12 -8.22 -45.00
N SER H 79 -51.99 -8.41 -44.33
CA SER H 79 -51.97 -8.55 -42.89
C SER H 79 -51.21 -7.41 -42.22
N HIS H 80 -51.28 -6.23 -42.83
CA HIS H 80 -50.58 -5.06 -42.29
C HIS H 80 -51.55 -3.91 -42.12
N SER H 81 -51.24 -3.01 -41.19
CA SER H 81 -52.11 -1.87 -40.91
C SER H 81 -52.27 -0.98 -42.12
N SER H 82 -51.20 -0.31 -42.51
CA SER H 82 -51.21 0.59 -43.66
C SER H 82 -51.65 -0.12 -44.95
N SER H 83 -51.04 -1.25 -45.25
CA SER H 83 -51.32 -1.98 -46.48
C SER H 83 -52.80 -2.30 -46.62
N ALA H 84 -53.37 -2.97 -45.63
CA ALA H 84 -54.77 -3.36 -45.65
C ALA H 84 -55.68 -2.14 -45.63
N ASN H 85 -55.17 -1.04 -45.05
CA ASN H 85 -55.95 0.19 -44.97
C ASN H 85 -56.18 0.77 -46.36
N ALA H 86 -55.25 0.50 -47.27
CA ALA H 86 -55.36 0.97 -48.64
C ALA H 86 -56.31 0.09 -49.44
N VAL H 87 -56.18 -1.23 -49.27
CA VAL H 87 -57.03 -2.18 -49.98
C VAL H 87 -58.48 -1.99 -49.57
N GLN H 88 -58.68 -1.63 -48.30
CA GLN H 88 -60.02 -1.45 -47.76
C GLN H 88 -60.75 -0.34 -48.52
N SER H 89 -60.02 0.72 -48.86
CA SER H 89 -60.60 1.86 -49.54
C SER H 89 -60.94 1.52 -50.98
N ILE H 90 -60.02 0.84 -51.66
CA ILE H 90 -60.23 0.46 -53.06
C ILE H 90 -61.43 -0.47 -53.19
N CYS H 91 -61.68 -1.24 -52.14
CA CYS H 91 -62.79 -2.18 -52.12
C CYS H 91 -64.12 -1.45 -51.97
N ASN H 92 -64.22 -0.65 -50.92
CA ASN H 92 -65.45 0.12 -50.66
C ASN H 92 -65.75 1.10 -51.80
N ALA H 93 -64.75 1.37 -52.63
CA ALA H 93 -64.91 2.27 -53.75
C ALA H 93 -65.52 1.53 -54.95
N LEU H 94 -65.21 0.25 -55.06
CA LEU H 94 -65.72 -0.58 -56.14
C LEU H 94 -66.72 -1.61 -55.64
N GLY H 95 -67.26 -1.38 -54.45
CA GLY H 95 -68.26 -2.27 -53.88
C GLY H 95 -67.86 -3.74 -53.94
N VAL H 96 -66.68 -4.04 -53.40
CA VAL H 96 -66.18 -5.41 -53.38
C VAL H 96 -65.77 -5.78 -51.96
N PRO H 97 -66.36 -6.86 -51.42
CA PRO H 97 -66.06 -7.29 -50.04
C PRO H 97 -64.57 -7.44 -49.74
N HIS H 98 -64.17 -6.98 -48.56
CA HIS H 98 -62.78 -7.05 -48.13
C HIS H 98 -62.67 -7.74 -46.78
N ILE H 99 -62.32 -9.02 -46.80
CA ILE H 99 -62.20 -9.80 -45.56
C ILE H 99 -60.88 -9.48 -44.87
N GLN H 100 -60.94 -9.26 -43.56
CA GLN H 100 -59.77 -8.94 -42.77
C GLN H 100 -59.66 -9.89 -41.58
N THR H 101 -58.44 -10.32 -41.28
CA THR H 101 -58.20 -11.25 -40.19
C THR H 101 -57.19 -10.70 -39.20
N ARG H 102 -56.98 -9.38 -39.25
CA ARG H 102 -56.05 -8.72 -38.35
C ARG H 102 -56.53 -7.32 -37.99
N TRP H 103 -56.21 -6.89 -36.78
CA TRP H 103 -56.56 -5.56 -36.33
C TRP H 103 -55.70 -4.51 -37.02
N LYS H 104 -56.28 -3.35 -37.28
CA LYS H 104 -55.55 -2.25 -37.91
C LYS H 104 -56.10 -0.91 -37.45
N HIS H 105 -55.22 0.08 -37.38
CA HIS H 105 -55.62 1.42 -36.95
C HIS H 105 -56.63 2.02 -37.92
N GLN H 106 -57.91 1.93 -37.57
CA GLN H 106 -58.98 2.47 -38.40
C GLN H 106 -59.40 3.84 -37.88
N VAL H 107 -59.35 4.83 -38.77
CA VAL H 107 -59.74 6.18 -38.41
C VAL H 107 -61.21 6.20 -38.02
N SER H 108 -61.57 7.02 -37.04
CA SER H 108 -62.95 7.11 -36.57
C SER H 108 -63.86 7.73 -37.63
N ASP H 109 -63.24 8.34 -38.64
CA ASP H 109 -63.98 8.95 -39.73
C ASP H 109 -64.18 7.96 -40.86
N ASN H 110 -63.99 6.67 -40.57
CA ASN H 110 -64.14 5.62 -41.55
C ASN H 110 -65.53 5.63 -42.16
N LYS H 111 -65.62 6.04 -43.43
CA LYS H 111 -66.89 6.11 -44.13
C LYS H 111 -67.06 4.91 -45.05
N ASP H 112 -66.21 3.91 -44.87
CA ASP H 112 -66.27 2.68 -45.66
C ASP H 112 -67.45 1.82 -45.20
N SER H 113 -67.76 0.79 -45.98
CA SER H 113 -68.89 -0.09 -45.68
C SER H 113 -68.68 -1.51 -46.22
N PHE H 114 -67.65 -1.70 -47.04
CA PHE H 114 -67.39 -2.99 -47.65
C PHE H 114 -66.15 -3.64 -47.06
N TYR H 115 -66.28 -4.16 -45.84
CA TYR H 115 -65.19 -4.84 -45.16
C TYR H 115 -65.66 -5.43 -43.84
N VAL H 116 -65.04 -6.51 -43.41
CA VAL H 116 -65.41 -7.17 -42.16
C VAL H 116 -64.17 -7.72 -41.45
N SER H 117 -64.07 -7.44 -40.15
CA SER H 117 -62.94 -7.90 -39.36
C SER H 117 -63.35 -9.01 -38.39
N LEU H 118 -62.71 -10.16 -38.51
CA LEU H 118 -63.02 -11.30 -37.64
C LEU H 118 -62.24 -11.22 -36.32
N TYR H 119 -61.17 -10.44 -36.31
CA TYR H 119 -60.38 -10.27 -35.10
C TYR H 119 -61.21 -9.56 -34.03
N PRO H 120 -61.26 -10.13 -32.82
CA PRO H 120 -62.05 -9.56 -31.73
C PRO H 120 -61.84 -8.07 -31.56
N ASP H 121 -62.90 -7.29 -31.74
CA ASP H 121 -62.83 -5.84 -31.60
C ASP H 121 -62.16 -5.47 -30.30
N PHE H 122 -61.06 -4.72 -30.39
CA PHE H 122 -60.29 -4.37 -29.22
C PHE H 122 -61.07 -3.47 -28.26
N SER H 123 -62.05 -2.76 -28.80
CA SER H 123 -62.90 -1.90 -27.97
C SER H 123 -63.79 -2.74 -27.06
N SER H 124 -64.21 -3.89 -27.57
CA SER H 124 -65.05 -4.81 -26.80
C SER H 124 -64.21 -5.81 -26.02
N LEU H 125 -62.93 -5.92 -26.39
CA LEU H 125 -62.01 -6.83 -25.73
C LEU H 125 -61.44 -6.16 -24.48
N SER H 126 -61.36 -4.84 -24.53
CA SER H 126 -60.85 -4.06 -23.40
C SER H 126 -61.76 -4.22 -22.19
N ARG H 127 -63.05 -4.38 -22.44
CA ARG H 127 -64.02 -4.59 -21.37
C ARG H 127 -63.72 -5.88 -20.63
N ALA H 128 -63.27 -6.89 -21.37
CA ALA H 128 -62.91 -8.18 -20.78
C ALA H 128 -61.76 -8.02 -19.81
N ILE H 129 -60.86 -7.09 -20.12
CA ILE H 129 -59.71 -6.81 -19.25
C ILE H 129 -60.16 -6.14 -17.97
N LEU H 130 -61.07 -5.17 -18.10
CA LEU H 130 -61.58 -4.42 -16.95
C LEU H 130 -62.33 -5.32 -15.99
N ASP H 131 -63.03 -6.31 -16.53
CA ASP H 131 -63.80 -7.23 -15.70
C ASP H 131 -62.90 -8.08 -14.82
N LEU H 132 -61.63 -8.19 -15.21
CA LEU H 132 -60.65 -8.90 -14.42
C LEU H 132 -60.03 -7.98 -13.38
N VAL H 133 -59.87 -6.70 -13.75
CA VAL H 133 -59.30 -5.72 -12.84
C VAL H 133 -60.18 -5.57 -11.60
N GLN H 134 -61.47 -5.34 -11.83
CA GLN H 134 -62.43 -5.19 -10.74
C GLN H 134 -62.63 -6.51 -10.01
N PHE H 135 -62.42 -7.62 -10.71
CA PHE H 135 -62.59 -8.94 -10.12
C PHE H 135 -61.53 -9.21 -9.05
N PHE H 136 -60.30 -8.77 -9.31
CA PHE H 136 -59.21 -8.96 -8.37
C PHE H 136 -59.09 -7.76 -7.43
N LYS H 137 -60.20 -7.08 -7.20
CA LYS H 137 -60.23 -5.91 -6.33
C LYS H 137 -58.98 -5.05 -6.49
N TRP H 138 -58.66 -4.73 -7.74
CA TRP H 138 -57.48 -3.93 -8.04
C TRP H 138 -57.76 -2.43 -7.79
N LYS H 139 -56.90 -1.82 -6.99
CA LYS H 139 -57.00 -0.40 -6.71
C LYS H 139 -56.17 0.41 -7.71
N THR H 140 -55.03 -0.14 -8.08
CA THR H 140 -54.13 0.51 -9.04
C THR H 140 -53.75 -0.46 -10.15
N VAL H 141 -53.20 0.08 -11.23
CA VAL H 141 -52.79 -0.73 -12.37
C VAL H 141 -51.93 0.10 -13.32
N THR H 142 -51.10 -0.58 -14.09
CA THR H 142 -50.21 0.10 -15.04
C THR H 142 -50.19 -0.64 -16.38
N VAL H 143 -50.94 -0.12 -17.35
CA VAL H 143 -50.99 -0.71 -18.68
C VAL H 143 -49.79 -0.26 -19.50
N VAL H 144 -49.04 -1.23 -20.03
CA VAL H 144 -47.86 -0.94 -20.82
C VAL H 144 -48.05 -1.43 -22.26
N TYR H 145 -48.30 -0.50 -23.17
CA TYR H 145 -48.56 -0.82 -24.57
C TYR H 145 -47.29 -0.63 -25.39
N ASP H 146 -47.30 -1.16 -26.62
CA ASP H 146 -46.14 -1.04 -27.50
C ASP H 146 -46.30 0.16 -28.43
N ASP H 147 -45.18 0.78 -28.76
CA ASP H 147 -45.19 1.97 -29.62
C ASP H 147 -45.71 1.64 -31.02
N SER H 148 -45.71 0.36 -31.37
CA SER H 148 -46.16 -0.08 -32.68
C SER H 148 -47.55 0.47 -32.99
N THR H 149 -48.38 0.59 -31.96
CA THR H 149 -49.74 1.11 -32.11
C THR H 149 -50.07 2.07 -30.97
N GLY H 150 -50.87 3.07 -31.27
CA GLY H 150 -51.28 4.05 -30.27
C GLY H 150 -52.07 3.40 -29.15
N LEU H 151 -52.42 4.20 -28.15
CA LEU H 151 -53.19 3.72 -27.01
C LEU H 151 -54.69 3.87 -27.26
N ILE H 152 -55.05 4.14 -28.51
CA ILE H 152 -56.46 4.25 -28.90
C ILE H 152 -57.10 2.87 -28.84
N ARG H 153 -56.29 1.84 -29.05
CA ARG H 153 -56.77 0.46 -29.00
C ARG H 153 -57.18 0.08 -27.58
N LEU H 154 -56.77 0.90 -26.62
CA LEU H 154 -57.07 0.65 -25.22
C LEU H 154 -57.87 1.81 -24.62
N GLN H 155 -58.65 2.48 -25.45
CA GLN H 155 -59.42 3.64 -25.01
C GLN H 155 -60.33 3.28 -23.84
N GLU H 156 -60.94 2.11 -23.89
CA GLU H 156 -61.86 1.67 -22.86
C GLU H 156 -61.17 1.51 -21.51
N LEU H 157 -59.88 1.16 -21.54
CA LEU H 157 -59.11 1.01 -20.31
C LEU H 157 -58.78 2.36 -19.69
N ILE H 158 -58.68 3.38 -20.53
CA ILE H 158 -58.34 4.73 -20.05
C ILE H 158 -59.59 5.44 -19.54
N LYS H 159 -60.77 4.91 -19.88
CA LYS H 159 -62.02 5.49 -19.44
C LYS H 159 -62.40 5.03 -18.04
N ALA H 160 -61.84 3.88 -17.63
CA ALA H 160 -62.17 3.30 -16.33
C ALA H 160 -61.89 4.27 -15.19
N PRO H 161 -60.70 4.88 -15.17
CA PRO H 161 -60.34 5.82 -14.09
C PRO H 161 -61.36 6.94 -13.91
N SER H 162 -62.14 7.22 -14.94
CA SER H 162 -63.17 8.26 -14.88
C SER H 162 -64.44 7.75 -14.21
N ARG H 163 -65.01 6.70 -14.78
CA ARG H 163 -66.23 6.11 -14.25
C ARG H 163 -65.93 5.22 -13.05
N TYR H 164 -65.23 4.11 -13.30
CA TYR H 164 -64.86 3.17 -12.25
C TYR H 164 -63.79 3.75 -11.36
N ASN H 165 -63.52 3.08 -10.23
CA ASN H 165 -62.49 3.52 -9.29
C ASN H 165 -61.19 2.76 -9.51
N LEU H 166 -60.24 3.41 -10.16
CA LEU H 166 -58.97 2.77 -10.51
C LEU H 166 -57.94 3.80 -10.96
N ARG H 167 -56.77 3.77 -10.32
CA ARG H 167 -55.68 4.66 -10.70
C ARG H 167 -54.78 3.99 -11.74
N LEU H 168 -55.09 4.25 -13.01
CA LEU H 168 -54.33 3.68 -14.12
C LEU H 168 -53.13 4.55 -14.46
N LYS H 169 -52.03 3.93 -14.86
CA LYS H 169 -50.84 4.66 -15.28
C LYS H 169 -50.32 4.11 -16.61
N ILE H 170 -49.99 5.01 -17.53
CA ILE H 170 -49.57 4.61 -18.88
C ILE H 170 -48.06 4.56 -18.99
N ARG H 171 -47.57 3.57 -19.75
CA ARG H 171 -46.14 3.40 -19.97
C ARG H 171 -45.92 2.72 -21.32
N GLN H 172 -44.88 3.14 -22.03
CA GLN H 172 -44.62 2.63 -23.38
C GLN H 172 -43.43 1.68 -23.44
N LEU H 173 -43.58 0.62 -24.22
CA LEU H 173 -42.53 -0.38 -24.40
C LEU H 173 -41.63 0.01 -25.55
N PRO H 174 -40.30 -0.04 -25.33
CA PRO H 174 -39.35 0.27 -26.41
C PRO H 174 -39.55 -0.63 -27.63
N ALA H 175 -40.22 -0.12 -28.65
CA ALA H 175 -40.46 -0.87 -29.87
C ALA H 175 -39.16 -1.15 -30.61
N ASP H 176 -38.09 -0.49 -30.19
CA ASP H 176 -36.79 -0.67 -30.82
C ASP H 176 -36.24 -2.06 -30.54
N THR H 177 -36.03 -2.36 -29.26
CA THR H 177 -35.53 -3.67 -28.85
C THR H 177 -36.34 -4.21 -27.69
N LYS H 178 -36.33 -5.53 -27.50
CA LYS H 178 -37.06 -6.17 -26.43
C LYS H 178 -36.38 -5.93 -25.08
N ASP H 179 -35.11 -5.51 -25.12
CA ASP H 179 -34.34 -5.29 -23.91
C ASP H 179 -34.62 -3.91 -23.31
N ALA H 180 -35.53 -3.87 -22.34
CA ALA H 180 -35.91 -2.62 -21.70
C ALA H 180 -35.81 -2.74 -20.18
N LYS H 181 -34.59 -2.79 -19.67
CA LYS H 181 -34.36 -2.88 -18.23
C LYS H 181 -34.94 -1.68 -17.50
N PRO H 182 -34.56 -0.46 -17.92
CA PRO H 182 -35.01 0.77 -17.27
C PRO H 182 -36.52 0.87 -17.10
N LEU H 183 -37.28 0.27 -18.01
CA LEU H 183 -38.72 0.30 -17.92
C LEU H 183 -39.19 -0.49 -16.72
N LEU H 184 -38.81 -1.76 -16.67
CA LEU H 184 -39.14 -2.62 -15.55
C LEU H 184 -38.56 -2.08 -14.24
N LYS H 185 -37.50 -1.28 -14.35
CA LYS H 185 -36.86 -0.68 -13.18
C LYS H 185 -37.85 0.20 -12.44
N GLU H 186 -38.28 1.28 -13.10
CA GLU H 186 -39.19 2.24 -12.50
C GLU H 186 -40.45 1.58 -11.96
N MET H 187 -40.86 0.49 -12.59
CA MET H 187 -42.06 -0.23 -12.17
C MET H 187 -41.86 -0.86 -10.80
N LYS H 188 -40.70 -1.46 -10.58
CA LYS H 188 -40.40 -2.08 -9.29
C LYS H 188 -40.18 -1.03 -8.22
N ARG H 189 -39.86 0.19 -8.65
CA ARG H 189 -39.61 1.29 -7.72
C ARG H 189 -40.93 1.90 -7.25
N GLY H 190 -41.98 1.73 -8.05
CA GLY H 190 -43.29 2.27 -7.72
C GLY H 190 -44.25 1.21 -7.25
N LYS H 191 -43.71 0.07 -6.83
CA LYS H 191 -44.52 -1.04 -6.33
C LYS H 191 -45.63 -1.41 -7.31
N GLU H 192 -45.38 -1.19 -8.59
CA GLU H 192 -46.33 -1.52 -9.64
C GLU H 192 -46.38 -3.03 -9.85
N PHE H 193 -47.16 -3.71 -9.01
CA PHE H 193 -47.29 -5.16 -9.09
C PHE H 193 -48.34 -5.54 -10.12
N HIS H 194 -49.36 -4.69 -10.27
CA HIS H 194 -50.42 -4.92 -11.23
C HIS H 194 -50.06 -4.27 -12.56
N VAL H 195 -49.80 -5.10 -13.57
CA VAL H 195 -49.43 -4.61 -14.89
C VAL H 195 -50.25 -5.32 -15.97
N ILE H 196 -50.55 -4.60 -17.05
CA ILE H 196 -51.31 -5.16 -18.16
C ILE H 196 -50.55 -4.94 -19.48
N PHE H 197 -49.87 -5.98 -19.95
CA PHE H 197 -49.09 -5.88 -21.17
C PHE H 197 -49.98 -5.99 -22.41
N ASP H 198 -49.83 -5.03 -23.32
CA ASP H 198 -50.59 -5.02 -24.56
C ASP H 198 -49.66 -5.23 -25.75
N CYS H 199 -49.46 -6.49 -26.13
CA CYS H 199 -48.58 -6.82 -27.24
C CYS H 199 -48.74 -8.29 -27.64
N SER H 200 -48.23 -8.64 -28.82
CA SER H 200 -48.32 -10.00 -29.34
C SER H 200 -47.51 -10.95 -28.46
N HIS H 201 -47.61 -12.24 -28.76
CA HIS H 201 -46.90 -13.26 -27.99
C HIS H 201 -45.38 -13.16 -28.18
N GLU H 202 -44.96 -12.51 -29.26
CA GLU H 202 -43.54 -12.31 -29.52
C GLU H 202 -42.96 -11.28 -28.55
N MET H 203 -43.54 -10.08 -28.56
CA MET H 203 -43.08 -8.99 -27.71
C MET H 203 -43.28 -9.35 -26.24
N ALA H 204 -44.39 -10.02 -25.95
CA ALA H 204 -44.74 -10.39 -24.58
C ALA H 204 -43.70 -11.31 -23.98
N ALA H 205 -43.27 -12.30 -24.76
CA ALA H 205 -42.27 -13.26 -24.30
C ALA H 205 -40.91 -12.57 -24.12
N GLY H 206 -40.70 -11.50 -24.89
CA GLY H 206 -39.46 -10.75 -24.80
C GLY H 206 -39.37 -9.93 -23.54
N ILE H 207 -40.52 -9.73 -22.88
CA ILE H 207 -40.57 -8.95 -21.65
C ILE H 207 -40.49 -9.86 -20.43
N LEU H 208 -41.10 -11.05 -20.54
CA LEU H 208 -41.09 -12.00 -19.44
C LEU H 208 -39.66 -12.42 -19.10
N LYS H 209 -38.85 -12.63 -20.13
CA LYS H 209 -37.44 -13.00 -19.94
C LYS H 209 -36.72 -11.90 -19.17
N GLN H 210 -37.16 -10.67 -19.36
CA GLN H 210 -36.55 -9.52 -18.70
C GLN H 210 -37.00 -9.41 -17.25
N ALA H 211 -38.28 -9.68 -17.02
CA ALA H 211 -38.85 -9.57 -15.68
C ALA H 211 -38.20 -10.59 -14.75
N LEU H 212 -37.92 -11.78 -15.28
CA LEU H 212 -37.28 -12.82 -14.49
C LEU H 212 -35.87 -12.39 -14.10
N ALA H 213 -35.20 -11.68 -15.00
CA ALA H 213 -33.87 -11.16 -14.74
C ALA H 213 -33.93 -9.96 -13.81
N MET H 214 -35.10 -9.36 -13.71
CA MET H 214 -35.32 -8.21 -12.83
C MET H 214 -35.81 -8.66 -11.46
N GLY H 215 -36.09 -9.95 -11.32
CA GLY H 215 -36.60 -10.50 -10.08
C GLY H 215 -38.04 -10.09 -9.83
N MET H 216 -38.69 -9.55 -10.87
CA MET H 216 -40.07 -9.11 -10.77
C MET H 216 -41.04 -10.26 -11.02
N MET H 217 -40.52 -11.48 -11.02
CA MET H 217 -41.36 -12.67 -11.21
C MET H 217 -41.55 -13.39 -9.87
N THR H 218 -42.52 -12.92 -9.10
CA THR H 218 -42.85 -13.53 -7.81
C THR H 218 -44.37 -13.48 -7.62
N GLU H 219 -44.87 -14.00 -6.50
CA GLU H 219 -46.30 -14.00 -6.29
C GLU H 219 -46.81 -12.60 -5.98
N TYR H 220 -45.90 -11.66 -5.81
CA TYR H 220 -46.27 -10.27 -5.59
C TYR H 220 -46.80 -9.62 -6.85
N TYR H 221 -46.30 -10.07 -8.01
CA TYR H 221 -46.71 -9.49 -9.28
C TYR H 221 -47.81 -10.32 -9.95
N HIS H 222 -48.59 -9.67 -10.80
CA HIS H 222 -49.67 -10.33 -11.54
C HIS H 222 -49.90 -9.62 -12.87
N TYR H 223 -49.42 -10.23 -13.95
CA TYR H 223 -49.50 -9.62 -15.27
C TYR H 223 -50.69 -10.12 -16.07
N ILE H 224 -51.31 -9.22 -16.82
CA ILE H 224 -52.44 -9.57 -17.67
C ILE H 224 -52.16 -9.18 -19.11
N PHE H 225 -52.17 -10.17 -20.01
CA PHE H 225 -51.84 -9.94 -21.40
C PHE H 225 -53.09 -9.85 -22.28
N THR H 226 -53.01 -9.03 -23.31
CA THR H 226 -54.12 -8.84 -24.24
C THR H 226 -54.04 -9.83 -25.39
N THR H 227 -52.84 -10.36 -25.61
CA THR H 227 -52.61 -11.32 -26.69
C THR H 227 -53.49 -12.57 -26.54
N LEU H 228 -54.02 -13.04 -27.65
CA LEU H 228 -54.88 -14.23 -27.65
C LEU H 228 -54.05 -15.49 -27.84
N ASP H 229 -52.74 -15.32 -27.92
CA ASP H 229 -51.82 -16.45 -28.08
C ASP H 229 -51.06 -16.74 -26.78
N LEU H 230 -51.73 -16.45 -25.67
CA LEU H 230 -51.17 -16.67 -24.34
C LEU H 230 -50.89 -18.16 -24.16
N PHE H 231 -51.87 -18.99 -24.51
CA PHE H 231 -51.76 -20.44 -24.39
C PHE H 231 -50.54 -20.97 -25.15
N ALA H 232 -50.18 -20.29 -26.23
CA ALA H 232 -49.03 -20.70 -27.04
C ALA H 232 -47.78 -19.99 -26.59
N LEU H 233 -47.52 -20.03 -25.29
CA LEU H 233 -46.36 -19.38 -24.70
C LEU H 233 -45.68 -20.29 -23.70
N ASP H 234 -44.41 -20.60 -23.93
CA ASP H 234 -43.66 -21.47 -23.04
C ASP H 234 -43.45 -20.81 -21.69
N VAL H 235 -44.33 -21.11 -20.74
CA VAL H 235 -44.23 -20.56 -19.40
C VAL H 235 -43.64 -21.59 -18.44
N GLU H 236 -42.65 -22.35 -18.92
CA GLU H 236 -42.03 -23.38 -18.10
C GLU H 236 -41.10 -22.78 -17.04
N PRO H 237 -40.24 -21.82 -17.43
CA PRO H 237 -39.32 -21.20 -16.47
C PRO H 237 -40.01 -20.29 -15.45
N TYR H 238 -41.33 -20.14 -15.55
CA TYR H 238 -42.05 -19.27 -14.62
C TYR H 238 -43.12 -20.02 -13.83
N ARG H 239 -43.58 -21.14 -14.36
CA ARG H 239 -44.67 -21.88 -13.73
C ARG H 239 -44.28 -22.43 -12.37
N TYR H 240 -42.98 -22.44 -12.10
CA TYR H 240 -42.46 -22.89 -10.80
C TYR H 240 -42.27 -21.72 -9.85
N SER H 241 -42.11 -20.52 -10.40
CA SER H 241 -41.92 -19.32 -9.60
C SER H 241 -43.04 -19.11 -8.60
N GLY H 242 -44.17 -18.59 -9.08
CA GLY H 242 -45.29 -18.28 -8.22
C GLY H 242 -46.08 -17.10 -8.72
N VAL H 243 -45.47 -16.30 -9.60
CA VAL H 243 -46.14 -15.16 -10.20
C VAL H 243 -47.37 -15.61 -10.98
N ASN H 244 -48.45 -14.86 -10.84
CA ASN H 244 -49.70 -15.18 -11.54
C ASN H 244 -49.77 -14.46 -12.88
N MET H 245 -50.42 -15.10 -13.85
CA MET H 245 -50.61 -14.53 -15.17
C MET H 245 -52.01 -14.85 -15.68
N THR H 246 -52.68 -13.84 -16.24
CA THR H 246 -54.04 -14.03 -16.75
C THR H 246 -54.17 -13.46 -18.16
N GLY H 247 -55.00 -14.09 -18.98
CA GLY H 247 -55.27 -13.60 -20.32
C GLY H 247 -56.51 -14.23 -20.93
N PHE H 248 -56.56 -14.26 -22.25
CA PHE H 248 -57.73 -14.80 -22.94
C PHE H 248 -57.35 -15.72 -24.10
N ARG H 249 -58.32 -16.50 -24.56
CA ARG H 249 -58.11 -17.41 -25.67
C ARG H 249 -59.42 -17.60 -26.43
N ILE H 250 -59.44 -17.17 -27.69
CA ILE H 250 -60.65 -17.27 -28.50
C ILE H 250 -60.78 -18.66 -29.13
N LEU H 251 -59.66 -19.35 -29.27
CA LEU H 251 -59.67 -20.70 -29.82
C LEU H 251 -60.37 -21.68 -28.89
N ASN H 252 -61.52 -22.18 -29.34
CA ASN H 252 -62.29 -23.15 -28.56
C ASN H 252 -61.70 -24.55 -28.69
N THR H 253 -60.61 -24.80 -27.98
CA THR H 253 -59.94 -26.09 -28.03
C THR H 253 -60.70 -27.14 -27.22
N GLU H 254 -61.78 -26.70 -26.56
CA GLU H 254 -62.61 -27.60 -25.77
C GLU H 254 -63.64 -28.30 -26.65
N ASN H 255 -63.29 -28.51 -27.91
CA ASN H 255 -64.19 -29.15 -28.86
C ASN H 255 -63.41 -30.10 -29.75
N THR H 256 -64.01 -31.26 -30.07
CA THR H 256 -63.34 -32.25 -30.89
C THR H 256 -63.19 -31.77 -32.33
N GLN H 257 -64.26 -31.19 -32.86
CA GLN H 257 -64.26 -30.68 -34.23
C GLN H 257 -63.22 -29.59 -34.42
N VAL H 258 -62.88 -28.88 -33.36
CA VAL H 258 -61.92 -27.77 -33.43
C VAL H 258 -60.49 -28.29 -33.29
N SER H 259 -60.30 -29.23 -32.37
CA SER H 259 -58.97 -29.79 -32.12
C SER H 259 -58.52 -30.69 -33.26
N SER H 260 -59.48 -31.20 -34.03
CA SER H 260 -59.19 -32.09 -35.14
C SER H 260 -58.50 -31.34 -36.27
N ILE H 261 -58.99 -30.14 -36.56
CA ILE H 261 -58.44 -29.32 -37.63
C ILE H 261 -57.01 -28.89 -37.28
N ILE H 262 -56.84 -28.38 -36.06
CA ILE H 262 -55.54 -27.89 -35.61
C ILE H 262 -54.52 -29.03 -35.60
N GLU H 263 -55.00 -30.25 -35.36
CA GLU H 263 -54.13 -31.41 -35.31
C GLU H 263 -53.50 -31.67 -36.67
N LYS H 264 -54.30 -31.58 -37.72
CA LYS H 264 -53.82 -31.79 -39.08
C LYS H 264 -52.98 -30.61 -39.55
N TRP H 265 -53.09 -29.49 -38.83
CA TRP H 265 -52.34 -28.29 -39.18
C TRP H 265 -50.87 -28.41 -38.76
N SER H 266 -50.64 -29.10 -37.64
CA SER H 266 -49.27 -29.29 -37.16
C SER H 266 -48.55 -30.39 -37.94
N MET H 267 -49.31 -31.18 -38.70
CA MET H 267 -48.71 -32.19 -39.57
C MET H 267 -48.31 -31.51 -40.88
N GLU H 268 -48.42 -30.19 -40.90
CA GLU H 268 -47.84 -29.36 -41.93
C GLU H 268 -47.22 -28.17 -41.21
N ARG H 269 -45.95 -27.91 -41.45
CA ARG H 269 -45.32 -26.76 -40.84
C ARG H 269 -44.88 -25.81 -41.93
N LEU H 270 -44.05 -26.31 -42.85
CA LEU H 270 -43.52 -25.50 -43.93
C LEU H 270 -42.64 -24.43 -43.32
N GLN H 271 -43.25 -23.45 -42.67
CA GLN H 271 -42.54 -22.54 -41.79
C GLN H 271 -41.95 -23.35 -40.64
N ALA H 272 -40.65 -23.64 -40.72
CA ALA H 272 -39.98 -24.40 -39.67
C ALA H 272 -40.17 -23.70 -38.33
N PRO H 273 -40.36 -24.48 -37.25
CA PRO H 273 -40.58 -23.89 -35.92
C PRO H 273 -39.47 -22.91 -35.56
N PRO H 274 -39.84 -21.74 -35.02
CA PRO H 274 -38.83 -20.72 -34.71
C PRO H 274 -37.81 -21.20 -33.70
N LYS H 275 -36.58 -20.70 -33.82
CA LYS H 275 -35.50 -21.09 -32.92
C LYS H 275 -35.88 -20.81 -31.47
N PRO H 276 -35.59 -21.75 -30.57
CA PRO H 276 -35.86 -21.55 -29.13
C PRO H 276 -35.06 -20.41 -28.54
N ASP H 277 -35.60 -19.20 -28.63
CA ASP H 277 -34.94 -18.01 -28.11
C ASP H 277 -35.97 -17.05 -27.52
N SER H 278 -37.06 -16.86 -28.23
CA SER H 278 -38.13 -15.98 -27.78
C SER H 278 -38.96 -16.61 -26.68
N GLY H 279 -39.13 -17.93 -26.75
CA GLY H 279 -39.87 -18.67 -25.74
C GLY H 279 -41.26 -19.03 -26.19
N LEU H 280 -41.40 -19.47 -27.43
CA LEU H 280 -42.69 -19.87 -27.97
C LEU H 280 -42.84 -21.39 -28.00
N LEU H 281 -43.96 -21.87 -27.47
CA LEU H 281 -44.24 -23.30 -27.40
C LEU H 281 -44.73 -23.79 -28.76
N ASP H 282 -43.86 -24.49 -29.49
CA ASP H 282 -44.20 -24.99 -30.82
C ASP H 282 -45.19 -26.14 -30.74
N GLY H 283 -46.12 -26.18 -31.68
CA GLY H 283 -47.12 -27.22 -31.72
C GLY H 283 -48.54 -26.69 -31.76
N PHE H 284 -48.70 -25.42 -31.41
CA PHE H 284 -50.01 -24.78 -31.39
C PHE H 284 -50.15 -23.77 -32.52
N MET H 285 -51.30 -23.78 -33.18
CA MET H 285 -51.56 -22.86 -34.28
C MET H 285 -51.85 -21.46 -33.74
N THR H 286 -51.30 -20.45 -34.40
CA THR H 286 -51.48 -19.07 -33.99
C THR H 286 -52.89 -18.59 -34.32
N THR H 287 -53.40 -17.65 -33.53
CA THR H 287 -54.74 -17.12 -33.72
C THR H 287 -54.80 -16.33 -35.02
N ASP H 288 -53.66 -15.82 -35.47
CA ASP H 288 -53.59 -15.06 -36.71
C ASP H 288 -54.04 -15.92 -37.88
N ALA H 289 -53.63 -17.18 -37.87
CA ALA H 289 -53.99 -18.13 -38.92
C ALA H 289 -55.37 -18.73 -38.65
N ALA H 290 -55.77 -18.73 -37.40
CA ALA H 290 -57.07 -19.27 -37.01
C ALA H 290 -58.19 -18.42 -37.57
N LEU H 291 -58.02 -17.09 -37.50
CA LEU H 291 -59.02 -16.16 -37.99
C LEU H 291 -59.12 -16.24 -39.51
N MET H 292 -58.03 -16.59 -40.16
CA MET H 292 -58.00 -16.70 -41.62
C MET H 292 -58.74 -17.95 -42.09
N TYR H 293 -58.69 -19.00 -41.28
CA TYR H 293 -59.40 -20.24 -41.59
C TYR H 293 -60.90 -20.01 -41.45
N ASP H 294 -61.27 -19.18 -40.48
CA ASP H 294 -62.67 -18.85 -40.24
C ASP H 294 -63.13 -17.70 -41.13
N ALA H 295 -62.18 -17.00 -41.72
CA ALA H 295 -62.48 -15.89 -42.61
C ALA H 295 -62.99 -16.40 -43.95
N VAL H 296 -62.61 -17.63 -44.28
CA VAL H 296 -63.03 -18.25 -45.53
C VAL H 296 -64.39 -18.93 -45.36
N HIS H 297 -64.62 -19.50 -44.19
CA HIS H 297 -65.88 -20.19 -43.91
C HIS H 297 -67.02 -19.20 -43.74
N VAL H 298 -66.79 -18.15 -42.97
CA VAL H 298 -67.82 -17.14 -42.70
C VAL H 298 -68.34 -16.54 -44.01
N VAL H 299 -67.51 -16.58 -45.05
CA VAL H 299 -67.89 -16.03 -46.34
C VAL H 299 -68.44 -17.11 -47.26
N SER H 300 -67.98 -18.34 -47.06
CA SER H 300 -68.42 -19.46 -47.89
C SER H 300 -69.89 -19.80 -47.62
N VAL H 301 -70.39 -19.38 -46.46
CA VAL H 301 -71.77 -19.61 -46.10
C VAL H 301 -72.66 -18.50 -46.66
N ALA H 302 -72.11 -17.29 -46.75
CA ALA H 302 -72.84 -16.15 -47.28
C ALA H 302 -72.94 -16.21 -48.79
N VAL H 303 -71.99 -16.91 -49.41
CA VAL H 303 -71.96 -17.04 -50.88
C VAL H 303 -72.82 -18.20 -51.35
N GLN H 304 -72.93 -19.23 -50.52
CA GLN H 304 -73.74 -20.39 -50.85
C GLN H 304 -75.21 -19.99 -50.93
N GLN H 305 -75.61 -19.05 -50.08
CA GLN H 305 -76.98 -18.56 -50.05
C GLN H 305 -77.17 -17.40 -51.03
N PHE H 306 -76.29 -17.32 -52.02
CA PHE H 306 -76.37 -16.27 -53.03
C PHE H 306 -75.81 -16.77 -54.36
N PRO H 307 -76.43 -17.82 -54.93
CA PRO H 307 -76.00 -18.42 -56.19
C PRO H 307 -75.94 -17.42 -57.35
N GLN H 308 -76.79 -16.39 -57.31
CA GLN H 308 -76.81 -15.39 -58.36
C GLN H 308 -75.65 -14.42 -58.16
N MET H 309 -74.47 -14.80 -58.66
CA MET H 309 -73.28 -13.98 -58.50
C MET H 309 -72.21 -14.39 -59.51
N THR H 310 -71.78 -13.43 -60.32
CA THR H 310 -70.73 -13.66 -61.31
C THR H 310 -69.59 -12.67 -61.11
N VAL H 311 -68.39 -13.20 -60.93
CA VAL H 311 -67.21 -12.37 -60.73
C VAL H 311 -66.99 -11.45 -61.94
N SER H 312 -67.29 -10.16 -61.75
CA SER H 312 -67.12 -9.17 -62.80
C SER H 312 -65.70 -8.59 -62.77
N SER H 313 -65.23 -8.14 -63.92
CA SER H 313 -63.90 -7.56 -64.02
C SER H 313 -63.96 -6.05 -63.85
N LEU H 314 -63.67 -5.58 -62.64
CA LEU H 314 -63.68 -4.15 -62.35
C LEU H 314 -62.33 -3.53 -62.66
N GLN H 315 -62.23 -2.22 -62.47
CA GLN H 315 -60.99 -1.50 -62.73
C GLN H 315 -60.90 -0.25 -61.87
N CYS H 316 -60.02 -0.28 -60.88
CA CYS H 316 -59.85 0.86 -59.97
C CYS H 316 -59.47 2.11 -60.75
N ASN H 317 -59.55 3.25 -60.06
CA ASN H 317 -59.23 4.56 -60.64
C ASN H 317 -60.29 5.09 -61.62
N ARG H 318 -61.02 4.20 -62.28
CA ARG H 318 -62.05 4.63 -63.22
C ARG H 318 -62.96 3.47 -63.63
N HIS H 319 -64.09 3.36 -62.94
CA HIS H 319 -65.08 2.33 -63.22
C HIS H 319 -66.31 2.57 -62.35
N LYS H 320 -67.20 1.59 -62.30
CA LYS H 320 -68.40 1.70 -61.47
C LYS H 320 -68.48 0.52 -60.50
N PRO H 321 -69.10 0.74 -59.34
CA PRO H 321 -69.22 -0.28 -58.29
C PRO H 321 -69.70 -1.63 -58.83
N TRP H 322 -69.33 -2.70 -58.14
CA TRP H 322 -69.67 -4.05 -58.56
C TRP H 322 -71.17 -4.27 -58.50
N ARG H 323 -71.69 -5.02 -59.46
CA ARG H 323 -73.13 -5.25 -59.54
C ARG H 323 -73.66 -5.97 -58.29
N PHE H 324 -73.21 -7.20 -58.07
CA PHE H 324 -73.66 -7.99 -56.93
C PHE H 324 -72.78 -7.75 -55.71
N GLY H 325 -72.36 -6.51 -55.52
CA GLY H 325 -71.46 -6.16 -54.44
C GLY H 325 -72.17 -5.66 -53.20
N THR H 326 -72.92 -4.57 -53.35
CA THR H 326 -73.65 -3.99 -52.23
C THR H 326 -74.46 -5.03 -51.48
N ARG H 327 -74.83 -6.10 -52.16
CA ARG H 327 -75.67 -7.13 -51.56
C ARG H 327 -74.85 -8.25 -50.93
N PHE H 328 -73.90 -8.79 -51.70
CA PHE H 328 -73.07 -9.89 -51.22
C PHE H 328 -72.39 -9.52 -49.89
N MET H 329 -72.17 -8.24 -49.68
CA MET H 329 -71.55 -7.76 -48.45
C MET H 329 -72.51 -7.87 -47.26
N SER H 330 -73.78 -7.58 -47.51
CA SER H 330 -74.80 -7.68 -46.48
C SER H 330 -75.00 -9.12 -46.01
N LEU H 331 -74.79 -10.08 -46.92
CA LEU H 331 -74.93 -11.49 -46.58
C LEU H 331 -73.82 -11.95 -45.63
N ILE H 332 -72.71 -11.21 -45.63
CA ILE H 332 -71.57 -11.57 -44.79
C ILE H 332 -71.70 -10.96 -43.40
N LYS H 333 -72.27 -9.76 -43.33
CA LYS H 333 -72.45 -9.07 -42.05
C LYS H 333 -73.62 -9.66 -41.26
N GLU H 334 -74.24 -10.71 -41.80
CA GLU H 334 -75.36 -11.36 -41.14
C GLU H 334 -75.14 -12.86 -40.98
N ALA H 335 -74.08 -13.37 -41.60
CA ALA H 335 -73.80 -14.80 -41.56
C ALA H 335 -73.13 -15.20 -40.25
N HIS H 336 -73.49 -16.38 -39.76
CA HIS H 336 -72.89 -16.93 -38.55
C HIS H 336 -72.22 -18.26 -38.86
N TRP H 337 -71.15 -18.58 -38.14
CA TRP H 337 -70.43 -19.83 -38.36
C TRP H 337 -69.63 -20.27 -37.13
N GLU H 338 -69.77 -21.54 -36.76
CA GLU H 338 -69.05 -22.10 -35.63
C GLU H 338 -67.69 -22.64 -36.08
N GLY H 339 -66.66 -21.81 -35.98
CA GLY H 339 -65.33 -22.19 -36.43
C GLY H 339 -64.36 -22.41 -35.28
N LEU H 340 -63.08 -22.23 -35.56
CA LEU H 340 -62.03 -22.46 -34.58
C LEU H 340 -62.06 -21.40 -33.47
N THR H 341 -62.26 -20.15 -33.86
CA THR H 341 -62.28 -19.05 -32.91
C THR H 341 -63.66 -18.86 -32.29
N GLY H 342 -64.32 -19.97 -31.97
CA GLY H 342 -65.64 -19.93 -31.38
C GLY H 342 -66.70 -19.57 -32.41
N ARG H 343 -67.75 -18.88 -31.96
CA ARG H 343 -68.84 -18.49 -32.84
C ARG H 343 -68.59 -17.11 -33.44
N ILE H 344 -68.79 -17.01 -34.76
CA ILE H 344 -68.58 -15.76 -35.47
C ILE H 344 -69.89 -15.00 -35.63
N THR H 345 -69.86 -13.71 -35.34
CA THR H 345 -71.06 -12.88 -35.46
C THR H 345 -70.69 -11.40 -35.53
N PHE H 346 -70.89 -10.81 -36.70
CA PHE H 346 -70.59 -9.40 -36.90
C PHE H 346 -71.71 -8.51 -36.35
N ASN H 347 -71.35 -7.33 -35.88
CA ASN H 347 -72.33 -6.40 -35.34
C ASN H 347 -73.32 -5.97 -36.42
N LYS H 348 -74.52 -5.59 -36.00
CA LYS H 348 -75.56 -5.18 -36.92
C LYS H 348 -75.48 -3.69 -37.24
N THR H 349 -74.30 -3.12 -37.08
CA THR H 349 -74.10 -1.70 -37.35
C THR H 349 -72.73 -1.42 -37.96
N ASN H 350 -71.72 -1.26 -37.13
CA ASN H 350 -70.38 -0.95 -37.59
C ASN H 350 -69.75 -2.07 -38.43
N GLY H 351 -70.28 -3.28 -38.27
CA GLY H 351 -69.78 -4.42 -39.01
C GLY H 351 -68.69 -5.17 -38.26
N LEU H 352 -67.98 -4.45 -37.39
CA LEU H 352 -66.92 -5.06 -36.59
C LEU H 352 -67.47 -6.14 -35.67
N ARG H 353 -66.64 -7.15 -35.42
CA ARG H 353 -67.03 -8.26 -34.56
C ARG H 353 -66.83 -7.92 -33.09
N THR H 354 -67.88 -7.44 -32.45
CA THR H 354 -67.81 -7.03 -31.04
C THR H 354 -68.40 -8.09 -30.13
N ASP H 355 -69.00 -9.12 -30.73
CA ASP H 355 -69.63 -10.18 -29.96
C ASP H 355 -68.91 -11.51 -30.20
N PHE H 356 -68.36 -12.09 -29.14
CA PHE H 356 -67.63 -13.34 -29.26
C PHE H 356 -67.50 -14.03 -27.90
N ASP H 357 -66.77 -15.15 -27.88
CA ASP H 357 -66.57 -15.92 -26.66
C ASP H 357 -65.08 -16.10 -26.37
N LEU H 358 -64.66 -15.68 -25.18
CA LEU H 358 -63.28 -15.83 -24.76
C LEU H 358 -63.20 -16.77 -23.57
N ASP H 359 -62.02 -17.30 -23.32
CA ASP H 359 -61.81 -18.22 -22.20
C ASP H 359 -60.69 -17.72 -21.30
N VAL H 360 -61.06 -17.27 -20.11
CA VAL H 360 -60.09 -16.77 -19.14
C VAL H 360 -59.11 -17.88 -18.79
N ILE H 361 -57.81 -17.55 -18.81
CA ILE H 361 -56.76 -18.50 -18.48
C ILE H 361 -55.77 -17.89 -17.50
N SER H 362 -55.35 -18.67 -16.52
CA SER H 362 -54.41 -18.21 -15.51
C SER H 362 -53.17 -19.10 -15.47
N LEU H 363 -52.15 -18.67 -14.72
CA LEU H 363 -50.91 -19.43 -14.61
C LEU H 363 -50.82 -20.13 -13.25
N LYS H 364 -51.15 -21.42 -13.22
CA LYS H 364 -51.07 -22.20 -12.00
C LYS H 364 -49.78 -23.01 -11.97
N GLU H 365 -49.57 -23.75 -10.89
CA GLU H 365 -48.31 -24.46 -10.68
C GLU H 365 -48.00 -25.47 -11.78
N GLU H 366 -49.01 -25.88 -12.54
CA GLU H 366 -48.80 -26.79 -13.65
C GLU H 366 -48.47 -26.06 -14.94
N GLY H 367 -49.09 -24.90 -15.14
CA GLY H 367 -48.88 -24.12 -16.35
C GLY H 367 -50.03 -23.16 -16.60
N LEU H 368 -50.64 -23.26 -17.77
CA LEU H 368 -51.77 -22.40 -18.11
C LEU H 368 -53.05 -23.21 -18.23
N GLU H 369 -54.01 -22.89 -17.38
CA GLU H 369 -55.31 -23.57 -17.39
C GLU H 369 -56.44 -22.56 -17.42
N LYS H 370 -57.59 -22.98 -17.94
CA LYS H 370 -58.76 -22.12 -18.04
C LYS H 370 -59.51 -22.06 -16.71
N ILE H 371 -59.76 -20.85 -16.21
CA ILE H 371 -60.46 -20.67 -14.95
C ILE H 371 -61.84 -20.05 -15.13
N GLY H 372 -62.28 -19.96 -16.38
CA GLY H 372 -63.59 -19.41 -16.69
C GLY H 372 -63.75 -18.97 -18.12
N THR H 373 -64.83 -18.23 -18.38
CA THR H 373 -65.12 -17.73 -19.72
C THR H 373 -65.60 -16.28 -19.65
N TRP H 374 -65.77 -15.66 -20.80
CA TRP H 374 -66.23 -14.28 -20.86
C TRP H 374 -67.02 -14.04 -22.15
N ASP H 375 -67.89 -13.04 -22.11
CA ASP H 375 -68.71 -12.70 -23.28
C ASP H 375 -69.41 -11.36 -23.03
N PRO H 376 -69.80 -10.69 -24.11
CA PRO H 376 -70.40 -9.36 -24.00
C PRO H 376 -71.81 -9.44 -23.44
N ALA H 377 -72.50 -10.54 -23.75
CA ALA H 377 -73.88 -10.73 -23.35
C ALA H 377 -74.05 -10.96 -21.84
N SER H 378 -73.11 -11.67 -21.23
CA SER H 378 -73.33 -12.18 -19.88
C SER H 378 -72.56 -11.43 -18.79
N GLY H 379 -71.27 -11.18 -19.02
CA GLY H 379 -70.41 -10.62 -17.99
C GLY H 379 -69.23 -11.54 -17.74
N LEU H 380 -69.18 -12.13 -16.54
CA LEU H 380 -68.12 -13.09 -16.24
C LEU H 380 -68.61 -14.31 -15.47
N ASN H 381 -68.32 -15.49 -16.02
CA ASN H 381 -68.61 -16.75 -15.36
C ASN H 381 -67.30 -17.44 -14.97
N MET H 382 -66.90 -17.30 -13.72
CA MET H 382 -65.65 -17.88 -13.24
C MET H 382 -65.87 -19.27 -12.68
N THR H 383 -64.84 -19.83 -12.06
CA THR H 383 -64.93 -21.17 -11.47
C THR H 383 -64.21 -21.21 -10.12
N SER I 3 -24.77 37.20 58.12
CA SER I 3 -25.96 37.48 57.33
C SER I 3 -26.00 36.60 56.08
N SER I 4 -25.00 35.75 55.91
CA SER I 4 -24.92 34.88 54.76
C SER I 4 -23.98 33.71 55.01
N LEU I 5 -24.19 32.62 54.28
CA LEU I 5 -23.39 31.41 54.43
C LEU I 5 -22.37 31.30 53.30
N ARG I 6 -21.18 31.85 53.53
CA ARG I 6 -20.13 31.84 52.50
C ARG I 6 -19.22 30.63 52.62
N MET I 7 -18.48 30.36 51.55
CA MET I 7 -17.53 29.24 51.52
C MET I 7 -16.67 29.34 50.28
N ALA I 8 -15.36 29.23 50.47
CA ALA I 8 -14.42 29.31 49.35
C ALA I 8 -14.38 27.99 48.59
N ALA I 9 -13.86 28.03 47.37
CA ALA I 9 -13.76 26.83 46.54
C ALA I 9 -12.57 26.93 45.59
N ILE I 10 -11.40 26.50 46.07
CA ILE I 10 -10.18 26.55 45.27
C ILE I 10 -10.27 25.58 44.09
N LEU I 11 -10.60 26.10 42.92
CA LEU I 11 -10.72 25.29 41.73
C LEU I 11 -9.50 25.44 40.83
N ASP I 12 -8.98 24.32 40.34
CA ASP I 12 -7.84 24.32 39.43
C ASP I 12 -8.27 23.94 38.02
N ASP I 13 -9.57 23.68 37.85
CA ASP I 13 -10.11 23.28 36.55
C ASP I 13 -10.10 24.46 35.58
N GLN I 14 -9.99 24.14 34.29
CA GLN I 14 -9.99 25.17 33.25
C GLN I 14 -11.42 25.63 32.97
N THR I 15 -11.57 26.48 31.95
CA THR I 15 -12.88 26.95 31.53
C THR I 15 -13.17 26.55 30.08
N VAL I 16 -12.11 26.43 29.29
CA VAL I 16 -12.24 26.03 27.88
C VAL I 16 -12.09 24.52 27.74
N CYS I 17 -13.20 23.84 27.47
CA CYS I 17 -13.20 22.39 27.33
C CYS I 17 -12.52 21.72 28.52
N GLY I 18 -13.02 22.00 29.71
CA GLY I 18 -12.48 21.42 30.93
C GLY I 18 -13.35 20.31 31.47
N ARG I 19 -13.54 20.31 32.79
CA ARG I 19 -14.36 19.29 33.44
C ARG I 19 -15.69 19.88 33.89
N GLY I 20 -15.78 21.20 33.94
CA GLY I 20 -17.00 21.88 34.31
C GLY I 20 -17.25 21.85 35.80
N GLU I 21 -16.29 22.38 36.57
CA GLU I 21 -16.44 22.45 38.02
C GLU I 21 -16.95 23.81 38.46
N ARG I 22 -16.46 24.86 37.81
CA ARG I 22 -16.89 26.21 38.12
C ARG I 22 -18.38 26.37 37.86
N LEU I 23 -18.89 25.57 36.93
CA LEU I 23 -20.30 25.59 36.59
C LEU I 23 -21.09 24.70 37.53
N ALA I 24 -20.43 23.65 38.04
CA ALA I 24 -21.08 22.71 38.95
C ALA I 24 -21.50 23.40 40.24
N LEU I 25 -20.65 24.28 40.74
CA LEU I 25 -20.94 25.01 41.97
C LEU I 25 -22.15 25.92 41.79
N ALA I 26 -22.19 26.62 40.66
CA ALA I 26 -23.28 27.53 40.37
C ALA I 26 -24.63 26.80 40.36
N LEU I 27 -24.67 25.66 39.68
CA LEU I 27 -25.89 24.88 39.58
C LEU I 27 -26.38 24.44 40.96
N ALA I 28 -25.45 24.31 41.89
CA ALA I 28 -25.78 23.89 43.25
C ALA I 28 -26.37 25.05 44.05
N ARG I 29 -25.72 26.20 43.98
CA ARG I 29 -26.14 27.38 44.74
C ARG I 29 -27.56 27.81 44.34
N GLU I 30 -27.85 27.75 43.05
CA GLU I 30 -29.15 28.14 42.53
C GLU I 30 -30.25 27.27 43.15
N GLN I 31 -30.01 25.98 43.22
CA GLN I 31 -30.98 25.03 43.76
C GLN I 31 -31.22 25.28 45.24
N ILE I 32 -30.16 25.62 45.96
CA ILE I 32 -30.25 25.87 47.40
C ILE I 32 -31.10 27.11 47.69
N ASN I 33 -30.97 28.11 46.83
CA ASN I 33 -31.71 29.36 46.97
C ASN I 33 -33.06 29.30 46.27
N GLY I 34 -33.68 28.12 46.29
CA GLY I 34 -34.97 27.92 45.67
C GLY I 34 -36.01 27.46 46.67
N ILE I 35 -35.83 27.88 47.92
CA ILE I 35 -36.77 27.53 48.99
C ILE I 35 -37.53 28.76 49.45
N ILE I 36 -37.00 29.94 49.12
CA ILE I 36 -37.65 31.20 49.48
C ILE I 36 -37.79 31.33 51.00
N GLU I 37 -39.01 31.22 51.50
CA GLU I 37 -39.27 31.35 52.93
C GLU I 37 -38.58 32.58 53.51
N LYS I 41 -34.66 32.74 55.30
CA LYS I 41 -33.41 32.53 56.03
C LYS I 41 -32.24 33.19 55.31
N ALA I 42 -31.05 32.99 55.84
CA ALA I 42 -29.83 33.54 55.23
C ALA I 42 -29.55 32.87 53.90
N ARG I 43 -29.01 33.63 52.95
CA ARG I 43 -28.71 33.12 51.63
C ARG I 43 -27.48 32.23 51.68
N VAL I 44 -27.06 31.74 50.51
CA VAL I 44 -25.87 30.90 50.40
C VAL I 44 -24.98 31.36 49.25
N GLU I 45 -23.85 31.95 49.59
CA GLU I 45 -22.90 32.44 48.59
C GLU I 45 -21.68 31.54 48.54
N VAL I 46 -21.08 31.42 47.37
CA VAL I 46 -19.89 30.60 47.20
C VAL I 46 -18.83 31.33 46.37
N ASP I 47 -17.68 31.60 46.98
CA ASP I 47 -16.60 32.28 46.30
C ASP I 47 -15.71 31.28 45.57
N ILE I 48 -15.27 31.66 44.38
CA ILE I 48 -14.42 30.80 43.56
C ILE I 48 -12.99 31.34 43.52
N PHE I 49 -12.02 30.45 43.74
CA PHE I 49 -10.61 30.83 43.72
C PHE I 49 -9.83 29.97 42.74
N GLU I 50 -9.59 30.50 41.55
CA GLU I 50 -8.87 29.77 40.52
C GLU I 50 -7.42 29.52 40.94
N LEU I 51 -6.85 28.43 40.45
CA LEU I 51 -5.45 28.10 40.70
C LEU I 51 -4.78 27.90 39.34
N GLN I 52 -3.48 28.21 39.26
CA GLN I 52 -2.76 28.18 38.00
C GLN I 52 -1.99 26.87 37.83
N ARG I 53 -1.07 26.62 38.76
CA ARG I 53 -0.23 25.43 38.69
C ARG I 53 -0.13 24.79 40.07
N ASP I 54 -0.11 23.46 40.10
CA ASP I 54 -0.05 22.72 41.36
C ASP I 54 1.22 23.09 42.13
N SER I 55 1.10 24.07 43.01
CA SER I 55 2.26 24.55 43.76
C SER I 55 1.87 24.97 45.18
N GLN I 56 2.62 24.48 46.16
CA GLN I 56 2.42 24.87 47.56
C GLN I 56 2.44 26.38 47.67
N TYR I 57 3.53 26.98 47.20
CA TYR I 57 3.74 28.42 47.25
C TYR I 57 2.51 29.21 46.82
N GLU I 58 2.03 28.93 45.61
CA GLU I 58 0.92 29.69 45.04
C GLU I 58 -0.37 29.53 45.84
N THR I 59 -0.56 28.35 46.44
CA THR I 59 -1.78 28.07 47.19
C THR I 59 -1.80 28.80 48.54
N THR I 60 -0.62 28.93 49.15
CA THR I 60 -0.50 29.60 50.44
C THR I 60 -1.00 31.03 50.35
N ASP I 61 -0.62 31.70 49.26
CA ASP I 61 -1.04 33.09 49.04
C ASP I 61 -2.55 33.18 48.93
N THR I 62 -3.16 32.14 48.38
CA THR I 62 -4.61 32.12 48.17
C THR I 62 -5.36 32.04 49.50
N MET I 63 -4.84 31.24 50.42
CA MET I 63 -5.49 31.03 51.71
C MET I 63 -5.49 32.30 52.54
N CYS I 64 -4.50 33.15 52.34
CA CYS I 64 -4.41 34.42 53.07
C CYS I 64 -5.38 35.45 52.51
N GLN I 65 -6.13 35.05 51.49
CA GLN I 65 -7.17 35.90 50.92
C GLN I 65 -8.55 35.33 51.25
N ILE I 66 -8.57 34.06 51.65
CA ILE I 66 -9.81 33.39 52.02
C ILE I 66 -10.13 33.63 53.49
N LEU I 67 -9.10 33.58 54.32
CA LEU I 67 -9.27 33.76 55.77
C LEU I 67 -9.89 35.12 56.08
N PRO I 68 -9.34 36.20 55.50
CA PRO I 68 -9.88 37.55 55.74
C PRO I 68 -11.38 37.62 55.46
N LYS I 69 -11.87 36.79 54.55
CA LYS I 69 -13.30 36.75 54.23
C LYS I 69 -14.04 35.92 55.28
N GLY I 70 -15.36 36.04 55.30
CA GLY I 70 -16.17 35.27 56.24
C GLY I 70 -16.55 33.92 55.66
N VAL I 71 -15.60 32.99 55.68
CA VAL I 71 -15.82 31.66 55.12
C VAL I 71 -16.25 30.66 56.19
N VAL I 72 -16.86 29.57 55.74
CA VAL I 72 -17.30 28.51 56.64
C VAL I 72 -16.56 27.22 56.33
N SER I 73 -16.30 26.98 55.05
CA SER I 73 -15.58 25.79 54.60
C SER I 73 -14.85 26.07 53.29
N VAL I 74 -13.88 25.21 52.97
CA VAL I 74 -13.10 25.36 51.75
C VAL I 74 -13.21 24.08 50.91
N LEU I 75 -13.59 24.23 49.65
CA LEU I 75 -13.73 23.07 48.75
C LEU I 75 -12.55 22.99 47.78
N GLY I 76 -12.25 21.78 47.33
CA GLY I 76 -11.16 21.56 46.41
C GLY I 76 -9.83 21.92 47.03
N PRO I 77 -8.74 21.86 46.24
CA PRO I 77 -8.73 21.46 44.83
C PRO I 77 -9.15 20.00 44.62
N SER I 78 -9.36 19.63 43.36
CA SER I 78 -9.79 18.28 43.01
C SER I 78 -8.79 17.58 42.09
N SER I 79 -7.90 18.37 41.49
CA SER I 79 -6.89 17.82 40.59
C SER I 79 -5.53 18.42 40.89
N SER I 80 -5.31 18.80 42.16
CA SER I 80 -4.05 19.38 42.57
C SER I 80 -3.59 18.74 43.89
N PRO I 81 -2.81 17.65 43.78
CA PRO I 81 -2.31 16.90 44.93
C PRO I 81 -1.58 17.77 45.96
N ALA I 82 -0.54 18.48 45.52
CA ALA I 82 0.25 19.31 46.43
C ALA I 82 -0.56 20.50 46.94
N SER I 83 -1.27 21.16 46.04
CA SER I 83 -2.07 22.33 46.39
C SER I 83 -3.24 21.94 47.30
N ALA I 84 -3.48 20.64 47.46
CA ALA I 84 -4.57 20.15 48.30
C ALA I 84 -4.09 19.93 49.72
N SER I 85 -2.93 19.30 49.87
CA SER I 85 -2.37 19.01 51.18
C SER I 85 -2.09 20.30 51.95
N THR I 86 -1.64 21.32 51.22
CA THR I 86 -1.32 22.60 51.83
C THR I 86 -2.56 23.26 52.43
N VAL I 87 -3.68 23.19 51.71
CA VAL I 87 -4.92 23.79 52.18
C VAL I 87 -5.41 23.12 53.45
N SER I 88 -5.18 21.81 53.56
CA SER I 88 -5.59 21.07 54.74
C SER I 88 -4.82 21.54 55.97
N HIS I 89 -3.51 21.75 55.79
CA HIS I 89 -2.65 22.13 56.89
C HIS I 89 -3.09 23.47 57.49
N ILE I 90 -3.42 24.42 56.63
CA ILE I 90 -3.83 25.75 57.08
C ILE I 90 -5.23 25.70 57.69
N CYS I 91 -6.12 24.94 57.05
CA CYS I 91 -7.48 24.78 57.54
C CYS I 91 -7.49 24.16 58.92
N GLY I 92 -6.43 23.40 59.23
CA GLY I 92 -6.31 22.73 60.52
C GLY I 92 -6.00 23.72 61.63
N GLU I 93 -5.13 24.67 61.33
CA GLU I 93 -4.73 25.67 62.32
C GLU I 93 -5.67 26.88 62.27
N LYS I 94 -6.79 26.74 61.58
CA LYS I 94 -7.78 27.80 61.51
C LYS I 94 -9.17 27.28 61.88
N GLU I 95 -9.25 25.99 62.19
CA GLU I 95 -10.52 25.37 62.58
C GLU I 95 -11.58 25.51 61.49
N ILE I 96 -11.15 25.86 60.29
CA ILE I 96 -12.07 26.01 59.17
C ILE I 96 -12.13 24.72 58.35
N PRO I 97 -13.25 24.00 58.44
CA PRO I 97 -13.40 22.70 57.76
C PRO I 97 -12.94 22.73 56.30
N HIS I 98 -12.40 21.60 55.85
CA HIS I 98 -11.89 21.49 54.49
C HIS I 98 -12.48 20.29 53.78
N ILE I 99 -13.36 20.55 52.82
CA ILE I 99 -14.01 19.48 52.07
C ILE I 99 -13.14 19.02 50.91
N LYS I 100 -12.27 18.06 51.18
CA LYS I 100 -11.39 17.50 50.15
C LYS I 100 -12.18 16.63 49.19
N VAL I 101 -11.95 16.83 47.90
CA VAL I 101 -12.65 16.06 46.86
C VAL I 101 -11.79 15.92 45.61
N GLY I 102 -10.77 15.07 45.69
CA GLY I 102 -9.90 14.84 44.56
C GLY I 102 -8.74 13.92 44.90
N PRO I 103 -7.51 14.46 44.89
CA PRO I 103 -6.32 13.64 45.16
C PRO I 103 -6.26 13.16 46.61
N GLU I 104 -5.28 12.32 46.92
CA GLU I 104 -5.11 11.79 48.27
C GLU I 104 -3.80 11.02 48.36
N GLU I 105 -2.81 11.60 49.03
CA GLU I 105 -1.51 10.97 49.18
C GLU I 105 -0.90 11.30 50.54
N THR I 106 -0.20 10.32 51.11
CA THR I 106 0.48 10.49 52.39
C THR I 106 -0.41 11.19 53.42
N PRO I 107 -1.23 10.41 54.14
CA PRO I 107 -2.14 10.97 55.14
C PRO I 107 -1.40 11.59 56.33
N LEU I 112 -1.19 14.77 64.93
CA LEU I 112 -1.09 16.04 64.20
C LEU I 112 -2.47 16.65 64.00
N ARG I 113 -2.51 17.96 63.74
CA ARG I 113 -3.76 18.66 63.56
C ARG I 113 -4.61 18.04 62.45
N PHE I 114 -5.85 17.70 62.78
CA PHE I 114 -6.77 17.12 61.81
C PHE I 114 -8.15 17.75 61.92
N ALA I 115 -8.72 18.13 60.77
CA ALA I 115 -10.02 18.78 60.75
C ALA I 115 -10.51 18.95 59.31
N SER I 116 -10.93 17.85 58.70
CA SER I 116 -11.40 17.87 57.32
C SER I 116 -12.04 16.55 56.91
N VAL I 117 -12.98 16.61 55.97
CA VAL I 117 -13.66 15.42 55.48
C VAL I 117 -13.56 15.34 53.96
N SER I 118 -13.60 14.12 53.43
CA SER I 118 -13.47 13.90 52.00
C SER I 118 -14.61 13.06 51.44
N LEU I 119 -15.15 13.49 50.30
CA LEU I 119 -16.22 12.75 49.63
C LEU I 119 -15.64 11.71 48.69
N TYR I 120 -14.47 12.00 48.12
CA TYR I 120 -13.81 11.10 47.19
C TYR I 120 -13.43 9.80 47.90
N PRO I 121 -13.72 8.65 47.26
CA PRO I 121 -13.38 7.34 47.85
C PRO I 121 -11.92 7.24 48.25
N SER I 122 -11.69 6.89 49.52
CA SER I 122 -10.33 6.77 50.05
C SER I 122 -9.55 5.70 49.29
N ASN I 123 -8.22 5.81 49.35
CA ASN I 123 -7.35 4.85 48.67
C ASN I 123 -7.50 3.45 49.24
N GLU I 124 -8.14 3.34 50.39
CA GLU I 124 -8.38 2.04 51.02
C GLU I 124 -9.53 1.31 50.35
N ASP I 125 -10.62 2.04 50.09
CA ASP I 125 -11.80 1.46 49.48
C ASP I 125 -11.58 1.15 48.01
N VAL I 126 -10.77 1.97 47.35
CA VAL I 126 -10.47 1.77 45.93
C VAL I 126 -9.67 0.50 45.74
N SER I 127 -8.71 0.27 46.63
CA SER I 127 -7.86 -0.92 46.55
C SER I 127 -8.62 -2.16 47.01
N LEU I 128 -9.54 -1.96 47.95
CA LEU I 128 -10.34 -3.06 48.48
C LEU I 128 -11.36 -3.51 47.43
N ALA I 129 -11.78 -2.56 46.59
CA ALA I 129 -12.73 -2.85 45.53
C ALA I 129 -12.07 -3.71 44.46
N VAL I 130 -10.88 -3.31 44.03
CA VAL I 130 -10.14 -4.06 43.02
C VAL I 130 -9.78 -5.44 43.55
N SER I 131 -9.65 -5.54 44.87
CA SER I 131 -9.32 -6.81 45.50
C SER I 131 -10.51 -7.76 45.50
N ARG I 132 -11.71 -7.19 45.68
CA ARG I 132 -12.94 -7.98 45.71
C ARG I 132 -13.31 -8.46 44.31
N ILE I 133 -12.91 -7.71 43.29
CA ILE I 133 -13.18 -8.08 41.91
C ILE I 133 -12.37 -9.30 41.54
N LEU I 134 -11.07 -9.25 41.82
CA LEU I 134 -10.18 -10.36 41.54
C LEU I 134 -10.62 -11.60 42.32
N LYS I 135 -11.38 -11.39 43.38
CA LYS I 135 -11.86 -12.48 44.23
C LYS I 135 -12.75 -13.43 43.42
N SER I 136 -13.59 -12.87 42.57
CA SER I 136 -14.51 -13.67 41.77
C SER I 136 -13.81 -14.31 40.56
N PHE I 137 -12.49 -14.21 40.52
CA PHE I 137 -11.71 -14.79 39.44
C PHE I 137 -10.58 -15.68 39.98
N ASN I 138 -10.66 -15.99 41.27
CA ASN I 138 -9.64 -16.82 41.92
C ASN I 138 -8.26 -16.17 41.88
N TYR I 139 -8.23 -14.85 41.80
CA TYR I 139 -6.98 -14.09 41.78
C TYR I 139 -6.04 -14.60 40.69
N PRO I 140 -6.40 -14.36 39.42
CA PRO I 140 -5.55 -14.76 38.30
C PRO I 140 -4.20 -14.02 38.31
N SER I 141 -3.42 -14.21 37.26
CA SER I 141 -2.13 -13.53 37.14
C SER I 141 -2.34 -12.02 37.02
N ALA I 142 -2.13 -11.31 38.11
CA ALA I 142 -2.29 -9.86 38.12
C ALA I 142 -1.07 -9.19 37.51
N SER I 143 -1.27 -7.99 36.97
CA SER I 143 -0.19 -7.23 36.36
C SER I 143 -0.60 -5.77 36.17
N LEU I 144 -0.61 -5.02 37.26
CA LEU I 144 -0.99 -3.61 37.21
C LEU I 144 -0.04 -2.81 36.34
N ILE I 145 -0.60 -1.96 35.48
CA ILE I 145 0.19 -1.09 34.63
C ILE I 145 0.24 0.31 35.22
N CYS I 146 0.99 0.47 36.30
CA CYS I 146 1.11 1.76 36.97
C CYS I 146 1.55 2.84 36.00
N ALA I 147 0.91 4.00 36.06
CA ALA I 147 1.23 5.11 35.17
C ALA I 147 2.28 6.02 35.81
N LYS I 148 2.24 6.15 37.13
CA LYS I 148 3.22 6.97 37.84
C LYS I 148 3.69 6.32 39.13
N ALA I 149 4.39 7.10 39.95
CA ALA I 149 4.89 6.64 41.24
C ALA I 149 3.78 6.63 42.28
N GLU I 150 2.89 7.61 42.21
CA GLU I 150 1.78 7.71 43.15
C GLU I 150 0.83 6.54 42.99
N CYS I 151 0.97 5.82 41.87
CA CYS I 151 0.14 4.66 41.60
C CYS I 151 0.33 3.56 42.64
N LEU I 152 1.44 3.62 43.37
CA LEU I 152 1.75 2.64 44.39
C LEU I 152 1.16 3.02 45.74
N LEU I 153 0.91 4.30 45.93
CA LEU I 153 0.37 4.81 47.19
C LEU I 153 -1.15 4.75 47.19
N ARG I 154 -1.76 5.14 46.09
CA ARG I 154 -3.22 5.13 45.96
C ARG I 154 -3.74 3.69 45.97
N LEU I 155 -2.88 2.75 45.60
CA LEU I 155 -3.24 1.34 45.60
C LEU I 155 -2.35 0.56 46.56
N GLU I 156 -1.97 1.20 47.66
CA GLU I 156 -1.05 0.61 48.64
C GLU I 156 -1.64 -0.67 49.23
N GLU I 157 -2.88 -0.59 49.69
CA GLU I 157 -3.55 -1.72 50.34
C GLU I 157 -3.67 -2.92 49.40
N LEU I 158 -3.61 -2.66 48.10
CA LEU I 158 -3.74 -3.72 47.09
C LEU I 158 -2.41 -4.42 46.84
N VAL I 159 -1.35 -3.62 46.67
CA VAL I 159 -0.03 -4.18 46.36
C VAL I 159 0.49 -5.03 47.50
N ARG I 160 0.23 -4.60 48.74
CA ARG I 160 0.67 -5.33 49.91
C ARG I 160 -0.17 -6.57 50.15
N GLY I 161 -1.42 -6.52 49.68
CA GLY I 161 -2.36 -7.61 49.90
C GLY I 161 -1.92 -8.93 49.33
N PHE I 162 -1.37 -8.91 48.12
CA PHE I 162 -0.98 -10.13 47.43
C PHE I 162 0.53 -10.21 47.24
N LEU I 163 1.03 -11.43 47.08
CA LEU I 163 2.45 -11.65 46.82
C LEU I 163 2.85 -10.94 45.53
N ILE I 164 4.13 -10.59 45.42
CA ILE I 164 4.63 -9.90 44.24
C ILE I 164 5.52 -10.81 43.41
N SER I 165 4.99 -11.32 42.30
CA SER I 165 5.74 -12.19 41.42
C SER I 165 5.07 -12.27 40.04
N LYS I 166 5.51 -13.21 39.21
CA LYS I 166 4.97 -13.36 37.88
C LYS I 166 3.71 -14.24 37.90
N GLU I 167 3.52 -14.97 38.98
CA GLU I 167 2.40 -15.91 39.09
C GLU I 167 1.23 -15.33 39.90
N THR I 168 1.46 -14.22 40.58
CA THR I 168 0.43 -13.64 41.45
C THR I 168 0.15 -12.17 41.15
N LEU I 169 1.19 -11.35 41.12
CA LEU I 169 1.02 -9.92 40.93
C LEU I 169 2.34 -9.22 40.59
N SER I 170 2.42 -8.67 39.39
CA SER I 170 3.61 -7.94 38.95
C SER I 170 3.24 -6.49 38.63
N VAL I 171 4.11 -5.56 39.01
CA VAL I 171 3.86 -4.14 38.78
C VAL I 171 4.83 -3.57 37.75
N ARG I 172 4.27 -2.84 36.79
CA ARG I 172 5.07 -2.24 35.73
C ARG I 172 4.71 -0.77 35.57
N MET I 173 5.69 0.11 35.73
CA MET I 173 5.46 1.54 35.61
C MET I 173 5.73 2.04 34.20
N LEU I 174 4.98 3.06 33.78
CA LEU I 174 5.14 3.64 32.45
C LEU I 174 5.96 4.92 32.51
N ASP I 175 7.15 4.88 31.93
CA ASP I 175 8.04 6.04 31.91
C ASP I 175 7.42 7.17 31.09
N ASP I 176 7.72 8.42 31.45
CA ASP I 176 7.16 9.58 30.78
C ASP I 176 7.69 9.77 29.36
N SER I 177 6.80 10.07 28.42
CA SER I 177 7.14 10.22 27.01
C SER I 177 7.50 8.85 26.42
N ARG I 178 7.70 7.87 27.30
CA ARG I 178 7.67 6.48 26.94
C ARG I 178 6.20 6.10 27.04
N ASP I 179 5.71 5.28 26.12
CA ASP I 179 4.28 5.00 26.07
C ASP I 179 4.03 3.53 26.40
N PRO I 180 2.76 3.10 26.38
CA PRO I 180 2.45 1.71 26.72
C PRO I 180 2.68 0.77 25.55
N THR I 181 3.94 0.49 25.26
CA THR I 181 4.32 -0.40 24.15
C THR I 181 4.93 -1.71 24.63
N PRO I 182 6.15 -1.64 25.20
CA PRO I 182 6.85 -2.88 25.56
C PRO I 182 6.12 -3.56 26.69
N LEU I 183 5.37 -2.75 27.43
CA LEU I 183 4.65 -3.22 28.60
C LEU I 183 3.75 -4.39 28.23
N LEU I 184 2.65 -4.09 27.54
CA LEU I 184 1.68 -5.11 27.16
C LEU I 184 2.37 -6.32 26.54
N LYS I 185 3.50 -6.09 25.88
CA LYS I 185 4.28 -7.16 25.27
C LYS I 185 4.78 -8.14 26.33
N GLU I 186 5.43 -7.60 27.36
CA GLU I 186 5.96 -8.42 28.45
C GLU I 186 4.84 -9.20 29.13
N ILE I 187 3.65 -8.60 29.16
CA ILE I 187 2.49 -9.24 29.76
C ILE I 187 2.14 -10.52 28.98
N ARG I 188 2.25 -10.45 27.66
CA ARG I 188 1.96 -11.59 26.81
C ARG I 188 2.99 -12.71 27.01
N ASP I 189 4.22 -12.32 27.33
CA ASP I 189 5.29 -13.28 27.56
C ASP I 189 5.02 -14.11 28.81
N ASP I 190 4.56 -13.44 29.86
CA ASP I 190 4.25 -14.12 31.12
C ASP I 190 2.82 -14.66 31.13
N LYS I 191 2.26 -14.88 29.94
CA LYS I 191 0.91 -15.41 29.80
C LYS I 191 -0.03 -14.84 30.85
N VAL I 192 0.06 -13.52 31.07
CA VAL I 192 -0.80 -12.85 32.03
C VAL I 192 -2.14 -12.51 31.38
N SER I 193 -3.22 -12.77 32.10
CA SER I 193 -4.56 -12.52 31.58
C SER I 193 -5.15 -11.25 32.16
N THR I 194 -5.08 -11.11 33.48
CA THR I 194 -5.64 -9.95 34.17
C THR I 194 -4.66 -8.78 34.17
N ILE I 195 -5.16 -7.59 33.85
CA ILE I 195 -4.36 -6.39 33.82
C ILE I 195 -5.14 -5.22 34.42
N ILE I 196 -4.54 -4.55 35.40
CA ILE I 196 -5.21 -3.44 36.08
C ILE I 196 -4.45 -2.13 35.86
N ILE I 197 -4.95 -1.31 34.95
CA ILE I 197 -4.31 -0.03 34.64
C ILE I 197 -4.76 1.06 35.61
N ASP I 198 -3.84 1.97 35.93
CA ASP I 198 -4.13 3.06 36.85
C ASP I 198 -3.60 4.39 36.33
N ALA I 199 -4.51 5.23 35.84
CA ALA I 199 -4.14 6.54 35.31
C ALA I 199 -5.39 7.38 35.06
N ASN I 200 -5.19 8.59 34.54
CA ASN I 200 -6.30 9.47 34.22
C ASN I 200 -7.07 8.99 32.99
N ALA I 201 -8.15 9.68 32.65
CA ALA I 201 -8.98 9.29 31.52
C ALA I 201 -8.20 9.26 30.21
N SER I 202 -7.10 10.01 30.17
CA SER I 202 -6.29 10.09 28.96
C SER I 202 -5.46 8.81 28.75
N ILE I 203 -4.59 8.51 29.70
CA ILE I 203 -3.71 7.35 29.59
C ILE I 203 -4.51 6.06 29.64
N SER I 204 -5.72 6.12 30.19
CA SER I 204 -6.59 4.95 30.27
C SER I 204 -7.10 4.57 28.89
N HIS I 205 -7.37 5.58 28.06
CA HIS I 205 -7.82 5.36 26.69
C HIS I 205 -6.65 5.00 25.79
N LEU I 206 -5.48 5.52 26.12
CA LEU I 206 -4.29 5.35 25.28
C LEU I 206 -3.66 3.97 25.45
N VAL I 207 -3.57 3.51 26.69
CA VAL I 207 -2.97 2.21 26.98
C VAL I 207 -3.73 1.08 26.31
N LEU I 208 -5.05 1.19 26.25
CA LEU I 208 -5.90 0.16 25.67
C LEU I 208 -5.92 0.24 24.15
N ARG I 209 -5.54 1.40 23.61
CA ARG I 209 -5.57 1.62 22.18
C ARG I 209 -4.58 0.75 21.44
N LYS I 210 -3.30 0.93 21.78
CA LYS I 210 -2.23 0.14 21.18
C LYS I 210 -2.23 -1.27 21.74
N ALA I 211 -3.20 -1.56 22.61
CA ALA I 211 -3.35 -2.88 23.21
C ALA I 211 -4.29 -3.74 22.37
N SER I 212 -5.40 -3.15 21.95
CA SER I 212 -6.42 -3.86 21.19
C SER I 212 -5.88 -4.34 19.84
N GLU I 213 -4.80 -3.70 19.38
CA GLU I 213 -4.17 -4.06 18.12
C GLU I 213 -3.11 -5.14 18.33
N LEU I 214 -3.21 -5.86 19.44
CA LEU I 214 -2.30 -6.95 19.75
C LEU I 214 -3.07 -8.19 20.19
N GLY I 215 -4.38 -8.17 19.97
CA GLY I 215 -5.24 -9.26 20.41
C GLY I 215 -5.49 -9.20 21.90
N MET I 216 -5.04 -8.12 22.52
CA MET I 216 -5.20 -7.93 23.96
C MET I 216 -6.65 -7.55 24.28
N THR I 217 -7.42 -7.29 23.24
CA THR I 217 -8.82 -6.88 23.40
C THR I 217 -9.77 -8.05 23.40
N SER I 218 -9.24 -9.25 23.18
CA SER I 218 -10.05 -10.47 23.14
C SER I 218 -10.71 -10.72 24.49
N ALA I 219 -11.62 -11.69 24.53
CA ALA I 219 -12.31 -12.06 25.76
C ALA I 219 -11.40 -12.86 26.67
N PHE I 220 -10.24 -13.25 26.15
CA PHE I 220 -9.28 -14.04 26.90
C PHE I 220 -8.73 -13.22 28.07
N TYR I 221 -8.56 -11.92 27.85
CA TYR I 221 -8.00 -11.04 28.86
C TYR I 221 -9.10 -10.30 29.62
N LYS I 222 -8.73 -9.74 30.78
CA LYS I 222 -9.67 -9.02 31.62
C LYS I 222 -9.00 -7.81 32.23
N TYR I 223 -9.58 -6.63 32.02
CA TYR I 223 -9.00 -5.38 32.51
C TYR I 223 -9.84 -4.75 33.60
N ILE I 224 -9.19 -3.96 34.45
CA ILE I 224 -9.87 -3.27 35.54
C ILE I 224 -9.32 -1.86 35.67
N LEU I 225 -10.15 -0.87 35.35
CA LEU I 225 -9.74 0.53 35.44
C LEU I 225 -10.07 1.11 36.81
N THR I 226 -9.05 1.66 37.47
CA THR I 226 -9.24 2.29 38.77
C THR I 226 -9.69 3.74 38.61
N THR I 227 -9.41 4.32 37.45
CA THR I 227 -9.84 5.68 37.15
C THR I 227 -11.35 5.81 37.33
N MET I 228 -11.76 6.88 37.97
CA MET I 228 -13.18 7.10 38.25
C MET I 228 -13.87 7.80 37.08
N ASP I 229 -13.08 8.30 36.13
CA ASP I 229 -13.62 8.91 34.93
C ASP I 229 -13.89 7.85 33.87
N PHE I 230 -14.50 6.75 34.29
CA PHE I 230 -14.77 5.63 33.39
C PHE I 230 -16.05 5.86 32.59
N PRO I 231 -17.13 6.29 33.26
CA PRO I 231 -18.40 6.55 32.57
C PRO I 231 -18.28 7.56 31.43
N ILE I 232 -17.30 8.46 31.51
CA ILE I 232 -17.09 9.45 30.46
C ILE I 232 -16.06 8.97 29.44
N LEU I 233 -15.26 7.98 29.84
CA LEU I 233 -14.25 7.40 28.96
C LEU I 233 -14.90 6.58 27.85
N HIS I 234 -15.10 7.20 26.69
CA HIS I 234 -15.72 6.53 25.55
C HIS I 234 -14.68 5.90 24.65
N LEU I 235 -14.79 4.58 24.46
CA LEU I 235 -13.86 3.84 23.62
C LEU I 235 -14.53 3.46 22.30
N ASP I 236 -14.25 4.22 21.25
CA ASP I 236 -14.84 3.98 19.94
C ASP I 236 -13.80 3.51 18.93
N GLY I 237 -13.91 2.26 18.50
CA GLY I 237 -13.00 1.70 17.53
C GLY I 237 -11.86 0.94 18.17
N ILE I 238 -11.94 0.74 19.48
CA ILE I 238 -10.91 0.01 20.21
C ILE I 238 -11.50 -1.18 20.95
N VAL I 239 -12.82 -1.17 21.13
CA VAL I 239 -13.50 -2.22 21.88
C VAL I 239 -14.21 -3.20 20.93
N GLU I 240 -14.65 -4.32 21.48
CA GLU I 240 -15.33 -5.34 20.71
C GLU I 240 -16.56 -5.84 21.47
N ASP I 241 -17.09 -6.98 21.05
CA ASP I 241 -18.26 -7.56 21.71
C ASP I 241 -17.84 -8.60 22.74
N SER I 242 -16.58 -9.02 22.67
CA SER I 242 -16.06 -10.04 23.58
C SER I 242 -15.08 -9.44 24.58
N SER I 243 -14.68 -8.20 24.33
CA SER I 243 -13.73 -7.50 25.18
C SER I 243 -14.23 -7.42 26.62
N ASN I 244 -13.29 -7.38 27.56
CA ASN I 244 -13.62 -7.25 28.98
C ASN I 244 -12.92 -6.07 29.60
N ILE I 245 -13.63 -4.96 29.75
CA ILE I 245 -13.08 -3.75 30.32
C ILE I 245 -14.01 -3.21 31.42
N LEU I 246 -13.65 -3.48 32.66
CA LEU I 246 -14.44 -3.02 33.80
C LEU I 246 -14.08 -1.59 34.17
N GLY I 247 -14.83 -1.01 35.09
CA GLY I 247 -14.60 0.34 35.54
C GLY I 247 -15.35 0.65 36.82
N PHE I 248 -15.42 1.92 37.18
CA PHE I 248 -16.12 2.34 38.39
C PHE I 248 -16.96 3.59 38.15
N SER I 249 -17.98 3.77 38.98
CA SER I 249 -18.87 4.92 38.87
C SER I 249 -19.62 5.15 40.18
N MET I 250 -20.08 6.38 40.39
CA MET I 250 -20.82 6.72 41.59
C MET I 250 -22.11 7.49 41.27
N PHE I 251 -22.30 7.81 39.99
CA PHE I 251 -23.47 8.56 39.57
C PHE I 251 -24.75 7.79 39.88
N ASN I 252 -25.53 8.30 40.82
CA ASN I 252 -26.78 7.67 41.21
C ASN I 252 -27.96 8.30 40.49
N THR I 253 -28.54 7.56 39.55
CA THR I 253 -29.66 8.06 38.76
C THR I 253 -30.90 8.28 39.63
N SER I 254 -30.85 7.75 40.85
CA SER I 254 -31.95 7.89 41.81
C SER I 254 -32.29 9.35 42.07
N HIS I 255 -31.34 10.24 41.80
CA HIS I 255 -31.55 11.67 42.00
C HIS I 255 -32.26 12.27 40.79
N PRO I 256 -33.49 12.79 41.01
CA PRO I 256 -34.29 13.38 39.94
C PRO I 256 -33.66 14.59 39.25
N PHE I 257 -32.65 15.18 39.88
CA PHE I 257 -31.99 16.36 39.33
C PHE I 257 -30.80 15.94 38.45
N TYR I 258 -30.52 14.64 38.41
CA TYR I 258 -29.41 14.12 37.63
C TYR I 258 -29.57 14.44 36.15
N PRO I 259 -30.74 14.18 35.58
CA PRO I 259 -30.97 14.47 34.16
C PRO I 259 -30.75 15.95 33.81
N GLU I 260 -31.17 16.84 34.70
CA GLU I 260 -31.02 18.27 34.47
C GLU I 260 -29.55 18.68 34.57
N PHE I 261 -28.81 18.00 35.44
CA PHE I 261 -27.40 18.31 35.65
C PHE I 261 -26.59 18.03 34.39
N VAL I 262 -26.78 16.84 33.83
CA VAL I 262 -26.06 16.43 32.63
C VAL I 262 -26.41 17.35 31.47
N ARG I 263 -27.61 17.92 31.51
CA ARG I 263 -28.08 18.81 30.45
C ARG I 263 -27.24 20.09 30.39
N SER I 264 -26.97 20.67 31.56
CA SER I 264 -26.23 21.92 31.64
C SER I 264 -24.83 21.80 31.04
N LEU I 265 -24.14 20.70 31.35
CA LEU I 265 -22.78 20.49 30.87
C LEU I 265 -22.77 20.08 29.40
N ASN I 266 -23.82 19.39 28.98
CA ASN I 266 -23.90 18.89 27.60
C ASN I 266 -23.98 20.03 26.59
N MET I 267 -24.68 21.10 26.97
CA MET I 267 -24.84 22.26 26.09
C MET I 267 -23.69 23.24 26.28
N SER I 268 -23.37 23.54 27.54
CA SER I 268 -22.31 24.48 27.86
C SER I 268 -20.99 24.09 27.21
N TRP I 269 -20.82 22.81 26.93
CA TRP I 269 -19.58 22.30 26.34
C TRP I 269 -19.35 22.90 24.96
N ARG I 270 -20.30 22.68 24.05
CA ARG I 270 -20.20 23.21 22.70
C ARG I 270 -20.85 24.59 22.60
N GLU I 271 -20.99 25.26 23.74
CA GLU I 271 -21.53 26.61 23.77
C GLU I 271 -20.40 27.60 24.02
N ASN I 272 -19.31 27.13 24.62
CA ASN I 272 -18.14 27.95 24.86
C ASN I 272 -16.93 27.39 24.13
N CYS I 273 -16.78 26.07 24.17
CA CYS I 273 -15.69 25.39 23.48
C CYS I 273 -16.24 24.27 22.60
N GLU I 274 -16.74 24.64 21.42
CA GLU I 274 -17.33 23.68 20.51
C GLU I 274 -16.29 23.06 19.59
N ALA I 275 -15.04 23.03 20.03
CA ALA I 275 -13.95 22.44 19.26
C ALA I 275 -13.84 20.94 19.52
N SER I 276 -14.84 20.39 20.20
CA SER I 276 -14.85 18.96 20.52
C SER I 276 -16.23 18.53 21.02
N THR I 277 -16.43 17.22 21.12
CA THR I 277 -17.70 16.68 21.59
C THR I 277 -17.72 16.62 23.12
N TYR I 278 -18.91 16.37 23.68
CA TYR I 278 -19.08 16.31 25.13
C TYR I 278 -19.00 14.86 25.63
N PRO I 279 -17.89 14.50 26.31
CA PRO I 279 -17.71 13.15 26.83
C PRO I 279 -18.84 12.73 27.79
N GLY I 280 -18.98 13.45 28.90
CA GLY I 280 -20.01 13.14 29.87
C GLY I 280 -19.74 13.77 31.23
N PRO I 281 -20.72 13.70 32.13
CA PRO I 281 -20.60 14.30 33.47
C PRO I 281 -19.31 13.88 34.17
N ALA I 282 -18.46 14.86 34.47
CA ALA I 282 -17.18 14.58 35.12
C ALA I 282 -17.40 14.25 36.59
N LEU I 283 -16.53 13.41 37.13
CA LEU I 283 -16.63 13.02 38.54
C LEU I 283 -16.31 14.20 39.45
N SER I 284 -15.42 15.07 38.98
CA SER I 284 -15.03 16.25 39.73
C SER I 284 -16.23 17.15 40.01
N ALA I 285 -16.97 17.48 38.95
CA ALA I 285 -18.15 18.34 39.07
C ALA I 285 -19.20 17.70 39.97
N ALA I 286 -19.28 16.38 39.94
CA ALA I 286 -20.25 15.65 40.74
C ALA I 286 -19.97 15.85 42.22
N LEU I 287 -18.71 15.76 42.61
CA LEU I 287 -18.32 15.91 44.00
C LEU I 287 -18.52 17.36 44.46
N MET I 288 -18.22 18.30 43.58
CA MET I 288 -18.38 19.71 43.90
C MET I 288 -19.84 20.04 44.20
N PHE I 289 -20.74 19.47 43.43
CA PHE I 289 -22.16 19.73 43.58
C PHE I 289 -22.65 19.29 44.95
N ASP I 290 -22.47 18.01 45.25
CA ASP I 290 -22.91 17.46 46.53
C ASP I 290 -22.18 18.12 47.69
N ALA I 291 -20.94 18.55 47.45
CA ALA I 291 -20.12 19.16 48.49
C ALA I 291 -20.82 20.38 49.07
N VAL I 292 -21.21 21.30 48.21
CA VAL I 292 -21.86 22.53 48.64
C VAL I 292 -23.08 22.23 49.49
N HIS I 293 -23.83 21.19 49.12
CA HIS I 293 -25.03 20.81 49.85
C HIS I 293 -24.68 20.27 51.24
N VAL I 294 -23.63 19.47 51.33
CA VAL I 294 -23.21 18.89 52.60
C VAL I 294 -22.81 19.99 53.58
N VAL I 295 -22.14 21.01 53.08
CA VAL I 295 -21.69 22.12 53.90
C VAL I 295 -22.89 22.84 54.49
N VAL I 296 -23.75 23.36 53.61
CA VAL I 296 -24.94 24.10 54.03
C VAL I 296 -25.83 23.24 54.92
N SER I 297 -25.71 21.92 54.78
CA SER I 297 -26.52 20.99 55.56
C SER I 297 -26.07 20.98 57.02
N ALA I 298 -24.77 20.86 57.23
CA ALA I 298 -24.20 20.83 58.58
C ALA I 298 -24.35 22.18 59.27
N VAL I 299 -24.17 23.25 58.49
CA VAL I 299 -24.29 24.60 59.03
C VAL I 299 -25.74 24.88 59.41
N ARG I 300 -26.67 24.29 58.65
CA ARG I 300 -28.09 24.46 58.92
C ARG I 300 -28.43 23.86 60.28
N GLU I 301 -27.79 22.75 60.61
CA GLU I 301 -28.03 22.05 61.88
C GLU I 301 -27.29 22.75 63.02
N LEU I 302 -26.15 23.36 62.71
CA LEU I 302 -25.35 24.04 63.71
C LEU I 302 -25.96 25.40 64.04
N ASN I 303 -26.76 25.92 63.12
CA ASN I 303 -27.44 27.19 63.32
C ASN I 303 -28.71 27.00 64.15
N ARG I 304 -28.99 25.74 64.49
CA ARG I 304 -30.15 25.39 65.30
C ARG I 304 -29.76 25.28 66.77
N SER I 305 -28.50 24.96 67.02
CA SER I 305 -28.01 24.76 68.38
C SER I 305 -27.27 26.00 68.87
N GLN I 306 -26.29 26.44 68.09
CA GLN I 306 -25.52 27.64 68.42
C GLN I 306 -25.58 28.66 67.30
N GLU I 307 -25.86 29.91 67.64
CA GLU I 307 -25.82 30.99 66.66
C GLU I 307 -24.45 31.01 66.01
N ILE I 308 -24.42 30.95 64.68
CA ILE I 308 -23.15 30.87 63.96
C ILE I 308 -22.69 32.24 63.48
N GLY I 309 -21.51 32.66 63.96
CA GLY I 309 -20.92 33.91 63.55
C GLY I 309 -19.52 33.71 63.02
N VAL I 310 -19.28 34.18 61.80
CA VAL I 310 -17.96 34.07 61.18
C VAL I 310 -17.21 35.39 61.28
N LYS I 311 -16.04 35.36 61.90
CA LYS I 311 -15.24 36.57 62.07
C LYS I 311 -13.97 36.48 61.24
N PRO I 312 -13.68 37.54 60.46
CA PRO I 312 -12.52 37.60 59.57
C PRO I 312 -11.21 37.19 60.24
N LEU I 313 -10.54 36.21 59.66
CA LEU I 313 -9.25 35.73 60.17
C LEU I 313 -8.12 36.25 59.29
N ALA I 314 -6.94 35.68 59.44
CA ALA I 314 -5.79 36.06 58.64
C ALA I 314 -4.62 35.09 58.84
N CYS I 315 -3.64 35.15 57.94
CA CYS I 315 -2.47 34.29 58.03
C CYS I 315 -1.51 34.79 59.11
N THR I 316 -1.60 36.07 59.42
CA THR I 316 -0.74 36.68 60.44
C THR I 316 -1.26 36.40 61.84
N SER I 317 -2.56 36.53 62.02
CA SER I 317 -3.19 36.31 63.32
C SER I 317 -3.28 34.83 63.63
N ALA I 318 -3.02 34.47 64.88
CA ALA I 318 -3.09 33.07 65.30
C ALA I 318 -4.49 32.74 65.81
N ASN I 319 -5.49 33.47 65.34
CA ASN I 319 -6.86 33.24 65.75
C ASN I 319 -7.47 32.06 65.00
N ILE I 320 -8.55 31.52 65.54
CA ILE I 320 -9.24 30.41 64.91
C ILE I 320 -10.75 30.64 64.94
N TRP I 321 -11.47 29.95 64.07
CA TRP I 321 -12.92 30.07 63.99
C TRP I 321 -13.55 29.27 65.13
N PRO I 322 -14.14 29.97 66.12
CA PRO I 322 -14.74 29.31 67.28
C PRO I 322 -15.71 28.19 66.91
N HIS I 323 -16.53 28.41 65.90
CA HIS I 323 -17.50 27.40 65.46
C HIS I 323 -16.86 26.42 64.49
N GLY I 324 -15.57 26.15 64.69
CA GLY I 324 -14.84 25.24 63.82
C GLY I 324 -15.08 23.79 64.19
N THR I 325 -14.64 23.41 65.38
CA THR I 325 -14.83 22.06 65.87
C THR I 325 -16.32 21.71 65.93
N SER I 326 -17.14 22.72 66.18
CA SER I 326 -18.59 22.52 66.24
C SER I 326 -19.14 22.04 64.91
N LEU I 327 -18.84 22.78 63.85
CA LEU I 327 -19.32 22.44 62.51
C LEU I 327 -18.72 21.12 62.04
N MET I 328 -17.56 20.76 62.58
CA MET I 328 -16.86 19.55 62.17
C MET I 328 -17.65 18.32 62.58
N ASN I 329 -18.33 18.40 63.72
CA ASN I 329 -19.16 17.30 64.20
C ASN I 329 -20.45 17.17 63.39
N TYR I 330 -20.95 18.31 62.90
CA TYR I 330 -22.16 18.31 62.10
C TYR I 330 -21.87 17.92 60.65
N LEU I 331 -20.60 18.05 60.25
CA LEU I 331 -20.17 17.60 58.93
C LEU I 331 -19.82 16.12 59.00
N ARG I 332 -20.07 15.52 60.17
CA ARG I 332 -19.80 14.11 60.40
C ARG I 332 -21.10 13.32 60.36
N MET I 333 -22.16 13.94 60.88
CA MET I 333 -23.47 13.31 60.94
C MET I 333 -24.34 13.73 59.78
N VAL I 334 -23.72 13.93 58.62
CA VAL I 334 -24.45 14.36 57.43
C VAL I 334 -25.08 13.19 56.72
N GLU I 335 -26.29 13.41 56.18
CA GLU I 335 -27.00 12.39 55.43
C GLU I 335 -27.63 13.01 54.19
N TYR I 336 -26.84 13.16 53.14
CA TYR I 336 -27.31 13.79 51.91
C TYR I 336 -27.25 12.85 50.72
N ASP I 337 -28.34 12.79 49.96
CA ASP I 337 -28.42 11.94 48.77
C ASP I 337 -28.21 12.77 47.51
N GLY I 338 -26.97 12.81 47.02
CA GLY I 338 -26.64 13.63 45.88
C GLY I 338 -26.39 12.81 44.62
N LEU I 339 -25.62 13.39 43.70
CA LEU I 339 -25.29 12.73 42.44
C LEU I 339 -24.14 11.75 42.60
N THR I 340 -23.97 11.23 43.81
CA THR I 340 -22.89 10.30 44.11
C THR I 340 -23.33 9.20 45.07
N GLY I 341 -24.61 9.22 45.46
CA GLY I 341 -25.15 8.23 46.37
C GLY I 341 -25.27 8.77 47.79
N ARG I 342 -25.32 7.88 48.77
CA ARG I 342 -25.40 8.29 50.17
C ARG I 342 -24.12 8.98 50.60
N VAL I 343 -24.27 10.17 51.16
CA VAL I 343 -23.12 10.95 51.63
C VAL I 343 -23.05 10.90 53.14
N GLU I 344 -22.25 9.96 53.67
CA GLU I 344 -22.07 9.82 55.11
C GLU I 344 -20.59 9.71 55.43
N PHE I 345 -20.23 10.13 56.63
CA PHE I 345 -18.83 10.08 57.07
C PHE I 345 -18.68 9.24 58.33
N ASN I 346 -17.44 8.89 58.65
CA ASN I 346 -17.15 8.08 59.84
C ASN I 346 -16.26 8.84 60.80
N SER I 347 -15.63 8.12 61.73
CA SER I 347 -14.78 8.74 62.74
C SER I 347 -13.70 9.61 62.09
N LYS I 348 -12.80 8.97 61.35
CA LYS I 348 -11.68 9.68 60.73
C LYS I 348 -12.17 10.82 59.85
N GLY I 349 -13.25 10.58 59.11
CA GLY I 349 -13.81 11.60 58.23
C GLY I 349 -13.93 11.13 56.80
N GLN I 350 -13.77 9.83 56.57
CA GLN I 350 -13.90 9.25 55.24
C GLN I 350 -15.36 9.00 54.89
N ARG I 351 -15.64 8.76 53.62
CA ARG I 351 -16.99 8.49 53.17
C ARG I 351 -17.29 7.00 53.24
N THR I 352 -18.46 6.64 53.79
CA THR I 352 -18.84 5.25 53.95
C THR I 352 -20.32 5.02 53.64
N ASN I 353 -20.73 3.76 53.73
CA ASN I 353 -22.12 3.38 53.48
C ASN I 353 -22.58 3.81 52.08
N TYR I 354 -21.63 3.87 51.15
CA TYR I 354 -21.93 4.26 49.78
C TYR I 354 -21.68 3.09 48.84
N THR I 355 -22.31 3.13 47.68
CA THR I 355 -22.15 2.08 46.67
C THR I 355 -21.11 2.46 45.62
N LEU I 356 -20.63 1.47 44.87
CA LEU I 356 -19.58 1.66 43.87
C LEU I 356 -19.91 0.83 42.63
N ARG I 357 -20.85 1.30 41.82
CA ARG I 357 -21.27 0.54 40.65
C ARG I 357 -20.12 0.28 39.69
N ILE I 358 -19.85 -1.00 39.43
CA ILE I 358 -18.81 -1.40 38.49
C ILE I 358 -19.37 -1.52 37.09
N LEU I 359 -19.08 -0.52 36.25
CA LEU I 359 -19.60 -0.50 34.88
C LEU I 359 -18.65 -1.21 33.92
N GLU I 360 -19.18 -1.62 32.77
CA GLU I 360 -18.39 -2.30 31.75
C GLU I 360 -18.79 -1.82 30.37
N LYS I 361 -17.81 -1.29 29.62
CA LYS I 361 -18.07 -0.76 28.28
C LYS I 361 -18.68 -1.82 27.38
N SER I 362 -19.12 -1.42 26.20
CA SER I 362 -19.73 -2.33 25.24
C SER I 362 -19.77 -1.71 23.84
N ARG I 363 -20.57 -2.30 22.96
CA ARG I 363 -20.70 -1.81 21.59
C ARG I 363 -21.24 -0.39 21.57
N GLN I 364 -21.98 0.00 22.61
CA GLN I 364 -22.56 1.32 22.68
C GLN I 364 -22.99 1.66 24.11
N GLY I 365 -22.17 2.46 24.79
CA GLY I 365 -22.48 2.88 26.14
C GLY I 365 -21.81 2.02 27.19
N HIS I 366 -22.45 1.90 28.35
CA HIS I 366 -21.91 1.10 29.45
C HIS I 366 -22.96 0.12 29.96
N ARG I 367 -22.52 -0.85 30.76
CA ARG I 367 -23.40 -1.89 31.28
C ARG I 367 -22.98 -2.27 32.69
N GLU I 368 -23.83 -1.93 33.66
CA GLU I 368 -23.55 -2.25 35.06
C GLU I 368 -23.53 -3.75 35.28
N ILE I 369 -22.32 -4.31 35.35
CA ILE I 369 -22.15 -5.75 35.53
C ILE I 369 -22.28 -6.15 37.00
N GLY I 370 -21.88 -5.24 37.90
CA GLY I 370 -21.95 -5.51 39.32
C GLY I 370 -21.88 -4.25 40.16
N VAL I 371 -21.80 -4.42 41.48
CA VAL I 371 -21.72 -3.30 42.40
C VAL I 371 -20.90 -3.67 43.63
N TRP I 372 -20.14 -2.71 44.13
CA TRP I 372 -19.29 -2.94 45.31
C TRP I 372 -19.71 -2.04 46.46
N TYR I 373 -20.11 -2.66 47.56
CA TYR I 373 -20.53 -1.92 48.76
C TYR I 373 -19.32 -1.62 49.65
N SER I 374 -19.58 -0.92 50.75
CA SER I 374 -18.53 -0.59 51.71
C SER I 374 -18.46 -1.63 52.82
N ASN I 375 -18.79 -2.87 52.47
CA ASN I 375 -18.79 -3.96 53.45
C ASN I 375 -18.72 -5.34 52.80
N ARG I 376 -19.28 -5.46 51.60
CA ARG I 376 -19.27 -6.72 50.87
C ARG I 376 -19.49 -6.48 49.38
N THR I 377 -18.96 -7.38 48.55
CA THR I 377 -19.10 -7.27 47.10
C THR I 377 -20.33 -8.04 46.61
N LEU I 378 -20.82 -7.65 45.45
CA LEU I 378 -22.04 -8.25 44.89
C LEU I 378 -22.19 -7.97 43.40
N ALA I 379 -21.73 -8.90 42.56
CA ALA I 379 -21.81 -8.75 41.11
C ALA I 379 -22.92 -9.63 40.53
N MET I 380 -23.50 -9.20 39.42
CA MET I 380 -24.58 -9.94 38.76
C MET I 380 -25.78 -10.08 39.68
N HIS J 3 34.89 41.63 51.67
CA HIS J 3 33.44 41.48 51.50
C HIS J 3 32.95 40.16 52.09
N VAL J 4 31.66 40.10 52.41
CA VAL J 4 31.07 38.92 53.02
C VAL J 4 29.79 38.49 52.30
N LEU J 5 29.41 37.23 52.48
CA LEU J 5 28.22 36.68 51.85
C LEU J 5 27.29 36.11 52.91
N ARG J 6 25.99 36.33 52.75
CA ARG J 6 25.00 35.84 53.70
C ARG J 6 24.33 34.58 53.18
N PHE J 7 24.48 33.48 53.91
CA PHE J 7 23.84 32.22 53.56
C PHE J 7 22.54 32.05 54.35
N GLY J 8 21.83 30.95 54.09
CA GLY J 8 20.58 30.67 54.77
C GLY J 8 20.79 29.79 55.99
N GLY J 9 19.69 29.34 56.59
CA GLY J 9 19.75 28.52 57.79
C GLY J 9 18.40 28.32 58.42
N ILE J 10 17.85 27.12 58.27
CA ILE J 10 16.56 26.77 58.84
C ILE J 10 16.67 25.42 59.54
N PHE J 11 16.71 25.45 60.87
CA PHE J 11 16.88 24.23 61.64
C PHE J 11 15.83 24.12 62.74
N GLU J 12 15.01 23.07 62.66
CA GLU J 12 13.94 22.84 63.62
C GLU J 12 14.51 22.61 65.01
N TYR J 13 13.74 22.97 66.03
CA TYR J 13 14.16 22.80 67.42
C TYR J 13 14.33 21.32 67.73
N VAL J 14 15.00 21.02 68.84
CA VAL J 14 15.23 19.64 69.25
C VAL J 14 15.22 19.52 70.77
N GLU J 15 14.74 18.38 71.26
CA GLU J 15 14.68 18.14 72.70
C GLU J 15 16.08 17.98 73.29
N SER J 16 17.05 17.70 72.43
CA SER J 16 18.43 17.52 72.87
C SER J 16 18.95 18.77 73.57
N GLY J 17 19.19 19.82 72.81
CA GLY J 17 19.70 21.07 73.36
C GLY J 17 19.41 22.25 72.45
N PRO J 18 20.13 23.36 72.67
CA PRO J 18 19.96 24.58 71.86
C PRO J 18 20.14 24.32 70.36
N MET J 19 21.03 23.40 70.02
CA MET J 19 21.29 23.08 68.62
C MET J 19 21.32 21.56 68.41
N GLY J 20 20.73 21.12 67.31
CA GLY J 20 20.70 19.71 66.97
C GLY J 20 21.94 19.31 66.20
N ALA J 21 22.15 18.00 66.05
CA ALA J 21 23.32 17.50 65.34
C ALA J 21 23.32 18.00 63.89
N GLU J 22 22.15 18.43 63.43
CA GLU J 22 22.01 18.94 62.06
C GLU J 22 22.58 20.35 61.97
N GLU J 23 22.11 21.23 62.84
CA GLU J 23 22.53 22.62 62.82
C GLU J 23 24.01 22.77 63.16
N LEU J 24 24.51 21.90 64.03
CA LEU J 24 25.90 21.92 64.44
C LEU J 24 26.81 21.69 63.23
N ALA J 25 26.38 20.80 62.34
CA ALA J 25 27.16 20.49 61.15
C ALA J 25 27.31 21.72 60.28
N PHE J 26 26.30 22.58 60.29
CA PHE J 26 26.31 23.80 59.51
C PHE J 26 27.20 24.86 60.16
N ARG J 27 27.02 25.06 61.46
CA ARG J 27 27.80 26.06 62.19
C ARG J 27 29.28 25.66 62.23
N PHE J 28 29.55 24.39 61.96
CA PHE J 28 30.90 23.87 61.99
C PHE J 28 31.53 23.96 60.60
N ALA J 29 30.70 23.83 59.57
CA ALA J 29 31.18 23.90 58.20
C ALA J 29 31.53 25.33 57.81
N VAL J 30 30.66 26.27 58.18
CA VAL J 30 30.85 27.67 57.84
C VAL J 30 31.83 28.32 58.82
N ASN J 31 32.53 27.49 59.59
CA ASN J 31 33.52 27.98 60.54
C ASN J 31 34.91 27.45 60.21
N THR J 32 34.97 26.44 59.33
CA THR J 32 36.24 25.87 58.90
C THR J 32 36.69 26.51 57.60
N ILE J 33 35.73 26.83 56.74
CA ILE J 33 36.03 27.43 55.45
C ILE J 33 36.69 28.79 55.62
N ASN J 34 36.26 29.53 56.65
CA ASN J 34 36.82 30.83 56.94
C ASN J 34 38.31 30.75 57.25
N ARG J 35 38.67 29.92 58.21
CA ARG J 35 40.06 29.74 58.60
C ARG J 35 40.72 28.66 57.75
N ASN J 36 40.70 28.86 56.43
CA ASN J 36 41.29 27.90 55.49
C ASN J 36 41.34 28.51 54.10
N ARG J 37 42.54 28.89 53.67
CA ARG J 37 42.72 29.54 52.37
C ARG J 37 42.51 28.59 51.20
N THR J 38 42.28 27.31 51.50
CA THR J 38 42.07 26.31 50.47
C THR J 38 40.80 26.60 49.67
N LEU J 39 39.82 27.22 50.34
CA LEU J 39 38.54 27.52 49.71
C LEU J 39 38.05 28.91 50.14
N LEU J 40 37.59 29.69 49.19
CA LEU J 40 37.06 31.03 49.48
C LEU J 40 38.11 31.91 50.16
N PRO J 41 39.24 32.14 49.48
CA PRO J 41 40.37 32.91 50.03
C PRO J 41 40.00 34.32 50.49
N ASN J 42 39.62 35.19 49.56
CA ASN J 42 39.30 36.58 49.88
C ASN J 42 37.82 36.79 50.13
N THR J 43 37.20 35.85 50.84
CA THR J 43 35.77 35.93 51.12
C THR J 43 35.43 35.34 52.49
N THR J 44 34.67 36.09 53.28
CA THR J 44 34.23 35.64 54.59
C THR J 44 32.75 35.26 54.53
N LEU J 45 32.35 34.28 55.33
CA LEU J 45 30.97 33.79 55.31
C LEU J 45 30.22 34.10 56.60
N THR J 46 28.92 34.38 56.44
CA THR J 46 28.03 34.61 57.55
C THR J 46 26.70 33.92 57.27
N TYR J 47 25.79 33.92 58.24
CA TYR J 47 24.51 33.26 58.06
C TYR J 47 23.44 33.78 59.01
N ASP J 48 22.18 33.48 58.69
CA ASP J 48 21.05 33.89 59.51
C ASP J 48 20.31 32.66 60.02
N THR J 49 20.43 32.39 61.32
CA THR J 49 19.77 31.23 61.92
C THR J 49 18.27 31.47 62.09
N GLN J 50 17.48 30.52 61.61
CA GLN J 50 16.03 30.62 61.70
C GLN J 50 15.43 29.27 62.09
N LYS J 51 15.24 29.08 63.39
CA LYS J 51 14.69 27.82 63.90
C LYS J 51 13.17 27.80 63.84
N ILE J 52 12.62 26.63 63.54
CA ILE J 52 11.17 26.46 63.47
C ILE J 52 10.74 25.25 64.29
N ASN J 53 9.45 24.95 64.25
CA ASN J 53 8.91 23.81 64.97
C ASN J 53 8.96 22.53 64.13
N LEU J 54 8.77 21.40 64.79
CA LEU J 54 8.69 20.10 64.15
C LEU J 54 7.31 19.95 63.49
N TYR J 55 7.26 19.25 62.35
CA TYR J 55 6.00 18.98 61.67
C TYR J 55 5.25 20.26 61.31
N ASP J 56 5.96 21.38 61.35
CA ASP J 56 5.34 22.68 61.09
C ASP J 56 5.89 23.27 59.79
N SER J 57 5.04 23.37 58.79
CA SER J 57 5.46 23.89 57.48
C SER J 57 4.94 25.29 57.25
N PHE J 58 3.83 25.64 57.90
CA PHE J 58 3.24 26.96 57.76
C PHE J 58 4.23 28.01 58.23
N GLU J 59 4.63 27.91 59.48
CA GLU J 59 5.66 28.78 60.04
C GLU J 59 6.92 28.69 59.17
N ALA J 60 7.26 27.49 58.77
CA ALA J 60 8.47 27.27 57.96
C ALA J 60 8.47 28.13 56.70
N SER J 61 7.27 28.47 56.21
CA SER J 61 7.15 29.28 55.01
C SER J 61 7.45 30.74 55.31
N LYS J 62 6.89 31.25 56.40
CA LYS J 62 7.08 32.65 56.78
C LYS J 62 8.50 32.89 57.31
N LYS J 63 9.14 31.82 57.77
CA LYS J 63 10.50 31.91 58.30
C LYS J 63 11.49 31.98 57.15
N ALA J 64 11.32 31.10 56.17
CA ALA J 64 12.18 31.07 55.00
C ALA J 64 12.01 32.35 54.20
N CYS J 65 10.79 32.86 54.17
CA CYS J 65 10.49 34.09 53.45
C CYS J 65 11.18 35.28 54.11
N ASP J 66 11.13 35.33 55.43
CA ASP J 66 11.76 36.41 56.18
C ASP J 66 13.27 36.38 55.98
N GLN J 67 13.82 35.20 55.75
CA GLN J 67 15.26 35.05 55.56
C GLN J 67 15.67 35.67 54.23
N LEU J 68 14.83 35.51 53.22
CA LEU J 68 15.07 36.11 51.92
C LEU J 68 14.96 37.63 52.02
N SER J 69 14.23 38.11 53.01
CA SER J 69 14.04 39.54 53.22
C SER J 69 15.32 40.20 53.74
N LEU J 70 16.13 39.42 54.45
CA LEU J 70 17.38 39.93 54.98
C LEU J 70 18.51 39.80 53.97
N GLY J 71 18.21 39.23 52.82
CA GLY J 71 19.19 39.06 51.77
C GLY J 71 20.06 37.83 51.98
N VAL J 72 19.88 36.83 51.13
CA VAL J 72 20.66 35.60 51.21
C VAL J 72 20.91 35.02 49.82
N ALA J 73 21.96 34.20 49.70
CA ALA J 73 22.32 33.60 48.43
C ALA J 73 21.74 32.20 48.32
N ALA J 74 21.63 31.50 49.45
CA ALA J 74 21.08 30.15 49.49
C ALA J 74 20.32 29.91 50.79
N ILE J 75 19.63 28.78 50.86
CA ILE J 75 18.86 28.44 52.05
C ILE J 75 19.05 26.97 52.42
N PHE J 76 19.49 26.73 53.65
CA PHE J 76 19.71 25.38 54.14
C PHE J 76 18.56 24.94 55.06
N GLY J 77 18.25 23.66 55.03
CA GLY J 77 17.17 23.13 55.85
C GLY J 77 15.82 23.59 55.37
N PRO J 78 14.74 23.21 56.08
CA PRO J 78 14.79 22.40 57.30
C PRO J 78 15.10 20.93 57.04
N SER J 79 14.89 20.09 58.05
CA SER J 79 15.21 18.67 57.96
C SER J 79 13.95 17.81 58.06
N HIS J 80 12.83 18.33 57.57
CA HIS J 80 11.57 17.60 57.60
C HIS J 80 10.98 17.50 56.21
N SER J 81 10.17 16.48 55.98
CA SER J 81 9.56 16.26 54.67
C SER J 81 8.65 17.43 54.28
N SER J 82 7.54 17.57 55.00
CA SER J 82 6.59 18.64 54.74
C SER J 82 7.23 20.03 54.81
N SER J 83 7.95 20.30 55.89
CA SER J 83 8.55 21.62 56.10
C SER J 83 9.44 22.03 54.93
N ALA J 84 10.42 21.20 54.61
CA ALA J 84 11.36 21.49 53.52
C ALA J 84 10.64 21.51 52.18
N ASN J 85 9.53 20.79 52.08
CA ASN J 85 8.75 20.75 50.85
C ASN J 85 8.15 22.11 50.54
N ALA J 86 7.88 22.87 51.60
CA ALA J 86 7.31 24.20 51.46
C ALA J 86 8.38 25.21 51.10
N VAL J 87 9.53 25.12 51.77
CA VAL J 87 10.64 26.03 51.52
C VAL J 87 11.14 25.86 50.09
N GLN J 88 11.09 24.62 49.60
CA GLN J 88 11.55 24.30 48.26
C GLN J 88 10.77 25.08 47.22
N SER J 89 9.46 25.21 47.45
CA SER J 89 8.59 25.90 46.51
C SER J 89 8.84 27.41 46.53
N ILE J 90 8.97 27.97 47.72
CA ILE J 90 9.19 29.39 47.88
C ILE J 90 10.51 29.79 47.23
N CYS J 91 11.46 28.87 47.22
CA CYS J 91 12.77 29.11 46.64
C CYS J 91 12.70 29.13 45.11
N ASN J 92 12.17 28.05 44.54
CA ASN J 92 12.04 27.94 43.09
C ASN J 92 11.13 29.04 42.52
N ALA J 93 10.36 29.66 43.40
CA ALA J 93 9.46 30.73 42.99
C ALA J 93 10.20 32.06 42.92
N LEU J 94 11.21 32.22 43.77
CA LEU J 94 12.01 33.43 43.80
C LEU J 94 13.43 33.18 43.29
N GLY J 95 13.62 32.09 42.57
CA GLY J 95 14.92 31.75 42.00
C GLY J 95 16.05 31.85 43.01
N VAL J 96 15.90 31.15 44.13
CA VAL J 96 16.92 31.14 45.17
C VAL J 96 17.28 29.70 45.53
N PRO J 97 18.56 29.35 45.43
CA PRO J 97 19.03 27.98 45.70
C PRO J 97 18.56 27.45 47.07
N HIS J 98 18.16 26.18 47.08
CA HIS J 98 17.69 25.54 48.30
C HIS J 98 18.45 24.24 48.54
N ILE J 99 19.45 24.30 49.41
CA ILE J 99 20.26 23.12 49.71
C ILE J 99 19.52 22.19 50.67
N GLN J 100 19.53 20.90 50.35
CA GLN J 100 18.86 19.90 51.17
C GLN J 100 19.83 18.78 51.55
N THR J 101 19.74 18.32 52.79
CA THR J 101 20.63 17.27 53.27
C THR J 101 19.84 16.08 53.81
N ARG J 102 18.57 16.00 53.42
CA ARG J 102 17.71 14.92 53.86
C ARG J 102 16.71 14.54 52.78
N TRP J 103 16.36 13.26 52.74
CA TRP J 103 15.37 12.78 51.77
C TRP J 103 13.98 13.24 52.17
N LYS J 104 13.15 13.50 51.17
CA LYS J 104 11.77 13.92 51.42
C LYS J 104 10.85 13.45 50.30
N HIS J 105 9.61 13.18 50.63
CA HIS J 105 8.63 12.72 49.65
C HIS J 105 8.39 13.81 48.61
N GLN J 106 9.07 13.69 47.47
CA GLN J 106 8.92 14.64 46.38
C GLN J 106 7.94 14.12 45.34
N VAL J 107 6.90 14.90 45.06
CA VAL J 107 5.90 14.51 44.07
C VAL J 107 6.57 14.37 42.71
N SER J 108 6.12 13.39 41.93
CA SER J 108 6.68 13.15 40.61
C SER J 108 6.37 14.29 39.65
N ASP J 109 5.42 15.14 40.04
CA ASP J 109 5.02 16.29 39.24
C ASP J 109 5.85 17.52 39.62
N ASN J 110 6.95 17.28 40.34
CA ASN J 110 7.82 18.35 40.79
C ASN J 110 8.31 19.18 39.62
N LYS J 111 7.82 20.41 39.51
CA LYS J 111 8.20 21.30 38.42
C LYS J 111 9.23 22.32 38.90
N ASP J 112 9.76 22.09 40.09
CA ASP J 112 10.78 22.98 40.65
C ASP J 112 12.11 22.79 39.92
N SER J 113 13.05 23.69 40.17
CA SER J 113 14.35 23.65 39.51
C SER J 113 15.47 24.25 40.38
N PHE J 114 15.09 24.89 41.48
CA PHE J 114 16.06 25.54 42.35
C PHE J 114 16.20 24.79 43.68
N TYR J 115 16.89 23.66 43.64
CA TYR J 115 17.14 22.86 44.84
C TYR J 115 18.05 21.68 44.51
N VAL J 116 18.82 21.23 45.49
CA VAL J 116 19.73 20.12 45.30
C VAL J 116 19.81 19.25 46.55
N SER J 117 19.70 17.94 46.37
CA SER J 117 19.74 17.01 47.49
C SER J 117 21.04 16.21 47.48
N LEU J 118 21.80 16.30 48.58
CA LEU J 118 23.06 15.57 48.70
C LEU J 118 22.84 14.15 49.19
N TYR J 119 21.69 13.90 49.81
CA TYR J 119 21.37 12.56 50.29
C TYR J 119 21.24 11.60 49.11
N PRO J 120 21.95 10.46 49.17
CA PRO J 120 21.92 9.48 48.09
C PRO J 120 20.51 9.17 47.61
N ASP J 121 20.24 9.46 46.34
CA ASP J 121 18.93 9.21 45.75
C ASP J 121 18.49 7.78 46.04
N PHE J 122 17.35 7.64 46.69
CA PHE J 122 16.87 6.32 47.09
C PHE J 122 16.53 5.45 45.89
N SER J 123 16.23 6.09 44.76
CA SER J 123 15.92 5.35 43.53
C SER J 123 17.19 4.68 43.00
N SER J 124 18.33 5.33 43.18
CA SER J 124 19.61 4.77 42.75
C SER J 124 20.25 3.95 43.85
N LEU J 125 19.77 4.10 45.07
CA LEU J 125 20.30 3.37 46.21
C LEU J 125 19.62 2.01 46.28
N SER J 126 18.39 1.93 45.78
CA SER J 126 17.64 0.68 45.77
C SER J 126 18.33 -0.34 44.87
N ARG J 127 18.99 0.14 43.82
CA ARG J 127 19.73 -0.74 42.92
C ARG J 127 20.88 -1.42 43.67
N ALA J 128 21.49 -0.70 44.60
CA ALA J 128 22.57 -1.24 45.41
C ALA J 128 22.07 -2.41 46.26
N ILE J 129 20.81 -2.33 46.68
CA ILE J 129 20.21 -3.39 47.48
C ILE J 129 19.97 -4.63 46.63
N LEU J 130 19.47 -4.41 45.42
CA LEU J 130 19.16 -5.51 44.50
C LEU J 130 20.43 -6.26 44.11
N ASP J 131 21.54 -5.54 43.98
CA ASP J 131 22.81 -6.15 43.60
C ASP J 131 23.30 -7.11 44.66
N LEU J 132 22.81 -6.93 45.89
CA LEU J 132 23.15 -7.83 46.98
C LEU J 132 22.19 -9.02 47.00
N VAL J 133 20.94 -8.78 46.63
CA VAL J 133 19.94 -9.84 46.60
C VAL J 133 20.35 -10.92 45.60
N GLN J 134 20.66 -10.49 44.38
CA GLN J 134 21.08 -11.41 43.34
C GLN J 134 22.45 -12.01 43.65
N PHE J 135 23.26 -11.28 44.40
CA PHE J 135 24.60 -11.73 44.76
C PHE J 135 24.54 -12.94 45.69
N PHE J 136 23.60 -12.90 46.63
CA PHE J 136 23.43 -14.01 47.58
C PHE J 136 22.45 -15.04 47.05
N LYS J 137 22.33 -15.13 45.72
CA LYS J 137 21.42 -16.07 45.08
C LYS J 137 20.10 -16.18 45.84
N TRP J 138 19.50 -15.04 46.15
CA TRP J 138 18.24 -15.00 46.86
C TRP J 138 17.06 -15.30 45.95
N LYS J 139 16.25 -16.28 46.35
CA LYS J 139 15.06 -16.64 45.59
C LYS J 139 13.85 -15.86 46.10
N THR J 140 13.81 -15.65 47.41
CA THR J 140 12.71 -14.91 48.03
C THR J 140 13.27 -13.81 48.93
N VAL J 141 12.40 -12.88 49.31
CA VAL J 141 12.80 -11.76 50.17
C VAL J 141 11.56 -11.03 50.69
N THR J 142 11.71 -10.36 51.82
CA THR J 142 10.60 -9.63 52.43
C THR J 142 11.06 -8.26 52.92
N VAL J 143 10.77 -7.22 52.15
CA VAL J 143 11.13 -5.86 52.52
C VAL J 143 10.11 -5.29 53.49
N VAL J 144 10.60 -4.83 54.64
CA VAL J 144 9.73 -4.26 55.66
C VAL J 144 10.05 -2.78 55.88
N TYR J 145 9.20 -1.91 55.34
CA TYR J 145 9.39 -0.48 55.43
C TYR J 145 8.57 0.12 56.58
N ASP J 146 8.88 1.35 56.96
CA ASP J 146 8.17 2.01 58.04
C ASP J 146 7.03 2.87 57.49
N ASP J 147 5.94 2.97 58.25
CA ASP J 147 4.78 3.72 57.83
C ASP J 147 5.09 5.21 57.67
N SER J 148 6.19 5.64 58.27
CA SER J 148 6.59 7.04 58.21
C SER J 148 6.64 7.54 56.77
N THR J 149 7.02 6.65 55.86
CA THR J 149 7.10 6.99 54.44
C THR J 149 6.55 5.86 53.59
N GLY J 150 5.94 6.22 52.46
CA GLY J 150 5.39 5.23 51.56
C GLY J 150 6.45 4.30 51.01
N LEU J 151 6.02 3.32 50.22
CA LEU J 151 6.94 2.36 49.61
C LEU J 151 7.40 2.85 48.24
N ILE J 152 7.14 4.13 47.94
CA ILE J 152 7.58 4.73 46.69
C ILE J 152 9.09 4.89 46.71
N ARG J 153 9.64 5.03 47.91
CA ARG J 153 11.09 5.17 48.09
C ARG J 153 11.80 3.87 47.71
N LEU J 154 11.03 2.79 47.61
CA LEU J 154 11.58 1.49 47.27
C LEU J 154 10.96 0.94 45.99
N GLN J 155 10.56 1.85 45.09
CA GLN J 155 9.91 1.46 43.85
C GLN J 155 10.77 0.49 43.05
N GLU J 156 12.08 0.72 43.04
CA GLU J 156 13.01 -0.11 42.28
C GLU J 156 13.06 -1.54 42.81
N LEU J 157 12.81 -1.70 44.11
CA LEU J 157 12.80 -3.03 44.72
C LEU J 157 11.53 -3.79 44.35
N ILE J 158 10.45 -3.06 44.09
CA ILE J 158 9.18 -3.68 43.75
C ILE J 158 9.13 -4.03 42.26
N LYS J 159 10.06 -3.46 41.49
CA LYS J 159 10.13 -3.72 40.06
C LYS J 159 10.90 -5.00 39.76
N ALA J 160 11.74 -5.42 40.71
CA ALA J 160 12.58 -6.59 40.52
C ALA J 160 11.76 -7.83 40.20
N PRO J 161 10.72 -8.10 41.00
CA PRO J 161 9.88 -9.28 40.77
C PRO J 161 9.32 -9.37 39.35
N SER J 162 9.25 -8.25 38.66
CA SER J 162 8.76 -8.22 37.28
C SER J 162 9.85 -8.62 36.30
N ARG J 163 10.96 -7.89 36.32
CA ARG J 163 12.08 -8.16 35.41
C ARG J 163 12.92 -9.33 35.93
N TYR J 164 13.57 -9.12 37.07
CA TYR J 164 14.41 -10.14 37.68
C TYR J 164 13.56 -11.25 38.29
N ASN J 165 14.20 -12.33 38.68
CA ASN J 165 13.52 -13.47 39.28
C ASN J 165 13.60 -13.43 40.81
N LEU J 166 12.54 -12.98 41.45
CA LEU J 166 12.52 -12.81 42.90
C LEU J 166 11.10 -12.62 43.43
N ARG J 167 10.72 -13.44 44.41
CA ARG J 167 9.42 -13.32 45.04
C ARG J 167 9.48 -12.39 46.25
N LEU J 168 9.22 -11.11 46.02
CA LEU J 168 9.24 -10.11 47.08
C LEU J 168 7.90 -10.03 47.80
N LYS J 169 7.95 -9.78 49.11
CA LYS J 169 6.73 -9.62 49.89
C LYS J 169 6.83 -8.37 50.76
N ILE J 170 5.75 -7.58 50.77
CA ILE J 170 5.75 -6.31 51.48
C ILE J 170 5.14 -6.44 52.87
N ARG J 171 5.71 -5.71 53.82
CA ARG J 171 5.23 -5.72 55.19
C ARG J 171 5.56 -4.37 55.85
N GLN J 172 4.65 -3.88 56.69
CA GLN J 172 4.82 -2.56 57.29
C GLN J 172 5.16 -2.63 58.77
N LEU J 173 6.07 -1.76 59.20
CA LEU J 173 6.48 -1.69 60.59
C LEU J 173 5.59 -0.73 61.36
N PRO J 174 5.11 -1.16 62.54
CA PRO J 174 4.29 -0.29 63.39
C PRO J 174 5.01 1.00 63.76
N ALA J 175 4.67 2.09 63.07
CA ALA J 175 5.29 3.38 63.33
C ALA J 175 4.89 3.92 64.70
N ASP J 176 3.92 3.27 65.32
CA ASP J 176 3.44 3.68 66.64
C ASP J 176 4.49 3.42 67.70
N THR J 177 4.86 2.15 67.88
CA THR J 177 5.88 1.77 68.84
C THR J 177 6.88 0.79 68.21
N LYS J 178 8.07 0.72 68.78
CA LYS J 178 9.11 -0.17 68.27
C LYS J 178 8.79 -1.62 68.62
N ASP J 179 7.88 -1.83 69.56
CA ASP J 179 7.51 -3.16 70.00
C ASP J 179 6.48 -3.79 69.07
N ALA J 180 6.95 -4.63 68.15
CA ALA J 180 6.08 -5.27 67.19
C ALA J 180 6.35 -6.77 67.13
N LYS J 181 5.94 -7.49 68.16
CA LYS J 181 6.14 -8.93 68.23
C LYS J 181 5.41 -9.65 67.10
N PRO J 182 4.10 -9.38 66.95
CA PRO J 182 3.27 -10.04 65.94
C PRO J 182 3.85 -9.96 64.53
N LEU J 183 4.57 -8.90 64.23
CA LEU J 183 5.16 -8.74 62.91
C LEU J 183 6.24 -9.79 62.70
N LEU J 184 7.23 -9.81 63.60
CA LEU J 184 8.30 -10.79 63.54
C LEU J 184 7.76 -12.22 63.65
N LYS J 185 6.59 -12.35 64.27
CA LYS J 185 5.95 -13.63 64.45
C LYS J 185 5.65 -14.27 63.09
N GLU J 186 4.78 -13.63 62.31
CA GLU J 186 4.38 -14.13 61.01
C GLU J 186 5.58 -14.41 60.12
N MET J 187 6.64 -13.64 60.29
CA MET J 187 7.86 -13.80 59.49
C MET J 187 8.53 -15.14 59.77
N LYS J 188 8.61 -15.50 61.05
CA LYS J 188 9.23 -16.76 61.44
C LYS J 188 8.33 -17.94 61.04
N ARG J 189 7.05 -17.66 60.84
CA ARG J 189 6.09 -18.70 60.47
C ARG J 189 6.15 -18.98 58.98
N GLY J 190 6.64 -18.01 58.21
CA GLY J 190 6.74 -18.15 56.77
C GLY J 190 8.18 -18.37 56.32
N LYS J 191 9.02 -18.78 57.25
CA LYS J 191 10.42 -19.07 56.95
C LYS J 191 11.09 -17.89 56.24
N GLU J 192 10.61 -16.68 56.53
CA GLU J 192 11.16 -15.47 55.94
C GLU J 192 12.51 -15.14 56.58
N PHE J 193 13.56 -15.79 56.08
CA PHE J 193 14.90 -15.58 56.61
C PHE J 193 15.54 -14.35 55.97
N HIS J 194 15.18 -14.11 54.71
CA HIS J 194 15.70 -12.97 53.97
C HIS J 194 14.79 -11.76 54.16
N VAL J 195 15.28 -10.76 54.89
CA VAL J 195 14.50 -9.56 55.16
C VAL J 195 15.33 -8.31 54.87
N ILE J 196 14.67 -7.25 54.42
CA ILE J 196 15.33 -5.99 54.12
C ILE J 196 14.63 -4.84 54.85
N PHE J 197 15.22 -4.42 55.96
CA PHE J 197 14.63 -3.34 56.77
C PHE J 197 14.93 -1.97 56.18
N ASP J 198 13.88 -1.18 56.00
CA ASP J 198 14.01 0.17 55.46
C ASP J 198 13.65 1.20 56.52
N CYS J 199 14.64 1.64 57.29
CA CYS J 199 14.41 2.60 58.35
C CYS J 199 15.74 3.13 58.92
N SER J 200 15.67 4.23 59.66
CA SER J 200 16.86 4.84 60.23
C SER J 200 17.49 3.92 61.26
N HIS J 201 18.66 4.32 61.77
CA HIS J 201 19.36 3.53 62.76
C HIS J 201 18.61 3.45 64.09
N GLU J 202 17.70 4.40 64.32
CA GLU J 202 16.88 4.39 65.52
C GLU J 202 15.85 3.27 65.48
N MET J 203 15.01 3.29 64.44
CA MET J 203 13.97 2.29 64.27
C MET J 203 14.58 0.91 64.08
N ALA J 204 15.69 0.86 63.33
CA ALA J 204 16.36 -0.40 63.03
C ALA J 204 16.83 -1.09 64.29
N ALA J 205 17.44 -0.33 65.20
CA ALA J 205 17.93 -0.88 66.45
C ALA J 205 16.77 -1.33 67.33
N GLY J 206 15.61 -0.70 67.16
CA GLY J 206 14.43 -1.04 67.92
C GLY J 206 13.83 -2.36 67.47
N ILE J 207 14.22 -2.82 66.30
CA ILE J 207 13.72 -4.09 65.76
C ILE J 207 14.68 -5.23 66.08
N LEU J 208 15.97 -4.94 66.08
CA LEU J 208 16.97 -5.96 66.38
C LEU J 208 16.80 -6.50 67.79
N LYS J 209 16.51 -5.60 68.73
CA LYS J 209 16.27 -5.98 70.11
C LYS J 209 15.08 -6.95 70.20
N GLN J 210 14.14 -6.78 69.28
CA GLN J 210 12.94 -7.62 69.25
C GLN J 210 13.24 -8.97 68.61
N ALA J 211 14.05 -8.97 67.57
CA ALA J 211 14.39 -10.20 66.86
C ALA J 211 15.15 -11.15 67.77
N LEU J 212 16.02 -10.59 68.60
CA LEU J 212 16.80 -11.39 69.54
C LEU J 212 15.87 -12.04 70.56
N ALA J 213 14.83 -11.31 70.95
CA ALA J 213 13.84 -11.83 71.89
C ALA J 213 12.92 -12.83 71.20
N MET J 214 12.89 -12.79 69.86
CA MET J 214 12.07 -13.69 69.07
C MET J 214 12.87 -14.92 68.65
N GLY J 215 14.16 -14.91 68.96
CA GLY J 215 15.04 -16.01 68.59
C GLY J 215 15.32 -16.04 67.10
N MET J 216 14.97 -14.96 66.42
CA MET J 216 15.17 -14.86 64.98
C MET J 216 16.57 -14.35 64.64
N MET J 217 17.45 -14.35 65.64
CA MET J 217 18.84 -13.94 65.44
C MET J 217 19.75 -15.16 65.42
N THR J 218 19.85 -15.80 64.26
CA THR J 218 20.71 -16.96 64.06
C THR J 218 21.35 -16.91 62.67
N GLU J 219 22.17 -17.90 62.33
CA GLU J 219 22.81 -17.95 61.02
C GLU J 219 21.77 -18.10 59.93
N TYR J 220 20.57 -18.53 60.32
CA TYR J 220 19.53 -18.82 59.35
C TYR J 220 19.00 -17.52 58.73
N TYR J 221 19.03 -16.45 59.51
CA TYR J 221 18.51 -15.17 59.05
C TYR J 221 19.62 -14.27 58.52
N HIS J 222 19.26 -13.35 57.63
CA HIS J 222 20.20 -12.40 57.05
C HIS J 222 19.48 -11.10 56.70
N TYR J 223 19.67 -10.08 57.51
CA TYR J 223 18.96 -8.81 57.34
C TYR J 223 19.82 -7.79 56.59
N ILE J 224 19.17 -7.00 55.73
CA ILE J 224 19.84 -5.96 54.98
C ILE J 224 19.17 -4.62 55.24
N PHE J 225 19.93 -3.66 55.76
CA PHE J 225 19.38 -2.36 56.12
C PHE J 225 19.71 -1.30 55.08
N THR J 226 18.79 -0.35 54.91
CA THR J 226 18.97 0.72 53.95
C THR J 226 19.66 1.92 54.59
N THR J 227 19.61 1.97 55.92
CA THR J 227 20.22 3.07 56.67
C THR J 227 21.72 3.16 56.42
N LEU J 228 22.22 4.37 56.27
CA LEU J 228 23.63 4.60 56.03
C LEU J 228 24.39 4.74 57.34
N ASP J 229 23.67 4.59 58.46
CA ASP J 229 24.28 4.66 59.78
C ASP J 229 24.39 3.27 60.42
N LEU J 230 24.57 2.26 59.58
CA LEU J 230 24.76 0.88 60.03
C LEU J 230 25.98 0.81 60.94
N PHE J 231 27.09 1.37 60.45
CA PHE J 231 28.36 1.34 61.16
C PHE J 231 28.21 1.92 62.56
N ALA J 232 27.30 2.88 62.72
CA ALA J 232 27.06 3.51 64.01
C ALA J 232 25.95 2.79 64.76
N LEU J 233 26.07 1.47 64.86
CA LEU J 233 25.07 0.66 65.54
C LEU J 233 25.75 -0.38 66.42
N ASP J 234 25.46 -0.33 67.72
CA ASP J 234 26.04 -1.27 68.66
C ASP J 234 25.55 -2.69 68.40
N VAL J 235 26.33 -3.45 67.63
CA VAL J 235 25.98 -4.83 67.32
C VAL J 235 26.80 -5.79 68.17
N GLU J 236 27.00 -5.42 69.44
CA GLU J 236 27.78 -6.25 70.35
C GLU J 236 27.00 -7.50 70.78
N PRO J 237 25.73 -7.32 71.19
CA PRO J 237 24.92 -8.46 71.62
C PRO J 237 24.54 -9.41 70.49
N TYR J 238 24.95 -9.11 69.25
CA TYR J 238 24.60 -9.95 68.11
C TYR J 238 25.83 -10.48 67.37
N ARG J 239 26.96 -9.81 67.54
CA ARG J 239 28.17 -10.19 66.81
C ARG J 239 28.69 -11.56 67.25
N TYR J 240 28.17 -12.05 68.38
CA TYR J 240 28.54 -13.36 68.88
C TYR J 240 27.54 -14.43 68.43
N SER J 241 26.33 -14.00 68.14
CA SER J 241 25.27 -14.91 67.70
C SER J 241 25.71 -15.72 66.48
N GLY J 242 25.66 -15.09 65.31
CA GLY J 242 25.99 -15.76 64.06
C GLY J 242 25.18 -15.21 62.89
N VAL J 243 24.07 -14.55 63.21
CA VAL J 243 23.25 -13.93 62.18
C VAL J 243 24.06 -12.94 61.37
N ASN J 244 23.86 -12.95 60.06
CA ASN J 244 24.57 -12.03 59.17
C ASN J 244 23.77 -10.75 58.94
N MET J 245 24.48 -9.65 58.75
CA MET J 245 23.85 -8.35 58.49
C MET J 245 24.66 -7.59 57.43
N THR J 246 23.96 -7.00 56.47
CA THR J 246 24.62 -6.26 55.40
C THR J 246 23.97 -4.90 55.20
N GLY J 247 24.78 -3.91 54.84
CA GLY J 247 24.27 -2.57 54.58
C GLY J 247 25.27 -1.73 53.80
N PHE J 248 25.14 -0.42 53.91
CA PHE J 248 26.01 0.50 53.19
C PHE J 248 26.51 1.64 54.06
N ARG J 249 27.56 2.32 53.60
CA ARG J 249 28.14 3.44 54.32
C ARG J 249 28.75 4.42 53.32
N ILE J 250 28.20 5.63 53.27
CA ILE J 250 28.68 6.64 52.33
C ILE J 250 29.89 7.38 52.89
N LEU J 251 30.02 7.38 54.21
CA LEU J 251 31.16 8.03 54.86
C LEU J 251 32.46 7.30 54.55
N ASN J 252 33.34 7.96 53.80
CA ASN J 252 34.63 7.40 53.44
C ASN J 252 35.62 7.54 54.59
N THR J 253 35.48 6.67 55.60
CA THR J 253 36.36 6.70 56.76
C THR J 253 37.72 6.12 56.45
N GLU J 254 37.88 5.62 55.22
CA GLU J 254 39.15 5.05 54.77
C GLU J 254 40.09 6.13 54.26
N ASN J 255 39.95 7.33 54.82
CA ASN J 255 40.77 8.46 54.42
C ASN J 255 41.18 9.28 55.64
N THR J 256 42.40 9.78 55.65
CA THR J 256 42.91 10.54 56.78
C THR J 256 42.22 11.89 56.87
N GLN J 257 42.07 12.56 55.73
CA GLN J 257 41.42 13.86 55.66
C GLN J 257 39.97 13.80 56.14
N VAL J 258 39.34 12.63 55.99
CA VAL J 258 37.95 12.46 56.38
C VAL J 258 37.83 12.13 57.86
N SER J 259 38.71 11.26 58.35
CA SER J 259 38.68 10.84 59.74
C SER J 259 39.14 11.95 60.67
N SER J 260 39.90 12.90 60.13
CA SER J 260 40.42 14.01 60.90
C SER J 260 39.30 14.95 61.33
N ILE J 261 38.39 15.24 60.40
CA ILE J 261 37.27 16.13 60.67
C ILE J 261 36.34 15.52 61.70
N ILE J 262 35.97 14.26 61.49
CA ILE J 262 35.05 13.55 62.39
C ILE J 262 35.65 13.46 63.78
N GLU J 263 36.97 13.39 63.87
CA GLU J 263 37.66 13.28 65.14
C GLU J 263 37.43 14.53 65.98
N LYS J 264 37.55 15.69 65.35
CA LYS J 264 37.34 16.96 66.04
C LYS J 264 35.86 17.19 66.32
N TRP J 265 35.01 16.43 65.66
CA TRP J 265 33.57 16.55 65.83
C TRP J 265 33.12 15.90 67.13
N SER J 266 33.79 14.82 67.52
CA SER J 266 33.46 14.12 68.76
C SER J 266 34.03 14.85 69.97
N MET J 267 34.97 15.77 69.74
CA MET J 267 35.50 16.60 70.80
C MET J 267 34.55 17.78 71.02
N GLU J 268 33.41 17.72 70.35
CA GLU J 268 32.28 18.58 70.63
C GLU J 268 31.06 17.69 70.58
N ARG J 269 30.25 17.72 71.63
CA ARG J 269 29.03 16.94 71.61
C ARG J 269 27.84 17.88 71.70
N LEU J 270 27.78 18.66 72.78
CA LEU J 270 26.71 19.62 72.98
C LEU J 270 25.41 18.87 73.19
N GLN J 271 24.96 18.14 72.17
CA GLN J 271 23.97 17.09 72.35
C GLN J 271 24.60 15.93 73.09
N ALA J 272 24.29 15.79 74.39
CA ALA J 272 24.84 14.70 75.18
C ALA J 272 24.48 13.36 74.53
N PRO J 273 25.40 12.40 74.60
CA PRO J 273 25.16 11.08 73.99
C PRO J 273 23.86 10.46 74.51
N PRO J 274 23.04 9.90 73.61
CA PRO J 274 21.74 9.36 74.03
C PRO J 274 21.88 8.22 75.04
N LYS J 275 20.90 8.09 75.92
CA LYS J 275 20.93 7.06 76.95
C LYS J 275 21.03 5.67 76.32
N PRO J 276 21.89 4.81 76.89
CA PRO J 276 22.03 3.43 76.39
C PRO J 276 20.73 2.64 76.54
N ASP J 277 19.87 2.72 75.54
CA ASP J 277 18.59 2.02 75.54
C ASP J 277 18.25 1.53 74.14
N SER J 278 18.45 2.40 73.15
CA SER J 278 18.16 2.08 71.76
C SER J 278 19.24 1.17 71.17
N GLY J 279 20.48 1.38 71.60
CA GLY J 279 21.58 0.55 71.14
C GLY J 279 22.44 1.26 70.11
N LEU J 280 22.71 2.54 70.33
CA LEU J 280 23.56 3.31 69.42
C LEU J 280 24.97 3.48 69.96
N LEU J 281 25.95 3.17 69.10
CA LEU J 281 27.35 3.26 69.47
C LEU J 281 27.82 4.71 69.41
N ASP J 282 27.98 5.33 70.57
CA ASP J 282 28.38 6.73 70.65
C ASP J 282 29.84 6.89 70.26
N GLY J 283 30.14 7.97 69.55
CA GLY J 283 31.49 8.26 69.12
C GLY J 283 31.60 8.49 67.62
N PHE J 284 30.57 8.10 66.89
CA PHE J 284 30.56 8.25 65.43
C PHE J 284 29.53 9.30 65.01
N MET J 285 29.94 10.16 64.08
CA MET J 285 29.06 11.21 63.58
C MET J 285 28.00 10.61 62.65
N THR J 286 26.78 11.11 62.75
CA THR J 286 25.67 10.63 61.93
C THR J 286 25.78 11.17 60.51
N THR J 287 25.29 10.39 59.56
CA THR J 287 25.33 10.77 58.14
C THR J 287 24.47 12.00 57.89
N ASP J 288 23.48 12.20 58.75
CA ASP J 288 22.59 13.36 58.64
C ASP J 288 23.39 14.65 58.75
N ALA J 289 24.35 14.67 59.67
CA ALA J 289 25.20 15.83 59.89
C ALA J 289 26.35 15.84 58.88
N ALA J 290 26.70 14.67 58.38
CA ALA J 290 27.78 14.55 57.41
C ALA J 290 27.40 15.23 56.10
N LEU J 291 26.17 15.03 55.68
CA LEU J 291 25.68 15.61 54.43
C LEU J 291 25.58 17.13 54.55
N MET J 292 25.35 17.62 55.77
CA MET J 292 25.23 19.04 56.00
C MET J 292 26.60 19.72 55.95
N TYR J 293 27.63 19.00 56.37
CA TYR J 293 28.99 19.52 56.30
C TYR J 293 29.44 19.60 54.85
N ASP J 294 28.98 18.66 54.04
CA ASP J 294 29.31 18.63 52.63
C ASP J 294 28.35 19.49 51.82
N ALA J 295 27.24 19.87 52.42
CA ALA J 295 26.24 20.71 51.77
C ALA J 295 26.74 22.16 51.71
N VAL J 296 27.63 22.50 52.62
CA VAL J 296 28.20 23.85 52.68
C VAL J 296 29.40 23.96 51.75
N HIS J 297 30.17 22.88 51.64
CA HIS J 297 31.36 22.87 50.78
C HIS J 297 30.97 22.83 49.31
N VAL J 298 30.04 21.96 48.97
CA VAL J 298 29.61 21.79 47.58
C VAL J 298 29.11 23.11 47.00
N VAL J 299 28.65 24.01 47.88
CA VAL J 299 28.13 25.30 47.46
C VAL J 299 29.21 26.38 47.55
N SER J 300 30.15 26.20 48.48
CA SER J 300 31.23 27.16 48.67
C SER J 300 32.17 27.17 47.48
N VAL J 301 32.17 26.08 46.72
CA VAL J 301 33.02 25.98 45.53
C VAL J 301 32.31 26.60 44.33
N ALA J 302 30.99 26.50 44.31
CA ALA J 302 30.19 27.05 43.21
C ALA J 302 30.09 28.57 43.33
N VAL J 303 30.23 29.07 44.56
CA VAL J 303 30.13 30.50 44.82
C VAL J 303 31.47 31.20 44.61
N GLN J 304 32.55 30.48 44.87
CA GLN J 304 33.88 31.03 44.69
C GLN J 304 34.14 31.33 43.21
N GLN J 305 33.57 30.49 42.35
CA GLN J 305 33.73 30.65 40.91
C GLN J 305 32.64 31.57 40.35
N PHE J 306 32.05 32.39 41.21
CA PHE J 306 31.01 33.32 40.78
C PHE J 306 31.03 34.57 41.66
N PRO J 307 32.16 35.29 41.64
CA PRO J 307 32.34 36.51 42.44
C PRO J 307 31.26 37.56 42.19
N GLN J 308 30.70 37.59 40.99
CA GLN J 308 29.66 38.55 40.65
C GLN J 308 28.32 38.10 41.25
N MET J 309 28.11 38.40 42.51
CA MET J 309 26.88 38.01 43.21
C MET J 309 26.67 38.85 44.45
N THR J 310 25.51 39.51 44.51
CA THR J 310 25.15 40.32 45.67
C THR J 310 23.81 39.87 46.23
N VAL J 311 23.79 39.52 47.52
CA VAL J 311 22.58 39.08 48.17
C VAL J 311 21.50 40.15 48.11
N SER J 312 20.51 39.92 47.26
CA SER J 312 19.39 40.86 47.11
C SER J 312 18.30 40.55 48.12
N SER J 313 17.50 41.57 48.46
CA SER J 313 16.41 41.40 49.40
C SER J 313 15.10 41.13 48.68
N LEU J 314 14.73 39.86 48.59
CA LEU J 314 13.50 39.45 47.91
C LEU J 314 12.33 39.50 48.89
N GLN J 315 11.14 39.21 48.38
CA GLN J 315 9.93 39.19 49.21
C GLN J 315 8.89 38.24 48.65
N CYS J 316 8.70 37.11 49.32
CA CYS J 316 7.74 36.10 48.87
C CYS J 316 6.34 36.70 48.74
N ASN J 317 5.45 35.97 48.08
CA ASN J 317 4.06 36.39 47.87
C ASN J 317 3.89 37.48 46.81
N ARG J 318 4.91 38.31 46.63
CA ARG J 318 4.83 39.39 45.64
C ARG J 318 6.20 40.03 45.39
N HIS J 319 6.86 39.56 44.34
CA HIS J 319 8.17 40.09 43.95
C HIS J 319 8.58 39.45 42.63
N LYS J 320 9.86 39.59 42.26
CA LYS J 320 10.37 38.96 41.06
C LYS J 320 11.59 38.11 41.38
N PRO J 321 11.82 37.04 40.60
CA PRO J 321 12.94 36.11 40.81
C PRO J 321 14.27 36.83 41.06
N TRP J 322 15.17 36.17 41.76
CA TRP J 322 16.47 36.74 42.10
C TRP J 322 17.30 36.94 40.84
N ARG J 323 18.06 38.02 40.80
CA ARG J 323 18.87 38.35 39.63
C ARG J 323 19.90 37.27 39.33
N PHE J 324 20.83 37.07 40.26
CA PHE J 324 21.89 36.09 40.06
C PHE J 324 21.48 34.71 40.60
N GLY J 325 20.21 34.36 40.40
CA GLY J 325 19.68 33.13 40.94
C GLY J 325 19.69 31.99 39.93
N THR J 326 19.02 32.19 38.80
CA THR J 326 18.95 31.17 37.76
C THR J 326 20.34 30.64 37.41
N ARG J 327 21.36 31.46 37.62
CA ARG J 327 22.71 31.08 37.26
C ARG J 327 23.46 30.40 38.40
N PHE J 328 23.44 31.03 39.58
CA PHE J 328 24.14 30.50 40.74
C PHE J 328 23.71 29.07 41.03
N MET J 329 22.49 28.72 40.64
CA MET J 329 21.97 27.37 40.84
C MET J 329 22.64 26.38 39.88
N SER J 330 22.90 26.81 38.65
CA SER J 330 23.55 25.98 37.66
C SER J 330 24.99 25.66 38.07
N LEU J 331 25.63 26.59 38.77
CA LEU J 331 27.00 26.38 39.23
C LEU J 331 27.08 25.30 40.30
N ILE J 332 25.95 25.05 40.97
CA ILE J 332 25.91 24.06 42.04
C ILE J 332 25.61 22.67 41.50
N LYS J 333 24.78 22.61 40.46
CA LYS J 333 24.42 21.33 39.84
C LYS J 333 25.55 20.79 38.96
N GLU J 334 26.68 21.50 38.93
CA GLU J 334 27.83 21.09 38.14
C GLU J 334 29.09 21.02 38.97
N ALA J 335 29.02 21.47 40.21
CA ALA J 335 30.19 21.50 41.09
C ALA J 335 30.45 20.13 41.70
N HIS J 336 31.73 19.79 41.85
CA HIS J 336 32.13 18.54 42.48
C HIS J 336 33.00 18.84 43.69
N TRP J 337 32.95 17.96 44.69
CA TRP J 337 33.73 18.16 45.91
C TRP J 337 33.94 16.85 46.67
N GLU J 338 35.19 16.60 47.05
CA GLU J 338 35.55 15.42 47.81
C GLU J 338 35.41 15.67 49.31
N GLY J 339 34.24 15.34 49.85
CA GLY J 339 33.96 15.57 51.26
C GLY J 339 33.92 14.30 52.09
N LEU J 340 33.17 14.35 53.19
CA LEU J 340 33.06 13.21 54.10
C LEU J 340 32.30 12.07 53.47
N THR J 341 31.20 12.38 52.79
CA THR J 341 30.36 11.37 52.18
C THR J 341 30.85 10.98 50.79
N GLY J 342 32.17 10.86 50.66
CA GLY J 342 32.77 10.51 49.38
C GLY J 342 32.75 11.66 48.41
N ARG J 343 32.64 11.34 47.12
CA ARG J 343 32.62 12.37 46.08
C ARG J 343 31.20 12.82 45.76
N ILE J 344 31.01 14.13 45.71
CA ILE J 344 29.70 14.71 45.44
C ILE J 344 29.56 15.03 43.95
N THR J 345 28.43 14.65 43.38
CA THR J 345 28.17 14.90 41.96
C THR J 345 26.68 14.80 41.66
N PHE J 346 26.06 15.94 41.34
CA PHE J 346 24.65 15.97 41.03
C PHE J 346 24.41 15.57 39.58
N ASN J 347 23.26 14.95 39.32
CA ASN J 347 22.90 14.52 37.98
C ASN J 347 22.80 15.71 37.04
N LYS J 348 23.02 15.47 35.75
CA LYS J 348 22.96 16.53 34.75
C LYS J 348 21.55 16.71 34.21
N THR J 349 20.55 16.31 34.99
CA THR J 349 19.16 16.44 34.57
C THR J 349 18.26 16.80 35.75
N ASN J 350 17.80 15.79 36.49
CA ASN J 350 16.88 16.00 37.60
C ASN J 350 17.51 16.80 38.75
N GLY J 351 18.85 16.82 38.79
CA GLY J 351 19.56 17.55 39.82
C GLY J 351 19.86 16.69 41.03
N LEU J 352 19.05 15.66 41.25
CA LEU J 352 19.25 14.74 42.36
C LEU J 352 20.58 14.01 42.24
N ARG J 353 21.18 13.70 43.38
CA ARG J 353 22.46 13.00 43.42
C ARG J 353 22.27 11.50 43.28
N THR J 354 22.38 11.00 42.05
CA THR J 354 22.17 9.59 41.78
C THR J 354 23.50 8.86 41.60
N ASP J 355 24.59 9.62 41.59
CA ASP J 355 25.92 9.06 41.39
C ASP J 355 26.77 9.28 42.64
N PHE J 356 27.20 8.19 43.26
CA PHE J 356 28.00 8.26 44.48
C PHE J 356 28.76 6.95 44.74
N ASP J 357 29.45 6.89 45.87
CA ASP J 357 30.22 5.71 46.25
C ASP J 357 29.80 5.20 47.62
N LEU J 358 29.41 3.93 47.66
CA LEU J 358 29.02 3.28 48.91
C LEU J 358 30.01 2.18 49.25
N ASP J 359 30.02 1.77 50.51
CA ASP J 359 30.90 0.71 50.96
C ASP J 359 30.12 -0.40 51.63
N VAL J 360 30.03 -1.55 50.96
CA VAL J 360 29.31 -2.69 51.50
C VAL J 360 29.93 -3.13 52.81
N ILE J 361 29.08 -3.34 53.82
CA ILE J 361 29.55 -3.78 55.13
C ILE J 361 28.71 -4.95 55.63
N SER J 362 29.38 -5.94 56.23
CA SER J 362 28.71 -7.12 56.75
C SER J 362 28.98 -7.28 58.25
N LEU J 363 28.28 -8.23 58.88
CA LEU J 363 28.45 -8.49 60.30
C LEU J 363 29.22 -9.79 60.53
N LYS J 364 30.52 -9.68 60.78
CA LYS J 364 31.37 -10.83 61.04
C LYS J 364 31.54 -11.02 62.55
N GLU J 365 32.27 -12.05 62.93
CA GLU J 365 32.41 -12.39 64.35
C GLU J 365 33.01 -11.29 65.21
N GLU J 366 33.69 -10.36 64.56
CA GLU J 366 34.29 -9.25 65.28
C GLU J 366 33.31 -8.08 65.41
N GLY J 367 32.51 -7.88 64.37
CA GLY J 367 31.54 -6.79 64.36
C GLY J 367 31.14 -6.42 62.95
N LEU J 368 31.33 -5.16 62.58
CA LEU J 368 30.98 -4.69 61.25
C LEU J 368 32.23 -4.29 60.47
N GLU J 369 32.48 -5.00 59.37
CA GLU J 369 33.62 -4.72 58.53
C GLU J 369 33.19 -4.57 57.07
N LYS J 370 33.98 -3.84 56.29
CA LYS J 370 33.68 -3.60 54.88
C LYS J 370 34.13 -4.79 54.04
N ILE J 371 33.22 -5.33 53.22
CA ILE J 371 33.53 -6.48 52.37
C ILE J 371 33.54 -6.10 50.89
N GLY J 372 33.47 -4.80 50.60
CA GLY J 372 33.49 -4.34 49.23
C GLY J 372 32.95 -2.92 49.07
N THR J 373 32.72 -2.54 47.82
CA THR J 373 32.20 -1.21 47.50
C THR J 373 31.12 -1.31 46.43
N TRP J 374 30.47 -0.19 46.14
CA TRP J 374 29.42 -0.15 45.14
C TRP J 374 29.36 1.22 44.48
N ASP J 375 28.82 1.27 43.26
CA ASP J 375 28.71 2.51 42.52
C ASP J 375 27.84 2.29 41.29
N PRO J 376 27.25 3.38 40.77
CA PRO J 376 26.33 3.26 39.64
C PRO J 376 27.08 2.96 38.35
N ALA J 377 28.31 3.45 38.26
CA ALA J 377 29.12 3.31 37.05
C ALA J 377 29.60 1.88 36.83
N SER J 378 29.94 1.18 37.90
CA SER J 378 30.66 -0.09 37.77
C SER J 378 29.82 -1.34 38.01
N GLY J 379 29.02 -1.34 39.07
CA GLY J 379 28.30 -2.53 39.47
C GLY J 379 28.66 -2.93 40.89
N LEU J 380 29.34 -4.07 41.06
CA LEU J 380 29.79 -4.47 42.38
C LEU J 380 31.20 -5.06 42.39
N ASN J 381 32.05 -4.47 43.22
CA ASN J 381 33.40 -4.98 43.45
C ASN J 381 33.53 -5.53 44.86
N MET J 382 33.40 -6.85 45.01
CA MET J 382 33.46 -7.48 46.32
C MET J 382 34.89 -7.90 46.67
N THR J 383 35.04 -8.64 47.76
CA THR J 383 36.35 -9.10 48.20
C THR J 383 36.27 -10.54 48.69
#